data_8PDN
#
_entry.id   8PDN
#
_cell.length_a   1.00
_cell.length_b   1.00
_cell.length_c   1.00
_cell.angle_alpha   90.00
_cell.angle_beta   90.00
_cell.angle_gamma   90.00
#
_symmetry.space_group_name_H-M   'P 1'
#
loop_
_entity.id
_entity.type
_entity.pdbx_description
1 polymer Nucleoprotein
2 polymer RNA
#
loop_
_entity_poly.entity_id
_entity_poly.type
_entity_poly.pdbx_seq_one_letter_code
_entity_poly.pdbx_strand_id
1 'polypeptide(L)'
;MSLQGIHLSDLSYKHAILKESQYTIKRDVGTTTAVTPSSLQQEITLLCGEILYAKHADYKYAAEIGIQYISTALGSERVQ
QILRNSGSEVQVVLTRTYSLGKIKNNKGEDLQMLDIHGVEKSWVEEIDKEARKTMATLLKESSGNIPQNQRPSAPDTPII
LLCVGALIFTKLASTIEVGLETTVRRANRVLSDALKRYPRMDIPKIARSFYDLFEQKVYHRSLFIEYGKALGSSSTGSKA
ESLFVNIFMQAYGAGQTMLRWGVIARSSNNIMLGHVSVQAELKQVTEVYDLVREMGPESGLLHLRQSPKAGLLSLANCPN
FASVVLGNASGLGIIGMYRGRVPNTELFSAAESYAKSLKESNKINFSSLGLTDEEKEAAEHFLNVSDDSQNDYEKHHHHH
H
;
A,B,C,D,E,F,G,H,I,J,K,L
2 'polyribonucleotide' CCCCCCC a,b,c,d,e,f,g,h,i,j,k,l
#
# COMPACT_ATOMS: atom_id res chain seq x y z
N ASP A 10 9.40 -33.15 -8.36
CA ASP A 10 10.09 -34.04 -9.28
C ASP A 10 11.42 -33.49 -9.78
N LEU A 11 11.48 -32.20 -10.09
CA LEU A 11 12.68 -31.63 -10.71
C LEU A 11 13.86 -31.64 -9.74
N SER A 12 13.62 -31.31 -8.48
CA SER A 12 14.64 -31.42 -7.46
C SER A 12 15.13 -32.84 -7.30
N TYR A 13 14.24 -33.83 -7.38
CA TYR A 13 14.64 -35.23 -7.29
C TYR A 13 15.49 -35.64 -8.49
N LYS A 14 15.12 -35.20 -9.68
CA LYS A 14 15.92 -35.50 -10.87
C LYS A 14 17.32 -34.92 -10.74
N HIS A 15 17.42 -33.66 -10.29
CA HIS A 15 18.74 -33.08 -10.10
C HIS A 15 19.50 -33.77 -8.99
N ALA A 16 18.81 -34.22 -7.95
CA ALA A 16 19.48 -34.95 -6.88
C ALA A 16 20.05 -36.27 -7.38
N ILE A 17 19.32 -36.97 -8.25
CA ILE A 17 19.85 -38.19 -8.84
C ILE A 17 21.07 -37.89 -9.69
N LEU A 18 20.97 -36.87 -10.56
CA LEU A 18 22.09 -36.56 -11.45
C LEU A 18 23.32 -36.13 -10.68
N LYS A 19 23.13 -35.31 -9.64
CA LYS A 19 24.27 -34.77 -8.89
C LYS A 19 24.89 -35.84 -8.00
N GLU A 20 24.07 -36.62 -7.28
CA GLU A 20 24.57 -37.64 -6.36
C GLU A 20 24.88 -38.93 -7.14
N SER A 21 26.02 -38.90 -7.83
CA SER A 21 26.51 -40.07 -8.56
C SER A 21 27.88 -40.43 -8.01
N GLN A 22 28.06 -41.69 -7.62
CA GLN A 22 29.31 -42.17 -7.08
C GLN A 22 30.26 -42.68 -8.15
N TYR A 23 29.87 -42.61 -9.42
CA TYR A 23 30.65 -43.18 -10.52
C TYR A 23 31.01 -42.08 -11.51
N THR A 24 32.22 -42.12 -12.01
CA THR A 24 32.70 -41.14 -12.97
C THR A 24 32.70 -41.74 -14.37
N ILE A 25 32.25 -40.96 -15.32
CA ILE A 25 32.18 -41.37 -16.72
C ILE A 25 33.59 -41.37 -17.28
N LYS A 26 33.80 -42.14 -18.35
CA LYS A 26 35.08 -42.18 -19.03
C LYS A 26 34.83 -42.13 -20.53
N ARG A 27 35.42 -41.15 -21.20
CA ARG A 27 35.24 -41.00 -22.64
C ARG A 27 36.54 -40.52 -23.25
N ASP A 28 36.63 -40.67 -24.56
CA ASP A 28 37.82 -40.28 -25.31
C ASP A 28 39.06 -40.97 -24.75
N VAL A 29 38.90 -42.26 -24.39
CA VAL A 29 39.96 -42.96 -23.68
C VAL A 29 41.22 -43.08 -24.52
N GLY A 30 41.06 -43.44 -25.79
CA GLY A 30 42.23 -43.67 -26.63
C GLY A 30 42.66 -42.46 -27.44
N THR A 31 42.14 -41.30 -27.09
CA THR A 31 42.35 -40.08 -27.86
C THR A 31 43.42 -39.22 -27.22
N THR A 32 43.99 -38.32 -28.01
CA THR A 32 45.00 -37.38 -27.55
C THR A 32 44.72 -36.00 -28.14
N THR A 33 45.27 -34.98 -27.48
CA THR A 33 45.14 -33.60 -27.93
C THR A 33 46.46 -32.89 -27.72
N ALA A 34 46.58 -31.70 -28.31
CA ALA A 34 47.83 -30.95 -28.32
C ALA A 34 47.75 -29.76 -27.38
N VAL A 35 48.84 -29.51 -26.67
CA VAL A 35 49.02 -28.27 -25.92
C VAL A 35 50.39 -27.72 -26.26
N THR A 36 50.59 -26.46 -25.94
CA THR A 36 51.83 -25.73 -26.15
C THR A 36 52.30 -25.14 -24.83
N PRO A 37 53.50 -25.45 -24.38
CA PRO A 37 53.97 -24.93 -23.09
C PRO A 37 54.19 -23.43 -23.13
N SER A 38 54.14 -22.81 -21.94
CA SER A 38 54.30 -21.37 -21.86
C SER A 38 55.63 -20.91 -22.43
N SER A 39 56.63 -21.79 -22.42
CA SER A 39 57.95 -21.44 -22.96
C SER A 39 57.90 -21.13 -24.45
N LEU A 40 56.82 -21.52 -25.13
CA LEU A 40 56.64 -21.25 -26.55
C LEU A 40 55.66 -20.12 -26.82
N GLN A 41 55.23 -19.38 -25.79
CA GLN A 41 54.20 -18.36 -26.01
C GLN A 41 54.66 -17.32 -27.01
N GLN A 42 55.88 -16.81 -26.83
CA GLN A 42 56.41 -15.81 -27.77
C GLN A 42 56.43 -16.33 -29.19
N GLU A 43 56.48 -17.65 -29.38
CA GLU A 43 56.41 -18.23 -30.71
C GLU A 43 54.97 -18.34 -31.19
N ILE A 44 54.08 -18.84 -30.33
CA ILE A 44 52.70 -19.05 -30.78
C ILE A 44 52.06 -17.71 -31.10
N THR A 45 52.41 -16.66 -30.36
CA THR A 45 51.93 -15.33 -30.69
C THR A 45 52.18 -15.00 -32.14
N LEU A 46 53.41 -15.22 -32.61
CA LEU A 46 53.71 -14.98 -34.01
C LEU A 46 52.73 -15.71 -34.90
N LEU A 47 52.55 -17.01 -34.66
CA LEU A 47 51.61 -17.77 -35.48
C LEU A 47 50.22 -17.19 -35.38
N CYS A 48 49.77 -16.87 -34.16
CA CYS A 48 48.42 -16.37 -33.98
C CYS A 48 48.21 -15.03 -34.66
N GLY A 49 49.27 -14.36 -35.08
CA GLY A 49 49.16 -13.10 -35.77
C GLY A 49 49.39 -13.24 -37.25
N GLU A 50 50.14 -14.28 -37.63
CA GLU A 50 50.35 -14.52 -39.04
C GLU A 50 49.12 -15.09 -39.72
N ILE A 51 48.11 -15.43 -38.93
CA ILE A 51 46.80 -15.77 -39.44
C ILE A 51 45.99 -14.51 -39.72
N LEU A 52 46.39 -13.37 -39.15
CA LEU A 52 45.47 -12.24 -39.13
C LEU A 52 45.76 -11.23 -40.23
N TYR A 53 47.02 -11.04 -40.64
CA TYR A 53 47.21 -9.94 -41.57
C TYR A 53 47.44 -10.41 -42.99
N ALA A 54 47.33 -11.71 -43.24
CA ALA A 54 47.50 -12.25 -44.58
C ALA A 54 46.21 -12.94 -45.01
N LYS A 55 46.07 -13.12 -46.32
CA LYS A 55 44.87 -13.69 -46.91
C LYS A 55 45.17 -15.15 -47.26
N HIS A 56 44.70 -16.06 -46.43
CA HIS A 56 45.06 -17.48 -46.51
C HIS A 56 43.96 -18.26 -47.22
N ALA A 57 44.38 -19.21 -48.05
CA ALA A 57 43.42 -20.09 -48.71
C ALA A 57 42.74 -21.01 -47.71
N ASP A 58 43.48 -21.56 -46.74
CA ASP A 58 42.94 -22.49 -45.77
C ASP A 58 43.10 -21.91 -44.37
N TYR A 59 41.98 -21.75 -43.67
CA TYR A 59 41.92 -21.29 -42.29
C TYR A 59 41.50 -22.41 -41.36
N LYS A 60 42.00 -23.63 -41.60
CA LYS A 60 41.38 -24.80 -40.99
C LYS A 60 41.70 -24.93 -39.50
N TYR A 61 42.92 -24.61 -39.11
CA TYR A 61 43.38 -24.83 -37.74
C TYR A 61 43.58 -23.55 -36.96
N ALA A 62 42.95 -22.44 -37.35
CA ALA A 62 43.10 -21.22 -36.59
C ALA A 62 42.59 -21.39 -35.16
N ALA A 63 41.50 -22.13 -35.00
CA ALA A 63 40.96 -22.39 -33.66
C ALA A 63 41.95 -23.16 -32.82
N GLU A 64 42.62 -24.15 -33.41
CA GLU A 64 43.62 -24.90 -32.66
C GLU A 64 44.78 -24.00 -32.24
N ILE A 65 45.14 -23.02 -33.08
CA ILE A 65 46.20 -22.10 -32.68
C ILE A 65 45.75 -21.17 -31.56
N GLY A 66 44.50 -20.74 -31.57
CA GLY A 66 44.00 -19.98 -30.42
C GLY A 66 44.03 -20.79 -29.14
N ILE A 67 43.60 -22.06 -29.24
CA ILE A 67 43.64 -22.93 -28.08
C ILE A 67 45.07 -23.21 -27.64
N GLN A 68 46.00 -23.26 -28.59
CA GLN A 68 47.41 -23.37 -28.23
C GLN A 68 47.87 -22.18 -27.41
N TYR A 69 47.46 -20.98 -27.81
CA TYR A 69 47.82 -19.81 -27.03
C TYR A 69 47.21 -19.88 -25.63
N ILE A 70 45.96 -20.36 -25.54
CA ILE A 70 45.34 -20.55 -24.22
C ILE A 70 46.18 -21.49 -23.37
N SER A 71 46.67 -22.57 -23.98
CA SER A 71 47.51 -23.53 -23.28
C SER A 71 48.82 -22.92 -22.82
N THR A 72 49.40 -22.03 -23.62
CA THR A 72 50.59 -21.32 -23.16
C THR A 72 50.26 -20.43 -21.97
N ALA A 73 49.09 -19.78 -22.01
CA ALA A 73 48.73 -18.86 -20.94
C ALA A 73 48.50 -19.60 -19.62
N LEU A 74 47.68 -20.65 -19.65
CA LEU A 74 47.38 -21.38 -18.41
C LEU A 74 48.54 -22.28 -17.99
N GLY A 75 49.22 -22.88 -18.94
CA GLY A 75 50.27 -23.84 -18.69
C GLY A 75 49.83 -25.23 -19.11
N SER A 76 50.81 -26.05 -19.50
CA SER A 76 50.51 -27.39 -19.98
C SER A 76 49.87 -28.25 -18.90
N GLU A 77 50.43 -28.22 -17.69
CA GLU A 77 49.92 -29.08 -16.62
C GLU A 77 48.52 -28.65 -16.19
N ARG A 78 48.29 -27.35 -16.04
CA ARG A 78 46.97 -26.87 -15.70
C ARG A 78 45.96 -27.21 -16.79
N VAL A 79 46.40 -27.20 -18.05
CA VAL A 79 45.50 -27.52 -19.16
C VAL A 79 45.16 -29.00 -19.14
N GLN A 80 46.15 -29.86 -18.85
CA GLN A 80 45.87 -31.28 -18.70
C GLN A 80 44.88 -31.53 -17.57
N GLN A 81 45.07 -30.85 -16.45
CA GLN A 81 44.13 -30.98 -15.33
C GLN A 81 42.74 -30.52 -15.71
N ILE A 82 42.64 -29.42 -16.46
CA ILE A 82 41.34 -28.92 -16.90
C ILE A 82 40.65 -29.94 -17.79
N LEU A 83 41.39 -30.52 -18.73
CA LEU A 83 40.81 -31.54 -19.59
C LEU A 83 40.37 -32.76 -18.81
N ARG A 84 41.16 -33.17 -17.81
CA ARG A 84 40.81 -34.32 -16.99
C ARG A 84 39.55 -34.09 -16.14
N ASN A 85 39.42 -32.91 -15.53
CA ASN A 85 38.23 -32.64 -14.72
C ASN A 85 37.00 -32.31 -15.55
N SER A 86 37.11 -32.25 -16.87
CA SER A 86 35.96 -32.01 -17.73
C SER A 86 35.26 -33.29 -18.15
N GLY A 87 35.66 -34.43 -17.59
CA GLY A 87 35.06 -35.70 -17.93
C GLY A 87 35.65 -36.39 -19.15
N SER A 88 36.76 -35.89 -19.68
CA SER A 88 37.37 -36.41 -20.89
C SER A 88 38.77 -36.90 -20.58
N GLU A 89 39.07 -38.15 -20.96
CA GLU A 89 40.37 -38.76 -20.68
C GLU A 89 41.29 -38.62 -21.91
N VAL A 90 41.41 -37.39 -22.37
CA VAL A 90 42.31 -37.07 -23.48
C VAL A 90 43.71 -36.91 -22.93
N GLN A 91 44.66 -37.59 -23.55
CA GLN A 91 46.04 -37.46 -23.15
C GLN A 91 46.71 -36.31 -23.89
N VAL A 92 47.13 -35.32 -23.14
CA VAL A 92 47.82 -34.15 -23.65
C VAL A 92 49.11 -34.55 -24.33
N VAL A 93 49.36 -33.99 -25.51
CA VAL A 93 50.62 -34.13 -26.22
C VAL A 93 51.28 -32.76 -26.30
N LEU A 94 52.55 -32.70 -25.91
CA LEU A 94 53.25 -31.42 -25.87
C LEU A 94 53.60 -30.95 -27.28
N THR A 95 54.05 -29.71 -27.36
CA THR A 95 54.41 -29.06 -28.62
C THR A 95 55.93 -28.90 -28.69
N ARG A 96 56.48 -29.14 -29.87
CA ARG A 96 57.91 -29.06 -30.10
C ARG A 96 58.19 -28.05 -31.21
N THR A 97 59.47 -27.73 -31.39
CA THR A 97 59.91 -26.81 -32.40
C THR A 97 60.83 -27.51 -33.39
N TYR A 98 60.90 -26.98 -34.61
CA TYR A 98 61.78 -27.55 -35.62
C TYR A 98 62.19 -26.45 -36.59
N SER A 99 63.24 -26.74 -37.37
CA SER A 99 63.78 -25.78 -38.31
C SER A 99 63.51 -26.19 -39.75
N GLN A 112 62.74 -20.68 -36.43
CA GLN A 112 62.12 -21.96 -36.11
C GLN A 112 60.59 -21.88 -36.17
N MET A 113 59.95 -23.04 -36.28
CA MET A 113 58.51 -23.15 -36.38
C MET A 113 58.03 -24.22 -35.41
N LEU A 114 56.70 -24.34 -35.28
CA LEU A 114 56.07 -25.22 -34.31
C LEU A 114 55.56 -26.48 -35.00
N ASP A 115 55.66 -27.61 -34.30
CA ASP A 115 55.09 -28.88 -34.73
C ASP A 115 54.00 -29.22 -33.71
N ILE A 116 52.80 -28.74 -33.95
CA ILE A 116 51.67 -28.95 -33.04
C ILE A 116 50.99 -30.25 -33.41
N HIS A 117 50.66 -31.04 -32.41
CA HIS A 117 50.06 -32.35 -32.63
C HIS A 117 48.65 -32.20 -33.18
N GLY A 118 48.35 -32.91 -34.26
CA GLY A 118 47.07 -32.79 -34.92
C GLY A 118 46.96 -31.62 -35.87
N VAL A 119 47.99 -30.79 -35.96
CA VAL A 119 48.07 -29.68 -36.91
C VAL A 119 49.18 -30.01 -37.90
N GLU A 120 48.82 -30.16 -39.16
CA GLU A 120 49.79 -30.57 -40.16
C GLU A 120 50.86 -29.51 -40.34
N LYS A 121 52.12 -29.96 -40.43
CA LYS A 121 53.22 -29.02 -40.61
C LYS A 121 53.11 -28.27 -41.93
N SER A 122 52.46 -28.87 -42.93
CA SER A 122 52.23 -28.17 -44.18
C SER A 122 51.38 -26.92 -43.96
N TRP A 123 50.37 -27.02 -43.09
CA TRP A 123 49.52 -25.88 -42.79
C TRP A 123 50.32 -24.75 -42.14
N VAL A 124 51.13 -25.09 -41.13
CA VAL A 124 51.92 -24.08 -40.46
C VAL A 124 52.90 -23.41 -41.42
N GLU A 125 53.56 -24.21 -42.26
CA GLU A 125 54.47 -23.65 -43.25
C GLU A 125 53.73 -22.74 -44.23
N GLU A 126 52.54 -23.14 -44.66
CA GLU A 126 51.76 -22.32 -45.59
C GLU A 126 51.39 -20.98 -44.96
N ILE A 127 50.92 -21.00 -43.71
CA ILE A 127 50.53 -19.76 -43.05
C ILE A 127 51.75 -18.85 -42.87
N ASP A 128 52.87 -19.42 -42.44
CA ASP A 128 54.07 -18.61 -42.25
C ASP A 128 54.54 -18.01 -43.57
N LYS A 129 54.57 -18.82 -44.64
CA LYS A 129 55.05 -18.32 -45.92
C LYS A 129 54.11 -17.25 -46.49
N GLU A 130 52.79 -17.46 -46.36
CA GLU A 130 51.85 -16.46 -46.84
C GLU A 130 52.03 -15.14 -46.10
N ALA A 131 52.19 -15.20 -44.78
CA ALA A 131 52.40 -13.97 -44.01
C ALA A 131 53.70 -13.29 -44.37
N ARG A 132 54.77 -14.07 -44.56
CA ARG A 132 56.06 -13.46 -44.93
C ARG A 132 55.99 -12.80 -46.29
N LYS A 133 55.32 -13.45 -47.25
CA LYS A 133 55.18 -12.87 -48.59
C LYS A 133 54.34 -11.59 -48.55
N THR A 134 53.24 -11.60 -47.79
CA THR A 134 52.45 -10.38 -47.67
C THR A 134 53.24 -9.26 -47.01
N MET A 135 54.02 -9.59 -45.98
CA MET A 135 54.83 -8.56 -45.33
C MET A 135 55.87 -8.00 -46.28
N ALA A 136 56.50 -8.87 -47.08
CA ALA A 136 57.48 -8.38 -48.04
C ALA A 136 56.82 -7.50 -49.09
N THR A 137 55.62 -7.87 -49.54
CA THR A 137 54.92 -7.06 -50.55
C THR A 137 54.51 -5.70 -49.98
N LEU A 138 54.01 -5.67 -48.75
CA LEU A 138 53.62 -4.41 -48.12
C LEU A 138 54.81 -3.60 -47.63
N LEU A 139 56.00 -4.18 -47.59
CA LEU A 139 57.18 -3.41 -47.24
C LEU A 139 57.92 -2.88 -48.47
N LYS A 140 57.95 -3.67 -49.55
CA LYS A 140 58.64 -3.26 -50.76
C LYS A 140 57.92 -2.11 -51.45
N GLU A 141 56.60 -2.25 -51.63
CA GLU A 141 55.85 -1.21 -52.32
C GLU A 141 55.68 0.03 -51.45
N SER A 142 55.32 -0.14 -50.18
CA SER A 142 54.99 0.98 -49.34
C SER A 142 56.26 1.72 -48.91
N SER A 143 56.07 2.70 -48.03
CA SER A 143 57.14 3.59 -47.60
C SER A 143 57.94 3.04 -46.42
N GLY A 144 57.66 1.82 -45.99
CA GLY A 144 58.40 1.24 -44.88
C GLY A 144 58.16 1.91 -43.54
N ASN A 145 56.91 2.21 -43.21
CA ASN A 145 56.59 2.81 -41.93
C ASN A 145 55.59 1.95 -41.17
N ILE A 146 55.84 0.64 -41.13
CA ILE A 146 54.91 -0.28 -40.47
C ILE A 146 54.89 0.00 -38.97
N PRO A 147 53.75 0.34 -38.39
CA PRO A 147 53.71 0.63 -36.95
C PRO A 147 53.85 -0.64 -36.13
N GLN A 148 53.92 -0.44 -34.81
CA GLN A 148 54.18 -1.56 -33.91
C GLN A 148 52.97 -2.47 -33.79
N ASN A 149 51.78 -1.97 -34.13
CA ASN A 149 50.58 -2.78 -33.96
C ASN A 149 50.21 -3.51 -35.24
N GLN A 150 50.82 -3.14 -36.37
CA GLN A 150 50.44 -3.74 -37.63
C GLN A 150 51.25 -4.99 -37.97
N ARG A 151 52.25 -5.34 -37.16
CA ARG A 151 53.08 -6.49 -37.48
C ARG A 151 52.52 -7.76 -36.85
N PRO A 152 52.83 -8.93 -37.44
CA PRO A 152 52.30 -10.19 -36.88
C PRO A 152 52.73 -10.50 -35.46
N SER A 153 53.91 -10.07 -35.06
CA SER A 153 54.43 -10.37 -33.73
C SER A 153 53.83 -9.48 -32.66
N ALA A 154 52.73 -8.79 -32.94
CA ALA A 154 52.07 -8.00 -31.92
C ALA A 154 51.56 -8.94 -30.82
N PRO A 155 51.60 -8.49 -29.56
CA PRO A 155 51.23 -9.39 -28.46
C PRO A 155 49.74 -9.53 -28.21
N ASP A 156 48.89 -8.73 -28.86
CA ASP A 156 47.46 -8.91 -28.73
C ASP A 156 46.83 -9.67 -29.89
N THR A 157 47.63 -10.09 -30.87
CA THR A 157 47.08 -10.89 -31.96
C THR A 157 46.46 -12.21 -31.50
N PRO A 158 47.05 -12.99 -30.59
CA PRO A 158 46.35 -14.18 -30.12
C PRO A 158 45.03 -13.84 -29.47
N ILE A 159 44.94 -12.71 -28.76
CA ILE A 159 43.68 -12.32 -28.16
C ILE A 159 42.71 -11.83 -29.23
N ILE A 160 43.22 -11.24 -30.31
CA ILE A 160 42.33 -10.84 -31.40
C ILE A 160 41.71 -12.06 -32.07
N LEU A 161 42.49 -13.12 -32.29
CA LEU A 161 41.92 -14.37 -32.79
C LEU A 161 40.94 -14.98 -31.80
N LEU A 162 41.29 -14.99 -30.52
CA LEU A 162 40.38 -15.53 -29.51
C LEU A 162 39.14 -14.67 -29.37
N CYS A 163 39.16 -13.42 -29.84
CA CYS A 163 37.94 -12.60 -29.81
C CYS A 163 36.94 -13.06 -30.87
N VAL A 164 37.42 -13.41 -32.07
CA VAL A 164 36.55 -14.07 -33.04
C VAL A 164 36.04 -15.39 -32.47
N GLY A 165 36.92 -16.13 -31.80
CA GLY A 165 36.50 -17.35 -31.13
C GLY A 165 35.45 -17.15 -30.06
N ALA A 166 35.54 -16.05 -29.30
CA ALA A 166 34.54 -15.76 -28.28
C ALA A 166 33.25 -15.27 -28.88
N LEU A 167 33.31 -14.58 -30.01
CA LEU A 167 32.09 -14.19 -30.70
C LEU A 167 31.32 -15.40 -31.20
N ILE A 168 32.04 -16.37 -31.78
CA ILE A 168 31.37 -17.59 -32.23
C ILE A 168 31.05 -18.50 -31.05
N PHE A 169 31.68 -18.25 -29.90
CA PHE A 169 31.36 -19.00 -28.68
C PHE A 169 29.98 -18.64 -28.16
N THR A 170 29.59 -17.36 -28.25
CA THR A 170 28.30 -16.95 -27.75
C THR A 170 27.16 -17.53 -28.57
N LYS A 171 27.45 -18.07 -29.75
CA LYS A 171 26.46 -18.65 -30.64
C LYS A 171 26.62 -20.15 -30.78
N LEU A 172 26.96 -20.86 -29.70
CA LEU A 172 27.12 -22.30 -29.80
C LEU A 172 25.79 -23.01 -29.56
N ALA A 173 24.86 -22.35 -28.87
CA ALA A 173 23.52 -22.90 -28.73
C ALA A 173 22.71 -22.68 -30.00
N SER A 174 23.05 -21.66 -30.77
CA SER A 174 22.36 -21.40 -32.03
C SER A 174 22.86 -22.32 -33.12
N THR A 175 22.45 -22.04 -34.36
CA THR A 175 22.86 -22.85 -35.49
C THR A 175 24.18 -22.32 -36.06
N ILE A 176 24.70 -23.04 -37.06
CA ILE A 176 25.97 -22.67 -37.66
C ILE A 176 25.83 -21.41 -38.51
N GLU A 177 24.78 -21.34 -39.32
CA GLU A 177 24.63 -20.20 -40.24
C GLU A 177 24.32 -18.92 -39.47
N VAL A 178 23.44 -19.01 -38.48
CA VAL A 178 23.15 -17.86 -37.64
C VAL A 178 24.40 -17.44 -36.88
N GLY A 179 25.14 -18.42 -36.36
CA GLY A 179 26.37 -18.10 -35.65
C GLY A 179 27.38 -17.38 -36.50
N LEU A 180 27.59 -17.85 -37.73
CA LEU A 180 28.57 -17.20 -38.61
C LEU A 180 28.12 -15.81 -39.02
N GLU A 181 26.83 -15.66 -39.38
CA GLU A 181 26.33 -14.35 -39.76
C GLU A 181 26.46 -13.36 -38.61
N THR A 182 26.06 -13.78 -37.41
CA THR A 182 26.16 -12.91 -36.25
C THR A 182 27.61 -12.59 -35.91
N THR A 183 28.50 -13.56 -36.04
CA THR A 183 29.91 -13.32 -35.77
C THR A 183 30.47 -12.25 -36.69
N VAL A 184 30.19 -12.36 -37.99
CA VAL A 184 30.72 -11.37 -38.92
C VAL A 184 30.11 -10.00 -38.66
N ARG A 185 28.79 -9.96 -38.44
CA ARG A 185 28.11 -8.68 -38.22
C ARG A 185 28.65 -7.99 -36.97
N ARG A 186 28.82 -8.74 -35.88
CA ARG A 186 29.28 -8.15 -34.63
C ARG A 186 30.77 -7.87 -34.66
N ALA A 187 31.54 -8.61 -35.45
CA ALA A 187 32.97 -8.39 -35.48
C ALA A 187 33.34 -7.20 -36.34
N ASN A 188 32.48 -6.80 -37.28
CA ASN A 188 32.77 -5.55 -37.98
C ASN A 188 32.73 -4.33 -37.08
N ARG A 189 32.14 -4.44 -35.88
CA ARG A 189 32.04 -3.32 -34.95
C ARG A 189 32.81 -3.54 -33.67
N VAL A 190 32.69 -4.72 -33.07
CA VAL A 190 33.44 -5.07 -31.87
C VAL A 190 34.94 -5.05 -32.16
N LEU A 191 35.35 -5.65 -33.28
CA LEU A 191 36.76 -5.76 -33.66
C LEU A 191 37.12 -4.78 -34.75
N SER A 192 36.60 -3.56 -34.71
CA SER A 192 36.92 -2.59 -35.75
C SER A 192 38.39 -2.21 -35.72
N ASP A 193 38.96 -2.02 -34.53
CA ASP A 193 40.34 -1.58 -34.41
C ASP A 193 41.30 -2.63 -34.96
N ALA A 194 41.06 -3.90 -34.65
CA ALA A 194 41.90 -4.96 -35.21
C ALA A 194 41.76 -5.04 -36.72
N LEU A 195 40.54 -4.86 -37.22
CA LEU A 195 40.33 -4.84 -38.67
C LEU A 195 41.09 -3.70 -39.33
N LYS A 196 41.11 -2.52 -38.70
CA LYS A 196 41.93 -1.42 -39.22
C LYS A 196 43.41 -1.80 -39.20
N ARG A 197 43.87 -2.40 -38.10
CA ARG A 197 45.27 -2.80 -38.01
C ARG A 197 45.60 -3.90 -39.02
N TYR A 198 44.71 -4.88 -39.17
CA TYR A 198 44.90 -5.96 -40.13
C TYR A 198 43.79 -5.90 -41.16
N PRO A 199 43.96 -5.17 -42.25
CA PRO A 199 42.88 -5.03 -43.23
C PRO A 199 42.38 -6.36 -43.77
N ARG A 200 43.25 -7.35 -43.90
CA ARG A 200 42.89 -8.63 -44.50
C ARG A 200 42.91 -9.72 -43.43
N MET A 201 41.84 -9.76 -42.64
CA MET A 201 41.57 -10.83 -41.69
C MET A 201 40.17 -11.33 -41.97
N ASP A 202 40.04 -12.63 -42.22
CA ASP A 202 38.79 -13.19 -42.70
C ASP A 202 38.02 -13.73 -41.51
N ILE A 203 37.19 -12.86 -40.92
CA ILE A 203 36.36 -13.29 -39.80
C ILE A 203 35.46 -14.47 -40.16
N PRO A 204 34.87 -14.56 -41.35
CA PRO A 204 34.07 -15.75 -41.67
C PRO A 204 34.82 -17.07 -41.56
N LYS A 205 36.01 -17.19 -42.15
CA LYS A 205 36.71 -18.47 -42.14
C LYS A 205 37.24 -18.81 -40.76
N ILE A 206 37.75 -17.81 -40.03
CA ILE A 206 38.22 -18.05 -38.68
C ILE A 206 37.06 -18.46 -37.78
N ALA A 207 35.90 -17.82 -37.96
CA ALA A 207 34.73 -18.19 -37.18
C ALA A 207 34.27 -19.60 -37.50
N ARG A 208 34.32 -19.98 -38.78
CA ARG A 208 34.02 -21.36 -39.15
C ARG A 208 34.98 -22.35 -38.49
N SER A 209 36.27 -22.01 -38.47
CA SER A 209 37.25 -22.86 -37.81
C SER A 209 36.95 -23.02 -36.33
N PHE A 210 36.59 -21.92 -35.67
CA PHE A 210 36.31 -22.00 -34.25
C PHE A 210 35.04 -22.80 -33.98
N TYR A 211 34.02 -22.65 -34.83
CA TYR A 211 32.81 -23.45 -34.66
C TYR A 211 33.11 -24.93 -34.83
N ASP A 212 33.93 -25.27 -35.83
CA ASP A 212 34.34 -26.65 -36.02
C ASP A 212 35.08 -27.20 -34.82
N LEU A 213 36.02 -26.43 -34.26
CA LEU A 213 36.73 -26.89 -33.07
C LEU A 213 35.78 -27.11 -31.91
N PHE A 214 34.88 -26.17 -31.66
CA PHE A 214 33.98 -26.29 -30.52
C PHE A 214 33.06 -27.49 -30.68
N GLU A 215 32.65 -27.81 -31.91
CA GLU A 215 31.78 -28.96 -32.12
C GLU A 215 32.54 -30.27 -32.00
N GLN A 216 33.74 -30.36 -32.59
CA GLN A 216 34.48 -31.62 -32.57
C GLN A 216 35.02 -31.93 -31.19
N LYS A 217 35.85 -31.04 -30.65
CA LYS A 217 36.46 -31.22 -29.34
C LYS A 217 35.66 -30.44 -28.31
N VAL A 218 34.79 -31.15 -27.58
CA VAL A 218 33.92 -30.51 -26.60
C VAL A 218 34.66 -30.15 -25.31
N TYR A 219 35.76 -30.83 -25.00
CA TYR A 219 36.57 -30.44 -23.85
C TYR A 219 37.22 -29.09 -24.03
N HIS A 220 37.41 -28.64 -25.27
CA HIS A 220 37.95 -27.32 -25.52
C HIS A 220 36.99 -26.22 -25.16
N ARG A 221 35.69 -26.51 -25.09
CA ARG A 221 34.77 -25.56 -24.47
C ARG A 221 35.12 -25.34 -23.01
N SER A 222 35.44 -26.41 -22.28
CA SER A 222 35.87 -26.27 -20.90
C SER A 222 37.20 -25.54 -20.80
N LEU A 223 38.14 -25.83 -21.69
CA LEU A 223 39.40 -25.08 -21.70
C LEU A 223 39.16 -23.60 -21.95
N PHE A 224 38.28 -23.27 -22.89
CA PHE A 224 38.03 -21.90 -23.26
C PHE A 224 37.35 -21.15 -22.13
N ILE A 225 36.44 -21.83 -21.42
CA ILE A 225 35.82 -21.25 -20.24
C ILE A 225 36.84 -21.04 -19.12
N GLU A 226 37.76 -21.98 -18.94
CA GLU A 226 38.80 -21.80 -17.93
C GLU A 226 39.70 -20.63 -18.27
N TYR A 227 39.99 -20.42 -19.55
CA TYR A 227 40.74 -19.23 -19.92
C TYR A 227 39.93 -17.97 -19.63
N GLY A 228 38.63 -17.99 -19.91
CA GLY A 228 37.81 -16.83 -19.59
C GLY A 228 37.84 -16.50 -18.11
N LYS A 229 37.78 -17.52 -17.26
CA LYS A 229 37.85 -17.29 -15.81
C LYS A 229 39.22 -16.81 -15.38
N ALA A 230 40.29 -17.43 -15.89
CA ALA A 230 41.63 -17.05 -15.52
C ALA A 230 41.98 -15.66 -16.01
N LEU A 231 41.29 -15.18 -17.03
CA LEU A 231 41.47 -13.83 -17.55
C LEU A 231 40.63 -12.81 -16.78
N GLY A 232 39.37 -13.12 -16.51
CA GLY A 232 38.55 -12.22 -15.73
C GLY A 232 39.04 -12.04 -14.32
N SER A 233 39.66 -13.07 -13.75
CA SER A 233 40.20 -12.98 -12.40
C SER A 233 41.53 -12.23 -12.34
N SER A 234 42.11 -11.87 -13.47
CA SER A 234 43.39 -11.19 -13.47
C SER A 234 43.27 -9.78 -12.92
N SER A 235 44.36 -9.30 -12.33
CA SER A 235 44.39 -7.97 -11.76
C SER A 235 44.51 -6.88 -12.81
N THR A 236 45.21 -7.16 -13.91
CA THR A 236 45.40 -6.21 -15.00
C THR A 236 45.18 -6.93 -16.33
N GLY A 237 44.95 -6.14 -17.36
CA GLY A 237 44.79 -6.70 -18.70
C GLY A 237 44.79 -5.61 -19.74
N SER A 238 45.09 -6.00 -20.97
CA SER A 238 45.07 -5.08 -22.08
C SER A 238 43.63 -4.89 -22.54
N LYS A 239 43.43 -4.01 -23.53
CA LYS A 239 42.08 -3.79 -24.03
C LYS A 239 41.56 -5.01 -24.78
N ALA A 240 42.46 -5.78 -25.41
CA ALA A 240 42.05 -7.00 -26.08
C ALA A 240 41.49 -8.01 -25.08
N GLU A 241 42.15 -8.16 -23.94
CA GLU A 241 41.68 -9.12 -22.94
C GLU A 241 40.40 -8.65 -22.29
N SER A 242 40.26 -7.35 -22.09
CA SER A 242 39.00 -6.82 -21.57
C SER A 242 37.86 -7.04 -22.56
N LEU A 243 38.12 -6.86 -23.85
CA LEU A 243 37.12 -7.17 -24.86
C LEU A 243 36.76 -8.64 -24.87
N PHE A 244 37.76 -9.51 -24.78
CA PHE A 244 37.49 -10.93 -24.75
C PHE A 244 36.61 -11.30 -23.56
N VAL A 245 36.90 -10.72 -22.39
CA VAL A 245 36.10 -11.03 -21.22
C VAL A 245 34.69 -10.47 -21.37
N ASN A 246 34.54 -9.30 -22.01
CA ASN A 246 33.21 -8.75 -22.25
C ASN A 246 32.37 -9.70 -23.11
N ILE A 247 32.96 -10.21 -24.18
CA ILE A 247 32.23 -11.14 -25.05
C ILE A 247 31.95 -12.46 -24.33
N PHE A 248 32.95 -12.97 -23.61
CA PHE A 248 32.78 -14.21 -22.88
C PHE A 248 31.64 -14.10 -21.89
N MET A 249 31.49 -12.95 -21.22
CA MET A 249 30.37 -12.77 -20.31
C MET A 249 29.07 -12.54 -21.05
N GLN A 250 29.13 -11.99 -22.27
CA GLN A 250 27.92 -11.93 -23.08
C GLN A 250 27.44 -13.32 -23.46
N ALA A 251 28.31 -14.32 -23.38
CA ALA A 251 27.90 -15.69 -23.66
C ALA A 251 27.29 -16.41 -22.47
N TYR A 252 27.16 -15.76 -21.31
CA TYR A 252 26.91 -16.50 -20.07
C TYR A 252 25.59 -17.25 -20.10
N GLY A 253 24.50 -16.58 -20.40
CA GLY A 253 23.21 -17.25 -20.36
C GLY A 253 22.84 -17.98 -21.63
N ALA A 254 23.81 -18.58 -22.33
CA ALA A 254 23.53 -19.20 -23.61
C ALA A 254 22.69 -20.44 -23.43
N GLY A 255 21.72 -20.61 -24.32
CA GLY A 255 20.84 -21.75 -24.27
C GLY A 255 19.70 -21.65 -23.30
N GLN A 256 19.54 -20.52 -22.62
CA GLN A 256 18.50 -20.34 -21.62
C GLN A 256 17.85 -18.98 -21.74
N THR A 257 17.57 -18.53 -22.97
CA THR A 257 16.94 -17.22 -23.10
C THR A 257 15.50 -17.23 -22.63
N MET A 258 14.89 -18.40 -22.49
CA MET A 258 13.51 -18.45 -22.01
C MET A 258 13.43 -18.06 -20.55
N LEU A 259 14.42 -18.45 -19.73
CA LEU A 259 14.41 -18.03 -18.33
C LEU A 259 14.61 -16.52 -18.20
N ARG A 260 15.53 -15.96 -18.98
CA ARG A 260 15.73 -14.53 -18.96
C ARG A 260 14.48 -13.79 -19.40
N TRP A 261 13.81 -14.30 -20.43
CA TRP A 261 12.57 -13.66 -20.86
C TRP A 261 11.45 -13.89 -19.86
N GLY A 262 11.50 -14.96 -19.09
CA GLY A 262 10.50 -15.14 -18.04
C GLY A 262 10.64 -14.14 -16.93
N VAL A 263 11.88 -13.90 -16.48
CA VAL A 263 12.05 -12.86 -15.46
C VAL A 263 11.75 -11.50 -16.05
N ILE A 264 12.00 -11.30 -17.36
CA ILE A 264 11.59 -10.07 -18.01
C ILE A 264 10.08 -9.90 -17.96
N ALA A 265 9.34 -10.98 -18.26
CA ALA A 265 7.88 -10.90 -18.22
C ALA A 265 7.38 -10.59 -16.82
N ARG A 266 7.98 -11.21 -15.81
CA ARG A 266 7.60 -10.91 -14.43
C ARG A 266 7.90 -9.45 -14.08
N SER A 267 9.01 -8.92 -14.57
CA SER A 267 9.32 -7.50 -14.36
C SER A 267 8.34 -6.60 -15.08
N SER A 268 7.82 -7.03 -16.23
CA SER A 268 6.87 -6.24 -17.00
C SER A 268 5.48 -6.25 -16.42
N ASN A 269 5.20 -7.12 -15.44
CA ASN A 269 3.88 -7.23 -14.82
C ASN A 269 2.81 -7.48 -15.87
N ASN A 270 3.04 -8.50 -16.70
CA ASN A 270 2.10 -8.84 -17.75
C ASN A 270 0.82 -9.41 -17.14
N ILE A 271 -0.32 -8.92 -17.60
CA ILE A 271 -1.59 -9.32 -16.99
C ILE A 271 -1.88 -10.78 -17.30
N MET A 272 -1.50 -11.26 -18.48
CA MET A 272 -1.77 -12.64 -18.82
C MET A 272 -0.96 -13.63 -18.00
N LEU A 273 0.00 -13.17 -17.20
CA LEU A 273 0.61 -14.05 -16.22
C LEU A 273 -0.37 -14.50 -15.15
N GLY A 274 -1.44 -13.74 -14.92
CA GLY A 274 -2.48 -14.08 -13.99
C GLY A 274 -3.59 -14.94 -14.54
N HIS A 275 -3.47 -15.39 -15.78
CA HIS A 275 -4.43 -16.31 -16.37
C HIS A 275 -4.48 -17.60 -15.55
N VAL A 276 -5.52 -18.40 -15.79
CA VAL A 276 -5.72 -19.62 -15.00
C VAL A 276 -4.59 -20.62 -15.25
N SER A 277 -4.26 -20.85 -16.52
CA SER A 277 -3.27 -21.88 -16.83
C SER A 277 -1.86 -21.43 -16.46
N VAL A 278 -1.55 -20.15 -16.65
CA VAL A 278 -0.25 -19.64 -16.22
C VAL A 278 -0.09 -19.80 -14.71
N GLN A 279 -1.14 -19.45 -13.95
CA GLN A 279 -1.09 -19.61 -12.50
C GLN A 279 -1.04 -21.09 -12.12
N ALA A 280 -1.56 -21.96 -12.98
CA ALA A 280 -1.46 -23.39 -12.74
C ALA A 280 -0.02 -23.87 -12.86
N GLU A 281 0.70 -23.37 -13.86
CA GLU A 281 2.07 -23.82 -14.11
C GLU A 281 3.13 -23.05 -13.33
N LEU A 282 2.76 -21.94 -12.68
CA LEU A 282 3.72 -21.14 -11.95
C LEU A 282 4.46 -21.91 -10.87
N LYS A 283 3.83 -22.92 -10.27
CA LYS A 283 4.52 -23.70 -9.24
C LYS A 283 5.76 -24.39 -9.79
N GLN A 284 5.62 -25.13 -10.90
CA GLN A 284 6.77 -25.84 -11.41
C GLN A 284 7.74 -24.89 -12.10
N VAL A 285 7.23 -23.76 -12.60
CA VAL A 285 8.13 -22.73 -13.11
C VAL A 285 9.06 -22.24 -12.00
N THR A 286 8.48 -21.91 -10.85
CA THR A 286 9.30 -21.53 -9.70
C THR A 286 10.21 -22.66 -9.27
N GLU A 287 9.80 -23.90 -9.49
CA GLU A 287 10.69 -25.02 -9.23
C GLU A 287 11.93 -24.98 -10.12
N VAL A 288 11.73 -24.66 -11.41
CA VAL A 288 12.88 -24.55 -12.31
C VAL A 288 13.81 -23.44 -11.86
N TYR A 289 13.24 -22.30 -11.45
CA TYR A 289 14.09 -21.20 -11.00
C TYR A 289 14.82 -21.55 -9.71
N ASP A 290 14.17 -22.29 -8.81
CA ASP A 290 14.83 -22.76 -7.60
C ASP A 290 15.99 -23.69 -7.95
N LEU A 291 15.81 -24.55 -8.95
CA LEU A 291 16.90 -25.40 -9.40
C LEU A 291 18.04 -24.58 -9.96
N VAL A 292 17.72 -23.51 -10.69
CA VAL A 292 18.75 -22.59 -11.17
C VAL A 292 19.57 -22.05 -10.00
N ARG A 293 18.88 -21.56 -8.97
CA ARG A 293 19.59 -21.04 -7.80
C ARG A 293 20.40 -22.13 -7.11
N GLU A 294 19.87 -23.34 -7.07
CA GLU A 294 20.57 -24.45 -6.42
C GLU A 294 21.88 -24.77 -7.11
N MET A 295 21.87 -24.85 -8.44
CA MET A 295 23.13 -25.06 -9.15
C MET A 295 24.07 -23.87 -8.99
N GLY A 296 23.54 -22.65 -9.08
CA GLY A 296 24.34 -21.49 -8.77
C GLY A 296 25.09 -20.92 -9.96
N PRO A 297 26.33 -20.48 -9.71
CA PRO A 297 27.07 -19.77 -10.77
C PRO A 297 27.35 -20.60 -12.00
N GLU A 298 27.55 -21.91 -11.87
CA GLU A 298 27.88 -22.74 -13.01
C GLU A 298 26.67 -23.13 -13.83
N SER A 299 25.47 -22.70 -13.44
CA SER A 299 24.28 -23.06 -14.19
C SER A 299 24.28 -22.42 -15.57
N GLY A 300 24.77 -21.18 -15.67
CA GLY A 300 24.77 -20.49 -16.95
C GLY A 300 25.64 -21.15 -17.99
N LEU A 301 26.72 -21.80 -17.57
CA LEU A 301 27.64 -22.44 -18.50
C LEU A 301 27.23 -23.87 -18.85
N LEU A 302 26.02 -24.29 -18.50
CA LEU A 302 25.62 -25.66 -18.75
C LEU A 302 25.43 -25.93 -20.24
N HIS A 303 24.70 -25.05 -20.93
CA HIS A 303 24.50 -25.23 -22.36
C HIS A 303 25.73 -24.89 -23.18
N LEU A 304 26.55 -23.95 -22.71
CA LEU A 304 27.81 -23.66 -23.40
C LEU A 304 28.74 -24.86 -23.37
N ARG A 305 28.80 -25.54 -22.25
CA ARG A 305 29.64 -26.73 -22.08
C ARG A 305 29.01 -27.98 -22.69
N GLN A 306 27.76 -27.89 -23.17
CA GLN A 306 26.96 -29.07 -23.48
C GLN A 306 26.95 -30.05 -22.32
N SER A 307 26.80 -29.53 -21.11
CA SER A 307 26.65 -30.40 -19.97
C SER A 307 25.37 -31.20 -20.11
N PRO A 308 25.41 -32.53 -20.00
CA PRO A 308 24.20 -33.32 -20.18
C PRO A 308 23.13 -32.97 -19.18
N LYS A 309 23.53 -32.41 -18.05
CA LYS A 309 22.63 -31.91 -17.03
C LYS A 309 21.77 -30.76 -17.52
N ALA A 310 22.16 -30.07 -18.58
CA ALA A 310 21.31 -29.08 -19.19
C ALA A 310 20.07 -29.76 -19.77
N GLY A 311 18.96 -29.04 -19.76
CA GLY A 311 17.68 -29.61 -20.05
C GLY A 311 16.83 -29.84 -18.82
N LEU A 312 17.46 -29.82 -17.63
CA LEU A 312 16.69 -29.72 -16.40
C LEU A 312 16.13 -28.31 -16.25
N LEU A 313 16.73 -27.34 -16.94
CA LEU A 313 16.31 -25.95 -16.88
C LEU A 313 15.32 -25.58 -17.98
N SER A 314 14.87 -26.55 -18.77
CA SER A 314 13.92 -26.29 -19.84
C SER A 314 12.56 -25.91 -19.27
N LEU A 315 11.94 -24.88 -19.86
CA LEU A 315 10.56 -24.53 -19.56
C LEU A 315 9.59 -25.07 -20.59
N ALA A 316 9.98 -26.13 -21.32
CA ALA A 316 9.10 -26.70 -22.33
C ALA A 316 7.93 -27.44 -21.72
N ASN A 317 8.02 -27.84 -20.45
CA ASN A 317 6.92 -28.51 -19.79
C ASN A 317 5.89 -27.54 -19.24
N CYS A 318 6.01 -26.24 -19.53
CA CYS A 318 5.03 -25.23 -19.16
C CYS A 318 4.65 -24.47 -20.42
N PRO A 319 3.88 -25.09 -21.30
CA PRO A 319 3.59 -24.47 -22.61
C PRO A 319 2.89 -23.14 -22.51
N ASN A 320 2.01 -22.98 -21.52
CA ASN A 320 1.26 -21.74 -21.40
C ASN A 320 2.15 -20.62 -20.86
N PHE A 321 3.01 -20.93 -19.89
CA PHE A 321 3.97 -19.94 -19.42
C PHE A 321 4.93 -19.54 -20.53
N ALA A 322 5.41 -20.51 -21.30
CA ALA A 322 6.31 -20.20 -22.41
C ALA A 322 5.62 -19.35 -23.45
N SER A 323 4.36 -19.64 -23.76
CA SER A 323 3.63 -18.83 -24.73
C SER A 323 3.43 -17.42 -24.23
N VAL A 324 3.11 -17.25 -22.95
CA VAL A 324 2.94 -15.91 -22.39
C VAL A 324 4.25 -15.15 -22.41
N VAL A 325 5.35 -15.84 -22.08
CA VAL A 325 6.67 -15.20 -22.07
C VAL A 325 7.05 -14.74 -23.47
N LEU A 326 6.83 -15.61 -24.47
CA LEU A 326 7.14 -15.25 -25.84
C LEU A 326 6.25 -14.12 -26.33
N GLY A 327 4.98 -14.11 -25.91
CA GLY A 327 4.11 -13.01 -26.29
C GLY A 327 4.57 -11.70 -25.69
N ASN A 328 4.95 -11.71 -24.43
CA ASN A 328 5.47 -10.50 -23.80
C ASN A 328 6.71 -10.00 -24.51
N ALA A 329 7.62 -10.93 -24.84
CA ALA A 329 8.83 -10.54 -25.56
C ALA A 329 8.50 -9.96 -26.93
N SER A 330 7.52 -10.55 -27.62
CA SER A 330 7.14 -10.04 -28.94
C SER A 330 6.51 -8.67 -28.83
N GLY A 331 5.74 -8.42 -27.78
CA GLY A 331 5.16 -7.11 -27.60
C GLY A 331 6.21 -6.05 -27.33
N LEU A 332 7.18 -6.35 -26.48
CA LEU A 332 8.24 -5.41 -26.17
C LEU A 332 9.26 -5.26 -27.30
N GLY A 333 9.18 -6.09 -28.34
CA GLY A 333 10.16 -6.05 -29.40
C GLY A 333 11.41 -6.84 -29.10
N ILE A 334 11.48 -7.48 -27.94
CA ILE A 334 12.65 -8.25 -27.56
C ILE A 334 12.77 -9.52 -28.39
N ILE A 335 11.65 -10.09 -28.84
CA ILE A 335 11.67 -11.41 -29.47
C ILE A 335 12.55 -11.40 -30.72
N GLY A 336 12.66 -10.26 -31.37
CA GLY A 336 13.51 -10.16 -32.55
C GLY A 336 13.11 -11.19 -33.58
N MET A 337 13.98 -12.17 -33.79
CA MET A 337 13.76 -13.25 -34.74
C MET A 337 13.97 -14.59 -34.05
N TYR A 338 13.48 -14.69 -32.81
CA TYR A 338 13.62 -15.91 -32.03
C TYR A 338 12.81 -17.03 -32.67
N ARG A 339 13.40 -18.22 -32.73
CA ARG A 339 12.81 -19.34 -33.45
C ARG A 339 12.11 -20.36 -32.56
N GLY A 340 11.88 -20.05 -31.28
CA GLY A 340 11.17 -20.97 -30.42
C GLY A 340 9.72 -21.10 -30.82
N ARG A 341 9.07 -22.13 -30.27
CA ARG A 341 7.69 -22.42 -30.58
C ARG A 341 6.76 -21.71 -29.60
N VAL A 342 5.62 -21.24 -30.10
CA VAL A 342 4.55 -20.72 -29.26
C VAL A 342 3.48 -21.80 -29.15
N PRO A 343 3.33 -22.47 -28.02
CA PRO A 343 2.37 -23.57 -27.94
C PRO A 343 0.92 -23.10 -28.02
N ASN A 344 0.57 -22.12 -27.21
CA ASN A 344 -0.80 -21.62 -27.14
C ASN A 344 -0.84 -20.25 -27.81
N THR A 345 -1.41 -20.20 -29.01
CA THR A 345 -1.34 -18.98 -29.81
C THR A 345 -2.22 -17.87 -29.24
N GLU A 346 -3.33 -18.22 -28.61
CA GLU A 346 -4.22 -17.18 -28.06
C GLU A 346 -3.55 -16.44 -26.92
N LEU A 347 -2.89 -17.16 -26.01
CA LEU A 347 -2.11 -16.49 -24.97
C LEU A 347 -0.98 -15.67 -25.56
N PHE A 348 -0.30 -16.21 -26.58
CA PHE A 348 0.79 -15.45 -27.19
C PHE A 348 0.28 -14.13 -27.74
N SER A 349 -0.84 -14.17 -28.47
CA SER A 349 -1.36 -12.94 -29.07
C SER A 349 -1.87 -11.97 -28.01
N ALA A 350 -2.56 -12.47 -26.99
CA ALA A 350 -3.04 -11.58 -25.93
C ALA A 350 -1.88 -10.94 -25.19
N ALA A 351 -0.85 -11.71 -24.87
CA ALA A 351 0.32 -11.17 -24.19
C ALA A 351 1.04 -10.17 -25.06
N GLU A 352 1.14 -10.45 -26.37
CA GLU A 352 1.77 -9.50 -27.29
C GLU A 352 1.00 -8.20 -27.34
N SER A 353 -0.33 -8.28 -27.41
CA SER A 353 -1.15 -7.07 -27.43
C SER A 353 -0.99 -6.25 -26.15
N TYR A 354 -1.02 -6.92 -24.99
CA TYR A 354 -0.86 -6.19 -23.75
C TYR A 354 0.53 -5.59 -23.64
N ALA A 355 1.56 -6.31 -24.11
CA ALA A 355 2.91 -5.79 -24.02
C ALA A 355 3.09 -4.58 -24.93
N LYS A 356 2.52 -4.62 -26.13
CA LYS A 356 2.57 -3.44 -27.00
C LYS A 356 1.83 -2.27 -26.38
N SER A 357 0.67 -2.54 -25.78
CA SER A 357 -0.10 -1.48 -25.14
C SER A 357 0.68 -0.83 -24.00
N LEU A 358 1.33 -1.65 -23.18
CA LEU A 358 2.15 -1.12 -22.08
C LEU A 358 3.36 -0.37 -22.61
N LYS A 359 3.96 -0.86 -23.69
CA LYS A 359 5.12 -0.21 -24.27
C LYS A 359 4.76 1.17 -24.81
N GLU A 360 3.62 1.28 -25.49
CA GLU A 360 3.23 2.54 -26.10
C GLU A 360 2.96 3.61 -25.04
N ASP B 10 22.20 -13.21 -13.74
CA ASP B 10 23.42 -13.52 -14.49
C ASP B 10 24.62 -12.71 -14.05
N LEU B 11 24.44 -11.42 -13.77
CA LEU B 11 25.57 -10.55 -13.48
C LEU B 11 26.24 -10.93 -12.16
N SER B 12 25.44 -11.23 -11.15
CA SER B 12 25.98 -11.75 -9.89
C SER B 12 26.74 -13.03 -10.08
N TYR B 13 26.26 -13.93 -10.94
CA TYR B 13 26.97 -15.18 -11.22
C TYR B 13 28.29 -14.94 -11.93
N LYS B 14 28.30 -14.01 -12.89
CA LYS B 14 29.54 -13.67 -13.56
C LYS B 14 30.56 -13.12 -12.58
N HIS B 15 30.14 -12.22 -11.70
CA HIS B 15 31.07 -11.70 -10.70
C HIS B 15 31.50 -12.78 -9.72
N ALA B 16 30.60 -13.71 -9.39
CA ALA B 16 30.97 -14.80 -8.51
C ALA B 16 32.04 -15.68 -9.13
N ILE B 17 31.93 -15.95 -10.43
CA ILE B 17 32.96 -16.72 -11.13
C ILE B 17 34.28 -15.96 -11.12
N LEU B 18 34.25 -14.67 -11.46
CA LEU B 18 35.49 -13.91 -11.53
C LEU B 18 36.15 -13.81 -10.16
N LYS B 19 35.36 -13.56 -9.11
CA LYS B 19 35.92 -13.38 -7.79
C LYS B 19 36.42 -14.69 -7.18
N GLU B 20 35.63 -15.76 -7.30
CA GLU B 20 36.00 -17.05 -6.73
C GLU B 20 36.92 -17.81 -7.69
N SER B 21 38.18 -17.38 -7.70
CA SER B 21 39.23 -18.05 -8.49
C SER B 21 40.31 -18.52 -7.54
N GLN B 22 40.65 -19.81 -7.64
CA GLN B 22 41.68 -20.40 -6.80
C GLN B 22 43.07 -20.28 -7.40
N TYR B 23 43.21 -19.66 -8.57
CA TYR B 23 44.47 -19.59 -9.30
C TYR B 23 44.87 -18.14 -9.50
N THR B 24 46.15 -17.86 -9.33
CA THR B 24 46.68 -16.51 -9.49
C THR B 24 47.39 -16.39 -10.83
N ILE B 25 47.14 -15.28 -11.51
CA ILE B 25 47.73 -15.00 -12.80
C ILE B 25 49.19 -14.64 -12.59
N LYS B 26 50.01 -14.80 -13.62
CA LYS B 26 51.41 -14.43 -13.59
C LYS B 26 51.75 -13.71 -14.88
N ARG B 27 52.26 -12.49 -14.76
CA ARG B 27 52.63 -11.71 -15.93
C ARG B 27 53.88 -10.90 -15.62
N ASP B 28 54.51 -10.41 -16.68
CA ASP B 28 55.75 -9.65 -16.56
C ASP B 28 56.80 -10.44 -15.79
N VAL B 29 56.87 -11.74 -16.08
CA VAL B 29 57.72 -12.63 -15.28
C VAL B 29 59.19 -12.25 -15.41
N GLY B 30 59.65 -11.99 -16.62
CA GLY B 30 61.05 -11.72 -16.83
C GLY B 30 61.42 -10.25 -16.81
N THR B 31 60.51 -9.42 -16.33
CA THR B 31 60.67 -7.98 -16.38
C THR B 31 61.11 -7.44 -15.03
N THR B 32 61.68 -6.23 -15.05
CA THR B 32 62.12 -5.56 -13.85
C THR B 32 61.73 -4.08 -13.91
N THR B 33 61.70 -3.45 -12.74
CA THR B 33 61.36 -2.03 -12.63
C THR B 33 62.25 -1.41 -11.57
N ALA B 34 62.26 -0.08 -11.54
CA ALA B 34 63.16 0.67 -10.67
C ALA B 34 62.40 1.27 -9.50
N VAL B 35 63.01 1.25 -8.33
CA VAL B 35 62.55 2.01 -7.18
C VAL B 35 63.72 2.74 -6.57
N THR B 36 63.43 3.71 -5.75
CA THR B 36 64.40 4.53 -5.06
C THR B 36 64.13 4.47 -3.57
N PRO B 37 65.11 4.09 -2.75
CA PRO B 37 64.87 3.97 -1.31
C PRO B 37 64.67 5.33 -0.67
N SER B 38 63.99 5.31 0.48
CA SER B 38 63.70 6.56 1.19
C SER B 38 64.99 7.32 1.53
N SER B 39 66.09 6.61 1.68
CA SER B 39 67.36 7.26 2.00
C SER B 39 67.81 8.23 0.92
N LEU B 40 67.24 8.12 -0.28
CA LEU B 40 67.56 9.01 -1.38
C LEU B 40 66.49 10.07 -1.63
N GLN B 41 65.50 10.20 -0.74
CA GLN B 41 64.41 11.14 -1.00
C GLN B 41 64.93 12.56 -1.19
N GLN B 42 65.79 13.02 -0.28
CA GLN B 42 66.34 14.36 -0.39
C GLN B 42 67.06 14.57 -1.71
N GLU B 43 67.54 13.49 -2.33
CA GLU B 43 68.15 13.60 -3.65
C GLU B 43 67.10 13.63 -4.74
N ILE B 44 66.12 12.72 -4.68
CA ILE B 44 65.14 12.65 -5.76
C ILE B 44 64.33 13.94 -5.81
N THR B 45 64.07 14.54 -4.65
CA THR B 45 63.40 15.83 -4.63
C THR B 45 64.10 16.82 -5.54
N LEU B 46 65.43 16.93 -5.42
CA LEU B 46 66.17 17.82 -6.30
C LEU B 46 65.85 17.52 -7.75
N LEU B 47 65.96 16.24 -8.14
CA LEU B 47 65.66 15.89 -9.52
C LEU B 47 64.23 16.27 -9.87
N CYS B 48 63.27 15.95 -9.00
CA CYS B 48 61.88 16.21 -9.30
C CYS B 48 61.59 17.70 -9.43
N GLY B 49 62.51 18.55 -9.00
CA GLY B 49 62.32 19.98 -9.12
C GLY B 49 63.16 20.56 -10.24
N GLU B 50 64.24 19.88 -10.59
CA GLU B 50 65.04 20.34 -11.71
C GLU B 50 64.38 20.06 -13.04
N ILE B 51 63.28 19.32 -13.01
CA ILE B 51 62.41 19.18 -14.17
C ILE B 51 61.47 20.36 -14.29
N LEU B 52 61.29 21.13 -13.22
CA LEU B 52 60.16 22.05 -13.19
C LEU B 52 60.56 23.48 -13.54
N TYR B 53 61.78 23.91 -13.21
CA TYR B 53 62.01 25.34 -13.43
C TYR B 53 62.89 25.59 -14.64
N ALA B 54 63.25 24.57 -15.40
CA ALA B 54 64.06 24.72 -16.58
C ALA B 54 63.30 24.23 -17.79
N LYS B 55 63.73 24.67 -18.97
CA LYS B 55 63.05 24.35 -20.22
C LYS B 55 63.86 23.26 -20.92
N HIS B 56 63.37 22.02 -20.82
CA HIS B 56 64.10 20.85 -21.27
C HIS B 56 63.63 20.40 -22.64
N ALA B 57 64.58 19.97 -23.47
CA ALA B 57 64.23 19.45 -24.77
C ALA B 57 63.49 18.12 -24.67
N ASP B 58 63.93 17.25 -23.76
CA ASP B 58 63.33 15.93 -23.59
C ASP B 58 62.77 15.80 -22.18
N TYR B 59 61.46 15.53 -22.10
CA TYR B 59 60.75 15.30 -20.85
C TYR B 59 60.32 13.84 -20.73
N LYS B 60 61.19 12.92 -21.15
CA LYS B 60 60.73 11.56 -21.42
C LYS B 60 60.47 10.77 -20.14
N TYR B 61 61.30 10.96 -19.12
CA TYR B 61 61.23 10.16 -17.91
C TYR B 61 60.76 10.94 -16.70
N ALA B 62 60.04 12.05 -16.88
CA ALA B 62 59.54 12.79 -15.73
C ALA B 62 58.59 11.94 -14.91
N ALA B 63 57.77 11.12 -15.58
CA ALA B 63 56.85 10.24 -14.86
C ALA B 63 57.60 9.23 -14.02
N GLU B 64 58.69 8.68 -14.56
CA GLU B 64 59.48 7.75 -13.77
C GLU B 64 60.10 8.42 -12.56
N ILE B 65 60.46 9.70 -12.67
CA ILE B 65 60.99 10.40 -11.51
C ILE B 65 59.91 10.66 -10.47
N GLY B 66 58.69 10.96 -10.90
CA GLY B 66 57.60 11.07 -9.94
C GLY B 66 57.34 9.76 -9.22
N ILE B 67 57.36 8.66 -9.97
CA ILE B 67 57.18 7.35 -9.37
C ILE B 67 58.35 7.00 -8.46
N GLN B 68 59.55 7.46 -8.79
CA GLN B 68 60.68 7.29 -7.88
C GLN B 68 60.43 7.99 -6.56
N TYR B 69 59.90 9.21 -6.62
CA TYR B 69 59.59 9.90 -5.37
C TYR B 69 58.53 9.14 -4.58
N ILE B 70 57.54 8.59 -5.28
CA ILE B 70 56.52 7.77 -4.59
C ILE B 70 57.19 6.60 -3.89
N SER B 71 58.15 5.97 -4.56
CA SER B 71 58.87 4.84 -3.97
C SER B 71 59.68 5.27 -2.75
N THR B 72 60.26 6.46 -2.77
CA THR B 72 60.94 6.96 -1.57
C THR B 72 59.94 7.16 -0.44
N ALA B 73 58.76 7.67 -0.78
CA ALA B 73 57.77 7.95 0.26
C ALA B 73 57.25 6.67 0.91
N LEU B 74 56.84 5.70 0.11
CA LEU B 74 56.28 4.47 0.67
C LEU B 74 57.38 3.56 1.20
N GLY B 75 58.51 3.52 0.54
CA GLY B 75 59.61 2.63 0.86
C GLY B 75 59.77 1.57 -0.21
N SER B 76 61.01 1.09 -0.38
CA SER B 76 61.29 0.12 -1.42
C SER B 76 60.55 -1.19 -1.18
N GLU B 77 60.57 -1.70 0.05
CA GLU B 77 59.94 -2.98 0.34
C GLU B 77 58.41 -2.91 0.19
N ARG B 78 57.81 -1.84 0.70
CA ARG B 78 56.37 -1.67 0.52
C ARG B 78 56.00 -1.52 -0.95
N VAL B 79 56.88 -0.90 -1.74
CA VAL B 79 56.61 -0.74 -3.16
C VAL B 79 56.71 -2.07 -3.88
N GLN B 80 57.69 -2.89 -3.52
CA GLN B 80 57.78 -4.24 -4.07
C GLN B 80 56.54 -5.05 -3.73
N GLN B 81 56.08 -4.96 -2.49
CA GLN B 81 54.86 -5.66 -2.09
C GLN B 81 53.66 -5.17 -2.89
N ILE B 82 53.56 -3.86 -3.09
CA ILE B 82 52.45 -3.30 -3.86
C ILE B 82 52.47 -3.83 -5.28
N LEU B 83 53.64 -3.87 -5.91
CA LEU B 83 53.75 -4.39 -7.26
C LEU B 83 53.40 -5.87 -7.31
N ARG B 84 53.81 -6.65 -6.31
CA ARG B 84 53.49 -8.07 -6.25
C ARG B 84 52.00 -8.34 -6.08
N ASN B 85 51.31 -7.59 -5.21
CA ASN B 85 49.88 -7.81 -5.02
C ASN B 85 49.04 -7.22 -6.13
N SER B 86 49.63 -6.55 -7.11
CA SER B 86 48.89 -6.01 -8.23
C SER B 86 48.79 -6.99 -9.39
N GLY B 87 49.23 -8.23 -9.20
CA GLY B 87 49.19 -9.24 -10.24
C GLY B 87 50.37 -9.23 -11.19
N SER B 88 51.41 -8.48 -10.89
CA SER B 88 52.56 -8.32 -11.78
C SER B 88 53.81 -8.81 -11.06
N GLU B 89 54.55 -9.71 -11.69
CA GLU B 89 55.76 -10.28 -11.10
C GLU B 89 57.00 -9.53 -11.58
N VAL B 90 56.97 -8.21 -11.42
CA VAL B 90 58.10 -7.35 -11.76
C VAL B 90 59.07 -7.37 -10.60
N GLN B 91 60.34 -7.63 -10.91
CA GLN B 91 61.37 -7.60 -9.88
C GLN B 91 61.92 -6.20 -9.73
N VAL B 92 61.73 -5.64 -8.54
CA VAL B 92 62.21 -4.33 -8.18
C VAL B 92 63.72 -4.28 -8.27
N VAL B 93 64.25 -3.21 -8.87
CA VAL B 93 65.67 -2.92 -8.90
C VAL B 93 65.90 -1.63 -8.12
N LEU B 94 66.85 -1.66 -7.20
CA LEU B 94 67.10 -0.51 -6.35
C LEU B 94 67.83 0.59 -7.13
N THR B 95 67.93 1.76 -6.49
CA THR B 95 68.54 2.93 -7.08
C THR B 95 69.86 3.21 -6.36
N ARG B 96 70.88 3.58 -7.13
CA ARG B 96 72.20 3.87 -6.60
C ARG B 96 72.60 5.29 -6.98
N THR B 97 73.71 5.74 -6.40
CA THR B 97 74.23 7.06 -6.64
C THR B 97 75.62 6.96 -7.25
N TYR B 98 76.01 8.00 -7.98
CA TYR B 98 77.34 8.03 -8.60
C TYR B 98 77.78 9.48 -8.76
N SER B 99 79.08 9.66 -8.98
CA SER B 99 79.65 10.98 -9.11
C SER B 99 80.09 11.27 -10.54
N GLN B 112 76.61 14.54 -6.15
CA GLN B 112 76.29 13.21 -6.69
C GLN B 112 74.94 13.21 -7.42
N MET B 113 74.75 12.20 -8.25
CA MET B 113 73.54 12.04 -9.05
C MET B 113 73.04 10.61 -8.92
N LEU B 114 71.86 10.36 -9.49
CA LEU B 114 71.17 9.08 -9.35
C LEU B 114 71.33 8.26 -10.62
N ASP B 115 71.45 6.94 -10.45
CA ASP B 115 71.46 5.99 -11.55
C ASP B 115 70.21 5.12 -11.38
N ILE B 116 69.12 5.59 -11.94
CA ILE B 116 67.83 4.91 -11.84
C ILE B 116 67.73 3.89 -12.95
N HIS B 117 67.26 2.69 -12.61
CA HIS B 117 67.17 1.60 -13.58
C HIS B 117 66.11 1.90 -14.63
N GLY B 118 66.46 1.75 -15.89
CA GLY B 118 65.57 2.07 -16.97
C GLY B 118 65.51 3.54 -17.33
N VAL B 119 66.22 4.38 -16.60
CA VAL B 119 66.36 5.81 -16.89
C VAL B 119 67.81 6.05 -17.27
N GLU B 120 68.03 6.49 -18.51
CA GLU B 120 69.39 6.66 -19.01
C GLU B 120 70.10 7.76 -18.24
N LYS B 121 71.37 7.50 -17.90
CA LYS B 121 72.15 8.47 -17.15
C LYS B 121 72.36 9.74 -17.96
N SER B 122 72.35 9.63 -19.29
CA SER B 122 72.43 10.81 -20.13
C SER B 122 71.26 11.75 -19.88
N TRP B 123 70.06 11.19 -19.71
CA TRP B 123 68.88 12.01 -19.43
C TRP B 123 69.02 12.75 -18.10
N VAL B 124 69.45 12.04 -17.05
CA VAL B 124 69.60 12.68 -15.75
C VAL B 124 70.65 13.78 -15.80
N GLU B 125 71.77 13.51 -16.46
CA GLU B 125 72.80 14.53 -16.60
C GLU B 125 72.29 15.73 -17.39
N GLU B 126 71.51 15.50 -18.45
CA GLU B 126 70.97 16.59 -19.23
C GLU B 126 70.03 17.47 -18.39
N ILE B 127 69.14 16.83 -17.63
CA ILE B 127 68.19 17.58 -16.80
C ILE B 127 68.95 18.39 -15.75
N ASP B 128 69.93 17.77 -15.09
CA ASP B 128 70.68 18.49 -14.07
C ASP B 128 71.44 19.65 -14.66
N LYS B 129 72.11 19.44 -15.81
CA LYS B 129 72.89 20.51 -16.41
C LYS B 129 72.00 21.65 -16.89
N GLU B 130 70.84 21.32 -17.49
CA GLU B 130 69.92 22.36 -17.93
C GLU B 130 69.43 23.20 -16.76
N ALA B 131 69.08 22.54 -15.65
CA ALA B 131 68.62 23.27 -14.48
C ALA B 131 69.73 24.13 -13.89
N ARG B 132 70.96 23.61 -13.83
CA ARG B 132 72.07 24.40 -13.29
C ARG B 132 72.35 25.62 -14.16
N LYS B 133 72.32 25.44 -15.49
CA LYS B 133 72.55 26.57 -16.38
C LYS B 133 71.45 27.62 -16.25
N THR B 134 70.19 27.19 -16.17
CA THR B 134 69.10 28.15 -15.98
C THR B 134 69.24 28.88 -14.66
N MET B 135 69.62 28.17 -13.60
CA MET B 135 69.79 28.82 -12.31
C MET B 135 70.93 29.84 -12.36
N ALA B 136 72.03 29.49 -13.02
CA ALA B 136 73.13 30.44 -13.15
C ALA B 136 72.72 31.66 -13.95
N THR B 137 71.94 31.46 -15.02
CA THR B 137 71.49 32.60 -15.83
C THR B 137 70.54 33.50 -15.06
N LEU B 138 69.61 32.92 -14.30
CA LEU B 138 68.68 33.71 -13.51
C LEU B 138 69.30 34.27 -12.24
N LEU B 139 70.50 33.82 -11.87
CA LEU B 139 71.19 34.44 -10.74
C LEU B 139 72.17 35.52 -11.17
N LYS B 140 72.84 35.32 -12.31
CA LYS B 140 73.81 36.30 -12.79
C LYS B 140 73.12 37.58 -13.24
N GLU B 141 72.07 37.46 -14.07
CA GLU B 141 71.40 38.64 -14.57
C GLU B 141 70.57 39.32 -13.48
N SER B 142 69.81 38.55 -12.72
CA SER B 142 68.88 39.13 -11.76
C SER B 142 69.63 39.67 -10.54
N SER B 143 68.85 40.12 -9.55
CA SER B 143 69.38 40.77 -8.36
C SER B 143 69.77 39.79 -7.26
N GLY B 144 69.70 38.50 -7.52
CA GLY B 144 70.07 37.51 -6.52
C GLY B 144 69.16 37.46 -5.31
N ASN B 145 67.85 37.49 -5.53
CA ASN B 145 66.90 37.40 -4.42
C ASN B 145 65.97 36.22 -4.62
N ILE B 146 66.52 35.06 -4.97
CA ILE B 146 65.70 33.88 -5.25
C ILE B 146 65.03 33.42 -3.95
N PRO B 147 63.71 33.38 -3.89
CA PRO B 147 63.04 32.96 -2.66
C PRO B 147 63.19 31.46 -2.42
N GLN B 148 62.67 31.03 -1.27
CA GLN B 148 62.86 29.64 -0.86
C GLN B 148 61.99 28.70 -1.68
N ASN B 149 60.95 29.22 -2.31
CA ASN B 149 60.05 28.34 -3.06
C ASN B 149 60.43 28.27 -4.53
N GLN B 150 61.30 29.16 -5.00
CA GLN B 150 61.62 29.19 -6.42
C GLN B 150 62.80 28.30 -6.78
N ARG B 151 63.47 27.70 -5.80
CA ARG B 151 64.63 26.89 -6.10
C ARG B 151 64.25 25.43 -6.35
N PRO B 152 65.07 24.69 -7.12
CA PRO B 152 64.72 23.29 -7.41
C PRO B 152 64.65 22.38 -6.21
N SER B 153 65.41 22.65 -5.16
CA SER B 153 65.43 21.80 -3.98
C SER B 153 64.24 22.05 -3.05
N ALA B 154 63.19 22.71 -3.54
CA ALA B 154 62.00 22.88 -2.74
C ALA B 154 61.38 21.52 -2.47
N PRO B 155 60.80 21.33 -1.27
CA PRO B 155 60.30 19.99 -0.91
C PRO B 155 58.93 19.65 -1.47
N ASP B 156 58.22 20.59 -2.08
CA ASP B 156 56.94 20.29 -2.72
C ASP B 156 57.06 20.11 -4.23
N THR B 157 58.26 20.25 -4.80
CA THR B 157 58.42 20.01 -6.22
C THR B 157 58.06 18.59 -6.65
N PRO B 158 58.44 17.52 -5.95
CA PRO B 158 57.95 16.20 -6.36
C PRO B 158 56.44 16.10 -6.34
N ILE B 159 55.79 16.77 -5.39
CA ILE B 159 54.34 16.75 -5.36
C ILE B 159 53.77 17.61 -6.47
N ILE B 160 54.48 18.68 -6.87
CA ILE B 160 54.01 19.47 -8.00
C ILE B 160 54.06 18.66 -9.29
N LEU B 161 55.11 17.88 -9.50
CA LEU B 161 55.16 16.98 -10.65
C LEU B 161 54.08 15.90 -10.56
N LEU B 162 53.89 15.33 -9.38
CA LEU B 162 52.85 14.33 -9.21
C LEU B 162 51.46 14.92 -9.35
N CYS B 163 51.31 16.25 -9.24
CA CYS B 163 50.01 16.88 -9.48
C CYS B 163 49.67 16.89 -10.96
N VAL B 164 50.65 17.18 -11.83
CA VAL B 164 50.44 16.97 -13.26
C VAL B 164 50.14 15.52 -13.55
N GLY B 165 50.86 14.62 -12.89
CA GLY B 165 50.56 13.21 -13.02
C GLY B 165 49.17 12.81 -12.59
N ALA B 166 48.65 13.42 -11.53
CA ALA B 166 47.30 13.13 -11.07
C ALA B 166 46.25 13.76 -11.97
N LEU B 167 46.56 14.90 -12.58
CA LEU B 167 45.64 15.50 -13.56
C LEU B 167 45.51 14.60 -14.77
N ILE B 168 46.62 14.06 -15.26
CA ILE B 168 46.54 13.15 -16.40
C ILE B 168 46.06 11.78 -15.96
N PHE B 169 46.08 11.50 -14.66
CA PHE B 169 45.54 10.25 -14.13
C PHE B 169 44.02 10.23 -14.22
N THR B 170 43.37 11.37 -13.99
CA THR B 170 41.92 11.42 -14.04
C THR B 170 41.39 11.20 -15.45
N LYS B 171 42.26 11.30 -16.46
CA LYS B 171 41.89 11.13 -17.86
C LYS B 171 42.51 9.89 -18.47
N LEU B 172 42.57 8.79 -17.72
CA LEU B 172 43.15 7.57 -18.27
C LEU B 172 42.08 6.74 -18.99
N ALA B 173 40.81 6.94 -18.62
CA ALA B 173 39.72 6.30 -19.35
C ALA B 173 39.45 7.02 -20.67
N SER B 174 39.77 8.31 -20.73
CA SER B 174 39.58 9.08 -21.94
C SER B 174 40.70 8.80 -22.94
N THR B 175 40.74 9.60 -23.99
CA THR B 175 41.77 9.45 -25.01
C THR B 175 43.00 10.27 -24.65
N ILE B 176 44.05 10.13 -25.47
CA ILE B 176 45.30 10.83 -25.20
C ILE B 176 45.15 12.33 -25.47
N GLU B 177 44.53 12.70 -26.58
CA GLU B 177 44.45 14.11 -26.94
C GLU B 177 43.53 14.86 -25.98
N VAL B 178 42.38 14.27 -25.65
CA VAL B 178 41.49 14.86 -24.67
C VAL B 178 42.17 14.96 -23.32
N GLY B 179 42.90 13.92 -22.94
CA GLY B 179 43.61 13.94 -21.67
C GLY B 179 44.64 15.05 -21.60
N LEU B 180 45.44 15.22 -22.65
CA LEU B 180 46.45 16.27 -22.64
C LEU B 180 45.83 17.66 -22.65
N GLU B 181 44.80 17.86 -23.48
CA GLU B 181 44.15 19.17 -23.53
C GLU B 181 43.54 19.51 -22.18
N THR B 182 42.84 18.55 -21.56
CA THR B 182 42.23 18.79 -20.25
C THR B 182 43.30 19.02 -19.19
N THR B 183 44.40 18.28 -19.24
CA THR B 183 45.45 18.46 -18.26
C THR B 183 46.02 19.87 -18.32
N VAL B 184 46.31 20.36 -19.53
CA VAL B 184 46.86 21.71 -19.65
C VAL B 184 45.85 22.75 -19.20
N ARG B 185 44.59 22.60 -19.63
CA ARG B 185 43.56 23.57 -19.28
C ARG B 185 43.36 23.63 -17.78
N ARG B 186 43.30 22.48 -17.12
CA ARG B 186 43.05 22.45 -15.68
C ARG B 186 44.29 22.81 -14.90
N ALA B 187 45.48 22.60 -15.45
CA ALA B 187 46.70 22.89 -14.71
C ALA B 187 47.02 24.36 -14.76
N ASN B 188 46.52 25.09 -15.76
CA ASN B 188 46.71 26.54 -15.71
C ASN B 188 45.99 27.20 -14.53
N ARG B 189 45.04 26.51 -13.91
CA ARG B 189 44.29 27.05 -12.79
C ARG B 189 44.52 26.31 -11.49
N VAL B 190 44.50 24.99 -11.52
CA VAL B 190 44.80 24.18 -10.35
C VAL B 190 46.22 24.43 -9.87
N LEU B 191 47.17 24.44 -10.79
CA LEU B 191 48.59 24.61 -10.47
C LEU B 191 49.07 26.01 -10.79
N SER B 192 48.26 27.04 -10.53
CA SER B 192 48.69 28.40 -10.84
C SER B 192 49.86 28.83 -9.98
N ASP B 193 49.83 28.48 -8.69
CA ASP B 193 50.90 28.90 -7.78
C ASP B 193 52.24 28.30 -8.17
N ALA B 194 52.26 27.02 -8.52
CA ALA B 194 53.50 26.39 -8.98
C ALA B 194 53.98 27.02 -10.27
N LEU B 195 53.06 27.34 -11.18
CA LEU B 195 53.43 28.00 -12.42
C LEU B 195 54.04 29.38 -12.15
N LYS B 196 53.50 30.12 -11.18
CA LYS B 196 54.12 31.39 -10.79
C LYS B 196 55.51 31.16 -10.22
N ARG B 197 55.66 30.14 -9.36
CA ARG B 197 56.96 29.84 -8.78
C ARG B 197 57.95 29.37 -9.85
N TYR B 198 57.49 28.52 -10.77
CA TYR B 198 58.34 28.03 -11.85
C TYR B 198 57.72 28.48 -13.17
N PRO B 199 58.12 29.64 -13.68
CA PRO B 199 57.50 30.14 -14.92
C PRO B 199 57.63 29.19 -16.08
N ARG B 200 58.72 28.43 -16.16
CA ARG B 200 58.98 27.57 -17.30
C ARG B 200 58.89 26.11 -16.86
N MET B 201 57.65 25.63 -16.75
CA MET B 201 57.34 24.22 -16.53
C MET B 201 56.35 23.81 -17.60
N ASP B 202 56.69 22.77 -18.35
CA ASP B 202 55.94 22.43 -19.55
C ASP B 202 54.95 21.34 -19.17
N ILE B 203 53.76 21.77 -18.75
CA ILE B 203 52.70 20.81 -18.42
C ILE B 203 52.37 19.87 -19.58
N PRO B 204 52.33 20.31 -20.84
CA PRO B 204 52.08 19.35 -21.93
C PRO B 204 53.05 18.19 -21.99
N LYS B 205 54.37 18.44 -21.95
CA LYS B 205 55.33 17.36 -22.10
C LYS B 205 55.35 16.45 -20.89
N ILE B 206 55.25 17.02 -19.68
CA ILE B 206 55.20 16.21 -18.47
C ILE B 206 53.93 15.36 -18.46
N ALA B 207 52.81 15.92 -18.91
CA ALA B 207 51.58 15.16 -18.98
C ALA B 207 51.69 14.03 -19.99
N ARG B 208 52.34 14.29 -21.13
CA ARG B 208 52.60 13.22 -22.10
C ARG B 208 53.46 12.13 -21.50
N SER B 209 54.49 12.50 -20.75
CA SER B 209 55.33 11.50 -20.09
C SER B 209 54.54 10.66 -19.11
N PHE B 210 53.66 11.29 -18.34
CA PHE B 210 52.87 10.54 -17.37
C PHE B 210 51.87 9.62 -18.06
N TYR B 211 51.27 10.08 -19.15
CA TYR B 211 50.36 9.21 -19.90
C TYR B 211 51.10 8.01 -20.47
N ASP B 212 52.30 8.23 -21.00
CA ASP B 212 53.12 7.13 -21.50
C ASP B 212 53.45 6.13 -20.39
N LEU B 213 53.84 6.62 -19.21
CA LEU B 213 54.13 5.71 -18.11
C LEU B 213 52.91 4.90 -17.72
N PHE B 214 51.75 5.56 -17.59
CA PHE B 214 50.56 4.85 -17.15
C PHE B 214 50.13 3.81 -18.18
N GLU B 215 50.35 4.08 -19.46
CA GLU B 215 49.98 3.09 -20.48
C GLU B 215 50.97 1.93 -20.52
N GLN B 216 52.26 2.21 -20.47
CA GLN B 216 53.26 1.15 -20.58
C GLN B 216 53.28 0.27 -19.34
N LYS B 217 53.55 0.86 -18.19
CA LYS B 217 53.63 0.14 -16.93
C LYS B 217 52.31 0.28 -16.20
N VAL B 218 51.46 -0.74 -16.30
CA VAL B 218 50.14 -0.70 -15.68
C VAL B 218 50.18 -0.93 -14.17
N TYR B 219 51.21 -1.60 -13.66
CA TYR B 219 51.37 -1.74 -12.22
C TYR B 219 51.66 -0.41 -11.53
N HIS B 220 52.17 0.57 -12.26
CA HIS B 220 52.39 1.89 -11.70
C HIS B 220 51.10 2.64 -11.45
N ARG B 221 50.01 2.25 -12.11
CA ARG B 221 48.71 2.73 -11.69
C ARG B 221 48.38 2.27 -10.27
N SER B 222 48.67 1.00 -9.97
CA SER B 222 48.47 0.52 -8.61
C SER B 222 49.40 1.21 -7.62
N LEU B 223 50.65 1.44 -7.99
CA LEU B 223 51.55 2.19 -7.12
C LEU B 223 51.05 3.60 -6.86
N PHE B 224 50.55 4.26 -7.91
CA PHE B 224 50.09 5.63 -7.79
C PHE B 224 48.84 5.71 -6.92
N ILE B 225 47.96 4.71 -7.05
CA ILE B 225 46.78 4.64 -6.18
C ILE B 225 47.19 4.37 -4.73
N GLU B 226 48.20 3.53 -4.52
CA GLU B 226 48.66 3.27 -3.15
C GLU B 226 49.26 4.53 -2.54
N TYR B 227 49.97 5.33 -3.35
CA TYR B 227 50.44 6.62 -2.84
C TYR B 227 49.27 7.53 -2.50
N GLY B 228 48.25 7.56 -3.35
CA GLY B 228 47.08 8.37 -3.03
C GLY B 228 46.44 7.97 -1.72
N LYS B 229 46.34 6.67 -1.45
CA LYS B 229 45.77 6.21 -0.20
C LYS B 229 46.68 6.53 0.99
N ALA B 230 47.98 6.29 0.84
CA ALA B 230 48.92 6.55 1.92
C ALA B 230 49.04 8.02 2.23
N LEU B 231 48.69 8.88 1.27
CA LEU B 231 48.69 10.32 1.46
C LEU B 231 47.37 10.80 2.06
N GLY B 232 46.23 10.32 1.57
CA GLY B 232 44.96 10.69 2.15
C GLY B 232 44.80 10.22 3.57
N SER B 233 45.40 9.09 3.92
CA SER B 233 45.33 8.58 5.28
C SER B 233 46.26 9.31 6.25
N SER B 234 47.12 10.20 5.75
CA SER B 234 48.06 10.88 6.62
C SER B 234 47.35 11.85 7.54
N SER B 235 47.95 12.09 8.71
CA SER B 235 47.39 12.99 9.68
C SER B 235 47.61 14.45 9.32
N THR B 236 48.73 14.77 8.67
CA THR B 236 49.05 16.12 8.25
C THR B 236 49.58 16.10 6.82
N GLY B 237 49.56 17.26 6.18
CA GLY B 237 50.10 17.38 4.84
C GLY B 237 50.20 18.82 4.44
N SER B 238 51.05 19.06 3.45
CA SER B 238 51.22 20.40 2.90
C SER B 238 50.07 20.68 1.94
N LYS B 239 50.05 21.90 1.39
CA LYS B 239 48.99 22.23 0.44
C LYS B 239 49.16 21.49 -0.87
N ALA B 240 50.41 21.16 -1.23
CA ALA B 240 50.64 20.36 -2.42
C ALA B 240 50.04 18.97 -2.29
N GLU B 241 50.21 18.33 -1.12
CA GLU B 241 49.68 17.00 -0.92
C GLU B 241 48.16 17.02 -0.82
N SER B 242 47.60 18.08 -0.23
CA SER B 242 46.15 18.21 -0.21
C SER B 242 45.58 18.39 -1.62
N LEU B 243 46.28 19.17 -2.46
CA LEU B 243 45.87 19.31 -3.85
C LEU B 243 45.96 17.98 -4.59
N PHE B 244 47.05 17.25 -4.38
CA PHE B 244 47.18 15.95 -5.03
C PHE B 244 46.06 15.02 -4.64
N VAL B 245 45.70 15.01 -3.35
CA VAL B 245 44.61 14.14 -2.92
C VAL B 245 43.28 14.59 -3.50
N ASN B 246 43.08 15.91 -3.61
CA ASN B 246 41.86 16.42 -4.22
C ASN B 246 41.71 15.92 -5.66
N ILE B 247 42.78 16.02 -6.44
CA ILE B 247 42.73 15.55 -7.83
C ILE B 247 42.57 14.03 -7.89
N PHE B 248 43.32 13.31 -7.05
CA PHE B 248 43.22 11.86 -7.01
C PHE B 248 41.79 11.42 -6.72
N MET B 249 41.10 12.11 -5.82
CA MET B 249 39.70 11.77 -5.55
C MET B 249 38.78 12.23 -6.67
N GLN B 250 39.16 13.29 -7.40
CA GLN B 250 38.40 13.64 -8.58
C GLN B 250 38.50 12.56 -9.65
N ALA B 251 39.51 11.70 -9.56
CA ALA B 251 39.63 10.59 -10.50
C ALA B 251 38.83 9.36 -10.12
N TYR B 252 38.08 9.38 -9.00
CA TYR B 252 37.58 8.14 -8.42
C TYR B 252 36.64 7.40 -9.35
N GLY B 253 35.61 8.06 -9.85
CA GLY B 253 34.66 7.36 -10.68
C GLY B 253 35.02 7.28 -12.15
N ALA B 254 36.31 7.15 -12.47
CA ALA B 254 36.73 7.19 -13.86
C ALA B 254 36.26 5.94 -14.60
N GLY B 255 35.80 6.13 -15.83
CA GLY B 255 35.33 5.05 -16.64
C GLY B 255 33.92 4.61 -16.36
N GLN B 256 33.21 5.27 -15.45
CA GLN B 256 31.85 4.89 -15.09
C GLN B 256 30.96 6.11 -14.96
N THR B 257 31.06 7.06 -15.90
CA THR B 257 30.21 8.23 -15.81
C THR B 257 28.75 7.91 -16.11
N MET B 258 28.48 6.77 -16.74
CA MET B 258 27.10 6.40 -17.02
C MET B 258 26.34 6.05 -15.74
N LEU B 259 27.01 5.41 -14.78
CA LEU B 259 26.34 5.12 -13.51
C LEU B 259 26.05 6.40 -12.73
N ARG B 260 27.01 7.32 -12.71
CA ARG B 260 26.78 8.60 -12.05
C ARG B 260 25.65 9.36 -12.70
N TRP B 261 25.60 9.34 -14.03
CA TRP B 261 24.51 10.03 -14.72
C TRP B 261 23.19 9.29 -14.53
N GLY B 262 23.22 7.98 -14.31
CA GLY B 262 22.00 7.26 -14.02
C GLY B 262 21.41 7.64 -12.67
N VAL B 263 22.26 7.72 -11.65
CA VAL B 263 21.73 8.17 -10.36
C VAL B 263 21.33 9.64 -10.45
N ILE B 264 21.99 10.42 -11.30
CA ILE B 264 21.55 11.80 -11.53
C ILE B 264 20.15 11.82 -12.15
N ALA B 265 19.91 10.95 -13.14
CA ALA B 265 18.60 10.91 -13.77
C ALA B 265 17.53 10.49 -12.78
N ARG B 266 17.83 9.52 -11.92
CA ARG B 266 16.88 9.12 -10.89
C ARG B 266 16.61 10.26 -9.92
N SER B 267 17.64 11.04 -9.58
CA SER B 267 17.43 12.20 -8.72
C SER B 267 16.60 13.28 -9.41
N SER B 268 16.71 13.39 -10.73
CA SER B 268 15.96 14.38 -11.48
C SER B 268 14.51 14.00 -11.69
N ASN B 269 14.13 12.75 -11.37
CA ASN B 269 12.76 12.28 -11.54
C ASN B 269 12.29 12.49 -12.98
N ASN B 270 13.09 11.98 -13.91
CA ASN B 270 12.77 12.11 -15.33
C ASN B 270 11.56 11.24 -15.65
N ILE B 271 10.59 11.81 -16.37
CA ILE B 271 9.36 11.08 -16.65
C ILE B 271 9.61 9.91 -17.59
N MET B 272 10.55 10.06 -18.52
CA MET B 272 10.82 8.98 -19.46
C MET B 272 11.47 7.79 -18.80
N LEU B 273 11.88 7.90 -17.54
CA LEU B 273 12.29 6.70 -16.81
C LEU B 273 11.14 5.74 -16.59
N GLY B 274 9.90 6.23 -16.62
CA GLY B 274 8.70 5.42 -16.49
C GLY B 274 8.18 4.84 -17.78
N HIS B 275 8.90 5.03 -18.90
CA HIS B 275 8.54 4.42 -20.16
C HIS B 275 8.52 2.90 -20.04
N VAL B 276 7.93 2.24 -21.02
CA VAL B 276 7.78 0.78 -20.95
C VAL B 276 9.13 0.10 -21.00
N SER B 277 9.99 0.51 -21.94
CA SER B 277 11.26 -0.20 -22.12
C SER B 277 12.23 0.12 -20.99
N VAL B 278 12.22 1.36 -20.50
CA VAL B 278 13.05 1.71 -19.35
C VAL B 278 12.65 0.87 -18.15
N GLN B 279 11.34 0.75 -17.90
CA GLN B 279 10.88 -0.05 -16.79
C GLN B 279 11.17 -1.54 -17.02
N ALA B 280 11.28 -1.93 -18.29
CA ALA B 280 11.67 -3.31 -18.59
C ALA B 280 13.12 -3.58 -18.20
N GLU B 281 14.00 -2.62 -18.45
CA GLU B 281 15.43 -2.80 -18.19
C GLU B 281 15.85 -2.41 -16.78
N LEU B 282 14.96 -1.77 -16.01
CA LEU B 282 15.30 -1.33 -14.67
C LEU B 282 15.74 -2.47 -13.75
N LYS B 283 15.25 -3.69 -13.96
CA LYS B 283 15.66 -4.80 -13.12
C LYS B 283 17.15 -5.07 -13.24
N GLN B 284 17.65 -5.21 -14.47
CA GLN B 284 19.07 -5.53 -14.60
C GLN B 284 19.92 -4.30 -14.33
N VAL B 285 19.36 -3.10 -14.54
CA VAL B 285 20.07 -1.89 -14.12
C VAL B 285 20.33 -1.91 -12.61
N THR B 286 19.28 -2.20 -11.84
CA THR B 286 19.44 -2.33 -10.40
C THR B 286 20.40 -3.47 -10.06
N GLU B 287 20.45 -4.49 -10.91
CA GLU B 287 21.44 -5.56 -10.71
C GLU B 287 22.87 -5.00 -10.83
N VAL B 288 23.11 -4.14 -11.80
CA VAL B 288 24.44 -3.54 -11.94
C VAL B 288 24.77 -2.71 -10.72
N TYR B 289 23.80 -1.94 -10.23
CA TYR B 289 24.07 -1.11 -9.05
C TYR B 289 24.30 -1.98 -7.81
N ASP B 290 23.58 -3.09 -7.70
CA ASP B 290 23.84 -4.02 -6.60
C ASP B 290 25.24 -4.61 -6.69
N LEU B 291 25.70 -4.90 -7.90
CA LEU B 291 27.07 -5.38 -8.06
C LEU B 291 28.07 -4.31 -7.65
N VAL B 292 27.78 -3.05 -7.97
CA VAL B 292 28.62 -1.95 -7.53
C VAL B 292 28.73 -1.95 -6.01
N ARG B 293 27.59 -2.06 -5.32
CA ARG B 293 27.63 -2.09 -3.86
C ARG B 293 28.37 -3.30 -3.34
N GLU B 294 28.21 -4.45 -4.03
CA GLU B 294 28.87 -5.67 -3.60
C GLU B 294 30.39 -5.55 -3.65
N MET B 295 30.93 -5.00 -4.76
CA MET B 295 32.37 -4.76 -4.81
C MET B 295 32.79 -3.72 -3.78
N GLY B 296 32.04 -2.65 -3.63
CA GLY B 296 32.29 -1.70 -2.56
C GLY B 296 33.26 -0.60 -2.94
N PRO B 297 34.15 -0.24 -1.99
CA PRO B 297 35.01 0.93 -2.20
C PRO B 297 35.96 0.79 -3.37
N GLU B 298 36.44 -0.41 -3.67
CA GLU B 298 37.42 -0.59 -4.74
C GLU B 298 36.77 -0.64 -6.12
N SER B 299 35.44 -0.52 -6.20
CA SER B 299 34.78 -0.57 -7.50
C SER B 299 35.14 0.64 -8.36
N GLY B 300 35.28 1.81 -7.73
CA GLY B 300 35.59 3.01 -8.48
C GLY B 300 36.94 2.98 -9.15
N LEU B 301 37.89 2.29 -8.56
CA LEU B 301 39.25 2.21 -9.10
C LEU B 301 39.42 1.10 -10.12
N LEU B 302 38.33 0.47 -10.58
CA LEU B 302 38.45 -0.66 -11.49
C LEU B 302 38.94 -0.20 -12.86
N HIS B 303 38.33 0.84 -13.42
CA HIS B 303 38.75 1.34 -14.73
C HIS B 303 40.06 2.11 -14.66
N LEU B 304 40.35 2.78 -13.54
CA LEU B 304 41.63 3.43 -13.38
C LEU B 304 42.77 2.44 -13.39
N ARG B 305 42.58 1.30 -12.72
CA ARG B 305 43.57 0.24 -12.66
C ARG B 305 43.60 -0.62 -13.92
N GLN B 306 42.67 -0.41 -14.85
CA GLN B 306 42.40 -1.36 -15.92
C GLN B 306 42.21 -2.77 -15.38
N SER B 307 41.47 -2.88 -14.30
CA SER B 307 41.14 -4.19 -13.78
C SER B 307 40.28 -4.91 -14.82
N PRO B 308 40.64 -6.14 -15.21
CA PRO B 308 39.86 -6.84 -16.24
C PRO B 308 38.43 -7.07 -15.81
N LYS B 309 38.20 -7.07 -14.51
CA LYS B 309 36.87 -7.17 -13.93
C LYS B 309 35.98 -5.99 -14.27
N ALA B 310 36.55 -4.86 -14.66
CA ALA B 310 35.76 -3.76 -15.18
C ALA B 310 35.09 -4.18 -16.49
N GLY B 311 33.92 -3.62 -16.73
CA GLY B 311 33.05 -4.08 -17.78
C GLY B 311 31.90 -4.91 -17.28
N LEU B 312 31.98 -5.40 -16.04
CA LEU B 312 30.80 -5.93 -15.38
C LEU B 312 29.86 -4.80 -14.99
N LEU B 313 30.39 -3.59 -14.88
CA LEU B 313 29.61 -2.41 -14.50
C LEU B 313 29.07 -1.65 -15.70
N SER B 314 29.25 -2.17 -16.91
CA SER B 314 28.75 -1.49 -18.10
C SER B 314 27.23 -1.52 -18.15
N LEU B 315 26.64 -0.38 -18.51
CA LEU B 315 25.22 -0.31 -18.79
C LEU B 315 24.91 -0.38 -20.28
N ALA B 316 25.83 -0.94 -21.08
CA ALA B 316 25.60 -1.03 -22.50
C ALA B 316 24.53 -2.05 -22.86
N ASN B 317 24.23 -2.99 -21.96
CA ASN B 317 23.19 -3.96 -22.22
C ASN B 317 21.79 -3.44 -21.88
N CYS B 318 21.67 -2.15 -21.57
CA CYS B 318 20.39 -1.49 -21.34
C CYS B 318 20.34 -0.25 -22.24
N PRO B 319 20.17 -0.44 -23.54
CA PRO B 319 20.26 0.68 -24.48
C PRO B 319 19.23 1.77 -24.21
N ASN B 320 18.04 1.39 -23.79
CA ASN B 320 16.99 2.37 -23.56
C ASN B 320 17.25 3.17 -22.28
N PHE B 321 17.70 2.51 -21.23
CA PHE B 321 18.10 3.23 -20.02
C PHE B 321 19.27 4.16 -20.30
N ALA B 322 20.26 3.70 -21.06
CA ALA B 322 21.39 4.55 -21.39
C ALA B 322 20.96 5.74 -22.23
N SER B 323 20.04 5.53 -23.18
CA SER B 323 19.57 6.65 -23.98
C SER B 323 18.81 7.66 -23.13
N VAL B 324 17.98 7.18 -22.20
CA VAL B 324 17.24 8.09 -21.33
C VAL B 324 18.21 8.86 -20.44
N VAL B 325 19.23 8.18 -19.91
CA VAL B 325 20.21 8.83 -19.04
C VAL B 325 20.97 9.90 -19.81
N LEU B 326 21.40 9.59 -21.02
CA LEU B 326 22.10 10.56 -21.84
C LEU B 326 21.20 11.73 -22.21
N GLY B 327 19.92 11.46 -22.48
CA GLY B 327 19.00 12.54 -22.76
C GLY B 327 18.80 13.46 -21.58
N ASN B 328 18.66 12.88 -20.39
CA ASN B 328 18.54 13.69 -19.18
C ASN B 328 19.77 14.55 -18.96
N ALA B 329 20.95 13.95 -19.16
CA ALA B 329 22.19 14.71 -19.01
C ALA B 329 22.27 15.83 -20.04
N SER B 330 21.84 15.57 -21.26
CA SER B 330 21.88 16.60 -22.30
C SER B 330 20.90 17.73 -21.99
N GLY B 331 19.75 17.40 -21.42
CA GLY B 331 18.82 18.44 -21.05
C GLY B 331 19.34 19.31 -19.94
N LEU B 332 19.94 18.72 -18.93
CA LEU B 332 20.51 19.48 -17.82
C LEU B 332 21.80 20.20 -18.18
N GLY B 333 22.36 19.95 -19.36
CA GLY B 333 23.62 20.54 -19.72
C GLY B 333 24.83 19.80 -19.19
N ILE B 334 24.60 18.70 -18.49
CA ILE B 334 25.70 17.93 -17.94
C ILE B 334 26.48 17.20 -19.02
N ILE B 335 25.82 16.82 -20.13
CA ILE B 335 26.46 15.96 -21.12
C ILE B 335 27.71 16.61 -21.69
N GLY B 336 27.75 17.93 -21.73
CA GLY B 336 28.92 18.61 -22.23
C GLY B 336 29.25 18.17 -23.62
N MET B 337 30.37 17.47 -23.76
CA MET B 337 30.83 16.94 -25.03
C MET B 337 31.12 15.45 -24.89
N TYR B 338 30.24 14.74 -24.17
CA TYR B 338 30.39 13.31 -23.96
C TYR B 338 30.23 12.57 -25.27
N ARG B 339 31.10 11.58 -25.50
CA ARG B 339 31.17 10.90 -26.78
C ARG B 339 30.49 9.54 -26.79
N GLY B 340 29.70 9.20 -25.77
CA GLY B 340 29.00 7.94 -25.78
C GLY B 340 27.91 7.91 -26.83
N ARG B 341 27.41 6.70 -27.09
CA ARG B 341 26.39 6.48 -28.10
C ARG B 341 25.01 6.58 -27.48
N VAL B 342 24.07 7.16 -28.23
CA VAL B 342 22.66 7.16 -27.86
C VAL B 342 21.96 6.08 -28.70
N PRO B 343 21.57 4.96 -28.12
CA PRO B 343 21.00 3.88 -28.93
C PRO B 343 19.63 4.23 -29.51
N ASN B 344 18.73 4.70 -28.66
CA ASN B 344 17.37 5.01 -29.05
C ASN B 344 17.22 6.53 -29.08
N THR B 345 17.17 7.09 -30.28
CA THR B 345 17.21 8.54 -30.41
C THR B 345 15.91 9.20 -29.95
N GLU B 346 14.78 8.52 -30.11
CA GLU B 346 13.51 9.11 -29.70
C GLU B 346 13.45 9.29 -28.18
N LEU B 347 13.87 8.28 -27.43
CA LEU B 347 13.97 8.43 -25.98
C LEU B 347 14.97 9.50 -25.59
N PHE B 348 16.11 9.55 -26.29
CA PHE B 348 17.10 10.58 -25.97
C PHE B 348 16.50 11.97 -26.15
N SER B 349 15.81 12.20 -27.27
CA SER B 349 15.25 13.53 -27.52
C SER B 349 14.12 13.86 -26.55
N ALA B 350 13.25 12.89 -26.25
CA ALA B 350 12.17 13.14 -25.30
C ALA B 350 12.73 13.46 -23.91
N ALA B 351 13.73 12.69 -23.47
CA ALA B 351 14.33 12.93 -22.17
C ALA B 351 15.04 14.27 -22.15
N GLU B 352 15.72 14.64 -23.25
CA GLU B 352 16.37 15.94 -23.31
C GLU B 352 15.35 17.06 -23.22
N SER B 353 14.23 16.93 -23.93
CA SER B 353 13.18 17.96 -23.88
C SER B 353 12.61 18.08 -22.46
N TYR B 354 12.31 16.96 -21.82
CA TYR B 354 11.78 17.03 -20.47
C TYR B 354 12.79 17.62 -19.50
N ALA B 355 14.06 17.26 -19.66
CA ALA B 355 15.09 17.77 -18.76
C ALA B 355 15.27 19.27 -18.93
N LYS B 356 15.24 19.77 -20.17
CA LYS B 356 15.30 21.21 -20.39
C LYS B 356 14.08 21.90 -19.79
N SER B 357 12.90 21.31 -19.97
CA SER B 357 11.68 21.90 -19.42
C SER B 357 11.75 21.99 -17.89
N LEU B 358 12.23 20.93 -17.24
CA LEU B 358 12.38 20.94 -15.79
C LEU B 358 13.44 21.93 -15.35
N LYS B 359 14.53 22.05 -16.11
CA LYS B 359 15.59 22.97 -15.77
C LYS B 359 15.11 24.41 -15.84
N GLU B 360 14.34 24.74 -16.88
CA GLU B 360 13.89 26.12 -17.07
C GLU B 360 12.94 26.55 -15.94
N ASP C 10 26.88 21.15 15.13
CA ASP C 10 28.16 21.51 15.72
C ASP C 10 28.15 21.50 17.24
N LEU C 11 27.07 21.99 17.86
CA LEU C 11 27.06 22.13 19.32
C LEU C 11 27.06 20.78 20.01
N SER C 12 26.30 19.83 19.48
CA SER C 12 26.34 18.47 20.00
C SER C 12 27.73 17.85 19.88
N TYR C 13 28.43 18.12 18.77
CA TYR C 13 29.78 17.61 18.60
C TYR C 13 30.76 18.24 19.58
N LYS C 14 30.61 19.54 19.82
CA LYS C 14 31.46 20.20 20.81
C LYS C 14 31.25 19.60 22.19
N HIS C 15 29.98 19.39 22.58
CA HIS C 15 29.73 18.79 23.87
C HIS C 15 30.22 17.35 23.91
N ALA C 16 30.12 16.63 22.80
CA ALA C 16 30.63 15.26 22.76
C ALA C 16 32.13 15.22 22.96
N ILE C 17 32.86 16.16 22.38
CA ILE C 17 34.31 16.24 22.60
C ILE C 17 34.59 16.55 24.06
N LEU C 18 33.91 17.54 24.62
CA LEU C 18 34.19 17.92 26.00
C LEU C 18 33.86 16.80 26.98
N LYS C 19 32.74 16.12 26.75
CA LYS C 19 32.31 15.07 27.68
C LYS C 19 33.17 13.82 27.55
N GLU C 20 33.44 13.38 26.32
CA GLU C 20 34.22 12.18 26.08
C GLU C 20 35.72 12.49 26.15
N SER C 21 36.21 12.63 27.38
CA SER C 21 37.63 12.85 27.64
C SER C 21 38.13 11.72 28.52
N GLN C 22 39.20 11.07 28.09
CA GLN C 22 39.80 9.97 28.83
C GLN C 22 40.84 10.42 29.84
N TYR C 23 41.08 11.73 29.95
CA TYR C 23 42.13 12.28 30.80
C TYR C 23 41.52 13.22 31.83
N THR C 24 42.03 13.14 33.05
CA THR C 24 41.55 13.98 34.13
C THR C 24 42.54 15.10 34.40
N ILE C 25 41.99 16.29 34.61
CA ILE C 25 42.79 17.47 34.86
C ILE C 25 43.32 17.39 36.28
N LYS C 26 44.41 18.10 36.56
CA LYS C 26 44.99 18.17 37.89
C LYS C 26 45.35 19.61 38.20
N ARG C 27 44.81 20.14 39.28
CA ARG C 27 45.08 21.53 39.66
C ARG C 27 45.14 21.61 41.17
N ASP C 28 45.72 22.71 41.64
CA ASP C 28 45.90 22.95 43.07
C ASP C 28 46.68 21.80 43.71
N VAL C 29 47.70 21.31 43.00
CA VAL C 29 48.39 20.11 43.42
C VAL C 29 49.07 20.30 44.77
N GLY C 30 49.77 21.42 44.94
CA GLY C 30 50.53 21.64 46.15
C GLY C 30 49.80 22.40 47.23
N THR C 31 48.48 22.53 47.07
CA THR C 31 47.66 23.35 47.95
C THR C 31 46.94 22.48 48.97
N THR C 32 46.50 23.12 50.05
CA THR C 32 45.76 22.47 51.11
C THR C 32 44.61 23.36 51.56
N THR C 33 43.61 22.73 52.19
CA THR C 33 42.46 23.44 52.71
C THR C 33 42.07 22.83 54.04
N ALA C 34 41.21 23.53 54.77
CA ALA C 34 40.83 23.15 56.13
C ALA C 34 39.43 22.57 56.16
N VAL C 35 39.26 21.53 56.97
CA VAL C 35 37.94 21.02 57.32
C VAL C 35 37.87 20.84 58.82
N THR C 36 36.68 20.71 59.33
CA THR C 36 36.39 20.51 60.74
C THR C 36 35.56 19.26 60.91
N PRO C 37 36.00 18.29 61.71
CA PRO C 37 35.24 17.04 61.86
C PRO C 37 33.94 17.26 62.60
N SER C 38 32.99 16.35 62.37
CA SER C 38 31.68 16.47 63.01
C SER C 38 31.79 16.51 64.52
N SER C 39 32.84 15.91 65.08
CA SER C 39 33.02 15.90 66.53
C SER C 39 33.18 17.31 67.09
N LEU C 40 33.48 18.29 66.25
CA LEU C 40 33.63 19.68 66.66
C LEU C 40 32.43 20.54 66.30
N GLN C 41 31.33 19.95 65.85
CA GLN C 41 30.19 20.76 65.38
C GLN C 41 29.67 21.65 66.50
N GLN C 42 29.46 21.08 67.69
CA GLN C 42 28.97 21.88 68.81
C GLN C 42 29.90 23.03 69.13
N GLU C 43 31.17 22.93 68.77
CA GLU C 43 32.10 24.03 68.95
C GLU C 43 31.97 25.04 67.81
N ILE C 44 31.95 24.57 66.57
CA ILE C 44 31.93 25.49 65.44
C ILE C 44 30.64 26.30 65.47
N THR C 45 29.54 25.69 65.91
CA THR C 45 28.30 26.43 66.07
C THR C 45 28.52 27.68 66.89
N LEU C 46 29.18 27.54 68.04
CA LEU C 46 29.47 28.71 68.87
C LEU C 46 30.17 29.77 68.05
N LEU C 47 31.24 29.39 67.36
CA LEU C 47 31.95 30.36 66.53
C LEU C 47 31.03 30.98 65.49
N CYS C 48 30.24 30.14 64.81
CA CYS C 48 29.39 30.64 63.74
C CYS C 48 28.32 31.59 64.26
N GLY C 49 28.11 31.63 65.57
CA GLY C 49 27.13 32.53 66.15
C GLY C 49 27.79 33.72 66.81
N GLU C 50 29.04 33.55 67.22
CA GLU C 50 29.75 34.68 67.80
C GLU C 50 30.18 35.68 66.74
N ILE C 51 29.99 35.33 65.48
CA ILE C 51 30.12 36.28 64.38
C ILE C 51 28.86 37.10 64.23
N LEU C 52 27.74 36.64 64.79
CA LEU C 52 26.46 37.21 64.38
C LEU C 52 25.95 38.26 65.36
N TYR C 53 26.23 38.13 66.67
CA TYR C 53 25.55 39.07 67.54
C TYR C 53 26.49 40.15 68.05
N ALA C 54 27.73 40.19 67.58
CA ALA C 54 28.69 41.21 67.98
C ALA C 54 29.12 42.01 66.77
N LYS C 55 29.65 43.20 67.02
CA LYS C 55 30.06 44.11 65.96
C LYS C 55 31.58 44.03 65.84
N HIS C 56 32.03 43.31 64.81
CA HIS C 56 33.45 42.98 64.65
C HIS C 56 34.11 43.91 63.65
N ALA C 57 35.34 44.30 63.96
CA ALA C 57 36.12 45.13 63.03
C ALA C 57 36.47 44.36 61.77
N ASP C 58 36.86 43.09 61.91
CA ASP C 58 37.27 42.27 60.77
C ASP C 58 36.34 41.08 60.64
N TYR C 59 35.70 40.96 59.49
CA TYR C 59 34.83 39.84 59.14
C TYR C 59 35.47 38.98 58.05
N LYS C 60 36.78 38.75 58.13
CA LYS C 60 37.52 38.26 56.97
C LYS C 60 37.24 36.78 56.71
N TYR C 61 37.13 35.98 57.75
CA TYR C 61 37.04 34.53 57.61
C TYR C 61 35.67 33.98 57.98
N ALA C 62 34.62 34.80 57.95
CA ALA C 62 33.28 34.28 58.26
C ALA C 62 32.87 33.20 57.28
N ALA C 63 33.23 33.38 56.01
CA ALA C 63 32.91 32.38 55.00
C ALA C 63 33.61 31.06 55.29
N GLU C 64 34.87 31.12 55.73
CA GLU C 64 35.57 29.89 56.08
C GLU C 64 34.92 29.21 57.27
N ILE C 65 34.36 29.98 58.21
CA ILE C 65 33.67 29.36 59.33
C ILE C 65 32.35 28.72 58.89
N GLY C 66 31.64 29.33 57.96
CA GLY C 66 30.47 28.67 57.41
C GLY C 66 30.82 27.37 56.70
N ILE C 67 31.90 27.39 55.93
CA ILE C 67 32.35 26.18 55.26
C ILE C 67 32.83 25.14 56.26
N GLN C 68 33.41 25.58 57.37
CA GLN C 68 33.76 24.65 58.43
C GLN C 68 32.52 23.96 58.99
N TYR C 69 31.45 24.71 59.19
CA TYR C 69 30.22 24.06 59.66
C TYR C 69 29.70 23.08 58.63
N ILE C 70 29.79 23.43 57.33
CA ILE C 70 29.40 22.49 56.29
C ILE C 70 30.21 21.21 56.39
N SER C 71 31.51 21.35 56.64
CA SER C 71 32.38 20.19 56.78
C SER C 71 32.01 19.34 57.99
N THR C 72 31.60 19.98 59.09
CA THR C 72 31.10 19.19 60.22
C THR C 72 29.84 18.44 59.85
N ALA C 73 28.97 19.08 59.08
CA ALA C 73 27.69 18.46 58.72
C ALA C 73 27.90 17.25 57.82
N LEU C 74 28.67 17.41 56.74
CA LEU C 74 28.87 16.31 55.81
C LEU C 74 29.85 15.29 56.35
N GLY C 75 30.87 15.73 57.06
CA GLY C 75 31.94 14.89 57.54
C GLY C 75 33.24 15.20 56.81
N SER C 76 34.35 14.97 57.50
CA SER C 76 35.65 15.28 56.92
C SER C 76 35.95 14.43 55.70
N GLU C 77 35.69 13.12 55.78
CA GLU C 77 36.01 12.22 54.67
C GLU C 77 35.13 12.50 53.45
N ARG C 78 33.83 12.71 53.67
CA ARG C 78 32.94 13.05 52.57
C ARG C 78 33.34 14.39 51.95
N VAL C 79 33.83 15.32 52.76
CA VAL C 79 34.25 16.62 52.23
C VAL C 79 35.52 16.48 51.40
N GLN C 80 36.46 15.64 51.86
CA GLN C 80 37.64 15.37 51.06
C GLN C 80 37.27 14.74 49.73
N GLN C 81 36.34 13.78 49.76
CA GLN C 81 35.88 13.15 48.52
C GLN C 81 35.23 14.17 47.59
N ILE C 82 34.42 15.07 48.15
CA ILE C 82 33.77 16.11 47.34
C ILE C 82 34.80 16.99 46.68
N LEU C 83 35.82 17.42 47.43
CA LEU C 83 36.88 18.24 46.86
C LEU C 83 37.64 17.50 45.78
N ARG C 84 37.90 16.20 45.98
CA ARG C 84 38.61 15.40 44.98
C ARG C 84 37.81 15.23 43.69
N ASN C 85 36.50 14.95 43.78
CA ASN C 85 35.70 14.78 42.58
C ASN C 85 35.35 16.10 41.90
N SER C 86 35.74 17.23 42.46
CA SER C 86 35.49 18.52 41.84
C SER C 86 36.63 18.96 40.92
N GLY C 87 37.59 18.08 40.67
CA GLY C 87 38.72 18.40 39.81
C GLY C 87 39.87 19.10 40.48
N SER C 88 39.86 19.19 41.81
CA SER C 88 40.87 19.93 42.56
C SER C 88 41.57 18.97 43.51
N GLU C 89 42.91 18.95 43.45
CA GLU C 89 43.71 18.05 44.27
C GLU C 89 44.20 18.77 45.53
N VAL C 90 43.25 19.36 46.25
CA VAL C 90 43.52 20.03 47.51
C VAL C 90 43.57 18.99 48.61
N GLN C 91 44.63 19.01 49.39
CA GLN C 91 44.73 18.10 50.52
C GLN C 91 44.08 18.69 51.75
N VAL C 92 43.05 18.02 52.22
CA VAL C 92 42.30 18.41 53.41
C VAL C 92 43.21 18.40 54.62
N VAL C 93 43.13 19.45 55.43
CA VAL C 93 43.80 19.53 56.73
C VAL C 93 42.74 19.57 57.81
N LEU C 94 42.87 18.70 58.81
CA LEU C 94 41.88 18.61 59.86
C LEU C 94 41.97 19.81 60.81
N THR C 95 40.97 19.92 61.68
CA THR C 95 40.86 21.00 62.64
C THR C 95 41.13 20.46 64.04
N ARG C 96 41.86 21.24 64.83
CA ARG C 96 42.20 20.85 66.20
C ARG C 96 41.70 21.91 67.17
N THR C 97 41.80 21.60 68.45
CA THR C 97 41.37 22.49 69.51
C THR C 97 42.56 22.83 70.39
N TYR C 98 42.47 23.98 71.06
CA TYR C 98 43.53 24.41 71.96
C TYR C 98 42.93 25.31 73.04
N SER C 99 43.71 25.50 74.11
CA SER C 99 43.25 26.29 75.25
C SER C 99 44.01 27.61 75.35
N GLN C 112 37.72 26.00 75.51
CA GLN C 112 38.65 25.75 74.41
C GLN C 112 38.20 26.45 73.13
N MET C 113 39.14 26.60 72.19
CA MET C 113 38.90 27.27 70.93
C MET C 113 39.47 26.41 69.80
N LEU C 114 39.20 26.84 68.57
CA LEU C 114 39.54 26.08 67.38
C LEU C 114 40.78 26.68 66.71
N ASP C 115 41.62 25.80 66.16
CA ASP C 115 42.77 26.19 65.34
C ASP C 115 42.50 25.67 63.94
N ILE C 116 41.81 26.47 63.15
CA ILE C 116 41.44 26.11 61.79
C ILE C 116 42.58 26.48 60.86
N HIS C 117 42.90 25.57 59.94
CA HIS C 117 44.02 25.79 59.02
C HIS C 117 43.69 26.90 58.03
N GLY C 118 44.60 27.85 57.89
CA GLY C 118 44.38 28.99 57.04
C GLY C 118 43.57 30.11 57.68
N VAL C 119 43.10 29.90 58.90
CA VAL C 119 42.40 30.91 59.69
C VAL C 119 43.30 31.27 60.87
N GLU C 120 43.72 32.51 60.94
CA GLU C 120 44.67 32.92 61.97
C GLU C 120 44.02 32.83 63.35
N LYS C 121 44.78 32.30 64.31
CA LYS C 121 44.25 32.16 65.67
C LYS C 121 43.95 33.52 66.29
N SER C 122 44.65 34.56 65.84
CA SER C 122 44.34 35.91 66.30
C SER C 122 42.92 36.30 65.94
N TRP C 123 42.48 35.95 64.73
CA TRP C 123 41.12 36.25 64.30
C TRP C 123 40.09 35.54 65.16
N VAL C 124 40.29 34.25 65.42
CA VAL C 124 39.35 33.49 66.24
C VAL C 124 39.30 34.06 67.66
N GLU C 125 40.45 34.39 68.23
CA GLU C 125 40.47 34.98 69.56
C GLU C 125 39.76 36.34 69.56
N GLU C 126 39.96 37.15 68.53
CA GLU C 126 39.30 38.44 68.45
C GLU C 126 37.78 38.28 68.39
N ILE C 127 37.30 37.37 67.56
CA ILE C 127 35.85 37.17 67.44
C ILE C 127 35.28 36.69 68.76
N ASP C 128 35.94 35.71 69.39
CA ASP C 128 35.44 35.20 70.66
C ASP C 128 35.43 36.28 71.73
N LYS C 129 36.51 37.07 71.83
CA LYS C 129 36.57 38.11 72.86
C LYS C 129 35.53 39.19 72.61
N GLU C 130 35.34 39.60 71.35
CA GLU C 130 34.34 40.60 71.04
C GLU C 130 32.94 40.12 71.42
N ALA C 131 32.63 38.87 71.09
CA ALA C 131 31.32 38.33 71.45
C ALA C 131 31.14 38.22 72.95
N ARG C 132 32.19 37.80 73.67
CA ARG C 132 32.07 37.70 75.12
C ARG C 132 31.88 39.07 75.76
N LYS C 133 32.61 40.08 75.28
CA LYS C 133 32.45 41.43 75.80
C LYS C 133 31.05 41.98 75.52
N THR C 134 30.53 41.77 74.31
CA THR C 134 29.19 42.22 74.00
C THR C 134 28.16 41.50 74.88
N MET C 135 28.33 40.20 75.09
CA MET C 135 27.40 39.48 75.94
C MET C 135 27.44 39.99 77.37
N ALA C 136 28.64 40.27 77.88
CA ALA C 136 28.75 40.81 79.23
C ALA C 136 28.09 42.18 79.32
N THR C 137 28.28 43.02 78.30
CA THR C 137 27.66 44.35 78.32
C THR C 137 26.14 44.28 78.25
N LEU C 138 25.61 43.40 77.40
CA LEU C 138 24.16 43.24 77.30
C LEU C 138 23.56 42.45 78.46
N LEU C 139 24.38 41.81 79.29
CA LEU C 139 23.86 41.14 80.47
C LEU C 139 23.96 42.03 81.71
N LYS C 140 25.02 42.82 81.82
CA LYS C 140 25.19 43.69 82.98
C LYS C 140 24.17 44.82 82.99
N GLU C 141 24.03 45.50 81.85
CA GLU C 141 23.10 46.63 81.81
C GLU C 141 21.65 46.16 81.80
N SER C 142 21.32 45.15 81.00
CA SER C 142 19.94 44.74 80.83
C SER C 142 19.46 43.97 82.06
N SER C 143 18.23 43.45 81.95
CA SER C 143 17.56 42.78 83.05
C SER C 143 17.89 41.29 83.16
N GLY C 144 18.80 40.81 82.33
CA GLY C 144 19.18 39.40 82.38
C GLY C 144 18.10 38.43 81.96
N ASN C 145 17.41 38.72 80.88
CA ASN C 145 16.37 37.83 80.37
C ASN C 145 16.66 37.42 78.94
N ILE C 146 17.90 37.03 78.68
CA ILE C 146 18.32 36.67 77.32
C ILE C 146 17.59 35.39 76.90
N PRO C 147 16.81 35.42 75.83
CA PRO C 147 16.09 34.21 75.42
C PRO C 147 17.03 33.19 74.81
N GLN C 148 16.45 32.03 74.49
CA GLN C 148 17.27 30.91 74.01
C GLN C 148 17.75 31.14 72.59
N ASN C 149 17.10 32.03 71.85
CA ASN C 149 17.48 32.24 70.46
C ASN C 149 18.46 33.39 70.32
N GLN C 150 18.62 34.21 71.35
CA GLN C 150 19.47 35.38 71.23
C GLN C 150 20.93 35.10 71.60
N ARG C 151 21.24 33.91 72.09
CA ARG C 151 22.61 33.63 72.51
C ARG C 151 23.44 33.06 71.36
N PRO C 152 24.77 33.24 71.40
CA PRO C 152 25.61 32.75 70.30
C PRO C 152 25.57 31.24 70.09
N SER C 153 25.35 30.46 71.14
CA SER C 153 25.34 29.02 71.03
C SER C 153 24.04 28.47 70.47
N ALA C 154 23.22 29.31 69.85
CA ALA C 154 22.02 28.83 69.21
C ALA C 154 22.39 27.89 68.06
N PRO C 155 21.61 26.85 67.83
CA PRO C 155 21.99 25.85 66.82
C PRO C 155 21.67 26.23 65.40
N ASP C 156 20.93 27.31 65.15
CA ASP C 156 20.67 27.76 63.79
C ASP C 156 21.58 28.92 63.37
N THR C 157 22.47 29.37 64.25
CA THR C 157 23.40 30.43 63.85
C THR C 157 24.31 30.03 62.68
N PRO C 158 24.89 28.83 62.62
CA PRO C 158 25.66 28.49 61.41
C PRO C 158 24.81 28.52 60.16
N ILE C 159 23.54 28.13 60.25
CA ILE C 159 22.66 28.21 59.09
C ILE C 159 22.30 29.66 58.78
N ILE C 160 22.23 30.51 59.80
CA ILE C 160 21.99 31.93 59.55
C ILE C 160 23.15 32.56 58.79
N LEU C 161 24.38 32.23 59.15
CA LEU C 161 25.53 32.68 58.40
C LEU C 161 25.55 32.10 56.99
N LEU C 162 25.24 30.81 56.85
CA LEU C 162 25.18 30.20 55.54
C LEU C 162 24.03 30.75 54.70
N CYS C 163 23.04 31.40 55.32
CA CYS C 163 21.99 32.04 54.55
C CYS C 163 22.48 33.31 53.88
N VAL C 164 23.30 34.11 54.56
CA VAL C 164 23.98 35.21 53.89
C VAL C 164 24.88 34.67 52.79
N GLY C 165 25.58 33.57 53.08
CA GLY C 165 26.37 32.92 52.05
C GLY C 165 25.59 32.46 50.84
N ALA C 166 24.38 31.95 51.06
CA ALA C 166 23.54 31.51 49.95
C ALA C 166 22.94 32.68 49.19
N LEU C 167 22.68 33.79 49.88
CA LEU C 167 22.22 34.99 49.19
C LEU C 167 23.30 35.53 48.26
N ILE C 168 24.55 35.55 48.73
CA ILE C 168 25.63 36.01 47.86
C ILE C 168 26.02 34.92 46.86
N PHE C 169 25.59 33.69 47.11
CA PHE C 169 25.82 32.61 46.15
C PHE C 169 24.97 32.79 44.90
N THR C 170 23.74 33.27 45.06
CA THR C 170 22.87 33.44 43.90
C THR C 170 23.37 34.54 42.98
N LYS C 171 24.31 35.37 43.44
CA LYS C 171 24.87 36.47 42.67
C LYS C 171 26.33 36.25 42.33
N LEU C 172 26.72 35.01 42.01
CA LEU C 172 28.11 34.76 41.66
C LEU C 172 28.35 34.98 40.17
N ALA C 173 27.30 34.88 39.37
CA ALA C 173 27.41 35.22 37.94
C ALA C 173 27.41 36.73 37.75
N SER C 174 26.80 37.46 38.67
CA SER C 174 26.77 38.91 38.58
C SER C 174 28.10 39.50 39.06
N THR C 175 28.11 40.83 39.22
CA THR C 175 29.31 41.50 39.68
C THR C 175 29.33 41.57 41.21
N ILE C 176 30.44 42.09 41.74
CA ILE C 176 30.60 42.16 43.18
C ILE C 176 29.68 43.21 43.79
N GLU C 177 29.61 44.40 43.18
CA GLU C 177 28.80 45.47 43.77
C GLU C 177 27.32 45.16 43.69
N VAL C 178 26.87 44.64 42.55
CA VAL C 178 25.47 44.22 42.43
C VAL C 178 25.18 43.10 43.41
N GLY C 179 26.11 42.15 43.54
CA GLY C 179 25.90 41.06 44.47
C GLY C 179 25.76 41.52 45.90
N LEU C 180 26.63 42.44 46.34
CA LEU C 180 26.56 42.93 47.72
C LEU C 180 25.29 43.74 47.94
N GLU C 181 24.94 44.63 47.01
CA GLU C 181 23.73 45.42 47.16
C GLU C 181 22.50 44.53 47.24
N THR C 182 22.41 43.55 46.35
CA THR C 182 21.28 42.63 46.35
C THR C 182 21.25 41.79 47.62
N THR C 183 22.41 41.35 48.09
CA THR C 183 22.45 40.56 49.30
C THR C 183 21.91 41.35 50.48
N VAL C 184 22.34 42.60 50.64
CA VAL C 184 21.85 43.39 51.76
C VAL C 184 20.36 43.66 51.63
N ARG C 185 19.92 44.04 50.43
CA ARG C 185 18.51 44.36 50.21
C ARG C 185 17.63 43.16 50.51
N ARG C 186 18.02 41.98 50.02
CA ARG C 186 17.21 40.78 50.21
C ARG C 186 17.33 40.23 51.62
N ALA C 187 18.46 40.49 52.30
CA ALA C 187 18.63 39.94 53.63
C ALA C 187 17.89 40.77 54.67
N ASN C 188 17.60 42.03 54.37
CA ASN C 188 16.76 42.77 55.31
C ASN C 188 15.34 42.21 55.40
N ARG C 189 14.93 41.39 54.45
CA ARG C 189 13.58 40.81 54.45
C ARG C 189 13.58 39.29 54.61
N VAL C 190 14.45 38.59 53.87
CA VAL C 190 14.58 37.16 54.01
C VAL C 190 15.04 36.79 55.42
N LEU C 191 16.04 37.49 55.93
CA LEU C 191 16.61 37.22 57.25
C LEU C 191 16.15 38.22 58.29
N SER C 192 14.88 38.63 58.26
CA SER C 192 14.41 39.59 59.23
C SER C 192 14.41 39.02 60.65
N ASP C 193 14.01 37.76 60.80
CA ASP C 193 13.93 37.16 62.12
C ASP C 193 15.30 37.05 62.77
N ALA C 194 16.31 36.64 62.01
CA ALA C 194 17.67 36.58 62.54
C ALA C 194 18.18 37.98 62.89
N LEU C 195 17.85 38.97 62.08
CA LEU C 195 18.24 40.34 62.37
C LEU C 195 17.59 40.82 63.67
N LYS C 196 16.32 40.47 63.90
CA LYS C 196 15.68 40.79 65.17
C LYS C 196 16.39 40.08 66.33
N ARG C 197 16.72 38.80 66.15
CA ARG C 197 17.42 38.06 67.19
C ARG C 197 18.81 38.62 67.43
N TYR C 198 19.54 38.94 66.36
CA TYR C 198 20.87 39.51 66.47
C TYR C 198 20.85 40.90 65.86
N PRO C 199 20.58 41.95 66.64
CA PRO C 199 20.48 43.29 66.07
C PRO C 199 21.74 43.72 65.35
N ARG C 200 22.91 43.30 65.80
CA ARG C 200 24.16 43.75 65.22
C ARG C 200 24.84 42.58 64.50
N MET C 201 24.36 42.33 63.29
CA MET C 201 24.98 41.39 62.35
C MET C 201 25.17 42.14 61.05
N ASP C 202 26.39 42.17 60.55
CA ASP C 202 26.75 43.02 59.44
C ASP C 202 26.67 42.19 58.16
N ILE C 203 25.49 42.16 57.56
CA ILE C 203 25.32 41.44 56.30
C ILE C 203 26.28 41.91 55.22
N PRO C 204 26.58 43.21 55.07
CA PRO C 204 27.57 43.61 54.04
C PRO C 204 28.94 42.95 54.20
N LYS C 205 29.53 42.96 55.39
CA LYS C 205 30.88 42.41 55.55
C LYS C 205 30.89 40.90 55.43
N ILE C 206 29.88 40.23 55.97
CA ILE C 206 29.80 38.78 55.84
C ILE C 206 29.59 38.39 54.39
N ALA C 207 28.78 39.16 53.66
CA ALA C 207 28.58 38.89 52.24
C ALA C 207 29.85 39.11 51.45
N ARG C 208 30.61 40.15 51.79
CA ARG C 208 31.92 40.35 51.17
C ARG C 208 32.85 39.18 51.43
N SER C 209 32.87 38.68 52.67
CA SER C 209 33.70 37.53 53.00
C SER C 209 33.30 36.30 52.18
N PHE C 210 32.00 36.07 52.04
CA PHE C 210 31.54 34.92 51.28
C PHE C 210 31.88 35.06 49.79
N TYR C 211 31.74 36.27 49.25
CA TYR C 211 32.13 36.48 47.85
C TYR C 211 33.62 36.23 47.65
N ASP C 212 34.44 36.72 48.58
CA ASP C 212 35.87 36.45 48.50
C ASP C 212 36.18 34.96 48.55
N LEU C 213 35.54 34.23 49.45
CA LEU C 213 35.77 32.79 49.51
C LEU C 213 35.38 32.11 48.21
N PHE C 214 34.20 32.44 47.68
CA PHE C 214 33.74 31.78 46.46
C PHE C 214 34.65 32.09 45.28
N GLU C 215 35.22 33.30 45.24
CA GLU C 215 36.12 33.63 44.14
C GLU C 215 37.48 32.96 44.29
N GLN C 216 38.04 32.97 45.50
CA GLN C 216 39.38 32.41 45.69
C GLN C 216 39.37 30.89 45.59
N LYS C 217 38.60 30.23 46.45
CA LYS C 217 38.50 28.78 46.48
C LYS C 217 37.27 28.35 45.70
N VAL C 218 37.47 27.94 44.44
CA VAL C 218 36.36 27.55 43.59
C VAL C 218 35.82 26.16 43.92
N TYR C 219 36.62 25.29 44.54
CA TYR C 219 36.11 24.00 44.98
C TYR C 219 35.10 24.14 46.11
N HIS C 220 35.12 25.24 46.85
CA HIS C 220 34.14 25.49 47.88
C HIS C 220 32.77 25.78 47.30
N ARG C 221 32.68 26.20 46.05
CA ARG C 221 31.39 26.22 45.38
C ARG C 221 30.81 24.80 45.27
N SER C 222 31.65 23.83 44.91
CA SER C 222 31.21 22.45 44.87
C SER C 222 30.83 21.94 46.25
N LEU C 223 31.62 22.28 47.28
CA LEU C 223 31.25 21.90 48.63
C LEU C 223 29.92 22.49 49.06
N PHE C 224 29.70 23.76 48.71
CA PHE C 224 28.47 24.46 49.11
C PHE C 224 27.27 23.87 48.39
N ILE C 225 27.45 23.49 47.12
CA ILE C 225 26.38 22.81 46.38
C ILE C 225 26.10 21.43 46.97
N GLU C 226 27.14 20.71 47.38
CA GLU C 226 26.93 19.42 48.01
C GLU C 226 26.18 19.54 49.32
N TYR C 227 26.47 20.60 50.09
CA TYR C 227 25.68 20.85 51.29
C TYR C 227 24.23 21.15 50.94
N GLY C 228 24.01 21.95 49.90
CA GLY C 228 22.64 22.22 49.48
C GLY C 228 21.88 20.96 49.12
N LYS C 229 22.54 20.02 48.42
CA LYS C 229 21.90 18.77 48.08
C LYS C 229 21.67 17.89 49.30
N ALA C 230 22.67 17.78 50.17
CA ALA C 230 22.54 16.96 51.36
C ALA C 230 21.51 17.51 52.33
N LEU C 231 21.22 18.79 52.24
CA LEU C 231 20.19 19.43 53.05
C LEU C 231 18.80 19.30 52.43
N GLY C 232 18.68 19.52 51.12
CA GLY C 232 17.40 19.34 50.46
C GLY C 232 16.92 17.91 50.48
N SER C 233 17.84 16.95 50.46
CA SER C 233 17.48 15.54 50.51
C SER C 233 17.11 15.07 51.91
N SER C 234 17.28 15.90 52.93
CA SER C 234 16.99 15.49 54.29
C SER C 234 15.50 15.31 54.49
N SER C 235 15.14 14.42 55.42
CA SER C 235 13.76 14.14 55.72
C SER C 235 13.12 15.23 56.58
N THR C 236 13.89 15.87 57.46
CA THR C 236 13.42 16.94 58.33
C THR C 236 14.43 18.06 58.33
N GLY C 237 13.97 19.24 58.75
CA GLY C 237 14.85 20.37 58.87
C GLY C 237 14.17 21.51 59.61
N SER C 238 15.00 22.40 60.15
CA SER C 238 14.50 23.57 60.83
C SER C 238 14.09 24.62 59.80
N LYS C 239 13.56 25.74 60.26
CA LYS C 239 13.16 26.79 59.34
C LYS C 239 14.38 27.45 58.71
N ALA C 240 15.51 27.49 59.44
CA ALA C 240 16.72 28.03 58.86
C ALA C 240 17.20 27.19 57.69
N GLU C 241 17.15 25.87 57.82
CA GLU C 241 17.61 25.01 56.73
C GLU C 241 16.64 25.04 55.56
N SER C 242 15.35 25.18 55.83
CA SER C 242 14.39 25.34 54.74
C SER C 242 14.60 26.66 54.01
N LEU C 243 14.92 27.73 54.74
CA LEU C 243 15.25 29.00 54.09
C LEU C 243 16.52 28.87 53.26
N PHE C 244 17.54 28.22 53.80
CA PHE C 244 18.77 28.04 53.03
C PHE C 244 18.50 27.28 51.75
N VAL C 245 17.69 26.23 51.81
CA VAL C 245 17.39 25.47 50.61
C VAL C 245 16.57 26.31 49.63
N ASN C 246 15.67 27.14 50.13
CA ASN C 246 14.90 28.02 49.24
C ASN C 246 15.82 28.95 48.47
N ILE C 247 16.78 29.57 49.16
CA ILE C 247 17.71 30.47 48.48
C ILE C 247 18.62 29.70 47.54
N PHE C 248 19.13 28.56 47.98
CA PHE C 248 19.99 27.74 47.14
C PHE C 248 19.28 27.36 45.84
N MET C 249 18.00 27.05 45.91
CA MET C 249 17.26 26.73 44.68
C MET C 249 16.95 27.99 43.88
N GLN C 250 16.85 29.14 44.54
CA GLN C 250 16.73 30.38 43.79
C GLN C 250 18.00 30.66 43.00
N ALA C 251 19.11 30.04 43.38
CA ALA C 251 20.35 30.22 42.63
C ALA C 251 20.48 29.28 41.43
N TYR C 252 19.49 28.42 41.16
CA TYR C 252 19.72 27.29 40.26
C TYR C 252 20.09 27.73 38.85
N GLY C 253 19.27 28.58 38.24
CA GLY C 253 19.56 28.96 36.87
C GLY C 253 20.53 30.10 36.72
N ALA C 254 21.53 30.21 37.59
CA ALA C 254 22.43 31.35 37.56
C ALA C 254 23.30 31.32 36.32
N GLY C 255 23.49 32.48 35.71
CA GLY C 255 24.30 32.59 34.52
C GLY C 255 23.61 32.23 33.23
N GLN C 256 22.33 31.89 33.27
CA GLN C 256 21.59 31.48 32.08
C GLN C 256 20.21 32.11 32.05
N THR C 257 20.11 33.40 32.37
CA THR C 257 18.79 34.03 32.34
C THR C 257 18.29 34.21 30.93
N MET C 258 19.16 34.13 29.93
CA MET C 258 18.71 34.27 28.56
C MET C 258 17.88 33.07 28.11
N LEU C 259 18.23 31.87 28.57
CA LEU C 259 17.41 30.71 28.24
C LEU C 259 16.04 30.78 28.90
N ARG C 260 16.00 31.20 30.17
CA ARG C 260 14.74 31.36 30.86
C ARG C 260 13.87 32.42 30.18
N TRP C 261 14.49 33.52 29.75
CA TRP C 261 13.73 34.53 29.05
C TRP C 261 13.33 34.07 27.65
N GLY C 262 14.10 33.17 27.04
CA GLY C 262 13.69 32.63 25.76
C GLY C 262 12.45 31.76 25.87
N VAL C 263 12.41 30.89 26.87
CA VAL C 263 11.19 30.10 27.05
C VAL C 263 10.04 31.02 27.48
N ILE C 264 10.33 32.09 28.20
CA ILE C 264 9.29 33.08 28.50
C ILE C 264 8.75 33.70 27.23
N ALA C 265 9.63 34.08 26.31
CA ALA C 265 9.20 34.67 25.05
C ALA C 265 8.35 33.70 24.25
N ARG C 266 8.74 32.43 24.22
CA ARG C 266 7.94 31.43 23.52
C ARG C 266 6.58 31.26 24.19
N SER C 267 6.52 31.33 25.51
CA SER C 267 5.24 31.26 26.21
C SER C 267 4.38 32.49 25.93
N SER C 268 5.00 33.64 25.70
CA SER C 268 4.28 34.87 25.42
C SER C 268 3.76 34.94 24.00
N ASN C 269 4.18 34.02 23.13
CA ASN C 269 3.76 34.01 21.73
C ASN C 269 4.03 35.35 21.06
N ASN C 270 5.28 35.80 21.17
CA ASN C 270 5.69 37.06 20.59
C ASN C 270 5.69 36.95 19.07
N ILE C 271 5.09 37.93 18.39
CA ILE C 271 4.96 37.85 16.94
C ILE C 271 6.31 37.97 16.27
N MET C 272 7.21 38.77 16.83
CA MET C 272 8.52 38.93 16.22
C MET C 272 9.37 37.68 16.29
N LEU C 273 8.95 36.66 17.02
CA LEU C 273 9.61 35.36 16.92
C LEU C 273 9.43 34.74 15.55
N GLY C 274 8.39 35.13 14.81
CA GLY C 274 8.14 34.67 13.46
C GLY C 274 8.83 35.46 12.37
N HIS C 275 9.66 36.43 12.74
CA HIS C 275 10.45 37.18 11.77
C HIS C 275 11.36 36.25 10.98
N VAL C 276 11.90 36.75 9.88
CA VAL C 276 12.72 35.90 9.01
C VAL C 276 14.00 35.47 9.72
N SER C 277 14.70 36.40 10.36
CA SER C 277 15.98 36.08 10.95
C SER C 277 15.82 35.24 12.21
N VAL C 278 14.78 35.51 13.00
CA VAL C 278 14.50 34.68 14.17
C VAL C 278 14.22 33.25 13.74
N GLN C 279 13.40 33.08 12.70
CA GLN C 279 13.11 31.74 12.21
C GLN C 279 14.36 31.10 11.59
N ALA C 280 15.29 31.94 11.11
CA ALA C 280 16.55 31.40 10.60
C ALA C 280 17.40 30.82 11.73
N GLU C 281 17.42 31.49 12.88
CA GLU C 281 18.26 31.06 14.00
C GLU C 281 17.59 30.06 14.94
N LEU C 282 16.28 29.86 14.78
CA LEU C 282 15.55 28.95 15.66
C LEU C 282 16.11 27.53 15.66
N LYS C 283 16.70 27.07 14.56
CA LYS C 283 17.26 25.73 14.53
C LYS C 283 18.39 25.57 15.55
N GLN C 284 19.37 26.47 15.54
CA GLN C 284 20.48 26.30 16.46
C GLN C 284 20.06 26.70 17.87
N VAL C 285 19.05 27.57 18.01
CA VAL C 285 18.49 27.83 19.34
C VAL C 285 17.94 26.54 19.94
N THR C 286 17.13 25.82 19.17
CA THR C 286 16.62 24.53 19.63
C THR C 286 17.76 23.56 19.88
N GLU C 287 18.87 23.70 19.14
CA GLU C 287 20.04 22.87 19.44
C GLU C 287 20.59 23.17 20.83
N VAL C 288 20.65 24.44 21.21
CA VAL C 288 21.12 24.80 22.56
C VAL C 288 20.20 24.20 23.60
N TYR C 289 18.88 24.29 23.37
CA TYR C 289 17.95 23.74 24.35
C TYR C 289 18.05 22.21 24.43
N ASP C 290 18.29 21.56 23.29
CA ASP C 290 18.51 20.12 23.31
C ASP C 290 19.76 19.77 24.10
N LEU C 291 20.82 20.58 23.97
CA LEU C 291 22.01 20.35 24.76
C LEU C 291 21.73 20.52 26.25
N VAL C 292 20.88 21.50 26.59
CA VAL C 292 20.46 21.67 27.98
C VAL C 292 19.81 20.40 28.49
N ARG C 293 18.87 19.85 27.72
CA ARG C 293 18.20 18.62 28.13
C ARG C 293 19.18 17.46 28.22
N GLU C 294 20.17 17.43 27.31
CA GLU C 294 21.14 16.34 27.29
C GLU C 294 21.99 16.35 28.56
N MET C 295 22.47 17.52 28.97
CA MET C 295 23.20 17.58 30.24
C MET C 295 22.30 17.26 31.42
N GLY C 296 21.08 17.79 31.43
CA GLY C 296 20.11 17.40 32.43
C GLY C 296 20.17 18.24 33.69
N PRO C 297 20.00 17.59 34.85
CA PRO C 297 19.86 18.35 36.10
C PRO C 297 21.08 19.18 36.47
N GLU C 298 22.28 18.72 36.13
CA GLU C 298 23.49 19.45 36.51
C GLU C 298 23.79 20.62 35.58
N SER C 299 22.97 20.85 34.56
CA SER C 299 23.23 21.95 33.65
C SER C 299 23.06 23.30 34.34
N GLY C 300 22.10 23.40 35.24
CA GLY C 300 21.86 24.67 35.93
C GLY C 300 23.01 25.11 36.80
N LEU C 301 23.74 24.17 37.36
CA LEU C 301 24.86 24.48 38.25
C LEU C 301 26.17 24.70 37.51
N LEU C 302 26.14 24.82 36.19
CA LEU C 302 27.38 24.95 35.43
C LEU C 302 28.04 26.31 35.67
N HIS C 303 27.26 27.39 35.59
CA HIS C 303 27.81 28.71 35.82
C HIS C 303 28.07 28.99 37.30
N LEU C 304 27.27 28.40 38.19
CA LEU C 304 27.53 28.54 39.61
C LEU C 304 28.86 27.91 39.99
N ARG C 305 29.16 26.75 39.43
CA ARG C 305 30.41 26.03 39.67
C ARG C 305 31.58 26.61 38.89
N GLN C 306 31.33 27.56 37.99
CA GLN C 306 32.30 27.96 36.98
C GLN C 306 32.84 26.75 36.23
N SER C 307 31.95 25.85 35.87
CA SER C 307 32.36 24.72 35.05
C SER C 307 32.81 25.25 33.70
N PRO C 308 34.00 24.88 33.23
CA PRO C 308 34.48 25.40 31.95
C PRO C 308 33.57 25.03 30.79
N LYS C 309 32.80 23.96 30.98
CA LYS C 309 31.80 23.52 30.02
C LYS C 309 30.68 24.53 29.84
N ALA C 310 30.48 25.43 30.80
CA ALA C 310 29.55 26.53 30.60
C ALA C 310 30.04 27.43 29.48
N GLY C 311 29.10 28.02 28.77
CA GLY C 311 29.38 28.71 27.54
C GLY C 311 28.99 27.92 26.31
N LEU C 312 28.77 26.62 26.46
CA LEU C 312 28.09 25.86 25.42
C LEU C 312 26.62 26.22 25.37
N LEU C 313 26.09 26.76 26.48
CA LEU C 313 24.69 27.15 26.58
C LEU C 313 24.45 28.61 26.23
N SER C 314 25.47 29.32 25.75
CA SER C 314 25.31 30.72 25.38
C SER C 314 24.44 30.86 24.14
N LEU C 315 23.54 31.84 24.17
CA LEU C 315 22.77 32.20 22.99
C LEU C 315 23.35 33.43 22.29
N ALA C 316 24.63 33.71 22.50
CA ALA C 316 25.24 34.88 21.88
C ALA C 316 25.43 34.69 20.38
N ASN C 317 25.43 33.45 19.89
CA ASN C 317 25.56 33.20 18.47
C ASN C 317 24.24 33.32 17.73
N CYS C 318 23.17 33.77 18.40
CA CYS C 318 21.88 34.04 17.78
C CYS C 318 21.48 35.46 18.15
N PRO C 319 22.13 36.46 17.55
CA PRO C 319 21.90 37.85 17.96
C PRO C 319 20.47 38.31 17.79
N ASN C 320 19.80 37.83 16.74
CA ASN C 320 18.42 38.25 16.50
C ASN C 320 17.46 37.61 17.49
N PHE C 321 17.65 36.34 17.79
CA PHE C 321 16.85 35.69 18.83
C PHE C 321 17.07 36.36 20.19
N ALA C 322 18.33 36.66 20.51
CA ALA C 322 18.61 37.33 21.79
C ALA C 322 17.97 38.70 21.84
N SER C 323 18.03 39.45 20.73
CA SER C 323 17.40 40.77 20.72
C SER C 323 15.89 40.67 20.87
N VAL C 324 15.27 39.69 20.22
CA VAL C 324 13.82 39.52 20.36
C VAL C 324 13.46 39.13 21.79
N VAL C 325 14.27 38.24 22.39
CA VAL C 325 14.01 37.81 23.77
C VAL C 325 14.13 38.97 24.73
N LEU C 326 15.18 39.78 24.57
CA LEU C 326 15.37 40.94 25.43
C LEU C 326 14.25 41.96 25.22
N GLY C 327 13.79 42.13 23.98
CA GLY C 327 12.68 43.02 23.74
C GLY C 327 11.40 42.56 24.40
N ASN C 328 11.12 41.26 24.31
CA ASN C 328 9.95 40.71 24.97
C ASN C 328 10.03 40.91 26.48
N ALA C 329 11.20 40.66 27.05
CA ALA C 329 11.39 40.87 28.48
C ALA C 329 11.20 42.32 28.86
N SER C 330 11.70 43.23 28.03
CA SER C 330 11.55 44.65 28.32
C SER C 330 10.10 45.09 28.23
N GLY C 331 9.36 44.52 27.29
CA GLY C 331 7.95 44.85 27.19
C GLY C 331 7.16 44.37 28.40
N LEU C 332 7.42 43.14 28.84
CA LEU C 332 6.73 42.60 30.00
C LEU C 332 7.20 43.20 31.32
N GLY C 333 8.27 43.99 31.30
CA GLY C 333 8.81 44.54 32.53
C GLY C 333 9.75 43.61 33.25
N ILE C 334 9.99 42.43 32.69
CA ILE C 334 10.88 41.46 33.30
C ILE C 334 12.33 41.91 33.24
N ILE C 335 12.71 42.67 32.20
CA ILE C 335 14.12 42.98 31.97
C ILE C 335 14.72 43.71 33.16
N GLY C 336 13.91 44.47 33.88
CA GLY C 336 14.40 45.18 35.05
C GLY C 336 15.56 46.07 34.69
N MET C 337 16.74 45.71 35.16
CA MET C 337 17.97 46.45 34.90
C MET C 337 19.03 45.49 34.38
N TYR C 338 18.63 44.58 33.51
CA TYR C 338 19.53 43.60 32.92
C TYR C 338 20.55 44.30 32.04
N ARG C 339 21.81 43.88 32.14
CA ARG C 339 22.91 44.56 31.48
C ARG C 339 23.38 43.88 30.21
N GLY C 340 22.64 42.90 29.69
CA GLY C 340 23.04 42.26 28.45
C GLY C 340 22.91 43.20 27.26
N ARG C 341 23.53 42.80 26.16
CA ARG C 341 23.54 43.59 24.94
C ARG C 341 22.35 43.25 24.06
N VAL C 342 21.78 44.25 23.40
CA VAL C 342 20.77 44.05 22.38
C VAL C 342 21.45 44.21 21.02
N PRO C 343 21.68 43.14 20.27
CA PRO C 343 22.42 43.26 19.02
C PRO C 343 21.65 44.03 17.95
N ASN C 344 20.40 43.65 17.71
CA ASN C 344 19.58 44.26 16.67
C ASN C 344 18.52 45.11 17.36
N THR C 345 18.70 46.43 17.28
CA THR C 345 17.85 47.34 18.05
C THR C 345 16.44 47.41 17.49
N GLU C 346 16.28 47.25 16.17
CA GLU C 346 14.94 47.33 15.59
C GLU C 346 14.07 46.17 16.06
N LEU C 347 14.61 44.96 16.07
CA LEU C 347 13.88 43.82 16.62
C LEU C 347 13.60 44.02 18.11
N PHE C 348 14.58 44.54 18.85
CA PHE C 348 14.34 44.77 20.27
C PHE C 348 13.18 45.71 20.48
N SER C 349 13.15 46.83 19.75
CA SER C 349 12.09 47.81 19.93
C SER C 349 10.73 47.27 19.47
N ALA C 350 10.71 46.55 18.35
CA ALA C 350 9.45 45.97 17.89
C ALA C 350 8.91 44.96 18.88
N ALA C 351 9.79 44.09 19.39
CA ALA C 351 9.37 43.10 20.37
C ALA C 351 8.92 43.76 21.66
N GLU C 352 9.60 44.82 22.09
CA GLU C 352 9.18 45.54 23.28
C GLU C 352 7.81 46.16 23.09
N SER C 353 7.56 46.77 21.93
CA SER C 353 6.25 47.35 21.66
C SER C 353 5.15 46.30 21.64
N TYR C 354 5.39 45.17 21.00
CA TYR C 354 4.38 44.12 20.97
C TYR C 354 4.14 43.56 22.37
N ALA C 355 5.21 43.41 23.16
CA ALA C 355 5.05 42.85 24.50
C ALA C 355 4.27 43.81 25.38
N LYS C 356 4.54 45.12 25.28
CA LYS C 356 3.74 46.08 26.04
C LYS C 356 2.29 46.06 25.60
N SER C 357 2.05 45.97 24.29
CA SER C 357 0.68 45.92 23.78
C SER C 357 -0.06 44.70 24.31
N LEU C 358 0.60 43.54 24.30
CA LEU C 358 -0.02 42.32 24.84
C LEU C 358 -0.24 42.41 26.34
N LYS C 359 0.70 43.03 27.05
CA LYS C 359 0.57 43.19 28.49
C LYS C 359 -0.61 44.07 28.86
N GLU C 360 -0.79 45.18 28.13
CA GLU C 360 -1.86 46.12 28.44
C GLU C 360 -3.23 45.49 28.22
N ASP D 10 29.78 7.13 -4.18
CA ASP D 10 31.22 7.32 -4.35
C ASP D 10 31.90 7.92 -3.13
N LEU D 11 31.26 8.90 -2.48
CA LEU D 11 31.93 9.61 -1.39
C LEU D 11 32.15 8.70 -0.19
N SER D 12 31.16 7.88 0.13
CA SER D 12 31.33 6.88 1.18
C SER D 12 32.45 5.90 0.86
N TYR D 13 32.59 5.50 -0.40
CA TYR D 13 33.66 4.61 -0.79
C TYR D 13 35.03 5.28 -0.67
N LYS D 14 35.12 6.55 -1.05
CA LYS D 14 36.38 7.27 -0.90
C LYS D 14 36.77 7.36 0.57
N HIS D 15 35.81 7.69 1.44
CA HIS D 15 36.13 7.75 2.85
C HIS D 15 36.47 6.38 3.40
N ALA D 16 35.82 5.33 2.90
CA ALA D 16 36.15 3.98 3.34
C ALA D 16 37.57 3.60 2.97
N ILE D 17 38.02 3.99 1.77
CA ILE D 17 39.40 3.75 1.38
C ILE D 17 40.36 4.51 2.29
N LEU D 18 40.08 5.80 2.50
CA LEU D 18 40.98 6.60 3.32
C LEU D 18 41.06 6.10 4.75
N LYS D 19 39.91 5.73 5.33
CA LYS D 19 39.87 5.30 6.72
C LYS D 19 40.48 3.92 6.90
N GLU D 20 40.13 2.97 6.03
CA GLU D 20 40.62 1.59 6.14
C GLU D 20 42.00 1.48 5.49
N SER D 21 43.00 1.96 6.21
CA SER D 21 44.39 1.86 5.79
C SER D 21 45.16 1.07 6.85
N GLN D 22 45.86 0.03 6.42
CA GLN D 22 46.64 -0.79 7.33
C GLN D 22 48.06 -0.29 7.52
N TYR D 23 48.42 0.83 6.89
CA TYR D 23 49.78 1.35 6.91
C TYR D 23 49.80 2.75 7.51
N THR D 24 50.80 3.03 8.33
CA THR D 24 50.94 4.32 8.96
C THR D 24 52.01 5.14 8.26
N ILE D 25 51.72 6.40 8.06
CA ILE D 25 52.63 7.32 7.40
C ILE D 25 53.75 7.66 8.37
N LYS D 26 54.89 8.09 7.84
CA LYS D 26 56.02 8.51 8.66
C LYS D 26 56.59 9.79 8.06
N ARG D 27 56.65 10.84 8.87
CA ARG D 27 57.16 12.12 8.41
C ARG D 27 57.92 12.78 9.53
N ASP D 28 58.73 13.77 9.17
CA ASP D 28 59.57 14.49 10.12
C ASP D 28 60.46 13.53 10.89
N VAL D 29 60.99 12.53 10.19
CA VAL D 29 61.71 11.45 10.85
C VAL D 29 62.95 11.97 11.57
N GLY D 30 63.73 12.82 10.91
CA GLY D 30 64.98 13.27 11.49
C GLY D 30 64.88 14.58 12.24
N THR D 31 63.65 14.99 12.55
CA THR D 31 63.39 16.30 13.15
C THR D 31 63.16 16.15 14.64
N THR D 32 63.31 17.26 15.36
CA THR D 32 63.08 17.32 16.80
C THR D 32 62.34 18.59 17.14
N THR D 33 61.70 18.59 18.31
CA THR D 33 60.96 19.74 18.81
C THR D 33 61.19 19.85 20.32
N ALA D 34 60.82 21.00 20.87
CA ALA D 34 61.08 21.31 22.26
C ALA D 34 59.80 21.20 23.09
N VAL D 35 59.93 20.67 24.30
CA VAL D 35 58.89 20.75 25.31
C VAL D 35 59.51 21.19 26.61
N THR D 36 58.68 21.62 27.52
CA THR D 36 59.05 22.09 28.84
C THR D 36 58.30 21.30 29.89
N PRO D 37 58.99 20.65 30.83
CA PRO D 37 58.29 19.84 31.83
C PRO D 37 57.48 20.70 32.79
N SER D 38 56.48 20.08 33.40
CA SER D 38 55.61 20.81 34.33
C SER D 38 56.41 21.41 35.47
N SER D 39 57.55 20.81 35.81
CA SER D 39 58.36 21.33 36.90
C SER D 39 58.88 22.74 36.62
N LEU D 40 58.83 23.18 35.36
CA LEU D 40 59.26 24.51 34.98
C LEU D 40 58.10 25.46 34.71
N GLN D 41 56.87 25.07 35.04
CA GLN D 41 55.72 25.90 34.70
C GLN D 41 55.83 27.28 35.35
N GLN D 42 56.14 27.32 36.64
CA GLN D 42 56.28 28.59 37.33
C GLN D 42 57.34 29.47 36.68
N GLU D 43 58.30 28.88 35.98
CA GLU D 43 59.28 29.65 35.25
C GLU D 43 58.73 30.11 33.91
N ILE D 44 58.10 29.20 33.15
CA ILE D 44 57.64 29.58 31.82
C ILE D 44 56.58 30.66 31.93
N THR D 45 55.75 30.60 32.97
CA THR D 45 54.78 31.67 33.20
C THR D 45 55.45 33.03 33.18
N LEU D 46 56.55 33.18 33.92
CA LEU D 46 57.27 34.44 33.90
C LEU D 46 57.60 34.84 32.47
N LEU D 47 58.20 33.93 31.71
CA LEU D 47 58.53 34.25 30.34
C LEU D 47 57.28 34.64 29.55
N CYS D 48 56.21 33.85 29.71
CA CYS D 48 55.01 34.10 28.93
C CYS D 48 54.37 35.43 29.28
N GLY D 49 54.78 36.06 30.38
CA GLY D 49 54.25 37.34 30.76
C GLY D 49 55.23 38.46 30.48
N GLU D 50 56.51 38.13 30.41
CA GLU D 50 57.49 39.15 30.06
C GLU D 50 57.46 39.47 28.59
N ILE D 51 56.69 38.72 27.82
CA ILE D 51 56.37 39.08 26.44
C ILE D 51 55.24 40.09 26.38
N LEU D 52 54.48 40.22 27.47
CA LEU D 52 53.21 40.92 27.35
C LEU D 52 53.27 42.37 27.81
N TYR D 53 54.11 42.70 28.80
CA TYR D 53 53.99 44.07 29.29
C TYR D 53 55.13 44.95 28.84
N ALA D 54 56.02 44.44 27.98
CA ALA D 54 57.13 45.21 27.46
C ALA D 54 57.02 45.30 25.95
N LYS D 55 57.70 46.29 25.38
CA LYS D 55 57.64 46.55 23.95
C LYS D 55 58.92 46.01 23.32
N HIS D 56 58.80 44.84 22.69
CA HIS D 56 59.95 44.09 22.20
C HIS D 56 60.16 44.33 20.71
N ALA D 57 61.42 44.43 20.30
CA ALA D 57 61.74 44.57 18.89
C ALA D 57 61.42 43.29 18.13
N ASP D 58 61.72 42.13 18.70
CA ASP D 58 61.51 40.85 18.05
C ASP D 58 60.53 40.02 18.86
N TYR D 59 59.43 39.62 18.23
CA TYR D 59 58.42 38.76 18.82
C TYR D 59 58.41 37.40 18.14
N LYS D 60 59.59 36.86 17.83
CA LYS D 60 59.68 35.76 16.88
C LYS D 60 59.20 34.44 17.47
N TYR D 61 59.53 34.19 18.74
CA TYR D 61 59.26 32.91 19.36
C TYR D 61 58.17 32.96 20.43
N ALA D 62 57.29 33.95 20.38
CA ALA D 62 56.22 34.00 21.37
C ALA D 62 55.32 32.78 21.27
N ALA D 63 55.07 32.33 20.04
CA ALA D 63 54.25 31.14 19.85
C ALA D 63 54.90 29.91 20.46
N GLU D 64 56.22 29.78 20.30
CA GLU D 64 56.90 28.65 20.93
C GLU D 64 56.82 28.72 22.43
N ILE D 65 56.82 29.92 23.02
CA ILE D 65 56.67 30.01 24.46
C ILE D 65 55.26 29.65 24.91
N GLY D 66 54.24 30.02 24.14
CA GLY D 66 52.91 29.55 24.45
C GLY D 66 52.79 28.04 24.39
N ILE D 67 53.40 27.44 23.36
CA ILE D 67 53.38 25.99 23.24
C ILE D 67 54.20 25.35 24.36
N GLN D 68 55.25 26.01 24.83
CA GLN D 68 55.98 25.53 25.98
C GLN D 68 55.09 25.49 27.20
N TYR D 69 54.28 26.54 27.41
CA TYR D 69 53.36 26.50 28.55
C TYR D 69 52.36 25.38 28.39
N ILE D 70 51.87 25.14 27.17
CA ILE D 70 50.97 24.01 26.93
C ILE D 70 51.63 22.71 27.34
N SER D 71 52.91 22.56 26.98
CA SER D 71 53.67 21.36 27.34
C SER D 71 53.82 21.21 28.84
N THR D 72 54.01 22.31 29.56
CA THR D 72 54.04 22.23 31.02
C THR D 72 52.69 21.78 31.55
N ALA D 73 51.61 22.28 30.95
CA ALA D 73 50.28 21.95 31.45
C ALA D 73 49.95 20.48 31.23
N LEU D 74 50.15 19.97 30.02
CA LEU D 74 49.81 18.58 29.73
C LEU D 74 50.85 17.62 30.29
N GLY D 75 52.10 18.01 30.26
CA GLY D 75 53.22 17.17 30.65
C GLY D 75 54.05 16.77 29.45
N SER D 76 55.34 16.54 29.69
CA SER D 76 56.26 16.22 28.60
C SER D 76 55.89 14.90 27.93
N GLU D 77 55.60 13.87 28.73
CA GLU D 77 55.30 12.55 28.16
C GLU D 77 53.99 12.55 27.39
N ARG D 78 52.95 13.19 27.94
CA ARG D 78 51.69 13.30 27.22
C ARG D 78 51.85 14.10 25.94
N VAL D 79 52.73 15.11 25.95
CA VAL D 79 52.96 15.91 24.76
C VAL D 79 53.69 15.09 23.69
N GLN D 80 54.67 14.29 24.11
CA GLN D 80 55.33 13.39 23.17
C GLN D 80 54.35 12.42 22.55
N GLN D 81 53.46 11.86 23.38
CA GLN D 81 52.44 10.94 22.87
C GLN D 81 51.52 11.65 21.89
N ILE D 82 51.12 12.88 22.20
CA ILE D 82 50.26 13.64 21.30
C ILE D 82 50.93 13.86 19.96
N LEU D 83 52.21 14.24 19.98
CA LEU D 83 52.95 14.44 18.74
C LEU D 83 53.08 13.14 17.95
N ARG D 84 53.30 12.02 18.64
CA ARG D 84 53.40 10.72 17.98
C ARG D 84 52.09 10.28 17.33
N ASN D 85 50.96 10.44 18.01
CA ASN D 85 49.69 10.04 17.43
C ASN D 85 49.16 11.02 16.39
N SER D 86 49.86 12.13 16.15
CA SER D 86 49.44 13.08 15.12
C SER D 86 50.06 12.76 13.77
N GLY D 87 50.74 11.63 13.63
CA GLY D 87 51.36 11.25 12.38
C GLY D 87 52.74 11.81 12.15
N SER D 88 53.35 12.42 13.16
CA SER D 88 54.65 13.08 13.03
C SER D 88 55.62 12.42 13.99
N GLU D 89 56.78 12.00 13.46
CA GLU D 89 57.80 11.32 14.24
C GLU D 89 58.86 12.31 14.72
N VAL D 90 58.40 13.38 15.35
CA VAL D 90 59.27 14.39 15.93
C VAL D 90 59.73 13.91 17.30
N GLN D 91 61.04 13.94 17.51
CA GLN D 91 61.57 13.56 18.81
C GLN D 91 61.60 14.76 19.74
N VAL D 92 60.85 14.65 20.82
CA VAL D 92 60.76 15.67 21.85
C VAL D 92 62.13 15.88 22.49
N VAL D 93 62.51 17.16 22.65
CA VAL D 93 63.69 17.55 23.39
C VAL D 93 63.26 18.31 24.62
N LEU D 94 63.78 17.93 25.79
CA LEU D 94 63.37 18.54 27.03
C LEU D 94 63.97 19.94 27.17
N THR D 95 63.50 20.67 28.17
CA THR D 95 63.92 22.03 28.47
C THR D 95 64.76 22.03 29.74
N ARG D 96 65.82 22.81 29.73
CA ARG D 96 66.73 22.94 30.85
C ARG D 96 66.82 24.39 31.31
N THR D 97 67.46 24.59 32.45
CA THR D 97 67.64 25.92 33.02
C THR D 97 69.11 26.24 33.11
N TYR D 98 69.43 27.53 33.12
CA TYR D 98 70.81 27.96 33.23
C TYR D 98 70.85 29.35 33.87
N SER D 99 72.03 29.72 34.36
CA SER D 99 72.21 30.99 35.04
C SER D 99 73.04 31.97 34.20
N GLN D 112 67.42 32.41 37.43
CA GLN D 112 67.72 31.49 36.34
C GLN D 112 66.78 31.71 35.15
N MET D 113 67.19 31.21 33.98
CA MET D 113 66.46 31.36 32.73
C MET D 113 66.38 30.00 32.05
N LEU D 114 65.61 29.94 30.97
CA LEU D 114 65.32 28.72 30.26
C LEU D 114 66.14 28.62 28.99
N ASP D 115 66.57 27.40 28.66
CA ASP D 115 67.24 27.09 27.41
C ASP D 115 66.32 26.15 26.64
N ILE D 116 65.41 26.73 25.88
CA ILE D 116 64.43 25.97 25.11
C ILE D 116 65.04 25.61 23.77
N HIS D 117 64.84 24.36 23.36
CA HIS D 117 65.43 23.87 22.11
C HIS D 117 64.77 24.54 20.92
N GLY D 118 65.58 25.05 20.00
CA GLY D 118 65.08 25.78 18.86
C GLY D 118 64.74 27.22 19.13
N VAL D 119 64.87 27.67 20.38
CA VAL D 119 64.69 29.06 20.76
C VAL D 119 66.05 29.58 21.20
N GLU D 120 66.56 30.58 20.50
CA GLU D 120 67.89 31.09 20.78
C GLU D 120 67.94 31.73 22.16
N LYS D 121 69.02 31.45 22.89
CA LYS D 121 69.16 32.01 24.23
C LYS D 121 69.28 33.53 24.18
N SER D 122 69.77 34.07 23.06
CA SER D 122 69.81 35.52 22.89
C SER D 122 68.42 36.10 22.94
N TRP D 123 67.45 35.44 22.31
CA TRP D 123 66.07 35.92 22.33
C TRP D 123 65.50 35.93 23.74
N VAL D 124 65.70 34.84 24.50
CA VAL D 124 65.18 34.78 25.86
C VAL D 124 65.83 35.86 26.73
N GLU D 125 67.13 36.05 26.60
CA GLU D 125 67.81 37.09 27.36
C GLU D 125 67.29 38.48 26.97
N GLU D 126 67.05 38.71 25.68
CA GLU D 126 66.52 39.99 25.24
C GLU D 126 65.15 40.27 25.83
N ILE D 127 64.26 39.27 25.78
CA ILE D 127 62.92 39.46 26.32
C ILE D 127 62.97 39.73 27.82
N ASP D 128 63.78 38.94 28.54
CA ASP D 128 63.88 39.14 29.98
C ASP D 128 64.44 40.52 30.31
N LYS D 129 65.50 40.94 29.61
CA LYS D 129 66.11 42.23 29.91
C LYS D 129 65.15 43.37 29.57
N GLU D 130 64.45 43.28 28.45
CA GLU D 130 63.49 44.32 28.09
C GLU D 130 62.39 44.44 29.14
N ALA D 131 61.87 43.30 29.60
CA ALA D 131 60.83 43.34 30.62
C ALA D 131 61.35 43.90 31.94
N ARG D 132 62.58 43.53 32.33
CA ARG D 132 63.13 44.05 33.57
C ARG D 132 63.36 45.55 33.49
N LYS D 133 63.86 46.03 32.35
CA LYS D 133 64.06 47.47 32.17
C LYS D 133 62.74 48.23 32.19
N THR D 134 61.71 47.71 31.52
CA THR D 134 60.41 48.36 31.57
C THR D 134 59.84 48.38 32.98
N MET D 135 60.00 47.28 33.71
CA MET D 135 59.50 47.25 35.09
C MET D 135 60.23 48.25 35.96
N ALA D 136 61.56 48.36 35.79
CA ALA D 136 62.30 49.34 36.56
C ALA D 136 61.88 50.76 36.21
N THR D 137 61.63 51.03 34.93
CA THR D 137 61.20 52.37 34.53
C THR D 137 59.82 52.71 35.07
N LEU D 138 58.89 51.76 35.03
CA LEU D 138 57.54 51.99 35.55
C LEU D 138 57.48 51.93 37.07
N LEU D 139 58.54 51.46 37.73
CA LEU D 139 58.57 51.51 39.19
C LEU D 139 59.29 52.75 39.72
N LYS D 140 60.35 53.18 39.02
CA LYS D 140 61.10 54.35 39.47
C LYS D 140 60.28 55.62 39.30
N GLU D 141 59.68 55.81 38.13
CA GLU D 141 58.92 57.04 37.88
C GLU D 141 57.61 57.04 38.65
N SER D 142 56.87 55.92 38.61
CA SER D 142 55.54 55.89 39.20
C SER D 142 55.61 55.84 40.71
N SER D 143 54.44 55.68 41.33
CA SER D 143 54.30 55.73 42.78
C SER D 143 54.53 54.38 43.45
N GLY D 144 54.92 53.37 42.69
CA GLY D 144 55.18 52.06 43.28
C GLY D 144 53.95 51.36 43.81
N ASN D 145 52.85 51.37 43.06
CA ASN D 145 51.64 50.69 43.48
C ASN D 145 51.22 49.67 42.43
N ILE D 146 52.17 48.87 41.95
CA ILE D 146 51.88 47.90 40.89
C ILE D 146 50.95 46.82 41.45
N PRO D 147 49.76 46.64 40.88
CA PRO D 147 48.84 45.63 41.39
C PRO D 147 49.32 44.22 41.06
N GLN D 148 48.57 43.25 41.57
CA GLN D 148 49.00 41.86 41.44
C GLN D 148 48.78 41.35 40.01
N ASN D 149 47.94 42.02 39.24
CA ASN D 149 47.66 41.53 37.89
C ASN D 149 48.54 42.20 36.86
N GLN D 150 49.23 43.29 37.23
CA GLN D 150 50.01 44.02 36.25
C GLN D 150 51.45 43.52 36.14
N ARG D 151 51.86 42.57 36.98
CA ARG D 151 53.25 42.12 36.95
C ARG D 151 53.41 40.93 36.00
N PRO D 152 54.61 40.73 35.46
CA PRO D 152 54.82 39.62 34.52
C PRO D 152 54.58 38.24 35.09
N SER D 153 54.81 38.04 36.39
CA SER D 153 54.64 36.73 37.00
C SER D 153 53.18 36.40 37.30
N ALA D 154 52.24 37.12 36.70
CA ALA D 154 50.83 36.78 36.86
C ALA D 154 50.57 35.41 36.27
N PRO D 155 49.69 34.61 36.88
CA PRO D 155 49.50 33.23 36.42
C PRO D 155 48.58 33.08 35.21
N ASP D 156 47.90 34.15 34.78
CA ASP D 156 47.08 34.08 33.58
C ASP D 156 47.78 34.65 32.35
N THR D 157 49.00 35.15 32.50
CA THR D 157 49.73 35.64 31.32
C THR D 157 49.97 34.58 30.25
N PRO D 158 50.37 33.34 30.57
CA PRO D 158 50.46 32.34 29.49
C PRO D 158 49.15 32.11 28.80
N ILE D 159 48.02 32.17 29.53
CA ILE D 159 46.73 32.03 28.89
C ILE D 159 46.38 33.26 28.08
N ILE D 160 46.84 34.44 28.51
CA ILE D 160 46.61 35.63 27.70
C ILE D 160 47.35 35.56 26.37
N LEU D 161 48.58 35.07 26.38
CA LEU D 161 49.29 34.84 25.12
C LEU D 161 48.61 33.77 24.27
N LEU D 162 48.18 32.68 24.91
CA LEU D 162 47.48 31.64 24.18
C LEU D 162 46.13 32.10 23.67
N CYS D 163 45.58 33.19 24.22
CA CYS D 163 44.34 33.74 23.69
C CYS D 163 44.56 34.44 22.35
N VAL D 164 45.66 35.19 22.21
CA VAL D 164 46.05 35.69 20.90
C VAL D 164 46.30 34.52 19.96
N GLY D 165 46.96 33.48 20.45
CA GLY D 165 47.15 32.29 19.65
C GLY D 165 45.86 31.61 19.21
N ALA D 166 44.85 31.59 20.07
CA ALA D 166 43.57 31.01 19.72
C ALA D 166 42.79 31.89 18.76
N LEU D 167 42.95 33.21 18.87
CA LEU D 167 42.32 34.12 17.91
C LEU D 167 42.88 33.90 16.52
N ILE D 168 44.20 33.77 16.42
CA ILE D 168 44.80 33.51 15.11
C ILE D 168 44.62 32.06 14.70
N PHE D 169 44.25 31.19 15.65
CA PHE D 169 43.93 29.80 15.33
C PHE D 169 42.63 29.70 14.56
N THR D 170 41.64 30.53 14.90
CA THR D 170 40.36 30.47 14.23
C THR D 170 40.45 30.92 12.78
N LYS D 171 41.56 31.56 12.40
CA LYS D 171 41.78 32.05 11.05
C LYS D 171 42.91 31.31 10.35
N LEU D 172 43.01 29.99 10.54
CA LEU D 172 44.07 29.25 9.87
C LEU D 172 43.62 28.78 8.50
N ALA D 173 42.30 28.66 8.29
CA ALA D 173 41.78 28.37 6.97
C ALA D 173 41.81 29.60 6.08
N SER D 174 41.74 30.78 6.68
CA SER D 174 41.79 32.02 5.92
C SER D 174 43.22 32.35 5.52
N THR D 175 43.40 33.56 5.02
CA THR D 175 44.73 34.01 4.61
C THR D 175 45.46 34.65 5.78
N ILE D 176 46.73 35.02 5.54
CA ILE D 176 47.54 35.61 6.59
C ILE D 176 47.07 37.03 6.91
N GLU D 177 46.82 37.84 5.88
CA GLU D 177 46.46 39.23 6.12
C GLU D 177 45.09 39.35 6.76
N VAL D 178 44.12 38.57 6.28
CA VAL D 178 42.80 38.56 6.90
C VAL D 178 42.91 38.04 8.32
N GLY D 179 43.72 37.01 8.55
CA GLY D 179 43.88 36.48 9.88
C GLY D 179 44.44 37.50 10.85
N LEU D 180 45.49 38.23 10.43
CA LEU D 180 46.08 39.23 11.32
C LEU D 180 45.14 40.39 11.57
N GLU D 181 44.46 40.88 10.53
CA GLU D 181 43.52 41.98 10.71
C GLU D 181 42.40 41.59 11.66
N THR D 182 41.83 40.39 11.45
CA THR D 182 40.76 39.91 12.32
C THR D 182 41.25 39.70 13.74
N THR D 183 42.46 39.17 13.90
CA THR D 183 43.00 38.95 15.23
C THR D 183 43.12 40.26 15.99
N VAL D 184 43.67 41.29 15.36
CA VAL D 184 43.82 42.57 16.05
C VAL D 184 42.46 43.17 16.36
N ARG D 185 41.54 43.15 15.39
CA ARG D 185 40.21 43.74 15.59
C ARG D 185 39.47 43.06 16.72
N ARG D 186 39.52 41.72 16.76
CA ARG D 186 38.78 40.98 17.79
C ARG D 186 39.50 41.03 19.13
N ALA D 187 40.82 41.20 19.12
CA ALA D 187 41.56 41.22 20.38
C ALA D 187 41.43 42.55 21.08
N ASN D 188 41.14 43.62 20.34
CA ASN D 188 40.88 44.88 21.04
C ASN D 188 39.62 44.82 21.91
N ARG D 189 38.76 43.84 21.71
CA ARG D 189 37.52 43.72 22.48
C ARG D 189 37.48 42.47 23.34
N VAL D 190 37.86 41.32 22.77
CA VAL D 190 37.93 40.07 23.52
C VAL D 190 38.95 40.19 24.66
N LEU D 191 40.13 40.72 24.35
CA LEU D 191 41.21 40.85 25.32
C LEU D 191 41.35 42.26 25.83
N SER D 192 40.25 42.97 26.08
CA SER D 192 40.35 44.35 26.56
C SER D 192 40.96 44.39 27.95
N ASP D 193 40.58 43.47 28.83
CA ASP D 193 41.07 43.50 30.20
C ASP D 193 42.57 43.29 30.27
N ALA D 194 43.08 42.33 29.48
CA ALA D 194 44.52 42.11 29.43
C ALA D 194 45.24 43.32 28.85
N LEU D 195 44.65 43.95 27.84
CA LEU D 195 45.24 45.16 27.28
C LEU D 195 45.30 46.29 28.32
N LYS D 196 44.25 46.42 29.14
CA LYS D 196 44.30 47.39 30.23
C LYS D 196 45.40 47.04 31.23
N ARG D 197 45.51 45.76 31.58
CA ARG D 197 46.54 45.33 32.51
C ARG D 197 47.94 45.51 31.92
N TYR D 198 48.11 45.17 30.65
CA TYR D 198 49.39 45.33 29.95
C TYR D 198 49.20 46.30 28.81
N PRO D 199 49.39 47.60 29.03
CA PRO D 199 49.15 48.58 27.96
C PRO D 199 49.95 48.31 26.72
N ARG D 200 51.17 47.79 26.85
CA ARG D 200 52.06 47.61 25.71
C ARG D 200 52.22 46.11 25.45
N MET D 201 51.23 45.53 24.79
CA MET D 201 51.28 44.17 24.27
C MET D 201 50.91 44.25 22.80
N ASP D 202 51.78 43.73 21.94
CA ASP D 202 51.63 43.94 20.50
C ASP D 202 50.92 42.73 19.93
N ILE D 203 49.59 42.79 19.89
CA ILE D 203 48.81 41.70 19.30
C ILE D 203 49.20 41.42 17.86
N PRO D 204 49.50 42.41 17.00
CA PRO D 204 49.94 42.07 15.65
C PRO D 204 51.16 41.16 15.57
N LYS D 205 52.24 41.48 16.29
CA LYS D 205 53.46 40.69 16.18
C LYS D 205 53.31 39.32 16.81
N ILE D 206 52.61 39.23 17.95
CA ILE D 206 52.37 37.94 18.57
C ILE D 206 51.49 37.07 17.68
N ALA D 207 50.49 37.69 17.03
CA ALA D 207 49.64 36.94 16.12
C ALA D 207 50.43 36.46 14.90
N ARG D 208 51.33 37.29 14.40
CA ARG D 208 52.21 36.85 13.32
C ARG D 208 53.08 35.66 13.75
N SER D 209 53.62 35.72 14.97
CA SER D 209 54.42 34.61 15.48
C SER D 209 53.59 33.33 15.56
N PHE D 210 52.36 33.44 16.04
CA PHE D 210 51.53 32.25 16.16
C PHE D 210 51.15 31.70 14.80
N TYR D 211 50.88 32.56 13.83
CA TYR D 211 50.59 32.09 12.48
C TYR D 211 51.79 31.38 11.88
N ASP D 212 52.99 31.93 12.09
CA ASP D 212 54.20 31.27 11.63
C ASP D 212 54.38 29.91 12.26
N LEU D 213 54.17 29.79 13.58
CA LEU D 213 54.29 28.50 14.23
C LEU D 213 53.30 27.50 13.67
N PHE D 214 52.04 27.91 13.51
CA PHE D 214 51.02 26.98 13.04
C PHE D 214 51.31 26.52 11.62
N GLU D 215 51.89 27.40 10.79
CA GLU D 215 52.21 27.00 9.43
C GLU D 215 53.43 26.08 9.37
N GLN D 216 54.48 26.42 10.12
CA GLN D 216 55.71 25.64 10.05
C GLN D 216 55.54 24.27 10.71
N LYS D 217 55.19 24.26 11.98
CA LYS D 217 55.02 23.03 12.75
C LYS D 217 53.53 22.69 12.79
N VAL D 218 53.11 21.77 11.92
CA VAL D 218 51.71 21.40 11.84
C VAL D 218 51.27 20.48 12.97
N TYR D 219 52.20 19.73 13.58
CA TYR D 219 51.86 18.94 14.75
C TYR D 219 51.48 19.78 15.95
N HIS D 220 51.92 21.04 15.99
CA HIS D 220 51.54 21.94 17.06
C HIS D 220 50.08 22.36 16.97
N ARG D 221 49.46 22.24 15.80
CA ARG D 221 48.01 22.35 15.74
C ARG D 221 47.36 21.24 16.54
N SER D 222 47.86 20.01 16.42
CA SER D 222 47.34 18.92 17.22
C SER D 222 47.61 19.13 18.70
N LEU D 223 48.79 19.61 19.06
CA LEU D 223 49.06 19.92 20.46
C LEU D 223 48.12 20.98 20.99
N PHE D 224 47.86 22.02 20.20
CA PHE D 224 47.02 23.13 20.62
C PHE D 224 45.57 22.67 20.79
N ILE D 225 45.12 21.78 19.90
CA ILE D 225 43.79 21.20 20.03
C ILE D 225 43.70 20.30 21.27
N GLU D 226 44.76 19.55 21.55
CA GLU D 226 44.76 18.72 22.76
C GLU D 226 44.71 19.57 24.01
N TYR D 227 45.39 20.72 24.01
CA TYR D 227 45.26 21.64 25.13
C TYR D 227 43.84 22.17 25.25
N GLY D 228 43.23 22.51 24.12
CA GLY D 228 41.85 22.96 24.16
C GLY D 228 40.92 21.93 24.76
N LYS D 229 41.10 20.66 24.41
CA LYS D 229 40.28 19.60 24.97
C LYS D 229 40.57 19.39 26.46
N ALA D 230 41.85 19.36 26.83
CA ALA D 230 42.21 19.15 28.22
C ALA D 230 41.80 20.31 29.11
N LEU D 231 41.59 21.48 28.53
CA LEU D 231 41.10 22.65 29.24
C LEU D 231 39.58 22.67 29.33
N GLY D 232 38.88 22.38 28.23
CA GLY D 232 37.44 22.32 28.26
C GLY D 232 36.91 21.22 29.15
N SER D 233 37.65 20.11 29.25
CA SER D 233 37.25 19.00 30.10
C SER D 233 37.52 19.25 31.58
N SER D 234 38.20 20.34 31.92
CA SER D 234 38.53 20.60 33.31
C SER D 234 37.29 20.96 34.11
N SER D 235 37.34 20.64 35.41
CA SER D 235 36.22 20.91 36.29
C SER D 235 36.14 22.39 36.68
N THR D 236 37.27 23.07 36.79
CA THR D 236 37.32 24.48 37.14
C THR D 236 38.31 25.19 36.22
N GLY D 237 38.19 26.50 36.16
CA GLY D 237 39.11 27.30 35.38
C GLY D 237 38.94 28.77 35.68
N SER D 238 39.98 29.53 35.37
CA SER D 238 39.94 30.97 35.53
C SER D 238 39.20 31.58 34.36
N LYS D 239 39.02 32.90 34.39
CA LYS D 239 38.32 33.56 33.28
C LYS D 239 39.17 33.54 32.02
N ALA D 240 40.49 33.55 32.16
CA ALA D 240 41.36 33.45 30.99
C ALA D 240 41.17 32.11 30.29
N GLU D 241 41.09 31.02 31.04
CA GLU D 241 40.92 29.70 30.43
C GLU D 241 39.54 29.54 29.83
N SER D 242 38.53 30.14 30.46
CA SER D 242 37.19 30.11 29.89
C SER D 242 37.15 30.91 28.57
N LEU D 243 37.84 32.05 28.53
CA LEU D 243 37.94 32.80 27.28
C LEU D 243 38.66 32.01 26.21
N PHE D 244 39.76 31.36 26.58
CA PHE D 244 40.49 30.55 25.60
C PHE D 244 39.61 29.46 25.05
N VAL D 245 38.84 28.80 25.90
CA VAL D 245 37.96 27.73 25.42
C VAL D 245 36.86 28.29 24.54
N ASN D 246 36.35 29.48 24.88
CA ASN D 246 35.33 30.11 24.03
C ASN D 246 35.86 30.35 22.62
N ILE D 247 37.08 30.90 22.52
CA ILE D 247 37.65 31.16 21.20
C ILE D 247 37.97 29.85 20.48
N PHE D 248 38.53 28.89 21.20
CA PHE D 248 38.85 27.59 20.61
C PHE D 248 37.60 26.95 20.02
N MET D 249 36.46 27.05 20.71
CA MET D 249 35.23 26.50 20.16
C MET D 249 34.68 27.36 19.03
N GLN D 250 34.98 28.67 19.03
CA GLN D 250 34.63 29.48 17.87
C GLN D 250 35.41 29.06 16.64
N ALA D 251 36.52 28.35 16.83
CA ALA D 251 37.28 27.85 15.70
C ALA D 251 36.79 26.52 15.15
N TYR D 252 35.71 25.94 15.72
CA TYR D 252 35.43 24.53 15.47
C TYR D 252 35.14 24.25 14.00
N GLY D 253 34.20 24.97 13.41
CA GLY D 253 33.86 24.69 12.03
C GLY D 253 34.73 25.35 11.00
N ALA D 254 36.02 25.50 11.26
CA ALA D 254 36.90 26.24 10.35
C ALA D 254 37.10 25.46 9.06
N GLY D 255 37.07 26.19 7.95
CA GLY D 255 37.26 25.58 6.65
C GLY D 255 36.03 24.94 6.07
N GLN D 256 34.88 25.03 6.73
CA GLN D 256 33.65 24.41 6.26
C GLN D 256 32.46 25.33 6.44
N THR D 257 32.63 26.61 6.11
CA THR D 257 31.49 27.52 6.27
C THR D 257 30.41 27.26 5.25
N MET D 258 30.71 26.54 4.16
CA MET D 258 29.70 26.24 3.17
C MET D 258 28.67 25.25 3.71
N LEU D 259 29.09 24.28 4.52
CA LEU D 259 28.13 23.37 5.12
C LEU D 259 27.23 24.08 6.13
N ARG D 260 27.81 24.96 6.94
CA ARG D 260 27.01 25.74 7.88
C ARG D 260 26.02 26.62 7.14
N TRP D 261 26.45 27.25 6.04
CA TRP D 261 25.53 28.07 5.27
C TRP D 261 24.51 27.23 4.54
N GLY D 262 24.83 25.98 4.21
CA GLY D 262 23.85 25.10 3.60
C GLY D 262 22.73 24.74 4.57
N VAL D 263 23.09 24.39 5.80
CA VAL D 263 22.03 24.12 6.77
C VAL D 263 21.28 25.41 7.10
N ILE D 264 21.95 26.56 7.03
CA ILE D 264 21.25 27.83 7.19
C ILE D 264 20.23 28.02 6.07
N ALA D 265 20.61 27.72 4.84
CA ALA D 265 19.70 27.87 3.71
C ALA D 265 18.51 26.94 3.85
N ARG D 266 18.74 25.71 4.30
CA ARG D 266 17.64 24.78 4.53
C ARG D 266 16.72 25.29 5.63
N SER D 267 17.29 25.89 6.68
CA SER D 267 16.47 26.47 7.73
C SER D 267 15.67 27.67 7.24
N SER D 268 16.20 28.41 6.27
CA SER D 268 15.53 29.58 5.73
C SER D 268 14.43 29.22 4.75
N ASN D 269 14.33 27.95 4.34
CA ASN D 269 13.31 27.49 3.41
C ASN D 269 13.35 28.32 2.12
N ASN D 270 14.54 28.41 1.54
CA ASN D 270 14.73 29.16 0.30
C ASN D 270 14.02 28.46 -0.85
N ILE D 271 13.26 29.21 -1.63
CA ILE D 271 12.47 28.60 -2.69
C ILE D 271 13.38 28.05 -3.79
N MET D 272 14.49 28.72 -4.06
CA MET D 272 15.38 28.25 -5.11
C MET D 272 16.07 26.95 -4.76
N LEU D 273 15.95 26.46 -3.53
CA LEU D 273 16.39 25.11 -3.22
C LEU D 273 15.56 24.07 -3.96
N GLY D 274 14.33 24.41 -4.34
CA GLY D 274 13.46 23.54 -5.10
C GLY D 274 13.63 23.60 -6.61
N HIS D 275 14.60 24.36 -7.09
CA HIS D 275 14.91 24.41 -8.50
C HIS D 275 15.28 23.02 -9.02
N VAL D 276 15.30 22.87 -10.34
CA VAL D 276 15.56 21.55 -10.92
C VAL D 276 16.98 21.09 -10.62
N SER D 277 17.96 21.97 -10.83
CA SER D 277 19.35 21.55 -10.67
C SER D 277 19.72 21.38 -9.20
N VAL D 278 19.18 22.22 -8.32
CA VAL D 278 19.41 22.05 -6.90
C VAL D 278 18.85 20.70 -6.44
N GLN D 279 17.65 20.37 -6.88
CA GLN D 279 17.06 19.09 -6.53
C GLN D 279 17.83 17.94 -7.16
N ALA D 280 18.50 18.20 -8.29
CA ALA D 280 19.35 17.19 -8.90
C ALA D 280 20.56 16.89 -8.03
N GLU D 281 21.16 17.93 -7.45
CA GLU D 281 22.40 17.76 -6.68
C GLU D 281 22.14 17.45 -5.20
N LEU D 282 20.90 17.57 -4.74
CA LEU D 282 20.59 17.34 -3.34
C LEU D 282 20.97 15.94 -2.86
N LYS D 283 20.96 14.94 -3.73
CA LYS D 283 21.34 13.59 -3.30
C LYS D 283 22.78 13.55 -2.84
N GLN D 284 23.72 14.05 -3.65
CA GLN D 284 25.11 13.97 -3.24
C GLN D 284 25.42 14.99 -2.15
N VAL D 285 24.66 16.08 -2.10
CA VAL D 285 24.79 17.00 -0.96
C VAL D 285 24.48 16.28 0.34
N THR D 286 23.36 15.57 0.38
CA THR D 286 23.02 14.77 1.55
C THR D 286 24.07 13.70 1.80
N GLU D 287 24.71 13.21 0.74
CA GLU D 287 25.83 12.28 0.93
C GLU D 287 26.97 12.93 1.70
N VAL D 288 27.30 14.19 1.37
CA VAL D 288 28.36 14.90 2.09
C VAL D 288 27.97 15.06 3.55
N TYR D 289 26.72 15.41 3.81
CA TYR D 289 26.28 15.59 5.20
C TYR D 289 26.30 14.25 5.96
N ASP D 290 25.94 13.17 5.29
CA ASP D 290 26.04 11.85 5.91
C ASP D 290 27.48 11.50 6.24
N LEU D 291 28.41 11.87 5.36
CA LEU D 291 29.82 11.65 5.67
C LEU D 291 30.27 12.48 6.87
N VAL D 292 29.76 13.70 6.97
CA VAL D 292 30.02 14.53 8.15
C VAL D 292 29.59 13.80 9.41
N ARG D 293 28.36 13.27 9.40
CA ARG D 293 27.86 12.55 10.57
C ARG D 293 28.68 11.30 10.84
N GLU D 294 29.12 10.63 9.77
CA GLU D 294 29.91 9.40 9.93
C GLU D 294 31.24 9.68 10.62
N MET D 295 31.94 10.73 10.20
CA MET D 295 33.17 11.09 10.90
C MET D 295 32.89 11.53 12.33
N GLY D 296 31.86 12.34 12.53
CA GLY D 296 31.43 12.67 13.87
C GLY D 296 32.11 13.89 14.45
N PRO D 297 32.45 13.83 15.75
CA PRO D 297 32.97 15.03 16.43
C PRO D 297 34.27 15.55 15.86
N GLU D 298 35.15 14.69 15.37
CA GLU D 298 36.44 15.13 14.88
C GLU D 298 36.38 15.69 13.47
N SER D 299 35.20 15.72 12.85
CA SER D 299 35.09 16.25 11.49
C SER D 299 35.37 17.75 11.45
N GLY D 300 34.94 18.48 12.47
CA GLY D 300 35.13 19.91 12.50
C GLY D 300 36.58 20.32 12.55
N LEU D 301 37.42 19.51 13.19
CA LEU D 301 38.84 19.83 13.32
C LEU D 301 39.68 19.36 12.15
N LEU D 302 39.05 18.94 11.05
CA LEU D 302 39.81 18.41 9.93
C LEU D 302 40.62 19.51 9.23
N HIS D 303 39.97 20.63 8.92
CA HIS D 303 40.67 21.73 8.26
C HIS D 303 41.59 22.48 9.21
N LEU D 304 41.25 22.55 10.50
CA LEU D 304 42.14 23.17 11.46
C LEU D 304 43.45 22.39 11.58
N ARG D 305 43.37 21.07 11.58
CA ARG D 305 44.52 20.19 11.66
C ARG D 305 45.25 20.06 10.32
N GLN D 306 44.69 20.60 9.24
CA GLN D 306 45.11 20.27 7.88
C GLN D 306 45.16 18.76 7.68
N SER D 307 44.13 18.07 8.16
CA SER D 307 44.03 16.65 7.91
C SER D 307 43.85 16.44 6.41
N PRO D 308 44.66 15.60 5.78
CA PRO D 308 44.55 15.42 4.32
C PRO D 308 43.18 14.89 3.93
N LYS D 309 42.51 14.23 4.87
CA LYS D 309 41.14 13.76 4.69
C LYS D 309 40.14 14.88 4.48
N ALA D 310 40.47 16.10 4.87
CA ALA D 310 39.64 17.24 4.53
C ALA D 310 39.63 17.45 3.02
N GLY D 311 38.52 17.94 2.52
CA GLY D 311 38.26 17.97 1.11
C GLY D 311 37.28 16.91 0.65
N LEU D 312 37.06 15.89 1.49
CA LEU D 312 35.93 15.01 1.27
C LEU D 312 34.62 15.72 1.61
N LEU D 313 34.71 16.78 2.41
CA LEU D 313 33.55 17.55 2.83
C LEU D 313 33.28 18.75 1.93
N SER D 314 34.03 18.90 0.84
CA SER D 314 33.82 20.01 -0.07
C SER D 314 32.50 19.89 -0.81
N LEU D 315 31.77 21.00 -0.91
CA LEU D 315 30.59 21.07 -1.75
C LEU D 315 30.87 21.70 -3.11
N ALA D 316 32.13 21.67 -3.55
CA ALA D 316 32.47 22.26 -4.84
C ALA D 316 31.94 21.45 -6.00
N ASN D 317 31.62 20.17 -5.79
CA ASN D 317 31.06 19.35 -6.85
C ASN D 317 29.56 19.52 -7.01
N CYS D 318 28.96 20.49 -6.30
CA CYS D 318 27.55 20.85 -6.45
C CYS D 318 27.47 22.34 -6.69
N PRO D 319 27.84 22.80 -7.89
CA PRO D 319 27.94 24.24 -8.15
C PRO D 319 26.63 24.98 -7.97
N ASN D 320 25.52 24.33 -8.32
CA ASN D 320 24.22 24.99 -8.22
C ASN D 320 23.77 25.10 -6.77
N PHE D 321 23.98 24.05 -5.98
CA PHE D 321 23.70 24.13 -4.55
C PHE D 321 24.56 25.18 -3.88
N ALA D 322 25.85 25.22 -4.22
CA ALA D 322 26.73 26.23 -3.64
C ALA D 322 26.31 27.63 -4.03
N SER D 323 25.91 27.83 -5.29
CA SER D 323 25.44 29.15 -5.70
C SER D 323 24.18 29.54 -4.97
N VAL D 324 23.24 28.61 -4.79
CA VAL D 324 22.02 28.93 -4.06
C VAL D 324 22.33 29.26 -2.61
N VAL D 325 23.24 28.49 -2.00
CA VAL D 325 23.62 28.73 -0.60
C VAL D 325 24.25 30.10 -0.44
N LEU D 326 25.16 30.44 -1.35
CA LEU D 326 25.81 31.75 -1.29
C LEU D 326 24.80 32.87 -1.54
N GLY D 327 23.84 32.65 -2.43
CA GLY D 327 22.82 33.65 -2.65
C GLY D 327 21.96 33.87 -1.42
N ASN D 328 21.56 32.78 -0.77
CA ASN D 328 20.78 32.90 0.46
C ASN D 328 21.56 33.65 1.52
N ALA D 329 22.84 33.33 1.67
CA ALA D 329 23.68 34.02 2.64
C ALA D 329 23.79 35.50 2.31
N SER D 330 23.93 35.83 1.02
CA SER D 330 24.05 37.23 0.62
C SER D 330 22.74 37.98 0.88
N GLY D 331 21.61 37.32 0.69
CA GLY D 331 20.35 37.96 0.96
C GLY D 331 20.16 38.24 2.44
N LEU D 332 20.50 37.27 3.29
CA LEU D 332 20.38 37.45 4.73
C LEU D 332 21.46 38.37 5.31
N GLY D 333 22.45 38.77 4.52
CA GLY D 333 23.54 39.58 5.04
C GLY D 333 24.63 38.78 5.71
N ILE D 334 24.49 37.46 5.74
CA ILE D 334 25.49 36.61 6.36
C ILE D 334 26.78 36.58 5.56
N ILE D 335 26.70 36.71 4.24
CA ILE D 335 27.86 36.49 3.38
C ILE D 335 28.99 37.44 3.75
N GLY D 336 28.67 38.62 4.25
CA GLY D 336 29.69 39.56 4.66
C GLY D 336 30.62 39.87 3.51
N MET D 337 31.86 39.41 3.63
CA MET D 337 32.88 39.61 2.62
C MET D 337 33.52 38.27 2.27
N TYR D 338 32.67 37.23 2.16
CA TYR D 338 33.13 35.89 1.84
C TYR D 338 33.69 35.86 0.43
N ARG D 339 34.82 35.18 0.25
CA ARG D 339 35.54 35.20 -1.02
C ARG D 339 35.32 33.96 -1.87
N GLY D 340 34.36 33.11 -1.54
CA GLY D 340 34.10 31.95 -2.37
C GLY D 340 33.52 32.33 -3.71
N ARG D 341 33.51 31.36 -4.62
CA ARG D 341 33.03 31.57 -5.97
C ARG D 341 31.56 31.25 -6.07
N VAL D 342 30.82 32.03 -6.87
CA VAL D 342 29.44 31.72 -7.21
C VAL D 342 29.43 31.13 -8.62
N PRO D 343 29.20 29.84 -8.78
CA PRO D 343 29.29 29.24 -10.11
C PRO D 343 28.19 29.70 -11.05
N ASN D 344 26.94 29.62 -10.59
CA ASN D 344 25.78 29.96 -11.40
C ASN D 344 25.23 31.28 -10.88
N THR D 345 25.45 32.35 -11.64
CA THR D 345 25.12 33.69 -11.16
C THR D 345 23.62 33.92 -11.12
N GLU D 346 22.86 33.31 -12.02
CA GLU D 346 21.41 33.52 -12.03
C GLU D 346 20.76 32.95 -10.78
N LEU D 347 21.16 31.73 -10.38
CA LEU D 347 20.68 31.17 -9.12
C LEU D 347 21.12 32.02 -7.94
N PHE D 348 22.37 32.49 -7.95
CA PHE D 348 22.84 33.32 -6.86
C PHE D 348 21.97 34.57 -6.72
N SER D 349 21.70 35.25 -7.82
CA SER D 349 20.91 36.48 -7.76
C SER D 349 19.47 36.19 -7.37
N ALA D 350 18.87 35.13 -7.89
CA ALA D 350 17.49 34.81 -7.52
C ALA D 350 17.40 34.46 -6.05
N ALA D 351 18.35 33.67 -5.54
CA ALA D 351 18.35 33.31 -4.14
C ALA D 351 18.58 34.53 -3.26
N GLU D 352 19.47 35.43 -3.69
CA GLU D 352 19.71 36.66 -2.93
C GLU D 352 18.44 37.51 -2.88
N SER D 353 17.74 37.63 -4.00
CA SER D 353 16.50 38.42 -4.02
C SER D 353 15.44 37.80 -3.10
N TYR D 354 15.27 36.48 -3.17
CA TYR D 354 14.28 35.84 -2.30
C TYR D 354 14.67 35.98 -0.84
N ALA D 355 15.96 35.86 -0.54
CA ALA D 355 16.39 35.96 0.85
C ALA D 355 16.19 37.36 1.39
N LYS D 356 16.47 38.39 0.58
CA LYS D 356 16.19 39.76 1.01
C LYS D 356 14.70 39.97 1.21
N SER D 357 13.88 39.43 0.30
CA SER D 357 12.44 39.58 0.43
C SER D 357 11.92 38.93 1.71
N LEU D 358 12.42 37.73 2.02
CA LEU D 358 12.02 37.06 3.25
C LEU D 358 12.52 37.81 4.48
N LYS D 359 13.73 38.36 4.40
CA LYS D 359 14.29 39.11 5.53
C LYS D 359 13.47 40.35 5.83
N GLU D 360 13.07 41.07 4.77
CA GLU D 360 12.33 42.33 4.97
C GLU D 360 10.97 42.08 5.61
N ASP E 10 13.78 24.02 34.15
CA ASP E 10 14.60 24.15 35.35
C ASP E 10 14.04 23.42 36.56
N LEU E 11 12.72 23.48 36.77
CA LEU E 11 12.13 22.93 37.99
C LEU E 11 12.26 21.41 38.02
N SER E 12 12.02 20.76 36.88
CA SER E 12 12.25 19.32 36.78
C SER E 12 13.69 18.95 37.05
N TYR E 13 14.65 19.75 36.59
CA TYR E 13 16.05 19.48 36.86
C TYR E 13 16.39 19.65 38.33
N LYS E 14 15.83 20.67 38.97
CA LYS E 14 16.04 20.85 40.40
C LYS E 14 15.51 19.66 41.18
N HIS E 15 14.31 19.20 40.85
CA HIS E 15 13.77 18.03 41.54
C HIS E 15 14.57 16.79 41.23
N ALA E 16 15.09 16.68 40.00
CA ALA E 16 15.93 15.53 39.66
C ALA E 16 17.21 15.51 40.48
N ILE E 17 17.81 16.67 40.71
CA ILE E 17 18.99 16.74 41.57
C ILE E 17 18.64 16.35 42.99
N LEU E 18 17.55 16.91 43.52
CA LEU E 18 17.19 16.62 44.91
C LEU E 18 16.85 15.15 45.11
N LYS E 19 16.12 14.56 44.16
CA LYS E 19 15.68 13.17 44.29
C LYS E 19 16.84 12.20 44.09
N GLU E 20 17.65 12.42 43.05
CA GLU E 20 18.76 11.52 42.73
C GLU E 20 19.98 11.88 43.58
N SER E 21 19.92 11.47 44.84
CA SER E 21 21.04 11.64 45.77
C SER E 21 21.47 10.27 46.26
N GLN E 22 22.76 9.99 46.15
CA GLN E 22 23.32 8.71 46.57
C GLN E 22 23.75 8.71 48.03
N TYR E 23 23.56 9.83 48.74
CA TYR E 23 24.05 10.00 50.10
C TYR E 23 22.89 10.29 51.03
N THR E 24 22.91 9.67 52.22
CA THR E 24 21.86 9.87 53.19
C THR E 24 22.33 10.81 54.29
N ILE E 25 21.46 11.72 54.68
CA ILE E 25 21.75 12.70 55.71
C ILE E 25 21.73 11.99 57.05
N LYS E 26 22.41 12.57 58.04
CA LYS E 26 22.42 12.05 59.39
C LYS E 26 22.24 13.20 60.36
N ARG E 27 21.21 13.12 61.21
CA ARG E 27 20.94 14.17 62.17
C ARG E 27 20.43 13.55 63.45
N ASP E 28 20.47 14.34 64.52
CA ASP E 28 20.05 13.88 65.84
C ASP E 28 20.82 12.63 66.25
N VAL E 29 22.12 12.62 65.95
CA VAL E 29 22.92 11.41 66.12
C VAL E 29 22.98 11.00 67.59
N GLY E 30 23.23 11.95 68.47
CA GLY E 30 23.41 11.63 69.88
C GLY E 30 22.15 11.75 70.70
N THR E 31 21.00 11.83 70.05
CA THR E 31 19.73 12.07 70.71
C THR E 31 18.96 10.77 70.87
N THR E 32 18.00 10.80 71.79
CA THR E 32 17.12 9.66 72.05
C THR E 32 15.70 10.16 72.24
N THR E 33 14.75 9.24 72.06
CA THR E 33 13.34 9.52 72.24
C THR E 33 12.66 8.33 72.90
N ALA E 34 11.45 8.54 73.37
CA ALA E 34 10.72 7.54 74.14
C ALA E 34 9.62 6.91 73.31
N VAL E 35 9.45 5.60 73.48
CA VAL E 35 8.28 4.90 72.97
C VAL E 35 7.74 4.03 74.08
N THR E 36 6.52 3.58 73.90
CA THR E 36 5.80 2.72 74.83
C THR E 36 5.33 1.47 74.10
N PRO E 37 5.70 0.28 74.56
CA PRO E 37 5.31 -0.94 73.86
C PRO E 37 3.81 -1.19 73.95
N SER E 38 3.31 -1.96 72.99
CA SER E 38 1.87 -2.25 72.96
C SER E 38 1.40 -2.92 74.24
N SER E 39 2.30 -3.62 74.93
CA SER E 39 1.93 -4.30 76.16
C SER E 39 1.49 -3.32 77.24
N LEU E 40 1.80 -2.04 77.08
CA LEU E 40 1.40 -1.01 78.03
C LEU E 40 0.23 -0.17 77.54
N GLN E 41 -0.42 -0.55 76.44
CA GLN E 41 -1.48 0.29 75.89
C GLN E 41 -2.59 0.51 76.90
N GLN E 42 -3.07 -0.57 77.53
CA GLN E 42 -4.12 -0.44 78.53
C GLN E 42 -3.72 0.51 79.65
N GLU E 43 -2.43 0.68 79.89
CA GLU E 43 -1.97 1.63 80.88
C GLU E 43 -1.94 3.05 80.31
N ILE E 44 -1.37 3.21 79.11
CA ILE E 44 -1.24 4.56 78.56
C ILE E 44 -2.62 5.16 78.32
N THR E 45 -3.58 4.34 77.94
CA THR E 45 -4.95 4.81 77.80
C THR E 45 -5.40 5.54 79.06
N LEU E 46 -5.19 4.93 80.22
CA LEU E 46 -5.55 5.58 81.47
C LEU E 46 -4.92 6.96 81.54
N LEU E 47 -3.61 7.04 81.31
CA LEU E 47 -2.94 8.33 81.36
C LEU E 47 -3.54 9.29 80.35
N CYS E 48 -3.77 8.81 79.12
CA CYS E 48 -4.28 9.68 78.08
C CYS E 48 -5.67 10.20 78.39
N GLY E 49 -6.35 9.60 79.36
CA GLY E 49 -7.67 10.05 79.74
C GLY E 49 -7.65 10.83 81.03
N GLU E 50 -6.64 10.59 81.85
CA GLU E 50 -6.52 11.36 83.08
C GLU E 50 -6.03 12.77 82.82
N ILE E 51 -5.65 13.05 81.57
CA ILE E 51 -5.38 14.41 81.13
C ILE E 51 -6.68 15.11 80.75
N LEU E 52 -7.76 14.35 80.53
CA LEU E 52 -8.90 14.95 79.85
C LEU E 52 -10.00 15.36 80.82
N TYR E 53 -10.18 14.67 81.94
CA TYR E 53 -11.37 15.04 82.72
C TYR E 53 -11.01 15.82 83.97
N ALA E 54 -9.75 16.16 84.16
CA ALA E 54 -9.32 16.93 85.30
C ALA E 54 -8.70 18.25 84.84
N LYS E 55 -8.63 19.20 85.74
CA LYS E 55 -8.13 20.54 85.44
C LYS E 55 -6.71 20.65 85.98
N HIS E 56 -5.74 20.53 85.08
CA HIS E 56 -4.34 20.42 85.45
C HIS E 56 -3.63 21.76 85.31
N ALA E 57 -2.74 22.05 86.26
CA ALA E 57 -1.95 23.26 86.19
C ALA E 57 -0.97 23.21 85.03
N ASP E 58 -0.33 22.07 84.81
CA ASP E 58 0.68 21.91 83.77
C ASP E 58 0.22 20.85 82.78
N TYR E 59 0.11 21.24 81.51
CA TYR E 59 -0.24 20.35 80.41
C TYR E 59 0.95 20.15 79.48
N LYS E 60 2.15 20.01 80.05
CA LYS E 60 3.37 20.18 79.25
C LYS E 60 3.63 18.99 78.34
N TYR E 61 3.36 17.78 78.82
CA TYR E 61 3.71 16.57 78.09
C TYR E 61 2.50 15.80 77.58
N ALA E 62 1.36 16.47 77.39
CA ALA E 62 0.21 15.77 76.84
C ALA E 62 0.48 15.26 75.45
N ALA E 63 1.22 16.03 74.64
CA ALA E 63 1.57 15.59 73.31
C ALA E 63 2.45 14.35 73.34
N GLU E 64 3.39 14.29 74.27
CA GLU E 64 4.23 13.10 74.39
C GLU E 64 3.39 11.89 74.78
N ILE E 65 2.35 12.08 75.60
CA ILE E 65 1.49 10.96 75.94
C ILE E 65 0.66 10.50 74.75
N GLY E 66 0.19 11.42 73.92
CA GLY E 66 -0.47 11.02 72.69
C GLY E 66 0.45 10.23 71.77
N ILE E 67 1.69 10.70 71.65
CA ILE E 67 2.65 9.99 70.82
C ILE E 67 3.00 8.64 71.45
N GLN E 68 2.99 8.54 72.77
CA GLN E 68 3.18 7.25 73.42
C GLN E 68 2.06 6.29 73.04
N TYR E 69 0.82 6.77 73.02
CA TYR E 69 -0.27 5.90 72.59
C TYR E 69 -0.09 5.48 71.14
N ILE E 70 0.37 6.39 70.29
CA ILE E 70 0.65 6.03 68.89
C ILE E 70 1.69 4.91 68.84
N SER E 71 2.72 5.02 69.67
CA SER E 71 3.76 3.99 69.73
C SER E 71 3.22 2.66 70.20
N THR E 72 2.27 2.67 71.15
CA THR E 72 1.63 1.41 71.54
C THR E 72 0.84 0.83 70.37
N ALA E 73 0.17 1.69 69.61
CA ALA E 73 -0.66 1.21 68.51
C ALA E 73 0.18 0.58 67.41
N LEU E 74 1.21 1.30 66.95
CA LEU E 74 2.04 0.78 65.85
C LEU E 74 2.99 -0.30 66.32
N GLY E 75 3.52 -0.16 67.52
CA GLY E 75 4.52 -1.05 68.06
C GLY E 75 5.86 -0.34 68.18
N SER E 76 6.66 -0.78 69.14
CA SER E 76 7.95 -0.13 69.38
C SER E 76 8.88 -0.30 68.19
N GLU E 77 8.98 -1.50 67.63
CA GLU E 77 9.91 -1.74 66.53
C GLU E 77 9.50 -0.99 65.27
N ARG E 78 8.20 -1.01 64.95
CA ARG E 78 7.72 -0.25 63.80
C ARG E 78 7.95 1.25 64.00
N VAL E 79 7.83 1.71 65.23
CA VAL E 79 8.04 3.13 65.50
C VAL E 79 9.51 3.50 65.35
N GLN E 80 10.41 2.63 65.82
CA GLN E 80 11.83 2.84 65.59
C GLN E 80 12.16 2.88 64.11
N GLN E 81 11.58 1.96 63.34
CA GLN E 81 11.79 1.96 61.89
C GLN E 81 11.26 3.24 61.25
N ILE E 82 10.10 3.71 61.70
CA ILE E 82 9.53 4.94 61.17
C ILE E 82 10.46 6.12 61.44
N LEU E 83 10.98 6.21 62.66
CA LEU E 83 11.90 7.29 63.00
C LEU E 83 13.18 7.20 62.18
N ARG E 84 13.69 5.99 61.95
CA ARG E 84 14.90 5.80 61.16
C ARG E 84 14.71 6.20 59.69
N ASN E 85 13.59 5.82 59.07
CA ASN E 85 13.36 6.18 57.68
C ASN E 85 12.93 7.62 57.49
N SER E 86 12.77 8.38 58.57
CA SER E 86 12.42 9.80 58.46
C SER E 86 13.65 10.69 58.39
N GLY E 87 14.84 10.11 58.29
CA GLY E 87 16.07 10.88 58.22
C GLY E 87 16.65 11.27 59.55
N SER E 88 16.14 10.73 60.65
CA SER E 88 16.57 11.10 61.99
C SER E 88 17.11 9.86 62.69
N GLU E 89 18.32 9.96 63.23
CA GLU E 89 18.99 8.85 63.91
C GLU E 89 18.77 8.93 65.42
N VAL E 90 17.50 9.04 65.80
CA VAL E 90 17.10 9.06 67.20
C VAL E 90 17.02 7.62 67.69
N GLN E 91 17.67 7.35 68.81
CA GLN E 91 17.61 6.03 69.40
C GLN E 91 16.42 5.92 70.33
N VAL E 92 15.51 5.03 69.98
CA VAL E 92 14.30 4.76 70.76
C VAL E 92 14.69 4.25 72.14
N VAL E 93 14.02 4.79 73.16
CA VAL E 93 14.13 4.30 74.53
C VAL E 93 12.77 3.74 74.94
N LEU E 94 12.76 2.53 75.47
CA LEU E 94 11.52 1.88 75.83
C LEU E 94 10.93 2.49 77.10
N THR E 95 9.70 2.10 77.40
CA THR E 95 8.96 2.60 78.56
C THR E 95 8.83 1.48 79.59
N ARG E 96 8.98 1.84 80.85
CA ARG E 96 8.90 0.89 81.95
C ARG E 96 7.81 1.33 82.92
N THR E 97 7.52 0.45 83.87
CA THR E 97 6.50 0.71 84.88
C THR E 97 7.15 0.69 86.26
N TYR E 98 6.52 1.38 87.21
CA TYR E 98 7.01 1.41 88.57
C TYR E 98 5.85 1.64 89.52
N SER E 99 6.09 1.37 90.80
CA SER E 99 5.06 1.50 91.81
C SER E 99 5.34 2.67 92.76
N GLN E 112 0.12 0.70 89.45
CA GLN E 112 1.41 1.07 88.88
C GLN E 112 1.29 2.25 87.93
N MET E 113 2.42 2.90 87.66
CA MET E 113 2.50 4.07 86.79
C MET E 113 3.64 3.88 85.80
N LEU E 114 3.74 4.81 84.86
CA LEU E 114 4.68 4.74 83.76
C LEU E 114 5.86 5.67 84.00
N ASP E 115 7.05 5.22 83.60
CA ASP E 115 8.27 6.02 83.62
C ASP E 115 8.68 6.20 82.15
N ILE E 116 8.14 7.23 81.53
CA ILE E 116 8.40 7.52 80.13
C ILE E 116 9.65 8.38 80.02
N HIS E 117 10.52 8.04 79.08
CA HIS E 117 11.79 8.74 78.94
C HIS E 117 11.56 10.16 78.43
N GLY E 118 12.17 11.13 79.09
CA GLY E 118 11.96 12.52 78.76
C GLY E 118 10.72 13.13 79.34
N VAL E 119 9.91 12.34 80.04
CA VAL E 119 8.72 12.82 80.75
C VAL E 119 8.99 12.63 82.23
N GLU E 120 9.02 13.74 82.97
CA GLU E 120 9.36 13.67 84.38
C GLU E 120 8.31 12.90 85.16
N LYS E 121 8.78 12.04 86.07
CA LYS E 121 7.85 11.24 86.87
C LYS E 121 6.99 12.13 87.76
N SER E 122 7.50 13.30 88.13
CA SER E 122 6.68 14.24 88.89
C SER E 122 5.44 14.64 88.11
N TRP E 123 5.59 14.87 86.79
CA TRP E 123 4.45 15.24 85.96
C TRP E 123 3.41 14.12 85.93
N VAL E 124 3.85 12.88 85.71
CA VAL E 124 2.91 11.76 85.66
C VAL E 124 2.20 11.60 86.99
N GLU E 125 2.94 11.71 88.10
CA GLU E 125 2.30 11.60 89.41
C GLU E 125 1.30 12.73 89.63
N GLU E 126 1.63 13.96 89.20
CA GLU E 126 0.72 15.08 89.35
C GLU E 126 -0.56 14.86 88.56
N ILE E 127 -0.44 14.41 87.31
CA ILE E 127 -1.64 14.18 86.50
C ILE E 127 -2.50 13.09 87.12
N ASP E 128 -1.87 11.99 87.54
CA ASP E 128 -2.64 10.90 88.13
C ASP E 128 -3.34 11.35 89.41
N LYS E 129 -2.62 12.08 90.28
CA LYS E 129 -3.22 12.51 91.53
C LYS E 129 -4.35 13.50 91.30
N GLU E 130 -4.17 14.43 90.36
CA GLU E 130 -5.23 15.39 90.06
C GLU E 130 -6.47 14.69 89.55
N ALA E 131 -6.29 13.70 88.65
CA ALA E 131 -7.45 12.97 88.15
C ALA E 131 -8.13 12.16 89.24
N ARG E 132 -7.34 11.52 90.11
CA ARG E 132 -7.95 10.74 91.19
C ARG E 132 -8.72 11.64 92.15
N LYS E 133 -8.17 12.81 92.48
CA LYS E 133 -8.87 13.73 93.36
C LYS E 133 -10.15 14.25 92.73
N THR E 134 -10.11 14.60 91.44
CA THR E 134 -11.34 15.03 90.77
C THR E 134 -12.37 13.92 90.73
N MET E 135 -11.93 12.68 90.47
CA MET E 135 -12.88 11.58 90.45
C MET E 135 -13.51 11.36 91.82
N ALA E 136 -12.71 11.45 92.88
CA ALA E 136 -13.24 11.31 94.22
C ALA E 136 -14.24 12.42 94.54
N THR E 137 -13.93 13.64 94.13
CA THR E 137 -14.84 14.77 94.39
C THR E 137 -16.15 14.62 93.62
N LEU E 138 -16.08 14.20 92.36
CA LEU E 138 -17.30 14.00 91.57
C LEU E 138 -18.03 12.72 91.92
N LEU E 139 -17.42 11.83 92.70
CA LEU E 139 -18.14 10.65 93.16
C LEU E 139 -18.75 10.85 94.54
N LYS E 140 -18.06 11.57 95.42
CA LYS E 140 -18.56 11.80 96.77
C LYS E 140 -19.78 12.72 96.76
N GLU E 141 -19.69 13.84 96.05
CA GLU E 141 -20.80 14.78 96.04
C GLU E 141 -21.96 14.26 95.21
N SER E 142 -21.68 13.73 94.02
CA SER E 142 -22.74 13.34 93.11
C SER E 142 -23.41 12.05 93.56
N SER E 143 -24.31 11.56 92.73
CA SER E 143 -25.14 10.40 93.06
C SER E 143 -24.47 9.07 92.70
N GLY E 144 -23.22 9.09 92.26
CA GLY E 144 -22.53 7.87 91.92
C GLY E 144 -23.09 7.13 90.73
N ASN E 145 -23.39 7.85 89.64
CA ASN E 145 -23.89 7.21 88.43
C ASN E 145 -22.98 7.55 87.25
N ILE E 146 -21.68 7.43 87.45
CA ILE E 146 -20.72 7.78 86.38
C ILE E 146 -20.87 6.80 85.23
N PRO E 147 -21.20 7.26 84.03
CA PRO E 147 -21.35 6.35 82.90
C PRO E 147 -20.01 5.80 82.43
N GLN E 148 -20.09 4.89 81.46
CA GLN E 148 -18.89 4.19 81.01
C GLN E 148 -18.01 5.09 80.17
N ASN E 149 -18.56 6.18 79.63
CA ASN E 149 -17.77 7.04 78.77
C ASN E 149 -17.15 8.20 79.54
N GLN E 150 -17.61 8.44 80.77
CA GLN E 150 -17.12 9.59 81.50
C GLN E 150 -15.89 9.29 82.35
N ARG E 151 -15.46 8.03 82.41
CA ARG E 151 -14.32 7.68 83.26
C ARG E 151 -13.01 7.79 82.48
N PRO E 152 -11.89 8.03 83.18
CA PRO E 152 -10.60 8.17 82.48
C PRO E 152 -10.16 6.95 81.70
N SER E 153 -10.52 5.75 82.14
CA SER E 153 -10.10 4.53 81.49
C SER E 153 -10.91 4.22 80.24
N ALA E 154 -11.64 5.19 79.70
CA ALA E 154 -12.35 4.97 78.46
C ALA E 154 -11.34 4.72 77.33
N PRO E 155 -11.67 3.85 76.39
CA PRO E 155 -10.69 3.48 75.36
C PRO E 155 -10.56 4.46 74.22
N ASP E 156 -11.44 5.46 74.11
CA ASP E 156 -11.28 6.49 73.08
C ASP E 156 -10.64 7.76 73.60
N THR E 157 -10.28 7.82 74.89
CA THR E 157 -9.59 9.00 75.40
C THR E 157 -8.25 9.28 74.71
N PRO E 158 -7.38 8.28 74.45
CA PRO E 158 -6.17 8.61 73.69
C PRO E 158 -6.48 9.16 72.32
N ILE E 159 -7.54 8.69 71.67
CA ILE E 159 -7.92 9.24 70.37
C ILE E 159 -8.52 10.63 70.53
N ILE E 160 -9.19 10.89 71.65
CA ILE E 160 -9.70 12.24 71.89
C ILE E 160 -8.55 13.24 72.05
N LEU E 161 -7.50 12.86 72.77
CA LEU E 161 -6.32 13.71 72.85
C LEU E 161 -5.63 13.86 71.50
N LEU E 162 -5.51 12.77 70.75
CA LEU E 162 -4.92 12.85 69.43
C LEU E 162 -5.78 13.63 68.46
N CYS E 163 -7.06 13.84 68.77
CA CYS E 163 -7.90 14.69 67.92
C CYS E 163 -7.56 16.16 68.09
N VAL E 164 -7.31 16.59 69.33
CA VAL E 164 -6.74 17.94 69.53
C VAL E 164 -5.39 18.04 68.84
N GLY E 165 -4.58 16.99 68.95
CA GLY E 165 -3.32 16.97 68.22
C GLY E 165 -3.46 17.07 66.72
N ALA E 166 -4.47 16.43 66.15
CA ALA E 166 -4.70 16.51 64.70
C ALA E 166 -5.27 17.84 64.30
N LEU E 167 -6.06 18.48 65.16
CA LEU E 167 -6.54 19.83 64.87
C LEU E 167 -5.38 20.81 64.82
N ILE E 168 -4.45 20.71 65.76
CA ILE E 168 -3.29 21.60 65.74
C ILE E 168 -2.29 21.14 64.69
N PHE E 169 -2.42 19.90 64.20
CA PHE E 169 -1.58 19.42 63.11
C PHE E 169 -1.92 20.11 61.79
N THR E 170 -3.22 20.36 61.55
CA THR E 170 -3.62 21.00 60.31
C THR E 170 -3.12 22.43 60.22
N LYS E 171 -2.68 23.01 61.34
CA LYS E 171 -2.21 24.39 61.39
C LYS E 171 -0.72 24.45 61.69
N LEU E 172 0.08 23.56 61.13
CA LEU E 172 1.52 23.60 61.37
C LEU E 172 2.21 24.51 60.36
N ALA E 173 1.60 24.73 59.20
CA ALA E 173 2.12 25.70 58.25
C ALA E 173 1.79 27.12 58.68
N SER E 174 0.71 27.29 59.43
CA SER E 174 0.32 28.59 59.92
C SER E 174 1.16 28.99 61.12
N THR E 175 0.77 30.08 61.78
CA THR E 175 1.48 30.55 62.95
C THR E 175 0.93 29.89 64.21
N ILE E 176 1.58 30.18 65.34
CA ILE E 176 1.18 29.58 66.61
C ILE E 176 -0.15 30.15 67.09
N GLU E 177 -0.32 31.47 67.03
CA GLU E 177 -1.53 32.08 67.57
C GLU E 177 -2.74 31.73 66.72
N VAL E 178 -2.59 31.78 65.39
CA VAL E 178 -3.68 31.36 64.51
C VAL E 178 -3.99 29.89 64.72
N GLY E 179 -2.95 29.06 64.87
CA GLY E 179 -3.19 27.65 65.10
C GLY E 179 -3.96 27.37 66.37
N LEU E 180 -3.59 28.04 67.47
CA LEU E 180 -4.28 27.82 68.74
C LEU E 180 -5.73 28.33 68.68
N GLU E 181 -5.93 29.53 68.11
CA GLU E 181 -7.27 30.06 68.00
C GLU E 181 -8.17 29.15 67.17
N THR E 182 -7.65 28.70 66.02
CA THR E 182 -8.41 27.82 65.16
C THR E 182 -8.67 26.48 65.83
N THR E 183 -7.69 25.95 66.56
CA THR E 183 -7.88 24.68 67.25
C THR E 183 -9.01 24.78 68.26
N VAL E 184 -9.02 25.84 69.07
CA VAL E 184 -10.07 25.97 70.07
C VAL E 184 -11.43 26.16 69.40
N ARG E 185 -11.49 27.02 68.37
CA ARG E 185 -12.75 27.29 67.70
C ARG E 185 -13.32 26.03 67.07
N ARG E 186 -12.48 25.25 66.39
CA ARG E 186 -12.94 24.06 65.72
C ARG E 186 -13.20 22.92 66.68
N ALA E 187 -12.52 22.91 67.83
CA ALA E 187 -12.70 21.82 68.77
C ALA E 187 -13.95 22.00 69.60
N ASN E 188 -14.44 23.23 69.73
CA ASN E 188 -15.74 23.38 70.40
C ASN E 188 -16.88 22.74 69.61
N ARG E 189 -16.69 22.42 68.34
CA ARG E 189 -17.73 21.81 67.51
C ARG E 189 -17.38 20.41 67.05
N VAL E 190 -16.15 20.20 66.57
CA VAL E 190 -15.69 18.88 66.17
C VAL E 190 -15.69 17.93 67.36
N LEU E 191 -15.18 18.38 68.51
CA LEU E 191 -15.07 17.57 69.71
C LEU E 191 -16.13 17.93 70.73
N SER E 192 -17.37 18.20 70.29
CA SER E 192 -18.41 18.56 71.25
C SER E 192 -18.76 17.39 72.16
N ASP E 193 -18.83 16.18 71.61
CA ASP E 193 -19.23 15.03 72.41
C ASP E 193 -18.20 14.73 73.50
N ALA E 194 -16.92 14.80 73.17
CA ALA E 194 -15.89 14.60 74.19
C ALA E 194 -15.94 15.69 75.24
N LEU E 195 -16.20 16.94 74.82
CA LEU E 195 -16.34 18.03 75.78
C LEU E 195 -17.53 17.80 76.72
N LYS E 196 -18.63 17.27 76.20
CA LYS E 196 -19.76 16.92 77.06
C LYS E 196 -19.36 15.80 78.03
N ARG E 197 -18.65 14.78 77.53
CA ARG E 197 -18.21 13.69 78.39
C ARG E 197 -17.20 14.18 79.43
N TYR E 198 -16.26 15.01 79.03
CA TYR E 198 -15.26 15.57 79.92
C TYR E 198 -15.43 17.08 79.98
N PRO E 199 -16.25 17.60 80.89
CA PRO E 199 -16.49 19.06 80.91
C PRO E 199 -15.22 19.87 81.06
N ARG E 200 -14.23 19.36 81.78
CA ARG E 200 -13.02 20.13 82.07
C ARG E 200 -11.84 19.50 81.32
N MET E 201 -11.77 19.80 80.03
CA MET E 201 -10.61 19.47 79.19
C MET E 201 -10.17 20.75 78.52
N ASP E 202 -8.90 21.11 78.69
CA ASP E 202 -8.42 22.42 78.28
C ASP E 202 -7.79 22.27 76.90
N ILE E 203 -8.61 22.44 75.87
CA ILE E 203 -8.11 22.39 74.50
C ILE E 203 -6.99 23.38 74.25
N PRO E 204 -7.02 24.62 74.77
CA PRO E 204 -5.88 25.52 74.54
C PRO E 204 -4.54 24.97 75.02
N LYS E 205 -4.45 24.46 76.25
CA LYS E 205 -3.15 24.01 76.76
C LYS E 205 -2.68 22.73 76.08
N ILE E 206 -3.60 21.81 75.81
CA ILE E 206 -3.23 20.59 75.10
C ILE E 206 -2.78 20.93 73.68
N ALA E 207 -3.45 21.88 73.04
CA ALA E 207 -3.04 22.29 71.70
C ALA E 207 -1.67 22.95 71.72
N ARG E 208 -1.40 23.76 72.73
CA ARG E 208 -0.07 24.33 72.90
C ARG E 208 0.99 23.25 73.08
N SER E 209 0.68 22.23 73.87
CA SER E 209 1.61 21.12 74.06
C SER E 209 1.89 20.40 72.75
N PHE E 210 0.84 20.17 71.96
CA PHE E 210 1.04 19.48 70.69
C PHE E 210 1.83 20.33 69.71
N TYR E 211 1.59 21.63 69.69
CA TYR E 211 2.38 22.50 68.82
C TYR E 211 3.84 22.50 69.22
N ASP E 212 4.11 22.54 70.52
CA ASP E 212 5.48 22.45 71.00
C ASP E 212 6.14 21.14 70.60
N LEU E 213 5.44 20.03 70.74
CA LEU E 213 6.01 18.75 70.33
C LEU E 213 6.33 18.73 68.84
N PHE E 214 5.39 19.20 68.02
CA PHE E 214 5.59 19.15 66.58
C PHE E 214 6.74 20.05 66.16
N GLU E 215 6.94 21.17 66.86
CA GLU E 215 8.05 22.05 66.50
C GLU E 215 9.39 21.48 66.97
N GLN E 216 9.45 20.97 68.20
CA GLN E 216 10.73 20.49 68.74
C GLN E 216 11.16 19.19 68.05
N LYS E 217 10.34 18.16 68.13
CA LYS E 217 10.64 16.86 67.55
C LYS E 217 9.94 16.75 66.21
N VAL E 218 10.68 16.99 65.12
CA VAL E 218 10.12 16.97 63.78
C VAL E 218 9.89 15.55 63.27
N TYR E 219 10.61 14.56 63.78
CA TYR E 219 10.35 13.18 63.41
C TYR E 219 9.00 12.69 63.91
N HIS E 220 8.45 13.33 64.94
CA HIS E 220 7.12 12.97 65.43
C HIS E 220 6.03 13.39 64.47
N ARG E 221 6.30 14.36 63.58
CA ARG E 221 5.39 14.58 62.47
C ARG E 221 5.30 13.36 61.58
N SER E 222 6.45 12.73 61.28
CA SER E 222 6.44 11.49 60.51
C SER E 222 5.74 10.37 61.26
N LEU E 223 5.97 10.25 62.56
CA LEU E 223 5.26 9.24 63.34
C LEU E 223 3.75 9.47 63.32
N PHE E 224 3.33 10.73 63.44
CA PHE E 224 1.92 11.07 63.49
C PHE E 224 1.26 10.80 62.13
N ILE E 225 1.98 11.07 61.04
CA ILE E 225 1.49 10.74 59.72
C ILE E 225 1.39 9.23 59.52
N GLU E 226 2.37 8.49 60.03
CA GLU E 226 2.30 7.03 59.92
C GLU E 226 1.12 6.47 60.71
N TYR E 227 0.81 7.06 61.86
CA TYR E 227 -0.39 6.65 62.57
C TYR E 227 -1.64 6.98 61.76
N GLY E 228 -1.67 8.15 61.13
CA GLY E 228 -2.81 8.49 60.29
C GLY E 228 -3.02 7.49 59.17
N LYS E 229 -1.93 7.05 58.54
CA LYS E 229 -2.03 6.06 57.47
C LYS E 229 -2.45 4.69 58.02
N ALA E 230 -1.84 4.27 59.12
CA ALA E 230 -2.16 2.96 59.69
C ALA E 230 -3.58 2.92 60.23
N LEU E 231 -4.16 4.07 60.53
CA LEU E 231 -5.55 4.17 60.97
C LEU E 231 -6.51 4.24 59.79
N GLY E 232 -6.21 5.05 58.78
CA GLY E 232 -7.06 5.10 57.61
C GLY E 232 -7.10 3.79 56.85
N SER E 233 -6.01 3.03 56.87
CA SER E 233 -5.97 1.75 56.19
C SER E 233 -6.70 0.65 56.96
N SER E 234 -7.13 0.91 58.19
CA SER E 234 -7.78 -0.11 59.00
C SER E 234 -9.14 -0.48 58.41
N SER E 235 -9.54 -1.73 58.66
CA SER E 235 -10.82 -2.22 58.17
C SER E 235 -11.99 -1.71 59.00
N THR E 236 -11.80 -1.51 60.30
CA THR E 236 -12.83 -1.01 61.20
C THR E 236 -12.23 0.06 62.09
N GLY E 237 -13.11 0.86 62.69
CA GLY E 237 -12.67 1.87 63.63
C GLY E 237 -13.86 2.46 64.37
N SER E 238 -13.55 3.05 65.51
CA SER E 238 -14.58 3.73 66.30
C SER E 238 -14.83 5.10 65.70
N LYS E 239 -15.79 5.82 66.27
CA LYS E 239 -16.09 7.16 65.76
C LYS E 239 -14.96 8.13 66.07
N ALA E 240 -14.23 7.91 67.16
CA ALA E 240 -13.07 8.74 67.47
C ALA E 240 -12.00 8.60 66.40
N GLU E 241 -11.72 7.36 65.96
CA GLU E 241 -10.69 7.15 64.96
C GLU E 241 -11.13 7.66 63.60
N SER E 242 -12.43 7.56 63.29
CA SER E 242 -12.93 8.13 62.06
C SER E 242 -12.82 9.65 62.08
N LEU E 243 -13.10 10.28 63.22
CA LEU E 243 -12.91 11.72 63.35
C LEU E 243 -11.45 12.11 63.19
N PHE E 244 -10.55 11.35 63.82
CA PHE E 244 -9.13 11.64 63.69
C PHE E 244 -8.70 11.56 62.25
N VAL E 245 -9.16 10.55 61.52
CA VAL E 245 -8.77 10.43 60.12
C VAL E 245 -9.38 11.56 59.29
N ASN E 246 -10.59 11.99 59.62
CA ASN E 246 -11.20 13.11 58.91
C ASN E 246 -10.34 14.37 59.06
N ILE E 247 -9.91 14.66 60.29
CA ILE E 247 -9.07 15.85 60.51
C ILE E 247 -7.71 15.69 59.86
N PHE E 248 -7.11 14.50 59.98
CA PHE E 248 -5.82 14.24 59.39
C PHE E 248 -5.87 14.47 57.88
N MET E 249 -6.96 14.06 57.23
CA MET E 249 -7.08 14.31 55.79
C MET E 249 -7.40 15.76 55.50
N GLN E 250 -8.05 16.46 56.43
CA GLN E 250 -8.21 17.90 56.26
C GLN E 250 -6.87 18.61 56.31
N ALA E 251 -5.85 17.97 56.87
CA ALA E 251 -4.52 18.57 56.88
C ALA E 251 -3.72 18.31 55.62
N TYR E 252 -4.26 17.62 54.61
CA TYR E 252 -3.43 17.06 53.56
C TYR E 252 -2.70 18.14 52.76
N GLY E 253 -3.43 19.11 52.24
CA GLY E 253 -2.78 20.11 51.42
C GLY E 253 -2.18 21.27 52.17
N ALA E 254 -1.63 21.02 53.37
CA ALA E 254 -1.13 22.11 54.19
C ALA E 254 0.10 22.73 53.56
N GLY E 255 0.19 24.05 53.63
CA GLY E 255 1.31 24.78 53.08
C GLY E 255 1.26 24.99 51.59
N GLN E 256 0.19 24.60 50.92
CA GLN E 256 0.08 24.73 49.46
C GLN E 256 -1.30 25.20 49.07
N THR E 257 -1.86 26.18 49.79
CA THR E 257 -3.19 26.64 49.42
C THR E 257 -3.18 27.43 48.13
N MET E 258 -2.02 27.90 47.69
CA MET E 258 -1.96 28.64 46.43
C MET E 258 -2.21 27.72 45.24
N LEU E 259 -1.74 26.47 45.29
CA LEU E 259 -2.03 25.54 44.21
C LEU E 259 -3.51 25.19 44.15
N ARG E 260 -4.12 24.96 45.32
CA ARG E 260 -5.55 24.69 45.36
C ARG E 260 -6.35 25.87 44.84
N TRP E 261 -5.94 27.09 45.21
CA TRP E 261 -6.64 28.26 44.70
C TRP E 261 -6.36 28.49 43.22
N GLY E 262 -5.21 28.03 42.72
CA GLY E 262 -4.96 28.12 41.29
C GLY E 262 -5.87 27.21 40.48
N VAL E 263 -6.05 25.97 40.93
CA VAL E 263 -6.98 25.10 40.22
C VAL E 263 -8.40 25.62 40.41
N ILE E 264 -8.70 26.26 41.55
CA ILE E 264 -10.00 26.90 41.71
C ILE E 264 -10.19 28.01 40.69
N ALA E 265 -9.17 28.84 40.48
CA ALA E 265 -9.26 29.92 39.51
C ALA E 265 -9.46 29.37 38.10
N ARG E 266 -8.75 28.30 37.76
CA ARG E 266 -8.95 27.69 36.45
C ARG E 266 -10.36 27.13 36.31
N SER E 267 -10.91 26.56 37.38
CA SER E 267 -12.29 26.08 37.33
C SER E 267 -13.27 27.23 37.21
N SER E 268 -12.95 28.39 37.75
CA SER E 268 -13.83 29.55 37.69
C SER E 268 -13.80 30.24 36.33
N ASN E 269 -12.85 29.88 35.47
CA ASN E 269 -12.72 30.49 34.14
C ASN E 269 -12.59 32.01 34.26
N ASN E 270 -11.64 32.44 35.08
CA ASN E 270 -11.41 33.86 35.29
C ASN E 270 -10.82 34.47 34.03
N ILE E 271 -11.37 35.61 33.60
CA ILE E 271 -10.94 36.21 32.34
C ILE E 271 -9.51 36.73 32.45
N MET E 272 -9.14 37.23 33.63
CA MET E 272 -7.80 37.77 33.78
C MET E 272 -6.73 36.70 33.73
N LEU E 273 -7.10 35.42 33.73
CA LEU E 273 -6.12 34.38 33.43
C LEU E 273 -5.60 34.46 32.01
N GLY E 274 -6.36 35.07 31.10
CA GLY E 274 -5.98 35.29 29.72
C GLY E 274 -5.18 36.55 29.47
N HIS E 275 -4.83 37.29 30.52
CA HIS E 275 -3.99 38.46 30.38
C HIS E 275 -2.63 38.07 29.79
N VAL E 276 -1.88 39.08 29.35
CA VAL E 276 -0.61 38.80 28.68
C VAL E 276 0.39 38.18 29.64
N SER E 277 0.53 38.77 30.84
CA SER E 277 1.54 38.29 31.77
C SER E 277 1.17 36.94 32.38
N VAL E 278 -0.13 36.74 32.65
CA VAL E 278 -0.57 35.44 33.15
C VAL E 278 -0.27 34.37 32.11
N GLN E 279 -0.58 34.64 30.84
CA GLN E 279 -0.29 33.67 29.79
C GLN E 279 1.20 33.50 29.61
N ALA E 280 1.99 34.52 29.97
CA ALA E 280 3.44 34.39 29.92
C ALA E 280 3.94 33.41 30.97
N GLU E 281 3.37 33.46 32.18
CA GLU E 281 3.83 32.62 33.28
C GLU E 281 3.15 31.26 33.34
N LEU E 282 2.10 31.04 32.54
CA LEU E 282 1.37 29.77 32.57
C LEU E 282 2.26 28.58 32.27
N LYS E 283 3.30 28.74 31.46
CA LYS E 283 4.18 27.60 31.17
C LYS E 283 4.85 27.07 32.43
N GLN E 284 5.49 27.94 33.20
CA GLN E 284 6.18 27.44 34.38
C GLN E 284 5.19 27.09 35.49
N VAL E 285 4.02 27.72 35.49
CA VAL E 285 2.95 27.28 36.40
C VAL E 285 2.58 25.83 36.13
N THR E 286 2.35 25.49 34.87
CA THR E 286 2.08 24.11 34.52
C THR E 286 3.27 23.23 34.84
N GLU E 287 4.48 23.77 34.80
CA GLU E 287 5.64 23.00 35.24
C GLU E 287 5.54 22.64 36.71
N VAL E 288 5.11 23.59 37.54
CA VAL E 288 4.95 23.30 38.97
C VAL E 288 3.90 22.20 39.17
N TYR E 289 2.79 22.30 38.44
CA TYR E 289 1.75 21.29 38.58
C TYR E 289 2.23 19.92 38.11
N ASP E 290 3.03 19.89 37.04
CA ASP E 290 3.62 18.64 36.58
C ASP E 290 4.53 18.05 37.63
N LEU E 291 5.29 18.90 38.33
CA LEU E 291 6.14 18.42 39.41
C LEU E 291 5.30 17.85 40.55
N VAL E 292 4.16 18.49 40.83
CA VAL E 292 3.23 17.95 41.81
C VAL E 292 2.81 16.55 41.44
N ARG E 293 2.39 16.36 40.19
CA ARG E 293 1.99 15.03 39.73
C ARG E 293 3.15 14.04 39.79
N GLU E 294 4.35 14.51 39.48
CA GLU E 294 5.52 13.64 39.49
C GLU E 294 5.82 13.11 40.88
N MET E 295 5.78 13.99 41.89
CA MET E 295 5.95 13.50 43.26
C MET E 295 4.80 12.59 43.68
N GLY E 296 3.58 12.96 43.34
CA GLY E 296 2.45 12.08 43.57
C GLY E 296 1.81 12.23 44.93
N PRO E 297 1.42 11.10 45.54
CA PRO E 297 0.64 11.17 46.78
C PRO E 297 1.37 11.81 47.94
N GLU E 298 2.68 11.67 48.03
CA GLU E 298 3.42 12.21 49.15
C GLU E 298 3.71 13.69 49.01
N SER E 299 3.29 14.32 47.91
CA SER E 299 3.55 15.74 47.73
C SER E 299 2.79 16.58 48.74
N GLY E 300 1.57 16.18 49.08
CA GLY E 300 0.77 16.96 50.01
C GLY E 300 1.35 17.03 51.40
N LEU E 301 2.06 15.98 51.81
CA LEU E 301 2.64 15.92 53.14
C LEU E 301 4.02 16.56 53.22
N LEU E 302 4.44 17.29 52.19
CA LEU E 302 5.79 17.86 52.19
C LEU E 302 5.92 18.98 53.21
N HIS E 303 4.98 19.91 53.22
CA HIS E 303 5.02 21.00 54.17
C HIS E 303 4.64 20.57 55.57
N LEU E 304 3.76 19.58 55.71
CA LEU E 304 3.43 19.05 57.02
C LEU E 304 4.66 18.42 57.68
N ARG E 305 5.43 17.68 56.90
CA ARG E 305 6.65 17.04 57.38
C ARG E 305 7.83 18.00 57.49
N GLN E 306 7.67 19.24 57.04
CA GLN E 306 8.80 20.14 56.82
C GLN E 306 9.88 19.47 55.98
N SER E 307 9.47 18.77 54.94
CA SER E 307 10.42 18.19 54.02
C SER E 307 11.17 19.33 53.35
N PRO E 308 12.51 19.32 53.35
CA PRO E 308 13.26 20.42 52.75
C PRO E 308 12.97 20.56 51.26
N LYS E 309 12.52 19.47 50.65
CA LYS E 309 12.10 19.47 49.26
C LYS E 309 10.89 20.36 49.01
N ALA E 310 10.11 20.69 50.04
CA ALA E 310 9.06 21.66 49.89
C ALA E 310 9.66 23.03 49.56
N GLY E 311 8.92 23.81 48.81
CA GLY E 311 9.43 25.02 48.22
C GLY E 311 9.75 24.88 46.75
N LEU E 312 9.85 23.64 46.26
CA LEU E 312 9.83 23.42 44.81
C LEU E 312 8.43 23.64 44.26
N LEU E 313 7.41 23.56 45.13
CA LEU E 313 6.02 23.75 44.73
C LEU E 313 5.54 25.18 44.91
N SER E 314 6.43 26.10 45.26
CA SER E 314 6.05 27.49 45.44
C SER E 314 5.69 28.14 44.11
N LEU E 315 4.61 28.91 44.11
CA LEU E 315 4.26 29.74 42.96
C LEU E 315 4.69 31.18 43.15
N ALA E 316 5.69 31.43 44.00
CA ALA E 316 6.14 32.79 44.23
C ALA E 316 6.92 33.35 43.04
N ASN E 317 7.41 32.48 42.15
CA ASN E 317 8.12 32.94 40.97
C ASN E 317 7.18 33.29 39.83
N CYS E 318 5.86 33.31 40.07
CA CYS E 318 4.86 33.73 39.10
C CYS E 318 3.98 34.78 39.78
N PRO E 319 4.51 35.98 39.97
CA PRO E 319 3.79 37.00 40.74
C PRO E 319 2.44 37.37 40.15
N ASN E 320 2.35 37.39 38.82
CA ASN E 320 1.10 37.78 38.18
C ASN E 320 0.06 36.69 38.28
N PHE E 321 0.47 35.43 38.12
CA PHE E 321 -0.46 34.32 38.34
C PHE E 321 -0.93 34.28 39.78
N ALA E 322 -0.02 34.48 40.73
CA ALA E 322 -0.41 34.49 42.14
C ALA E 322 -1.36 35.63 42.44
N SER E 323 -1.11 36.81 41.87
CA SER E 323 -2.02 37.93 42.08
C SER E 323 -3.39 37.65 41.51
N VAL E 324 -3.45 37.06 40.31
CA VAL E 324 -4.74 36.74 39.71
C VAL E 324 -5.47 35.69 40.55
N VAL E 325 -4.75 34.69 41.05
CA VAL E 325 -5.34 33.64 41.86
C VAL E 325 -5.91 34.22 43.15
N LEU E 326 -5.13 35.08 43.80
CA LEU E 326 -5.60 35.71 45.03
C LEU E 326 -6.79 36.63 44.76
N GLY E 327 -6.80 37.31 43.62
CA GLY E 327 -7.95 38.14 43.28
C GLY E 327 -9.19 37.32 43.06
N ASN E 328 -9.06 36.20 42.35
CA ASN E 328 -10.20 35.32 42.15
C ASN E 328 -10.73 34.80 43.47
N ALA E 329 -9.82 34.38 44.36
CA ALA E 329 -10.23 33.91 45.67
C ALA E 329 -10.94 35.01 46.46
N SER E 330 -10.44 36.23 46.38
CA SER E 330 -11.06 37.34 47.11
C SER E 330 -12.44 37.65 46.55
N GLY E 331 -12.61 37.54 45.24
CA GLY E 331 -13.91 37.76 44.66
C GLY E 331 -14.92 36.72 45.08
N LEU E 332 -14.53 35.46 45.08
CA LEU E 332 -15.42 34.38 45.49
C LEU E 332 -15.63 34.32 47.00
N GLY E 333 -14.90 35.11 47.77
CA GLY E 333 -15.01 35.05 49.22
C GLY E 333 -14.18 33.97 49.85
N ILE E 334 -13.44 33.21 49.04
CA ILE E 334 -12.61 32.14 49.56
C ILE E 334 -11.41 32.68 50.33
N ILE E 335 -10.89 33.85 49.96
CA ILE E 335 -9.64 34.34 50.53
C ILE E 335 -9.74 34.47 52.04
N GLY E 336 -10.93 34.74 52.55
CA GLY E 336 -11.11 34.84 53.99
C GLY E 336 -10.18 35.89 54.57
N MET E 337 -9.21 35.44 55.34
CA MET E 337 -8.23 36.29 55.97
C MET E 337 -6.82 35.78 55.66
N TYR E 338 -6.62 35.36 54.41
CA TYR E 338 -5.34 34.84 53.96
C TYR E 338 -4.30 35.94 53.98
N ARG E 339 -3.10 35.62 54.47
CA ARG E 339 -2.06 36.63 54.69
C ARG E 339 -0.99 36.65 53.61
N GLY E 340 -1.20 35.98 52.48
CA GLY E 340 -0.22 36.03 51.42
C GLY E 340 -0.14 37.41 50.78
N ARG E 341 0.91 37.61 50.00
CA ARG E 341 1.15 38.89 49.35
C ARG E 341 0.50 38.91 47.96
N VAL E 342 -0.04 40.05 47.58
CA VAL E 342 -0.52 40.28 46.22
C VAL E 342 0.54 41.12 45.50
N PRO E 343 1.30 40.55 44.57
CA PRO E 343 2.39 41.30 43.94
C PRO E 343 1.89 42.42 43.05
N ASN E 344 0.97 42.10 42.14
CA ASN E 344 0.45 43.05 41.18
C ASN E 344 -0.97 43.42 41.59
N THR E 345 -1.14 44.62 42.13
CA THR E 345 -2.43 45.00 42.71
C THR E 345 -3.50 45.21 41.67
N GLU E 346 -3.12 45.68 40.47
CA GLU E 346 -4.12 45.92 39.43
C GLU E 346 -4.76 44.62 38.97
N LEU E 347 -3.95 43.59 38.74
CA LEU E 347 -4.50 42.27 38.42
C LEU E 347 -5.34 41.73 39.56
N PHE E 348 -4.88 41.91 40.80
CA PHE E 348 -5.66 41.43 41.93
C PHE E 348 -7.04 42.08 41.96
N SER E 349 -7.09 43.40 41.78
CA SER E 349 -8.38 44.10 41.83
C SER E 349 -9.26 43.72 40.65
N ALA E 350 -8.68 43.62 39.45
CA ALA E 350 -9.48 43.24 38.29
C ALA E 350 -10.05 41.84 38.45
N ALA E 351 -9.23 40.91 38.93
CA ALA E 351 -9.68 39.54 39.14
C ALA E 351 -10.74 39.48 40.22
N GLU E 352 -10.57 40.27 41.29
CA GLU E 352 -11.57 40.31 42.34
C GLU E 352 -12.90 40.84 41.82
N SER E 353 -12.85 41.91 41.01
CA SER E 353 -14.08 42.45 40.43
C SER E 353 -14.77 41.44 39.53
N TYR E 354 -14.01 40.77 38.66
CA TYR E 354 -14.63 39.78 37.77
C TYR E 354 -15.19 38.61 38.57
N ALA E 355 -14.49 38.19 39.62
CA ALA E 355 -14.97 37.06 40.41
C ALA E 355 -16.24 37.42 41.16
N LYS E 356 -16.33 38.64 41.70
CA LYS E 356 -17.57 39.07 42.33
C LYS E 356 -18.70 39.16 41.33
N SER E 357 -18.41 39.67 40.12
CA SER E 357 -19.43 39.77 39.09
C SER E 357 -19.95 38.39 38.70
N LEU E 358 -19.05 37.42 38.54
CA LEU E 358 -19.46 36.06 38.21
C LEU E 358 -20.24 35.42 39.36
N LYS E 359 -19.82 35.70 40.59
CA LYS E 359 -20.51 35.14 41.75
C LYS E 359 -21.93 35.66 41.86
N GLU E 360 -22.12 36.97 41.63
CA GLU E 360 -23.45 37.56 41.77
C GLU E 360 -24.42 37.00 40.74
N ASP F 10 -6.10 16.08 44.72
CA ASP F 10 -5.85 15.73 46.12
C ASP F 10 -6.62 14.49 46.57
N LEU F 11 -7.87 14.34 46.17
CA LEU F 11 -8.70 13.26 46.68
C LEU F 11 -8.19 11.90 46.20
N SER F 12 -7.80 11.82 44.94
CA SER F 12 -7.18 10.60 44.42
C SER F 12 -5.90 10.27 45.16
N TYR F 13 -5.09 11.26 45.52
CA TYR F 13 -3.87 11.02 46.27
C TYR F 13 -4.17 10.53 47.69
N LYS F 14 -5.19 11.10 48.33
CA LYS F 14 -5.58 10.64 49.65
C LYS F 14 -6.03 9.18 49.60
N HIS F 15 -6.84 8.83 48.62
CA HIS F 15 -7.26 7.45 48.50
C HIS F 15 -6.10 6.54 48.15
N ALA F 16 -5.15 7.03 47.35
CA ALA F 16 -3.97 6.23 47.03
C ALA F 16 -3.14 5.94 48.27
N ILE F 17 -3.00 6.93 49.16
CA ILE F 17 -2.30 6.69 50.41
C ILE F 17 -3.03 5.68 51.27
N LEU F 18 -4.35 5.84 51.41
CA LEU F 18 -5.10 4.94 52.26
C LEU F 18 -5.09 3.51 51.72
N LYS F 19 -5.22 3.36 50.40
CA LYS F 19 -5.29 2.03 49.81
C LYS F 19 -3.93 1.35 49.80
N GLU F 20 -2.88 2.07 49.41
CA GLU F 20 -1.53 1.51 49.32
C GLU F 20 -0.86 1.54 50.70
N SER F 21 -1.27 0.61 51.55
CA SER F 21 -0.69 0.43 52.86
C SER F 21 -0.11 -0.97 52.96
N GLN F 22 1.16 -1.08 53.34
CA GLN F 22 1.83 -2.36 53.48
C GLN F 22 1.67 -2.97 54.85
N TYR F 23 0.94 -2.32 55.75
CA TYR F 23 0.81 -2.74 57.14
C TYR F 23 -0.64 -3.00 57.47
N THR F 24 -0.90 -4.06 58.22
CA THR F 24 -2.26 -4.42 58.61
C THR F 24 -2.50 -4.03 60.06
N ILE F 25 -3.66 -3.48 60.30
CA ILE F 25 -4.05 -3.04 61.64
C ILE F 25 -4.38 -4.27 62.47
N LYS F 26 -4.31 -4.15 63.78
CA LYS F 26 -4.66 -5.23 64.69
C LYS F 26 -5.50 -4.65 65.82
N ARG F 27 -6.70 -5.18 66.00
CA ARG F 27 -7.59 -4.71 67.05
C ARG F 27 -8.35 -5.88 67.64
N ASP F 28 -8.93 -5.65 68.81
CA ASP F 28 -9.68 -6.69 69.52
C ASP F 28 -8.81 -7.92 69.74
N VAL F 29 -7.54 -7.69 70.08
CA VAL F 29 -6.57 -8.79 70.13
C VAL F 29 -6.96 -9.80 71.20
N GLY F 30 -7.32 -9.33 72.39
CA GLY F 30 -7.60 -10.24 73.49
C GLY F 30 -9.05 -10.60 73.63
N THR F 31 -9.85 -10.33 72.61
CA THR F 31 -11.29 -10.50 72.66
C THR F 31 -11.69 -11.80 71.95
N THR F 32 -12.90 -12.26 72.27
CA THR F 32 -13.46 -13.46 71.67
C THR F 32 -14.93 -13.23 71.35
N THR F 33 -15.46 -14.04 70.43
CA THR F 33 -16.86 -13.98 70.04
C THR F 33 -17.38 -15.39 69.84
N ALA F 34 -18.69 -15.51 69.75
CA ALA F 34 -19.36 -16.81 69.67
C ALA F 34 -19.85 -17.08 68.27
N VAL F 35 -19.72 -18.33 67.84
CA VAL F 35 -20.37 -18.82 66.63
C VAL F 35 -21.04 -20.15 66.96
N THR F 36 -21.93 -20.56 66.10
CA THR F 36 -22.67 -21.79 66.21
C THR F 36 -22.48 -22.61 64.95
N PRO F 37 -22.01 -23.86 65.06
CA PRO F 37 -21.77 -24.65 63.85
C PRO F 37 -23.06 -25.04 63.16
N SER F 38 -22.95 -25.33 61.86
CA SER F 38 -24.12 -25.69 61.08
C SER F 38 -24.84 -26.90 61.65
N SER F 39 -24.12 -27.76 62.35
CA SER F 39 -24.72 -28.95 62.95
C SER F 39 -25.78 -28.60 63.98
N LEU F 40 -25.79 -27.36 64.47
CA LEU F 40 -26.78 -26.91 65.43
C LEU F 40 -27.85 -26.03 64.81
N GLN F 41 -27.92 -25.94 63.48
CA GLN F 41 -28.88 -25.02 62.86
C GLN F 41 -30.31 -25.37 63.26
N GLN F 42 -30.68 -26.64 63.16
CA GLN F 42 -32.02 -27.06 63.54
C GLN F 42 -32.34 -26.69 64.97
N GLU F 43 -31.33 -26.55 65.82
CA GLU F 43 -31.55 -26.10 67.19
C GLU F 43 -31.68 -24.60 67.26
N ILE F 44 -30.78 -23.86 66.60
CA ILE F 44 -30.82 -22.41 66.72
C ILE F 44 -32.11 -21.87 66.12
N THR F 45 -32.61 -22.52 65.07
CA THR F 45 -33.90 -22.14 64.51
C THR F 45 -34.96 -22.09 65.59
N LEU F 46 -35.04 -23.14 66.41
CA LEU F 46 -36.01 -23.14 67.49
C LEU F 46 -35.85 -21.90 68.34
N LEU F 47 -34.61 -21.63 68.79
CA LEU F 47 -34.39 -20.44 69.60
C LEU F 47 -34.81 -19.19 68.86
N CYS F 48 -34.42 -19.07 67.58
CA CYS F 48 -34.71 -17.86 66.83
C CYS F 48 -36.21 -17.67 66.64
N GLY F 49 -37.02 -18.68 66.90
CA GLY F 49 -38.45 -18.56 66.77
C GLY F 49 -39.12 -18.45 68.12
N GLU F 50 -38.47 -18.95 69.16
CA GLU F 50 -39.02 -18.81 70.49
C GLU F 50 -38.88 -17.40 71.01
N ILE F 51 -38.15 -16.56 70.30
CA ILE F 51 -38.11 -15.14 70.55
C ILE F 51 -39.31 -14.44 69.92
N LEU F 52 -39.97 -15.10 68.96
CA LEU F 52 -40.90 -14.36 68.12
C LEU F 52 -42.35 -14.51 68.56
N TYR F 53 -42.75 -15.65 69.12
CA TYR F 53 -44.19 -15.77 69.35
C TYR F 53 -44.55 -15.61 70.82
N ALA F 54 -43.59 -15.29 71.68
CA ALA F 54 -43.84 -15.08 73.08
C ALA F 54 -43.47 -13.66 73.47
N LYS F 55 -44.02 -13.20 74.59
CA LYS F 55 -43.81 -11.83 75.06
C LYS F 55 -42.78 -11.87 76.18
N HIS F 56 -41.55 -11.50 75.85
CA HIS F 56 -40.42 -11.65 76.76
C HIS F 56 -40.11 -10.33 77.45
N ALA F 57 -39.76 -10.43 78.74
CA ALA F 57 -39.34 -9.25 79.49
C ALA F 57 -38.02 -8.70 78.97
N ASP F 58 -37.07 -9.57 78.66
CA ASP F 58 -35.74 -9.17 78.21
C ASP F 58 -35.49 -9.70 76.81
N TYR F 59 -35.22 -8.79 75.88
CA TYR F 59 -34.87 -9.11 74.50
C TYR F 59 -33.42 -8.78 74.22
N LYS F 60 -32.53 -9.06 75.17
CA LYS F 60 -31.20 -8.46 75.14
C LYS F 60 -30.31 -9.08 74.07
N TYR F 61 -30.39 -10.39 73.90
CA TYR F 61 -29.49 -11.11 73.02
C TYR F 61 -30.15 -11.65 71.77
N ALA F 62 -31.28 -11.07 71.35
CA ALA F 62 -31.91 -11.54 70.11
C ALA F 62 -31.00 -11.35 68.92
N ALA F 63 -30.26 -10.24 68.90
CA ALA F 63 -29.32 -10.00 67.80
C ALA F 63 -28.23 -11.05 67.77
N GLU F 64 -27.72 -11.45 68.94
CA GLU F 64 -26.71 -12.50 68.96
C GLU F 64 -27.27 -13.81 68.47
N ILE F 65 -28.55 -14.09 68.73
CA ILE F 65 -29.13 -15.32 68.19
C ILE F 65 -29.31 -15.25 66.68
N GLY F 66 -29.66 -14.10 66.13
CA GLY F 66 -29.68 -13.96 64.69
C GLY F 66 -28.31 -14.17 64.07
N ILE F 67 -27.29 -13.60 64.71
CA ILE F 67 -25.93 -13.78 64.21
C ILE F 67 -25.49 -15.23 64.38
N GLN F 68 -25.96 -15.92 65.41
CA GLN F 68 -25.70 -17.34 65.55
C GLN F 68 -26.29 -18.11 64.37
N TYR F 69 -27.51 -17.78 63.97
CA TYR F 69 -28.08 -18.44 62.80
C TYR F 69 -27.26 -18.16 61.56
N ILE F 70 -26.79 -16.92 61.41
CA ILE F 70 -25.91 -16.60 60.28
C ILE F 70 -24.67 -17.48 60.29
N SER F 71 -24.10 -17.68 61.48
CA SER F 71 -22.93 -18.53 61.62
C SER F 71 -23.22 -19.98 61.26
N THR F 72 -24.41 -20.47 61.60
CA THR F 72 -24.79 -21.81 61.16
C THR F 72 -24.90 -21.88 59.65
N ALA F 73 -25.44 -20.82 59.04
CA ALA F 73 -25.63 -20.82 57.59
C ALA F 73 -24.31 -20.81 56.85
N LEU F 74 -23.41 -19.88 57.21
CA LEU F 74 -22.14 -19.78 56.51
C LEU F 74 -21.18 -20.88 56.91
N GLY F 75 -21.19 -21.26 58.18
CA GLY F 75 -20.26 -22.21 58.75
C GLY F 75 -19.31 -21.52 59.71
N SER F 76 -18.85 -22.28 60.70
CA SER F 76 -17.97 -21.71 61.71
C SER F 76 -16.64 -21.24 61.12
N GLU F 77 -16.03 -22.06 60.26
CA GLU F 77 -14.72 -21.71 59.71
C GLU F 77 -14.82 -20.50 58.77
N ARG F 78 -15.84 -20.48 57.92
CA ARG F 78 -16.04 -19.33 57.05
C ARG F 78 -16.33 -18.07 57.85
N VAL F 79 -17.01 -18.21 58.98
CA VAL F 79 -17.30 -17.05 59.82
C VAL F 79 -16.05 -16.55 60.50
N GLN F 80 -15.19 -17.45 60.97
CA GLN F 80 -13.89 -17.05 61.51
C GLN F 80 -13.07 -16.31 60.47
N GLN F 81 -13.05 -16.83 59.25
CA GLN F 81 -12.31 -16.17 58.17
C GLN F 81 -12.88 -14.79 57.88
N ILE F 82 -14.21 -14.67 57.88
CA ILE F 82 -14.85 -13.37 57.64
C ILE F 82 -14.44 -12.38 58.73
N LEU F 83 -14.47 -12.81 59.98
CA LEU F 83 -14.06 -11.93 61.08
C LEU F 83 -12.60 -11.53 60.96
N ARG F 84 -11.74 -12.46 60.56
CA ARG F 84 -10.32 -12.17 60.40
C ARG F 84 -10.04 -11.18 59.26
N ASN F 85 -10.70 -11.33 58.12
CA ASN F 85 -10.48 -10.41 57.02
C ASN F 85 -11.18 -9.06 57.20
N SER F 86 -11.94 -8.88 58.28
CA SER F 86 -12.58 -7.61 58.55
C SER F 86 -11.71 -6.69 59.39
N GLY F 87 -10.45 -7.05 59.64
CA GLY F 87 -9.55 -6.24 60.42
C GLY F 87 -9.63 -6.45 61.91
N SER F 88 -10.36 -7.47 62.37
CA SER F 88 -10.57 -7.71 63.79
C SER F 88 -10.02 -9.08 64.14
N GLU F 89 -9.18 -9.13 65.17
CA GLU F 89 -8.54 -10.38 65.61
C GLU F 89 -9.32 -11.00 66.77
N VAL F 90 -10.62 -11.17 66.54
CA VAL F 90 -11.50 -11.83 67.50
C VAL F 90 -11.37 -13.32 67.33
N GLN F 91 -11.13 -14.02 68.44
CA GLN F 91 -11.05 -15.47 68.40
C GLN F 91 -12.44 -16.07 68.57
N VAL F 92 -12.88 -16.78 67.55
CA VAL F 92 -14.16 -17.47 67.53
C VAL F 92 -14.20 -18.51 68.63
N VAL F 93 -15.31 -18.55 69.36
CA VAL F 93 -15.61 -19.59 70.33
C VAL F 93 -16.81 -20.38 69.85
N LEU F 94 -16.69 -21.70 69.83
CA LEU F 94 -17.76 -22.55 69.31
C LEU F 94 -18.91 -22.62 70.30
N THR F 95 -20.02 -23.19 69.84
CA THR F 95 -21.24 -23.33 70.62
C THR F 95 -21.44 -24.79 70.98
N ARG F 96 -21.88 -25.03 72.22
CA ARG F 96 -22.11 -26.37 72.72
C ARG F 96 -23.55 -26.51 73.17
N THR F 97 -23.93 -27.74 73.48
CA THR F 97 -25.28 -28.06 73.94
C THR F 97 -25.22 -28.65 75.34
N TYR F 98 -26.33 -28.50 76.07
CA TYR F 98 -26.40 -29.05 77.42
C TYR F 98 -27.86 -29.36 77.75
N SER F 99 -28.04 -30.16 78.80
CA SER F 99 -29.37 -30.59 79.20
C SER F 99 -29.79 -29.95 80.52
N GLN F 112 -32.65 -30.63 74.74
CA GLN F 112 -31.39 -29.95 74.99
C GLN F 112 -31.46 -28.46 74.60
N MET F 113 -30.53 -27.68 75.14
CA MET F 113 -30.46 -26.25 74.90
C MET F 113 -29.02 -25.87 74.55
N LEU F 114 -28.84 -24.62 74.18
CA LEU F 114 -27.56 -24.12 73.69
C LEU F 114 -26.85 -23.31 74.77
N ASP F 115 -25.53 -23.42 74.80
CA ASP F 115 -24.68 -22.61 75.67
C ASP F 115 -23.81 -21.76 74.74
N ILE F 116 -24.33 -20.61 74.37
CA ILE F 116 -23.66 -19.70 73.46
C ILE F 116 -22.74 -18.79 74.27
N HIS F 117 -21.52 -18.60 73.77
CA HIS F 117 -20.52 -17.81 74.48
C HIS F 117 -20.93 -16.34 74.49
N GLY F 118 -20.90 -15.73 75.67
CA GLY F 118 -21.32 -14.36 75.82
C GLY F 118 -22.81 -14.17 75.94
N VAL F 119 -23.59 -15.25 75.84
CA VAL F 119 -25.03 -15.25 76.06
C VAL F 119 -25.29 -16.06 77.33
N GLU F 120 -25.85 -15.40 78.34
CA GLU F 120 -26.05 -16.07 79.62
C GLU F 120 -27.06 -17.19 79.49
N LYS F 121 -26.76 -18.33 80.12
CA LYS F 121 -27.66 -19.48 80.05
C LYS F 121 -29.00 -19.16 80.71
N SER F 122 -29.00 -18.23 81.67
CA SER F 122 -30.27 -17.80 82.27
C SER F 122 -31.18 -17.19 81.22
N TRP F 123 -30.62 -16.40 80.31
CA TRP F 123 -31.42 -15.78 79.24
C TRP F 123 -32.03 -16.84 78.33
N VAL F 124 -31.22 -17.81 77.90
CA VAL F 124 -31.73 -18.85 77.02
C VAL F 124 -32.82 -19.66 77.72
N GLU F 125 -32.61 -20.01 78.99
CA GLU F 125 -33.64 -20.73 79.72
C GLU F 125 -34.91 -19.91 79.87
N GLU F 126 -34.77 -18.60 80.11
CA GLU F 126 -35.95 -17.74 80.24
C GLU F 126 -36.74 -17.69 78.93
N ILE F 127 -36.04 -17.51 77.81
CA ILE F 127 -36.73 -17.45 76.52
C ILE F 127 -37.43 -18.76 76.23
N ASP F 128 -36.74 -19.88 76.45
CA ASP F 128 -37.36 -21.18 76.18
C ASP F 128 -38.57 -21.40 77.07
N LYS F 129 -38.46 -21.10 78.36
CA LYS F 129 -39.57 -21.33 79.27
C LYS F 129 -40.76 -20.43 78.93
N GLU F 130 -40.50 -19.16 78.60
CA GLU F 130 -41.58 -18.25 78.23
C GLU F 130 -42.30 -18.76 76.99
N ALA F 131 -41.55 -19.21 75.99
CA ALA F 131 -42.18 -19.73 74.77
C ALA F 131 -42.97 -21.00 75.05
N ARG F 132 -42.44 -21.89 75.89
CA ARG F 132 -43.16 -23.12 76.19
C ARG F 132 -44.45 -22.82 76.95
N LYS F 133 -44.40 -21.88 77.90
CA LYS F 133 -45.60 -21.51 78.63
C LYS F 133 -46.65 -20.88 77.73
N THR F 134 -46.22 -19.98 76.83
CA THR F 134 -47.17 -19.38 75.89
C THR F 134 -47.77 -20.44 74.98
N MET F 135 -46.96 -21.38 74.52
CA MET F 135 -47.49 -22.44 73.65
C MET F 135 -48.50 -23.30 74.40
N ALA F 136 -48.22 -23.62 75.66
CA ALA F 136 -49.16 -24.41 76.45
C ALA F 136 -50.45 -23.65 76.67
N THR F 137 -50.36 -22.34 76.92
CA THR F 137 -51.56 -21.54 77.14
C THR F 137 -52.40 -21.43 75.87
N LEU F 138 -51.76 -21.22 74.72
CA LEU F 138 -52.48 -21.14 73.46
C LEU F 138 -52.92 -22.50 72.94
N LEU F 139 -52.44 -23.59 73.51
CA LEU F 139 -52.93 -24.91 73.13
C LEU F 139 -54.04 -25.40 74.04
N LYS F 140 -53.95 -25.10 75.33
CA LYS F 140 -54.95 -25.54 76.28
C LYS F 140 -56.28 -24.82 76.06
N GLU F 141 -56.23 -23.49 75.94
CA GLU F 141 -57.47 -22.73 75.78
C GLU F 141 -58.05 -22.91 74.38
N SER F 142 -57.22 -22.84 73.35
CA SER F 142 -57.71 -22.85 71.98
C SER F 142 -58.13 -24.26 71.57
N SER F 143 -58.48 -24.41 70.30
CA SER F 143 -59.03 -25.64 69.76
C SER F 143 -57.95 -26.61 69.28
N GLY F 144 -56.68 -26.29 69.50
CA GLY F 144 -55.60 -27.18 69.10
C GLY F 144 -55.45 -27.34 67.60
N ASN F 145 -55.51 -26.23 66.85
CA ASN F 145 -55.32 -26.29 65.40
C ASN F 145 -54.17 -25.39 64.98
N ILE F 146 -53.06 -25.48 65.69
CA ILE F 146 -51.91 -24.62 65.40
C ILE F 146 -51.34 -24.99 64.03
N PRO F 147 -51.29 -24.05 63.09
CA PRO F 147 -50.76 -24.38 61.76
C PRO F 147 -49.26 -24.55 61.78
N GLN F 148 -48.72 -24.92 60.63
CA GLN F 148 -47.30 -25.25 60.55
C GLN F 148 -46.45 -23.99 60.59
N ASN F 149 -47.03 -22.83 60.32
CA ASN F 149 -46.23 -21.62 60.29
C ASN F 149 -46.28 -20.88 61.63
N GLN F 150 -47.21 -21.26 62.50
CA GLN F 150 -47.37 -20.53 63.75
C GLN F 150 -46.51 -21.08 64.88
N ARG F 151 -45.81 -22.18 64.67
CA ARG F 151 -45.03 -22.79 65.74
C ARG F 151 -43.60 -22.23 65.75
N PRO F 152 -42.93 -22.25 66.90
CA PRO F 152 -41.56 -21.70 66.98
C PRO F 152 -40.55 -22.41 66.10
N SER F 153 -40.72 -23.70 65.84
CA SER F 153 -39.76 -24.45 65.05
C SER F 153 -39.93 -24.24 63.55
N ALA F 154 -40.65 -23.19 63.15
CA ALA F 154 -40.74 -22.88 61.74
C ALA F 154 -39.36 -22.52 61.19
N PRO F 155 -39.07 -22.89 59.95
CA PRO F 155 -37.71 -22.69 59.43
C PRO F 155 -37.44 -21.29 58.92
N ASP F 156 -38.44 -20.41 58.81
CA ASP F 156 -38.20 -19.03 58.43
C ASP F 156 -38.15 -18.07 59.61
N THR F 157 -38.35 -18.57 60.83
CA THR F 157 -38.23 -17.70 61.99
C THR F 157 -36.87 -17.04 62.15
N PRO F 158 -35.73 -17.73 61.96
CA PRO F 158 -34.47 -17.00 62.02
C PRO F 158 -34.37 -15.92 60.98
N ILE F 159 -34.94 -16.14 59.79
CA ILE F 159 -34.94 -15.10 58.77
C ILE F 159 -35.90 -13.98 59.13
N ILE F 160 -36.99 -14.30 59.84
CA ILE F 160 -37.89 -13.24 60.31
C ILE F 160 -37.21 -12.34 61.31
N LEU F 161 -36.44 -12.91 62.24
CA LEU F 161 -35.65 -12.10 63.16
C LEU F 161 -34.58 -11.30 62.42
N LEU F 162 -33.90 -11.93 61.47
CA LEU F 162 -32.90 -11.21 60.70
C LEU F 162 -33.51 -10.15 59.81
N CYS F 163 -34.82 -10.21 59.56
CA CYS F 163 -35.47 -9.14 58.80
C CYS F 163 -35.63 -7.88 59.65
N VAL F 164 -35.98 -8.02 60.92
CA VAL F 164 -35.92 -6.88 61.84
C VAL F 164 -34.49 -6.37 61.93
N GLY F 165 -33.54 -7.28 61.99
CA GLY F 165 -32.13 -6.87 61.97
C GLY F 165 -31.72 -6.12 60.73
N ALA F 166 -32.24 -6.52 59.56
CA ALA F 166 -31.92 -5.82 58.32
C ALA F 166 -32.63 -4.49 58.22
N LEU F 167 -33.82 -4.38 58.81
CA LEU F 167 -34.51 -3.09 58.84
C LEU F 167 -33.73 -2.10 59.69
N ILE F 168 -33.22 -2.54 60.84
CA ILE F 168 -32.43 -1.64 61.67
C ILE F 168 -31.01 -1.49 61.11
N PHE F 169 -30.62 -2.39 60.20
CA PHE F 169 -29.34 -2.26 59.52
C PHE F 169 -29.34 -1.08 58.55
N THR F 170 -30.45 -0.86 57.87
CA THR F 170 -30.51 0.24 56.90
C THR F 170 -30.43 1.60 57.59
N LYS F 171 -30.62 1.64 58.90
CA LYS F 171 -30.58 2.88 59.67
C LYS F 171 -29.40 2.93 60.62
N LEU F 172 -28.23 2.45 60.19
CA LEU F 172 -27.06 2.49 61.06
C LEU F 172 -26.31 3.81 60.90
N ALA F 173 -26.48 4.48 59.75
CA ALA F 173 -25.92 5.81 59.57
C ALA F 173 -26.76 6.85 60.30
N SER F 174 -28.04 6.57 60.48
CA SER F 174 -28.93 7.48 61.19
C SER F 174 -28.73 7.37 62.69
N THR F 175 -29.62 8.01 63.44
CA THR F 175 -29.56 7.95 64.89
C THR F 175 -30.34 6.75 65.43
N ILE F 176 -30.26 6.56 66.73
CA ILE F 176 -30.94 5.42 67.36
C ILE F 176 -32.45 5.61 67.36
N GLU F 177 -32.93 6.80 67.72
CA GLU F 177 -34.37 7.00 67.84
C GLU F 177 -35.04 6.97 66.46
N VAL F 178 -34.41 7.62 65.47
CA VAL F 178 -34.93 7.57 64.11
C VAL F 178 -34.90 6.14 63.60
N GLY F 179 -33.82 5.41 63.88
CA GLY F 179 -33.71 4.04 63.45
C GLY F 179 -34.81 3.15 64.02
N LEU F 180 -35.07 3.29 65.33
CA LEU F 180 -36.11 2.47 65.95
C LEU F 180 -37.49 2.84 65.45
N GLU F 181 -37.78 4.13 65.33
CA GLU F 181 -39.09 4.55 64.83
C GLU F 181 -39.32 4.05 63.41
N THR F 182 -38.31 4.20 62.55
CA THR F 182 -38.42 3.73 61.17
C THR F 182 -38.55 2.23 61.11
N THR F 183 -37.80 1.51 61.95
CA THR F 183 -37.89 0.05 61.95
C THR F 183 -39.30 -0.40 62.30
N VAL F 184 -39.90 0.17 63.34
CA VAL F 184 -41.24 -0.24 63.72
C VAL F 184 -42.24 0.12 62.63
N ARG F 185 -42.15 1.34 62.10
CA ARG F 185 -43.09 1.78 61.08
C ARG F 185 -43.02 0.90 59.84
N ARG F 186 -41.80 0.59 59.39
CA ARG F 186 -41.65 -0.22 58.19
C ARG F 186 -41.93 -1.68 58.43
N ALA F 187 -41.75 -2.15 59.66
CA ALA F 187 -41.97 -3.57 59.94
C ALA F 187 -43.44 -3.87 60.12
N ASN F 188 -44.26 -2.87 60.44
CA ASN F 188 -45.70 -3.15 60.45
C ASN F 188 -46.24 -3.46 59.06
N ARG F 189 -45.51 -3.15 58.01
CA ARG F 189 -45.96 -3.41 56.64
C ARG F 189 -45.09 -4.41 55.91
N VAL F 190 -43.77 -4.29 56.00
CA VAL F 190 -42.85 -5.24 55.40
C VAL F 190 -43.05 -6.63 56.01
N LEU F 191 -43.14 -6.70 57.33
CA LEU F 191 -43.28 -7.96 58.05
C LEU F 191 -44.71 -8.18 58.53
N SER F 192 -45.70 -7.84 57.72
CA SER F 192 -47.09 -8.03 58.15
C SER F 192 -47.42 -9.50 58.31
N ASP F 193 -46.95 -10.34 57.38
CA ASP F 193 -47.29 -11.76 57.42
C ASP F 193 -46.72 -12.43 58.65
N ALA F 194 -45.47 -12.12 59.01
CA ALA F 194 -44.89 -12.67 60.22
C ALA F 194 -45.62 -12.18 61.46
N LEU F 195 -46.03 -10.91 61.46
CA LEU F 195 -46.80 -10.38 62.58
C LEU F 195 -48.14 -11.10 62.71
N LYS F 196 -48.79 -11.42 61.59
CA LYS F 196 -50.01 -12.22 61.65
C LYS F 196 -49.72 -13.61 62.20
N ARG F 197 -48.63 -14.24 61.74
CA ARG F 197 -48.28 -15.57 62.24
C ARG F 197 -47.90 -15.52 63.72
N TYR F 198 -47.14 -14.51 64.13
CA TYR F 198 -46.73 -14.34 65.52
C TYR F 198 -47.32 -13.04 66.03
N PRO F 199 -48.52 -13.04 66.60
CA PRO F 199 -49.13 -11.79 67.05
C PRO F 199 -48.28 -11.03 68.04
N ARG F 200 -47.53 -11.73 68.89
CA ARG F 200 -46.78 -11.07 69.95
C ARG F 200 -45.29 -11.21 69.66
N MET F 201 -44.81 -10.36 68.75
CA MET F 201 -43.39 -10.17 68.47
C MET F 201 -43.09 -8.69 68.60
N ASP F 202 -42.12 -8.36 69.45
CA ASP F 202 -41.89 -6.97 69.81
C ASP F 202 -40.77 -6.43 68.93
N ILE F 203 -41.17 -5.88 67.78
CA ILE F 203 -40.19 -5.27 66.88
C ILE F 203 -39.38 -4.18 67.55
N PRO F 204 -39.93 -3.32 68.42
CA PRO F 204 -39.07 -2.33 69.09
C PRO F 204 -37.92 -2.92 69.89
N LYS F 205 -38.16 -3.92 70.74
CA LYS F 205 -37.08 -4.44 71.58
C LYS F 205 -36.07 -5.24 70.76
N ILE F 206 -36.53 -6.01 69.79
CA ILE F 206 -35.61 -6.74 68.93
C ILE F 206 -34.76 -5.77 68.10
N ALA F 207 -35.38 -4.69 67.62
CA ALA F 207 -34.63 -3.69 66.88
C ALA F 207 -33.60 -3.00 67.76
N ARG F 208 -33.95 -2.72 69.02
CA ARG F 208 -32.99 -2.18 69.95
C ARG F 208 -31.83 -3.13 70.18
N SER F 209 -32.13 -4.42 70.32
CA SER F 209 -31.07 -5.42 70.48
C SER F 209 -30.14 -5.45 69.28
N PHE F 210 -30.71 -5.38 68.07
CA PHE F 210 -29.87 -5.41 66.88
C PHE F 210 -29.02 -4.15 66.76
N TYR F 211 -29.59 -3.00 67.10
CA TYR F 211 -28.80 -1.77 67.09
C TYR F 211 -27.64 -1.84 68.07
N ASP F 212 -27.91 -2.36 69.27
CA ASP F 212 -26.85 -2.55 70.25
C ASP F 212 -25.76 -3.47 69.74
N LEU F 213 -26.13 -4.60 69.12
CA LEU F 213 -25.12 -5.50 68.58
C LEU F 213 -24.29 -4.81 67.51
N PHE F 214 -24.94 -4.11 66.58
CA PHE F 214 -24.20 -3.49 65.49
C PHE F 214 -23.26 -2.41 66.01
N GLU F 215 -23.65 -1.71 67.07
CA GLU F 215 -22.76 -0.67 67.62
C GLU F 215 -21.61 -1.28 68.39
N GLN F 216 -21.87 -2.29 69.23
CA GLN F 216 -20.82 -2.86 70.06
C GLN F 216 -19.83 -3.66 69.23
N LYS F 217 -20.30 -4.69 68.54
CA LYS F 217 -19.47 -5.56 67.73
C LYS F 217 -19.56 -5.10 66.28
N VAL F 218 -18.55 -4.35 65.83
CA VAL F 218 -18.55 -3.81 64.48
C VAL F 218 -18.18 -4.85 63.43
N TYR F 219 -17.46 -5.91 63.81
CA TYR F 219 -17.18 -6.99 62.88
C TYR F 219 -18.43 -7.76 62.49
N HIS F 220 -19.48 -7.71 63.32
CA HIS F 220 -20.74 -8.35 62.97
C HIS F 220 -21.46 -7.62 61.86
N ARG F 221 -21.16 -6.35 61.62
CA ARG F 221 -21.61 -5.72 60.39
C ARG F 221 -21.02 -6.41 59.17
N SER F 222 -19.73 -6.75 59.21
CA SER F 222 -19.11 -7.49 58.13
C SER F 222 -19.71 -8.89 58.00
N LEU F 223 -19.96 -9.56 59.12
CA LEU F 223 -20.61 -10.87 59.05
C LEU F 223 -22.00 -10.77 58.44
N PHE F 224 -22.76 -9.74 58.81
CA PHE F 224 -24.12 -9.58 58.33
C PHE F 224 -24.13 -9.27 56.84
N ILE F 225 -23.16 -8.47 56.38
CA ILE F 225 -23.00 -8.20 54.96
C ILE F 225 -22.61 -9.47 54.20
N GLU F 226 -21.73 -10.29 54.78
CA GLU F 226 -21.36 -11.54 54.13
C GLU F 226 -22.55 -12.48 54.02
N TYR F 227 -23.41 -12.50 55.04
CA TYR F 227 -24.64 -13.28 54.91
C TYR F 227 -25.53 -12.73 53.81
N GLY F 228 -25.64 -11.40 53.71
CA GLY F 228 -26.43 -10.82 52.64
C GLY F 228 -25.92 -11.22 51.27
N LYS F 229 -24.60 -11.23 51.09
CA LYS F 229 -24.02 -11.65 49.82
C LYS F 229 -24.23 -13.14 49.56
N ALA F 230 -23.99 -13.96 50.57
CA ALA F 230 -24.14 -15.40 50.42
C ALA F 230 -25.58 -15.80 50.19
N LEU F 231 -26.53 -14.96 50.59
CA LEU F 231 -27.95 -15.18 50.35
C LEU F 231 -28.38 -14.67 48.99
N GLY F 232 -27.95 -13.47 48.60
CA GLY F 232 -28.28 -12.96 47.28
C GLY F 232 -27.68 -13.79 46.16
N SER F 233 -26.52 -14.38 46.40
CA SER F 233 -25.89 -15.23 45.40
C SER F 233 -26.51 -16.60 45.29
N SER F 234 -27.43 -16.96 46.18
CA SER F 234 -28.03 -18.28 46.16
C SER F 234 -28.92 -18.45 44.94
N SER F 235 -29.04 -19.71 44.49
CA SER F 235 -29.86 -20.02 43.33
C SER F 235 -31.34 -20.04 43.65
N THR F 236 -31.71 -20.43 44.87
CA THR F 236 -33.09 -20.48 45.32
C THR F 236 -33.19 -19.89 46.71
N GLY F 237 -34.41 -19.51 47.09
CA GLY F 237 -34.65 -19.00 48.42
C GLY F 237 -36.13 -18.90 48.71
N SER F 238 -36.45 -18.86 49.99
CA SER F 238 -37.83 -18.69 50.41
C SER F 238 -38.21 -17.22 50.31
N LYS F 239 -39.47 -16.91 50.61
CA LYS F 239 -39.90 -15.52 50.56
C LYS F 239 -39.26 -14.71 51.67
N ALA F 240 -38.97 -15.34 52.80
CA ALA F 240 -38.29 -14.64 53.88
C ALA F 240 -36.90 -14.21 53.46
N GLU F 241 -36.15 -15.08 52.77
CA GLU F 241 -34.81 -14.74 52.35
C GLU F 241 -34.83 -13.70 51.23
N SER F 242 -35.83 -13.76 50.36
CA SER F 242 -35.98 -12.73 49.34
C SER F 242 -36.29 -11.38 49.97
N LEU F 243 -37.14 -11.36 50.99
CA LEU F 243 -37.40 -10.13 51.72
C LEU F 243 -36.15 -9.59 52.41
N PHE F 244 -35.39 -10.48 53.05
CA PHE F 244 -34.16 -10.04 53.69
C PHE F 244 -33.21 -9.43 52.69
N VAL F 245 -33.07 -10.05 51.51
CA VAL F 245 -32.18 -9.49 50.51
C VAL F 245 -32.70 -8.16 49.99
N ASN F 246 -34.02 -8.02 49.85
CA ASN F 246 -34.58 -6.75 49.42
C ASN F 246 -34.23 -5.63 50.39
N ILE F 247 -34.38 -5.89 51.70
CA ILE F 247 -34.05 -4.87 52.69
C ILE F 247 -32.55 -4.61 52.71
N PHE F 248 -31.75 -5.68 52.66
CA PHE F 248 -30.30 -5.53 52.66
C PHE F 248 -29.84 -4.66 51.51
N MET F 249 -30.45 -4.81 50.34
CA MET F 249 -30.09 -3.96 49.21
C MET F 249 -30.67 -2.55 49.35
N GLN F 250 -31.78 -2.41 50.08
CA GLN F 250 -32.25 -1.06 50.39
C GLN F 250 -31.27 -0.34 51.31
N ALA F 251 -30.40 -1.08 51.99
CA ALA F 251 -29.38 -0.45 52.82
C ALA F 251 -28.12 -0.04 52.07
N TYR F 252 -28.05 -0.26 50.75
CA TYR F 252 -26.77 -0.21 50.07
C TYR F 252 -26.11 1.16 50.14
N GLY F 253 -26.83 2.21 49.76
CA GLY F 253 -26.21 3.52 49.75
C GLY F 253 -26.27 4.25 51.07
N ALA F 254 -26.15 3.54 52.19
CA ALA F 254 -26.32 4.18 53.49
C ALA F 254 -25.15 5.11 53.77
N GLY F 255 -25.46 6.26 54.34
CA GLY F 255 -24.45 7.24 54.67
C GLY F 255 -24.01 8.11 53.53
N GLN F 256 -24.59 7.97 52.35
CA GLN F 256 -24.18 8.74 51.18
C GLN F 256 -25.38 9.21 50.40
N THR F 257 -26.41 9.71 51.08
CA THR F 257 -27.58 10.20 50.36
C THR F 257 -27.30 11.48 49.61
N MET F 258 -26.23 12.19 49.95
CA MET F 258 -25.90 13.41 49.23
C MET F 258 -25.43 13.12 47.81
N LEU F 259 -24.70 12.02 47.60
CA LEU F 259 -24.30 11.65 46.25
C LEU F 259 -25.50 11.25 45.40
N ARG F 260 -26.42 10.48 45.99
CA ARG F 260 -27.62 10.09 45.27
C ARG F 260 -28.46 11.31 44.92
N TRP F 261 -28.57 12.27 45.86
CA TRP F 261 -29.31 13.48 45.56
C TRP F 261 -28.57 14.36 44.57
N GLY F 262 -27.24 14.28 44.52
CA GLY F 262 -26.50 15.02 43.51
C GLY F 262 -26.77 14.51 42.11
N VAL F 263 -26.75 13.18 41.93
CA VAL F 263 -27.08 12.67 40.62
C VAL F 263 -28.55 12.92 40.30
N ILE F 264 -29.41 12.96 41.33
CA ILE F 264 -30.81 13.35 41.10
C ILE F 264 -30.89 14.78 40.60
N ALA F 265 -30.12 15.69 41.21
CA ALA F 265 -30.14 17.08 40.77
C ALA F 265 -29.64 17.22 39.35
N ARG F 266 -28.59 16.47 38.99
CA ARG F 266 -28.11 16.50 37.61
C ARG F 266 -29.16 15.95 36.65
N SER F 267 -29.89 14.92 37.06
CA SER F 267 -30.97 14.40 36.22
C SER F 267 -32.11 15.40 36.08
N SER F 268 -32.34 16.22 37.11
CA SER F 268 -33.41 17.21 37.09
C SER F 268 -33.06 18.43 36.27
N ASN F 269 -31.79 18.58 35.85
CA ASN F 269 -31.35 19.72 35.06
C ASN F 269 -31.68 21.03 35.77
N ASN F 270 -31.26 21.12 37.03
CA ASN F 270 -31.52 22.31 37.83
C ASN F 270 -30.69 23.47 37.30
N ILE F 271 -31.33 24.63 37.12
CA ILE F 271 -30.64 25.76 36.52
C ILE F 271 -29.55 26.29 37.45
N MET F 272 -29.80 26.24 38.76
CA MET F 272 -28.81 26.76 39.70
C MET F 272 -27.55 25.91 39.74
N LEU F 273 -27.53 24.74 39.10
CA LEU F 273 -26.27 24.03 38.92
C LEU F 273 -25.30 24.79 38.03
N GLY F 274 -25.80 25.68 37.17
CA GLY F 274 -25.00 26.52 36.32
C GLY F 274 -24.53 27.82 36.94
N HIS F 275 -24.82 28.04 38.21
CA HIS F 275 -24.34 29.21 38.92
C HIS F 275 -22.81 29.24 38.92
N VAL F 276 -22.25 30.40 39.27
CA VAL F 276 -20.80 30.54 39.19
C VAL F 276 -20.11 29.64 40.21
N SER F 277 -20.59 29.63 41.46
CA SER F 277 -19.90 28.88 42.49
C SER F 277 -20.11 27.37 42.32
N VAL F 278 -21.31 26.97 41.88
CA VAL F 278 -21.53 25.55 41.61
C VAL F 278 -20.59 25.08 40.50
N GLN F 279 -20.47 25.87 39.44
CA GLN F 279 -19.55 25.51 38.36
C GLN F 279 -18.10 25.56 38.83
N ALA F 280 -17.82 26.36 39.84
CA ALA F 280 -16.48 26.39 40.42
C ALA F 280 -16.17 25.08 41.14
N GLU F 281 -17.13 24.54 41.87
CA GLU F 281 -16.92 23.34 42.66
C GLU F 281 -17.17 22.04 41.91
N LEU F 282 -17.74 22.12 40.70
CA LEU F 282 -18.06 20.93 39.93
C LEU F 282 -16.84 20.06 39.64
N LYS F 283 -15.65 20.65 39.52
CA LYS F 283 -14.46 19.85 39.26
C LYS F 283 -14.19 18.86 40.39
N GLN F 284 -14.17 19.34 41.63
CA GLN F 284 -13.84 18.42 42.72
C GLN F 284 -15.05 17.53 43.04
N VAL F 285 -16.26 17.99 42.73
CA VAL F 285 -17.43 17.11 42.83
C VAL F 285 -17.26 15.91 41.92
N THR F 286 -16.91 16.17 40.65
CA THR F 286 -16.64 15.07 39.73
C THR F 286 -15.47 14.23 40.21
N GLU F 287 -14.52 14.83 40.93
CA GLU F 287 -13.45 14.04 41.52
C GLU F 287 -13.98 13.05 42.55
N VAL F 288 -14.95 13.48 43.37
CA VAL F 288 -15.55 12.57 44.35
C VAL F 288 -16.26 11.43 43.63
N TYR F 289 -16.99 11.74 42.56
CA TYR F 289 -17.70 10.70 41.84
C TYR F 289 -16.72 9.74 41.16
N ASP F 290 -15.60 10.26 40.65
CA ASP F 290 -14.58 9.39 40.09
C ASP F 290 -14.00 8.47 41.14
N LEU F 291 -13.81 8.98 42.36
CA LEU F 291 -13.34 8.13 43.45
C LEU F 291 -14.36 7.04 43.77
N VAL F 292 -15.65 7.39 43.73
CA VAL F 292 -16.70 6.39 43.90
C VAL F 292 -16.55 5.28 42.88
N ARG F 293 -16.40 5.65 41.60
CA ARG F 293 -16.22 4.63 40.56
C ARG F 293 -14.95 3.83 40.77
N GLU F 294 -13.90 4.48 41.25
CA GLU F 294 -12.62 3.79 41.46
C GLU F 294 -12.75 2.72 42.54
N MET F 295 -13.39 3.04 43.66
CA MET F 295 -13.62 2.00 44.67
C MET F 295 -14.55 0.92 44.15
N GLY F 296 -15.62 1.30 43.46
CA GLY F 296 -16.46 0.32 42.80
C GLY F 296 -17.57 -0.21 43.67
N PRO F 297 -17.85 -1.51 43.56
CA PRO F 297 -19.02 -2.08 44.24
C PRO F 297 -18.99 -1.96 45.75
N GLU F 298 -17.81 -2.03 46.37
CA GLU F 298 -17.73 -1.99 47.81
C GLU F 298 -17.81 -0.58 48.38
N SER F 299 -17.95 0.43 47.53
CA SER F 299 -18.03 1.80 48.02
C SER F 299 -19.31 2.03 48.80
N GLY F 300 -20.41 1.43 48.37
CA GLY F 300 -21.68 1.64 49.06
C GLY F 300 -21.69 1.11 50.48
N LEU F 301 -20.94 0.06 50.74
CA LEU F 301 -20.91 -0.55 52.07
C LEU F 301 -19.90 0.10 52.99
N LEU F 302 -19.32 1.24 52.61
CA LEU F 302 -18.29 1.85 53.44
C LEU F 302 -18.85 2.40 54.74
N HIS F 303 -19.95 3.15 54.66
CA HIS F 303 -20.57 3.70 55.86
C HIS F 303 -21.31 2.65 56.66
N LEU F 304 -21.87 1.64 56.01
CA LEU F 304 -22.51 0.55 56.73
C LEU F 304 -21.50 -0.21 57.58
N ARG F 305 -20.31 -0.45 57.04
CA ARG F 305 -19.25 -1.14 57.74
C ARG F 305 -18.51 -0.24 58.72
N GLN F 306 -18.81 1.05 58.74
CA GLN F 306 -17.96 2.04 59.40
C GLN F 306 -16.51 1.91 58.96
N SER F 307 -16.31 1.72 57.67
CA SER F 307 -14.96 1.70 57.15
C SER F 307 -14.33 3.07 57.36
N PRO F 308 -13.15 3.17 57.97
CA PRO F 308 -12.55 4.48 58.23
C PRO F 308 -12.30 5.24 56.96
N LYS F 309 -12.17 4.52 55.84
CA LYS F 309 -12.03 5.10 54.53
C LYS F 309 -13.25 5.91 54.10
N ALA F 310 -14.40 5.68 54.71
CA ALA F 310 -15.55 6.54 54.47
C ALA F 310 -15.26 7.94 54.98
N GLY F 311 -15.85 8.92 54.32
CA GLY F 311 -15.49 10.30 54.52
C GLY F 311 -14.63 10.85 53.41
N LEU F 312 -14.02 9.99 52.60
CA LEU F 312 -13.43 10.44 51.35
C LEU F 312 -14.53 10.78 50.35
N LEU F 313 -15.74 10.24 50.55
CA LEU F 313 -16.87 10.46 49.68
C LEU F 313 -17.74 11.62 50.13
N SER F 314 -17.34 12.35 51.16
CA SER F 314 -18.12 13.48 51.64
C SER F 314 -18.12 14.62 50.64
N LEU F 315 -19.28 15.22 50.43
CA LEU F 315 -19.39 16.44 49.65
C LEU F 315 -19.46 17.68 50.52
N ALA F 316 -18.97 17.61 51.76
CA ALA F 316 -19.01 18.75 52.66
C ALA F 316 -18.03 19.84 52.25
N ASN F 317 -17.02 19.50 51.45
CA ASN F 317 -16.08 20.51 50.97
C ASN F 317 -16.59 21.26 49.74
N CYS F 318 -17.84 21.05 49.34
CA CYS F 318 -18.49 21.79 48.27
C CYS F 318 -19.80 22.34 48.80
N PRO F 319 -19.73 23.37 49.64
CA PRO F 319 -20.93 23.87 50.31
C PRO F 319 -22.01 24.36 49.36
N ASN F 320 -21.58 24.96 48.25
CA ASN F 320 -22.56 25.51 47.31
C ASN F 320 -23.23 24.39 46.51
N PHE F 321 -22.46 23.39 46.10
CA PHE F 321 -23.07 22.22 45.45
C PHE F 321 -24.02 21.51 46.39
N ALA F 322 -23.62 21.33 47.65
CA ALA F 322 -24.49 20.68 48.62
C ALA F 322 -25.77 21.47 48.85
N SER F 323 -25.65 22.80 48.93
CA SER F 323 -26.83 23.63 49.11
C SER F 323 -27.76 23.53 47.91
N VAL F 324 -27.20 23.53 46.70
CA VAL F 324 -28.04 23.41 45.51
C VAL F 324 -28.72 22.05 45.47
N VAL F 325 -27.99 20.99 45.83
CA VAL F 325 -28.55 19.64 45.83
C VAL F 325 -29.68 19.54 46.84
N LEU F 326 -29.47 20.07 48.04
CA LEU F 326 -30.52 20.05 49.05
C LEU F 326 -31.72 20.88 48.63
N GLY F 327 -31.49 22.01 47.96
CA GLY F 327 -32.59 22.80 47.46
C GLY F 327 -33.40 22.08 46.42
N ASN F 328 -32.72 21.41 45.49
CA ASN F 328 -33.42 20.62 44.47
C ASN F 328 -34.23 19.52 45.11
N ALA F 329 -33.66 18.83 46.10
CA ALA F 329 -34.38 17.78 46.80
C ALA F 329 -35.60 18.34 47.52
N SER F 330 -35.46 19.51 48.14
CA SER F 330 -36.57 20.11 48.85
C SER F 330 -37.67 20.53 47.90
N GLY F 331 -37.30 21.01 46.71
CA GLY F 331 -38.31 21.37 45.73
C GLY F 331 -39.08 20.17 45.23
N LEU F 332 -38.38 19.08 44.94
CA LEU F 332 -39.04 17.87 44.47
C LEU F 332 -39.78 17.12 45.58
N GLY F 333 -39.63 17.54 46.83
CA GLY F 333 -40.25 16.82 47.93
C GLY F 333 -39.46 15.63 48.42
N ILE F 334 -38.30 15.38 47.82
CA ILE F 334 -37.46 14.26 48.22
C ILE F 334 -36.83 14.49 49.59
N ILE F 335 -36.56 15.74 49.95
CA ILE F 335 -35.80 16.01 51.17
C ILE F 335 -36.48 15.45 52.39
N GLY F 336 -37.80 15.36 52.37
CA GLY F 336 -38.53 14.80 53.49
C GLY F 336 -38.21 15.54 54.77
N MET F 337 -37.50 14.87 55.67
CA MET F 337 -37.10 15.43 56.94
C MET F 337 -35.60 15.22 57.14
N TYR F 338 -34.84 15.43 56.05
CA TYR F 338 -33.40 15.26 56.09
C TYR F 338 -32.78 16.33 56.99
N ARG F 339 -31.80 15.91 57.80
CA ARG F 339 -31.25 16.79 58.83
C ARG F 339 -29.90 17.39 58.45
N GLY F 340 -29.47 17.28 57.19
CA GLY F 340 -28.23 17.88 56.79
C GLY F 340 -28.29 19.40 56.81
N ARG F 341 -27.12 20.02 56.74
CA ARG F 341 -27.01 21.47 56.79
C ARG F 341 -27.06 22.05 55.38
N VAL F 342 -27.71 23.20 55.25
CA VAL F 342 -27.69 23.98 54.01
C VAL F 342 -26.69 25.13 54.21
N PRO F 343 -25.53 25.09 53.60
CA PRO F 343 -24.53 26.15 53.86
C PRO F 343 -24.94 27.50 53.33
N ASN F 344 -25.33 27.55 52.06
CA ASN F 344 -25.69 28.79 51.39
C ASN F 344 -27.20 28.81 51.21
N THR F 345 -27.87 29.63 52.01
CA THR F 345 -29.34 29.60 52.04
C THR F 345 -29.95 30.18 50.78
N GLU F 346 -29.30 31.16 50.16
CA GLU F 346 -29.85 31.76 48.96
C GLU F 346 -29.90 30.77 47.80
N LEU F 347 -28.81 30.01 47.61
CA LEU F 347 -28.83 28.94 46.62
C LEU F 347 -29.86 27.88 46.96
N PHE F 348 -29.97 27.51 48.24
CA PHE F 348 -30.95 26.51 48.62
C PHE F 348 -32.36 26.97 48.25
N SER F 349 -32.69 28.22 48.58
CA SER F 349 -34.04 28.72 48.29
C SER F 349 -34.29 28.85 46.79
N ALA F 350 -33.30 29.34 46.04
CA ALA F 350 -33.47 29.46 44.60
C ALA F 350 -33.65 28.10 43.95
N ALA F 351 -32.84 27.13 44.37
CA ALA F 351 -32.96 25.78 43.83
C ALA F 351 -34.28 25.15 44.21
N GLU F 352 -34.75 25.38 45.44
CA GLU F 352 -36.05 24.87 45.86
C GLU F 352 -37.16 25.46 45.02
N SER F 353 -37.11 26.77 44.77
CA SER F 353 -38.13 27.43 43.96
C SER F 353 -38.13 26.88 42.53
N TYR F 354 -36.95 26.73 41.93
CA TYR F 354 -36.91 26.20 40.57
C TYR F 354 -37.39 24.77 40.53
N ALA F 355 -37.05 23.97 41.55
CA ALA F 355 -37.46 22.57 41.56
C ALA F 355 -38.97 22.45 41.71
N LYS F 356 -39.58 23.29 42.57
CA LYS F 356 -41.04 23.29 42.67
C LYS F 356 -41.67 23.73 41.36
N SER F 357 -41.11 24.75 40.71
CA SER F 357 -41.65 25.22 39.44
C SER F 357 -41.60 24.12 38.38
N LEU F 358 -40.48 23.40 38.31
CA LEU F 358 -40.36 22.31 37.35
C LEU F 358 -41.30 21.16 37.69
N LYS F 359 -41.46 20.88 38.99
CA LYS F 359 -42.36 19.82 39.41
C LYS F 359 -43.80 20.12 39.04
N GLU F 360 -44.23 21.36 39.25
CA GLU F 360 -45.63 21.72 38.98
C GLU F 360 -45.95 21.62 37.50
N ASP G 10 -25.75 2.74 40.88
CA ASP G 10 -25.92 1.86 42.03
C ASP G 10 -26.44 0.47 41.64
N LEU G 11 -27.39 0.40 40.71
CA LEU G 11 -28.02 -0.87 40.40
C LEU G 11 -27.05 -1.84 39.75
N SER G 12 -26.22 -1.34 38.83
CA SER G 12 -25.17 -2.16 38.26
C SER G 12 -24.19 -2.66 39.31
N TYR G 13 -23.86 -1.83 40.30
CA TYR G 13 -22.97 -2.26 41.38
C TYR G 13 -23.61 -3.33 42.25
N LYS G 14 -24.90 -3.18 42.55
CA LYS G 14 -25.61 -4.20 43.31
C LYS G 14 -25.60 -5.53 42.57
N HIS G 15 -25.89 -5.50 41.26
CA HIS G 15 -25.86 -6.74 40.50
C HIS G 15 -24.45 -7.30 40.41
N ALA G 16 -23.44 -6.43 40.33
CA ALA G 16 -22.07 -6.90 40.29
C ALA G 16 -21.69 -7.61 41.59
N ILE G 17 -22.14 -7.08 42.73
CA ILE G 17 -21.90 -7.77 44.00
C ILE G 17 -22.59 -9.11 44.03
N LEU G 18 -23.87 -9.14 43.63
CA LEU G 18 -24.61 -10.40 43.70
C LEU G 18 -24.02 -11.45 42.76
N LYS G 19 -23.65 -11.04 41.56
CA LYS G 19 -23.14 -11.98 40.57
C LYS G 19 -21.73 -12.47 40.92
N GLU G 20 -20.85 -11.55 41.30
CA GLU G 20 -19.46 -11.88 41.62
C GLU G 20 -19.36 -12.39 43.06
N SER G 21 -19.79 -13.63 43.27
CA SER G 21 -19.69 -14.30 44.55
C SER G 21 -18.83 -15.55 44.39
N GLN G 22 -17.81 -15.68 45.23
CA GLN G 22 -16.92 -16.82 45.18
C GLN G 22 -17.40 -17.98 46.04
N TYR G 23 -18.54 -17.84 46.71
CA TYR G 23 -19.03 -18.84 47.65
C TYR G 23 -20.40 -19.33 47.20
N THR G 24 -20.61 -20.64 47.34
CA THR G 24 -21.87 -21.25 46.96
C THR G 24 -22.70 -21.55 48.19
N ILE G 25 -23.99 -21.27 48.08
CA ILE G 25 -24.92 -21.48 49.17
C ILE G 25 -25.20 -22.97 49.28
N LYS G 26 -25.63 -23.41 50.46
CA LYS G 26 -25.98 -24.80 50.69
C LYS G 26 -27.29 -24.84 51.47
N ARG G 27 -28.29 -25.51 50.91
CA ARG G 27 -29.59 -25.61 51.56
C ARG G 27 -30.17 -26.99 51.31
N ASP G 28 -31.18 -27.34 52.10
CA ASP G 28 -31.83 -28.63 52.02
C ASP G 28 -30.81 -29.76 52.15
N VAL G 29 -29.85 -29.58 53.06
CA VAL G 29 -28.71 -30.50 53.13
C VAL G 29 -29.17 -31.90 53.51
N GLY G 30 -30.05 -32.01 54.50
CA GLY G 30 -30.44 -33.32 54.98
C GLY G 30 -31.71 -33.86 54.34
N THR G 31 -32.13 -33.25 53.24
CA THR G 31 -33.39 -33.56 52.60
C THR G 31 -33.16 -34.46 51.38
N THR G 32 -34.22 -35.14 50.96
CA THR G 32 -34.20 -36.00 49.80
C THR G 32 -35.47 -35.80 48.98
N THR G 33 -35.40 -36.20 47.71
CA THR G 33 -36.53 -36.09 46.80
C THR G 33 -36.55 -37.33 45.91
N ALA G 34 -37.67 -37.53 45.23
CA ALA G 34 -37.90 -38.72 44.42
C ALA G 34 -37.76 -38.42 42.95
N VAL G 35 -37.16 -39.35 42.22
CA VAL G 35 -37.18 -39.34 40.76
C VAL G 35 -37.55 -40.73 40.28
N THR G 36 -37.94 -40.82 39.03
CA THR G 36 -38.32 -42.04 38.37
C THR G 36 -37.48 -42.23 37.12
N PRO G 37 -36.77 -43.35 36.97
CA PRO G 37 -35.91 -43.53 35.81
C PRO G 37 -36.73 -43.70 34.54
N SER G 38 -36.08 -43.40 33.41
CA SER G 38 -36.76 -43.50 32.12
C SER G 38 -37.29 -44.90 31.86
N SER G 39 -36.66 -45.91 32.46
CA SER G 39 -37.10 -47.29 32.28
C SER G 39 -38.51 -47.51 32.80
N LEU G 40 -39.03 -46.61 33.63
CA LEU G 40 -40.37 -46.69 34.16
C LEU G 40 -41.35 -45.75 33.48
N GLN G 41 -40.96 -45.10 32.39
CA GLN G 41 -41.84 -44.10 31.78
C GLN G 41 -43.17 -44.72 31.37
N GLN G 42 -43.12 -45.86 30.68
CA GLN G 42 -44.35 -46.52 30.27
C GLN G 42 -45.25 -46.84 31.45
N GLU G 43 -44.68 -46.97 32.64
CA GLU G 43 -45.49 -47.18 33.83
C GLU G 43 -46.04 -45.86 34.36
N ILE G 44 -45.18 -44.84 34.46
CA ILE G 44 -45.65 -43.58 35.04
C ILE G 44 -46.72 -42.97 34.18
N THR G 45 -46.62 -43.14 32.86
CA THR G 45 -47.68 -42.68 31.97
C THR G 45 -49.03 -43.20 32.44
N LEU G 46 -49.12 -44.51 32.70
CA LEU G 46 -50.38 -45.07 33.19
C LEU G 46 -50.85 -44.29 34.40
N LEU G 47 -49.98 -44.12 35.40
CA LEU G 47 -50.38 -43.38 36.58
C LEU G 47 -50.82 -41.97 36.22
N CYS G 48 -50.05 -41.29 35.37
CA CYS G 48 -50.37 -39.91 35.04
C CYS G 48 -51.69 -39.78 34.29
N GLY G 49 -52.23 -40.89 33.81
CA GLY G 49 -53.51 -40.86 33.12
C GLY G 49 -54.62 -41.39 33.99
N GLU G 50 -54.27 -42.23 34.96
CA GLU G 50 -55.29 -42.72 35.87
C GLU G 50 -55.71 -41.66 36.87
N ILE G 51 -55.02 -40.53 36.88
CA ILE G 51 -55.45 -39.36 37.61
C ILE G 51 -56.48 -38.57 36.80
N LEU G 52 -56.57 -38.82 35.49
CA LEU G 52 -57.28 -37.88 34.64
C LEU G 52 -58.71 -38.34 34.33
N TYR G 53 -58.97 -39.64 34.23
CA TYR G 53 -60.30 -39.99 33.75
C TYR G 53 -61.19 -40.50 34.88
N ALA G 54 -60.72 -40.48 36.12
CA ALA G 54 -61.51 -40.92 37.25
C ALA G 54 -61.69 -39.77 38.22
N LYS G 55 -62.70 -39.89 39.07
CA LYS G 55 -63.05 -38.84 40.03
C LYS G 55 -62.52 -39.25 41.39
N HIS G 56 -61.40 -38.67 41.79
CA HIS G 56 -60.66 -39.08 42.97
C HIS G 56 -60.98 -38.16 44.15
N ALA G 57 -61.09 -38.77 45.34
CA ALA G 57 -61.30 -37.98 46.55
C ALA G 57 -60.08 -37.14 46.88
N ASP G 58 -58.88 -37.71 46.74
CA ASP G 58 -57.64 -37.03 47.09
C ASP G 58 -56.77 -36.89 45.84
N TYR G 59 -56.44 -35.65 45.50
CA TYR G 59 -55.55 -35.31 44.38
C TYR G 59 -54.24 -34.75 44.90
N LYS G 60 -53.70 -35.32 45.98
CA LYS G 60 -52.66 -34.64 46.74
C LYS G 60 -51.31 -34.67 46.02
N TYR G 61 -50.98 -35.79 45.38
CA TYR G 61 -49.66 -35.98 44.79
C TYR G 61 -49.67 -35.99 43.27
N ALA G 62 -50.68 -35.39 42.64
CA ALA G 62 -50.69 -35.36 41.18
C ALA G 62 -49.50 -34.58 40.65
N ALA G 63 -49.11 -33.51 41.34
CA ALA G 63 -47.95 -32.74 40.93
C ALA G 63 -46.67 -33.57 41.00
N GLU G 64 -46.53 -34.37 42.05
CA GLU G 64 -45.36 -35.23 42.15
C GLU G 64 -45.34 -36.26 41.03
N ILE G 65 -46.51 -36.74 40.59
CA ILE G 65 -46.53 -37.67 39.47
C ILE G 65 -46.16 -36.98 38.16
N GLY G 66 -46.58 -35.74 37.96
CA GLY G 66 -46.11 -35.01 36.80
C GLY G 66 -44.61 -34.81 36.80
N ILE G 67 -44.07 -34.47 37.97
CA ILE G 67 -42.62 -34.30 38.09
C ILE G 67 -41.91 -35.64 37.92
N GLN G 68 -42.53 -36.73 38.33
CA GLN G 68 -41.96 -38.05 38.05
C GLN G 68 -41.87 -38.29 36.56
N TYR G 69 -42.90 -37.94 35.81
CA TYR G 69 -42.83 -38.10 34.37
C TYR G 69 -41.72 -37.22 33.78
N ILE G 70 -41.57 -36.00 34.30
CA ILE G 70 -40.47 -35.15 33.85
C ILE G 70 -39.13 -35.83 34.08
N SER G 71 -38.98 -36.46 35.24
CA SER G 71 -37.76 -37.18 35.58
C SER G 71 -37.51 -38.36 34.65
N THR G 72 -38.58 -39.06 34.25
CA THR G 72 -38.40 -40.11 33.26
C THR G 72 -37.94 -39.53 31.92
N ALA G 73 -38.49 -38.37 31.55
CA ALA G 73 -38.15 -37.77 30.27
C ALA G 73 -36.70 -37.33 30.23
N LEU G 74 -36.26 -36.56 31.23
CA LEU G 74 -34.90 -36.05 31.24
C LEU G 74 -33.89 -37.13 31.62
N GLY G 75 -34.26 -38.00 32.52
CA GLY G 75 -33.39 -39.02 33.07
C GLY G 75 -33.05 -38.72 34.52
N SER G 76 -32.79 -39.77 35.28
CA SER G 76 -32.52 -39.61 36.70
C SER G 76 -31.24 -38.82 36.94
N GLU G 77 -30.17 -39.13 36.21
CA GLU G 77 -28.89 -38.45 36.44
C GLU G 77 -28.96 -36.98 36.04
N ARG G 78 -29.58 -36.68 34.90
CA ARG G 78 -29.75 -35.30 34.49
C ARG G 78 -30.61 -34.54 35.48
N VAL G 79 -31.60 -35.21 36.07
CA VAL G 79 -32.48 -34.56 37.05
C VAL G 79 -31.72 -34.26 38.33
N GLN G 80 -30.88 -35.21 38.77
CA GLN G 80 -30.02 -34.94 39.93
C GLN G 80 -29.10 -33.77 39.68
N GLN G 81 -28.51 -33.71 38.48
CA GLN G 81 -27.64 -32.58 38.13
C GLN G 81 -28.41 -31.28 38.13
N ILE G 82 -29.63 -31.29 37.60
CA ILE G 82 -30.46 -30.08 37.59
C ILE G 82 -30.75 -29.60 39.00
N LEU G 83 -31.10 -30.54 39.88
CA LEU G 83 -31.36 -30.17 41.28
C LEU G 83 -30.11 -29.63 41.95
N ARG G 84 -28.95 -30.22 41.67
CA ARG G 84 -27.70 -29.75 42.24
C ARG G 84 -27.31 -28.35 41.77
N ASN G 85 -27.44 -28.06 40.48
CA ASN G 85 -27.10 -26.73 39.98
C ASN G 85 -28.15 -25.68 40.30
N SER G 86 -29.25 -26.04 40.94
CA SER G 86 -30.26 -25.08 41.32
C SER G 86 -30.02 -24.51 42.72
N GLY G 87 -28.89 -24.83 43.33
CA GLY G 87 -28.57 -24.36 44.66
C GLY G 87 -29.12 -25.18 45.79
N SER G 88 -29.67 -26.36 45.51
CA SER G 88 -30.31 -27.21 46.51
C SER G 88 -29.58 -28.54 46.56
N GLU G 89 -29.18 -28.94 47.77
CA GLU G 89 -28.44 -30.19 47.97
C GLU G 89 -29.39 -31.31 48.38
N VAL G 90 -30.42 -31.50 47.57
CA VAL G 90 -31.39 -32.57 47.76
C VAL G 90 -30.82 -33.84 47.15
N GLN G 91 -30.81 -34.92 47.93
CA GLN G 91 -30.35 -36.19 47.43
C GLN G 91 -31.50 -36.94 46.76
N VAL G 92 -31.33 -37.18 45.48
CA VAL G 92 -32.30 -37.91 44.66
C VAL G 92 -32.46 -39.33 45.20
N VAL G 93 -33.71 -39.78 45.31
CA VAL G 93 -34.03 -41.16 45.63
C VAL G 93 -34.74 -41.78 44.44
N LEU G 94 -34.27 -42.94 44.01
CA LEU G 94 -34.82 -43.58 42.82
C LEU G 94 -36.20 -44.17 43.12
N THR G 95 -36.87 -44.60 42.05
CA THR G 95 -38.20 -45.17 42.12
C THR G 95 -38.13 -46.66 41.83
N ARG G 96 -38.90 -47.44 42.58
CA ARG G 96 -38.93 -48.89 42.43
C ARG G 96 -40.35 -49.34 42.13
N THR G 97 -40.48 -50.62 41.80
CA THR G 97 -41.76 -51.22 41.49
C THR G 97 -42.06 -52.34 42.47
N TYR G 98 -43.35 -52.63 42.65
CA TYR G 98 -43.76 -53.70 43.55
C TYR G 98 -45.09 -54.26 43.08
N SER G 99 -45.42 -55.44 43.59
CA SER G 99 -46.65 -56.13 43.21
C SER G 99 -47.66 -56.16 44.34
N GLN G 112 -47.99 -54.56 38.06
CA GLN G 112 -47.13 -53.94 39.06
C GLN G 112 -47.44 -52.44 39.22
N MET G 113 -47.01 -51.88 40.33
CA MET G 113 -47.23 -50.49 40.68
C MET G 113 -45.92 -49.87 41.13
N LEU G 114 -45.94 -48.55 41.33
CA LEU G 114 -44.76 -47.78 41.66
C LEU G 114 -44.73 -47.44 43.15
N ASP G 115 -43.53 -47.44 43.71
CA ASP G 115 -43.27 -47.00 45.08
C ASP G 115 -42.39 -45.76 44.98
N ILE G 116 -43.03 -44.61 44.85
CA ILE G 116 -42.33 -43.34 44.70
C ILE G 116 -42.05 -42.79 46.08
N HIS G 117 -40.82 -42.29 46.27
CA HIS G 117 -40.39 -41.78 47.56
C HIS G 117 -41.14 -40.50 47.90
N GLY G 118 -41.70 -40.44 49.11
CA GLY G 118 -42.49 -39.31 49.53
C GLY G 118 -43.92 -39.35 49.05
N VAL G 119 -44.30 -40.35 48.26
CA VAL G 119 -45.67 -40.57 47.82
C VAL G 119 -46.14 -41.86 48.47
N GLU G 120 -47.18 -41.76 49.30
CA GLU G 120 -47.64 -42.92 50.05
C GLU G 120 -48.21 -43.97 49.11
N LYS G 121 -47.86 -45.23 49.36
CA LYS G 121 -48.35 -46.32 48.52
C LYS G 121 -49.86 -46.44 48.60
N SER G 122 -50.46 -46.02 49.71
CA SER G 122 -51.91 -46.00 49.82
C SER G 122 -52.52 -45.09 48.76
N TRP G 123 -51.90 -43.94 48.52
CA TRP G 123 -52.39 -43.01 47.51
C TRP G 123 -52.34 -43.63 46.12
N VAL G 124 -51.21 -44.24 45.77
CA VAL G 124 -51.08 -44.85 44.45
C VAL G 124 -52.08 -45.98 44.27
N GLU G 125 -52.26 -46.82 45.30
CA GLU G 125 -53.25 -47.88 45.22
C GLU G 125 -54.66 -47.32 45.07
N GLU G 126 -54.98 -46.23 45.79
CA GLU G 126 -56.29 -45.62 45.69
C GLU G 126 -56.55 -45.10 44.28
N ILE G 127 -55.57 -44.39 43.71
CA ILE G 127 -55.75 -43.85 42.36
C ILE G 127 -55.92 -44.97 41.36
N ASP G 128 -55.09 -46.01 41.45
CA ASP G 128 -55.20 -47.12 40.51
C ASP G 128 -56.54 -47.82 40.64
N LYS G 129 -56.99 -48.08 41.87
CA LYS G 129 -58.26 -48.78 42.06
C LYS G 129 -59.43 -47.94 41.58
N GLU G 130 -59.41 -46.64 41.86
CA GLU G 130 -60.48 -45.76 41.39
C GLU G 130 -60.56 -45.75 39.87
N ALA G 131 -59.41 -45.67 39.21
CA ALA G 131 -59.40 -45.67 37.75
C ALA G 131 -59.89 -47.00 37.20
N ARG G 132 -59.46 -48.12 37.81
CA ARG G 132 -59.90 -49.42 37.32
C ARG G 132 -61.40 -49.60 37.50
N LYS G 133 -61.95 -49.15 38.63
CA LYS G 133 -63.39 -49.25 38.85
C LYS G 133 -64.16 -48.38 37.87
N THR G 134 -63.69 -47.16 37.62
CA THR G 134 -64.36 -46.31 36.64
C THR G 134 -64.30 -46.92 35.25
N MET G 135 -63.16 -47.51 34.89
CA MET G 135 -63.05 -48.13 33.57
C MET G 135 -64.00 -49.31 33.45
N ALA G 136 -64.10 -50.12 34.51
CA ALA G 136 -65.02 -51.25 34.49
C ALA G 136 -66.47 -50.78 34.38
N THR G 137 -66.82 -49.71 35.08
CA THR G 137 -68.18 -49.18 35.02
C THR G 137 -68.51 -48.62 33.64
N LEU G 138 -67.57 -47.89 33.03
CA LEU G 138 -67.79 -47.35 31.70
C LEU G 138 -67.64 -48.39 30.59
N LEU G 139 -67.13 -49.57 30.91
CA LEU G 139 -67.08 -50.64 29.92
C LEU G 139 -68.27 -51.58 30.03
N LYS G 140 -68.74 -51.84 31.25
CA LYS G 140 -69.86 -52.75 31.44
C LYS G 140 -71.16 -52.13 30.93
N GLU G 141 -71.43 -50.88 31.32
CA GLU G 141 -72.68 -50.24 30.91
C GLU G 141 -72.65 -49.86 29.43
N SER G 142 -71.55 -49.27 28.97
CA SER G 142 -71.51 -48.75 27.61
C SER G 142 -71.37 -49.88 26.60
N SER G 143 -71.19 -49.51 25.34
CA SER G 143 -71.16 -50.44 24.22
C SER G 143 -69.76 -51.01 23.96
N GLY G 144 -68.78 -50.69 24.80
CA GLY G 144 -67.45 -51.22 24.61
C GLY G 144 -66.74 -50.71 23.38
N ASN G 145 -66.80 -49.40 23.12
CA ASN G 145 -66.11 -48.83 21.98
C ASN G 145 -65.16 -47.73 22.44
N ILE G 146 -64.39 -48.00 23.48
CA ILE G 146 -63.48 -47.00 24.04
C ILE G 146 -62.39 -46.69 23.02
N PRO G 147 -62.26 -45.44 22.57
CA PRO G 147 -61.22 -45.11 21.60
C PRO G 147 -59.83 -45.14 22.20
N GLN G 148 -58.84 -44.93 21.35
CA GLN G 148 -57.46 -45.05 21.78
C GLN G 148 -57.03 -43.87 22.64
N ASN G 149 -57.77 -42.76 22.55
CA ASN G 149 -57.36 -41.57 23.31
C ASN G 149 -58.08 -41.50 24.64
N GLN G 150 -59.13 -42.29 24.83
CA GLN G 150 -59.90 -42.18 26.06
C GLN G 150 -59.40 -43.08 27.18
N ARG G 151 -58.40 -43.92 26.92
CA ARG G 151 -57.92 -44.84 27.94
C ARG G 151 -56.79 -44.21 28.75
N PRO G 152 -56.60 -44.66 30.01
CA PRO G 152 -55.55 -44.07 30.85
C PRO G 152 -54.14 -44.23 30.31
N SER G 153 -53.86 -45.30 29.58
CA SER G 153 -52.52 -45.56 29.08
C SER G 153 -52.19 -44.74 27.83
N ALA G 154 -52.96 -43.69 27.55
CA ALA G 154 -52.63 -42.82 26.44
C ALA G 154 -51.30 -42.13 26.71
N PRO G 155 -50.49 -41.91 25.68
CA PRO G 155 -49.14 -41.38 25.90
C PRO G 155 -49.08 -39.87 26.08
N ASP G 156 -50.17 -39.13 25.87
CA ASP G 156 -50.18 -37.70 26.13
C ASP G 156 -50.82 -37.34 27.46
N THR G 157 -51.29 -38.33 28.22
CA THR G 157 -51.83 -38.03 29.55
C THR G 157 -50.84 -37.37 30.50
N PRO G 158 -49.57 -37.80 30.60
CA PRO G 158 -48.65 -37.05 31.44
C PRO G 158 -48.47 -35.63 30.99
N ILE G 159 -48.50 -35.37 29.69
CA ILE G 159 -48.41 -34.00 29.21
C ILE G 159 -49.70 -33.24 29.48
N ILE G 160 -50.85 -33.93 29.48
CA ILE G 160 -52.09 -33.26 29.84
C ILE G 160 -52.08 -32.82 31.30
N LEU G 161 -51.58 -33.66 32.20
CA LEU G 161 -51.41 -33.25 33.59
C LEU G 161 -50.39 -32.11 33.72
N LEU G 162 -49.27 -32.21 33.00
CA LEU G 162 -48.29 -31.14 33.04
C LEU G 162 -48.80 -29.86 32.41
N CYS G 163 -49.87 -29.93 31.60
CA CYS G 163 -50.47 -28.71 31.07
C CYS G 163 -51.24 -27.94 32.14
N VAL G 164 -51.98 -28.66 32.99
CA VAL G 164 -52.55 -28.01 34.18
C VAL G 164 -51.44 -27.45 35.06
N GLY G 165 -50.36 -28.22 35.21
CA GLY G 165 -49.20 -27.71 35.93
C GLY G 165 -48.58 -26.46 35.34
N ALA G 166 -48.53 -26.37 34.02
CA ALA G 166 -47.98 -25.18 33.37
C ALA G 166 -48.93 -24.00 33.44
N LEU G 167 -50.24 -24.27 33.45
CA LEU G 167 -51.21 -23.19 33.64
C LEU G 167 -51.07 -22.58 35.02
N ILE G 168 -50.92 -23.42 36.03
CA ILE G 168 -50.73 -22.90 37.39
C ILE G 168 -49.31 -22.40 37.58
N PHE G 169 -48.40 -22.77 36.69
CA PHE G 169 -47.03 -22.25 36.73
C PHE G 169 -46.99 -20.77 36.33
N THR G 170 -47.81 -20.38 35.35
CA THR G 170 -47.81 -18.99 34.91
C THR G 170 -48.35 -18.06 35.98
N LYS G 171 -48.99 -18.59 37.02
CA LYS G 171 -49.56 -17.81 38.10
C LYS G 171 -48.84 -18.05 39.42
N LEU G 172 -47.52 -18.19 39.40
CA LEU G 172 -46.79 -18.41 40.64
C LEU G 172 -46.42 -17.09 41.29
N ALA G 173 -46.33 -16.02 40.49
CA ALA G 173 -46.11 -14.69 41.06
C ALA G 173 -47.40 -14.14 41.66
N SER G 174 -48.54 -14.59 41.15
CA SER G 174 -49.83 -14.14 41.67
C SER G 174 -50.16 -14.88 42.97
N THR G 175 -51.40 -14.70 43.43
CA THR G 175 -51.84 -15.36 44.64
C THR G 175 -52.41 -16.75 44.33
N ILE G 176 -52.76 -17.47 45.39
CA ILE G 176 -53.29 -18.83 45.22
C ILE G 176 -54.70 -18.80 44.63
N GLU G 177 -55.56 -17.92 45.13
CA GLU G 177 -56.95 -17.93 44.67
C GLU G 177 -57.05 -17.43 43.24
N VAL G 178 -56.31 -16.37 42.91
CA VAL G 178 -56.27 -15.88 41.54
C VAL G 178 -55.68 -16.95 40.62
N GLY G 179 -54.62 -17.62 41.08
CA GLY G 179 -54.02 -18.67 40.28
C GLY G 179 -54.97 -19.81 39.98
N LEU G 180 -55.71 -20.26 40.99
CA LEU G 180 -56.64 -21.36 40.78
C LEU G 180 -57.80 -20.95 39.88
N GLU G 181 -58.36 -19.76 40.11
CA GLU G 181 -59.46 -19.30 39.28
C GLU G 181 -59.02 -19.17 37.83
N THR G 182 -57.86 -18.56 37.60
CA THR G 182 -57.34 -18.41 36.25
C THR G 182 -57.03 -19.75 35.61
N THR G 183 -56.48 -20.69 36.38
CA THR G 183 -56.19 -22.01 35.84
C THR G 183 -57.44 -22.69 35.36
N VAL G 184 -58.50 -22.68 36.17
CA VAL G 184 -59.73 -23.34 35.75
C VAL G 184 -60.34 -22.65 34.54
N ARG G 185 -60.38 -21.31 34.56
CA ARG G 185 -60.97 -20.57 33.46
C ARG G 185 -60.24 -20.82 32.16
N ARG G 186 -58.91 -20.81 32.20
CA ARG G 186 -58.12 -20.99 30.99
C ARG G 186 -58.08 -22.45 30.57
N ALA G 187 -58.24 -23.38 31.50
CA ALA G 187 -58.16 -24.79 31.15
C ALA G 187 -59.46 -25.28 30.54
N ASN G 188 -60.58 -24.60 30.81
CA ASN G 188 -61.79 -24.98 30.10
C ASN G 188 -61.71 -24.72 28.59
N ARG G 189 -60.75 -23.92 28.15
CA ARG G 189 -60.59 -23.61 26.73
C ARG G 189 -59.29 -24.13 26.14
N VAL G 190 -58.18 -23.92 26.83
CA VAL G 190 -56.89 -24.44 26.40
C VAL G 190 -56.92 -25.97 26.34
N LEU G 191 -57.46 -26.60 27.37
CA LEU G 191 -57.51 -28.06 27.47
C LEU G 191 -58.90 -28.60 27.18
N SER G 192 -59.59 -28.04 26.19
CA SER G 192 -60.93 -28.53 25.89
C SER G 192 -60.90 -29.95 25.35
N ASP G 193 -59.93 -30.26 24.49
CA ASP G 193 -59.87 -31.59 23.88
C ASP G 193 -59.62 -32.66 24.93
N ALA G 194 -58.72 -32.42 25.87
CA ALA G 194 -58.48 -33.38 26.94
C ALA G 194 -59.71 -33.53 27.83
N LEU G 195 -60.41 -32.43 28.09
CA LEU G 195 -61.65 -32.50 28.86
C LEU G 195 -62.70 -33.33 28.14
N LYS G 196 -62.81 -33.21 26.82
CA LYS G 196 -63.70 -34.06 26.06
C LYS G 196 -63.28 -35.52 26.16
N ARG G 197 -61.98 -35.79 26.04
CA ARG G 197 -61.49 -37.16 26.14
C ARG G 197 -61.68 -37.71 27.55
N TYR G 198 -61.41 -36.90 28.57
CA TYR G 198 -61.60 -37.31 29.96
C TYR G 198 -62.64 -36.41 30.59
N PRO G 199 -63.93 -36.77 30.53
CA PRO G 199 -64.95 -35.89 31.08
C PRO G 199 -64.76 -35.55 32.54
N ARG G 200 -64.21 -36.46 33.33
CA ARG G 200 -64.07 -36.26 34.76
C ARG G 200 -62.60 -36.12 35.11
N MET G 201 -62.07 -34.92 34.87
CA MET G 201 -60.75 -34.51 35.31
C MET G 201 -60.92 -33.20 36.07
N ASP G 202 -60.43 -33.17 37.31
CA ASP G 202 -60.72 -32.05 38.19
C ASP G 202 -59.55 -31.09 38.13
N ILE G 203 -59.64 -30.13 37.20
CA ILE G 203 -58.60 -29.11 37.08
C ILE G 203 -58.40 -28.34 38.38
N PRO G 204 -59.43 -27.98 39.16
CA PRO G 204 -59.17 -27.30 40.43
C PRO G 204 -58.25 -28.06 41.39
N LYS G 205 -58.51 -29.35 41.64
CA LYS G 205 -57.71 -30.07 42.62
C LYS G 205 -56.30 -30.34 42.11
N ILE G 206 -56.17 -30.67 40.83
CA ILE G 206 -54.84 -30.87 40.26
C ILE G 206 -54.04 -29.57 40.28
N ALA G 207 -54.70 -28.45 39.99
CA ALA G 207 -54.03 -27.16 40.05
C ALA G 207 -53.60 -26.83 41.47
N ARG G 208 -54.44 -27.14 42.45
CA ARG G 208 -54.05 -26.95 43.85
C ARG G 208 -52.84 -27.80 44.20
N SER G 209 -52.82 -29.06 43.73
CA SER G 209 -51.67 -29.92 43.98
C SER G 209 -50.40 -29.34 43.37
N PHE G 210 -50.49 -28.82 42.15
CA PHE G 210 -49.32 -28.26 41.51
C PHE G 210 -48.85 -27.00 42.20
N TYR G 211 -49.78 -26.16 42.66
CA TYR G 211 -49.38 -24.97 43.41
C TYR G 211 -48.69 -25.36 44.71
N ASP G 212 -49.21 -26.36 45.41
CA ASP G 212 -48.56 -26.84 46.62
C ASP G 212 -47.16 -27.35 46.35
N LEU G 213 -46.97 -28.13 45.28
CA LEU G 213 -45.64 -28.62 44.95
C LEU G 213 -44.69 -27.47 44.66
N PHE G 214 -45.13 -26.51 43.85
CA PHE G 214 -44.24 -25.41 43.48
C PHE G 214 -43.86 -24.57 44.70
N GLU G 215 -44.78 -24.43 45.66
CA GLU G 215 -44.46 -23.65 46.85
C GLU G 215 -43.53 -24.42 47.79
N GLN G 216 -43.80 -25.71 48.02
CA GLN G 216 -43.00 -26.47 48.97
C GLN G 216 -41.60 -26.75 48.43
N LYS G 217 -41.53 -27.43 47.29
CA LYS G 217 -40.26 -27.78 46.67
C LYS G 217 -39.93 -26.76 45.60
N VAL G 218 -39.07 -25.80 45.92
CA VAL G 218 -38.73 -24.74 44.99
C VAL G 218 -37.76 -25.19 43.91
N TYR G 219 -36.96 -26.24 44.17
CA TYR G 219 -36.10 -26.80 43.14
C TYR G 219 -36.88 -27.43 42.00
N HIS G 220 -38.12 -27.84 42.25
CA HIS G 220 -38.97 -28.38 41.20
C HIS G 220 -39.41 -27.33 40.21
N ARG G 221 -39.37 -26.04 40.59
CA ARG G 221 -39.51 -25.00 39.59
C ARG G 221 -38.36 -25.05 38.59
N SER G 222 -37.13 -25.25 39.08
CA SER G 222 -36.00 -25.40 38.18
C SER G 222 -36.12 -26.66 37.33
N LEU G 223 -36.57 -27.77 37.92
CA LEU G 223 -36.79 -28.98 37.12
C LEU G 223 -37.84 -28.75 36.04
N PHE G 224 -38.92 -28.06 36.38
CA PHE G 224 -40.02 -27.84 35.45
C PHE G 224 -39.57 -26.91 34.31
N ILE G 225 -38.75 -25.92 34.63
CA ILE G 225 -38.17 -25.06 33.61
C ILE G 225 -37.21 -25.83 32.71
N GLU G 226 -36.42 -26.74 33.29
CA GLU G 226 -35.51 -27.55 32.47
C GLU G 226 -36.30 -28.46 31.54
N TYR G 227 -37.43 -28.99 32.00
CA TYR G 227 -38.28 -29.76 31.09
C TYR G 227 -38.83 -28.87 29.98
N GLY G 228 -39.24 -27.65 30.32
CA GLY G 228 -39.72 -26.74 29.29
C GLY G 228 -38.67 -26.47 28.23
N LYS G 229 -37.41 -26.29 28.65
CA LYS G 229 -36.33 -26.06 27.70
C LYS G 229 -36.04 -27.32 26.87
N ALA G 230 -35.97 -28.47 27.53
CA ALA G 230 -35.67 -29.70 26.83
C ALA G 230 -36.78 -30.10 25.87
N LEU G 231 -37.99 -29.60 26.09
CA LEU G 231 -39.11 -29.83 25.21
C LEU G 231 -39.15 -28.83 24.06
N GLY G 232 -38.94 -27.55 24.35
CA GLY G 232 -38.90 -26.56 23.29
C GLY G 232 -37.75 -26.77 22.33
N SER G 233 -36.63 -27.30 22.82
CA SER G 233 -35.48 -27.57 21.97
C SER G 233 -35.64 -28.82 21.12
N SER G 234 -36.69 -29.61 21.34
CA SER G 234 -36.88 -30.84 20.61
C SER G 234 -37.19 -30.56 19.15
N SER G 235 -36.81 -31.51 18.28
CA SER G 235 -37.04 -31.39 16.85
C SER G 235 -38.49 -31.68 16.48
N THR G 236 -39.15 -32.58 17.20
CA THR G 236 -40.54 -32.94 16.95
C THR G 236 -41.28 -33.01 18.27
N GLY G 237 -42.61 -32.95 18.19
CA GLY G 237 -43.43 -33.08 19.37
C GLY G 237 -44.88 -33.24 18.99
N SER G 238 -45.64 -33.79 19.93
CA SER G 238 -47.07 -33.95 19.74
C SER G 238 -47.76 -32.62 20.02
N LYS G 239 -49.08 -32.59 19.82
CA LYS G 239 -49.81 -31.35 20.07
C LYS G 239 -49.86 -31.03 21.55
N ALA G 240 -49.84 -32.07 22.41
CA ALA G 240 -49.78 -31.83 23.85
C ALA G 240 -48.50 -31.12 24.24
N GLU G 241 -47.37 -31.55 23.69
CA GLU G 241 -46.10 -30.93 24.05
C GLU G 241 -45.99 -29.53 23.47
N SER G 242 -46.55 -29.30 22.29
CA SER G 242 -46.59 -27.95 21.74
C SER G 242 -47.45 -27.03 22.59
N LEU G 243 -48.59 -27.54 23.09
CA LEU G 243 -49.41 -26.76 24.00
C LEU G 243 -48.68 -26.46 25.30
N PHE G 244 -47.98 -27.45 25.86
CA PHE G 244 -47.23 -27.22 27.08
C PHE G 244 -46.18 -26.15 26.86
N VAL G 245 -45.48 -26.19 25.74
CA VAL G 245 -44.46 -25.18 25.49
C VAL G 245 -45.09 -23.81 25.28
N ASN G 246 -46.27 -23.75 24.65
CA ASN G 246 -46.95 -22.48 24.49
C ASN G 246 -47.28 -21.85 25.84
N ILE G 247 -47.81 -22.65 26.77
CA ILE G 247 -48.13 -22.13 28.10
C ILE G 247 -46.86 -21.76 28.86
N PHE G 248 -45.85 -22.62 28.79
CA PHE G 248 -44.59 -22.36 29.46
C PHE G 248 -43.99 -21.04 29.01
N MET G 249 -44.08 -20.73 27.71
CA MET G 249 -43.58 -19.45 27.23
C MET G 249 -44.52 -18.31 27.60
N GLN G 250 -45.81 -18.59 27.77
CA GLN G 250 -46.70 -17.56 28.29
C GLN G 250 -46.33 -17.20 29.73
N ALA G 251 -45.60 -18.08 30.41
CA ALA G 251 -45.16 -17.77 31.77
C ALA G 251 -43.87 -16.96 31.83
N TYR G 252 -43.27 -16.59 30.68
CA TYR G 252 -41.88 -16.14 30.69
C TYR G 252 -41.70 -14.87 31.52
N GLY G 253 -42.47 -13.84 31.24
CA GLY G 253 -42.27 -12.59 31.97
C GLY G 253 -42.97 -12.50 33.29
N ALA G 254 -43.09 -13.60 34.03
CA ALA G 254 -43.87 -13.59 35.26
C ALA G 254 -43.16 -12.77 36.32
N GLY G 255 -43.95 -12.00 37.07
CA GLY G 255 -43.43 -11.17 38.12
C GLY G 255 -42.83 -9.86 37.67
N GLN G 256 -42.91 -9.54 36.38
CA GLN G 256 -42.32 -8.31 35.85
C GLN G 256 -43.25 -7.66 34.85
N THR G 257 -44.55 -7.60 35.14
CA THR G 257 -45.46 -6.97 34.21
C THR G 257 -45.28 -5.47 34.15
N MET G 258 -44.62 -4.88 35.15
CA MET G 258 -44.40 -3.44 35.11
C MET G 258 -43.40 -3.05 34.03
N LEU G 259 -42.37 -3.88 33.80
CA LEU G 259 -41.43 -3.60 32.72
C LEU G 259 -42.10 -3.72 31.35
N ARG G 260 -42.93 -4.74 31.17
CA ARG G 260 -43.66 -4.90 29.92
C ARG G 260 -44.60 -3.73 29.70
N TRP G 261 -45.27 -3.28 30.75
CA TRP G 261 -46.15 -2.13 30.62
C TRP G 261 -45.37 -0.84 30.42
N GLY G 262 -44.14 -0.78 30.92
CA GLY G 262 -43.32 0.39 30.65
C GLY G 262 -42.91 0.51 29.20
N VAL G 263 -42.49 -0.61 28.60
CA VAL G 263 -42.18 -0.55 27.18
C VAL G 263 -43.45 -0.33 26.38
N ILE G 264 -44.60 -0.82 26.87
CA ILE G 264 -45.87 -0.50 26.22
C ILE G 264 -46.13 1.00 26.26
N ALA G 265 -45.91 1.63 27.40
CA ALA G 265 -46.14 3.07 27.52
C ALA G 265 -45.21 3.85 26.60
N ARG G 266 -43.96 3.43 26.50
CA ARG G 266 -43.03 4.08 25.58
C ARG G 266 -43.48 3.90 24.13
N SER G 267 -44.02 2.73 23.79
CA SER G 267 -44.55 2.52 22.45
C SER G 267 -45.79 3.37 22.19
N SER G 268 -46.58 3.64 23.22
CA SER G 268 -47.78 4.45 23.09
C SER G 268 -47.49 5.93 22.98
N ASN G 269 -46.25 6.35 23.24
CA ASN G 269 -45.87 7.76 23.17
C ASN G 269 -46.78 8.61 24.08
N ASN G 270 -46.87 8.20 25.34
CA ASN G 270 -47.69 8.90 26.31
C ASN G 270 -47.06 10.25 26.63
N ILE G 271 -47.89 11.31 26.60
CA ILE G 271 -47.34 12.64 26.79
C ILE G 271 -46.85 12.83 28.23
N MET G 272 -47.51 12.21 29.19
CA MET G 272 -47.10 12.35 30.57
C MET G 272 -45.76 11.70 30.87
N LEU G 273 -45.21 10.92 29.93
CA LEU G 273 -43.84 10.48 30.08
C LEU G 273 -42.85 11.63 30.02
N GLY G 274 -43.22 12.75 29.41
CA GLY G 274 -42.42 13.95 29.34
C GLY G 274 -42.56 14.89 30.50
N HIS G 275 -43.34 14.52 31.51
CA HIS G 275 -43.46 15.32 32.73
C HIS G 275 -42.10 15.49 33.39
N VAL G 276 -42.03 16.43 34.33
CA VAL G 276 -40.74 16.73 34.96
C VAL G 276 -40.25 15.56 35.78
N SER G 277 -41.12 14.97 36.60
CA SER G 277 -40.68 13.90 37.50
C SER G 277 -40.41 12.61 36.74
N VAL G 278 -41.21 12.32 35.72
CA VAL G 278 -40.95 11.14 34.90
C VAL G 278 -39.59 11.27 34.22
N GLN G 279 -39.29 12.46 33.67
CA GLN G 279 -38.00 12.68 33.04
C GLN G 279 -36.88 12.65 34.08
N ALA G 280 -37.20 12.97 35.33
CA ALA G 280 -36.21 12.88 36.39
C ALA G 280 -35.85 11.42 36.67
N GLU G 281 -36.84 10.54 36.67
CA GLU G 281 -36.61 9.14 37.01
C GLU G 281 -36.22 8.27 35.81
N LEU G 282 -36.33 8.80 34.59
CA LEU G 282 -36.01 8.02 33.40
C LEU G 282 -34.60 7.49 33.39
N LYS G 283 -33.64 8.18 34.01
CA LYS G 283 -32.27 7.68 34.03
C LYS G 283 -32.18 6.33 34.74
N GLN G 284 -32.72 6.24 35.96
CA GLN G 284 -32.58 4.97 36.67
C GLN G 284 -33.53 3.93 36.11
N VAL G 285 -34.64 4.37 35.49
CA VAL G 285 -35.49 3.42 34.76
C VAL G 285 -34.69 2.74 33.65
N THR G 286 -33.99 3.54 32.85
CA THR G 286 -33.14 2.97 31.81
C THR G 286 -32.04 2.12 32.42
N GLU G 287 -31.61 2.44 33.64
CA GLU G 287 -30.65 1.58 34.32
C GLU G 287 -31.24 0.21 34.59
N VAL G 288 -32.51 0.15 35.03
CA VAL G 288 -33.15 -1.14 35.25
C VAL G 288 -33.23 -1.93 33.96
N TYR G 289 -33.60 -1.25 32.86
CA TYR G 289 -33.69 -1.95 31.59
C TYR G 289 -32.32 -2.43 31.11
N ASP G 290 -31.27 -1.65 31.35
CA ASP G 290 -29.93 -2.09 31.02
C ASP G 290 -29.54 -3.32 31.83
N LEU G 291 -29.94 -3.36 33.11
CA LEU G 291 -29.68 -4.54 33.91
C LEU G 291 -30.43 -5.76 33.36
N VAL G 292 -31.65 -5.54 32.89
CA VAL G 292 -32.40 -6.62 32.23
C VAL G 292 -31.61 -7.17 31.06
N ARG G 293 -31.11 -6.29 30.20
CA ARG G 293 -30.32 -6.73 29.05
C ARG G 293 -29.05 -7.43 29.50
N GLU G 294 -28.43 -6.95 30.58
CA GLU G 294 -27.19 -7.53 31.06
C GLU G 294 -27.40 -8.97 31.53
N MET G 295 -28.46 -9.22 32.30
CA MET G 295 -28.76 -10.59 32.68
C MET G 295 -29.13 -11.44 31.47
N GLY G 296 -29.94 -10.91 30.55
CA GLY G 296 -30.19 -11.59 29.31
C GLY G 296 -31.37 -12.54 29.36
N PRO G 297 -31.23 -13.70 28.70
CA PRO G 297 -32.38 -14.61 28.55
C PRO G 297 -32.92 -15.14 29.87
N GLU G 298 -32.07 -15.35 30.87
CA GLU G 298 -32.53 -15.93 32.12
C GLU G 298 -33.17 -14.92 33.04
N SER G 299 -33.25 -13.65 32.63
CA SER G 299 -33.85 -12.63 33.48
C SER G 299 -35.34 -12.87 33.66
N GLY G 300 -36.03 -13.34 32.61
CA GLY G 300 -37.46 -13.56 32.70
C GLY G 300 -37.83 -14.64 33.69
N LEU G 301 -36.98 -15.64 33.87
CA LEU G 301 -37.27 -16.74 34.77
C LEU G 301 -36.86 -16.47 36.21
N LEU G 302 -36.51 -15.21 36.55
CA LEU G 302 -36.04 -14.91 37.89
C LEU G 302 -37.15 -15.04 38.91
N HIS G 303 -38.30 -14.42 38.63
CA HIS G 303 -39.43 -14.49 39.56
C HIS G 303 -40.11 -15.86 39.54
N LEU G 304 -40.11 -16.54 38.39
CA LEU G 304 -40.66 -17.89 38.34
C LEU G 304 -39.86 -18.84 39.22
N ARG G 305 -38.54 -18.72 39.20
CA ARG G 305 -37.64 -19.53 40.01
C ARG G 305 -37.57 -19.08 41.45
N GLN G 306 -38.19 -17.94 41.79
CA GLN G 306 -37.92 -17.25 43.05
C GLN G 306 -36.43 -17.05 43.27
N SER G 307 -35.74 -16.65 42.23
CA SER G 307 -34.34 -16.32 42.37
C SER G 307 -34.23 -15.12 43.29
N PRO G 308 -33.40 -15.19 44.35
CA PRO G 308 -33.30 -14.06 45.28
C PRO G 308 -32.82 -12.80 44.59
N LYS G 309 -32.13 -12.97 43.47
CA LYS G 309 -31.68 -11.86 42.64
C LYS G 309 -32.82 -11.07 42.03
N ALA G 310 -34.02 -11.64 41.95
CA ALA G 310 -35.19 -10.88 41.56
C ALA G 310 -35.48 -9.81 42.61
N GLY G 311 -36.02 -8.70 42.14
CA GLY G 311 -36.14 -7.51 42.94
C GLY G 311 -35.11 -6.45 42.60
N LEU G 312 -34.06 -6.83 41.88
CA LEU G 312 -33.20 -5.84 41.24
C LEU G 312 -33.91 -5.22 40.06
N LEU G 313 -34.92 -5.90 39.52
CA LEU G 313 -35.68 -5.43 38.38
C LEU G 313 -36.94 -4.67 38.78
N SER G 314 -37.14 -4.41 40.06
CA SER G 314 -38.31 -3.68 40.52
C SER G 314 -38.24 -2.22 40.09
N LEU G 315 -39.37 -1.70 39.61
CA LEU G 315 -39.51 -0.27 39.34
C LEU G 315 -40.21 0.46 40.47
N ALA G 316 -40.19 -0.10 41.68
CA ALA G 316 -40.85 0.56 42.81
C ALA G 316 -40.12 1.80 43.27
N ASN G 317 -38.84 1.93 42.92
CA ASN G 317 -38.08 3.13 43.29
C ASN G 317 -38.29 4.28 42.32
N CYS G 318 -39.22 4.15 41.37
CA CYS G 318 -39.60 5.21 40.45
C CYS G 318 -41.12 5.35 40.52
N PRO G 319 -41.63 5.92 41.60
CA PRO G 319 -43.08 5.98 41.82
C PRO G 319 -43.83 6.73 40.73
N ASN G 320 -43.21 7.78 40.19
CA ASN G 320 -43.89 8.58 39.17
C ASN G 320 -43.92 7.86 37.84
N PHE G 321 -42.83 7.20 37.48
CA PHE G 321 -42.82 6.37 36.27
C PHE G 321 -43.82 5.23 36.39
N ALA G 322 -43.87 4.57 37.55
CA ALA G 322 -44.82 3.49 37.74
C ALA G 322 -46.26 3.99 37.66
N SER G 323 -46.53 5.16 38.25
CA SER G 323 -47.88 5.72 38.17
C SER G 323 -48.26 6.05 36.74
N VAL G 324 -47.33 6.63 35.97
CA VAL G 324 -47.62 6.94 34.58
C VAL G 324 -47.85 5.67 33.77
N VAL G 325 -47.04 4.63 34.03
CA VAL G 325 -47.19 3.37 33.31
C VAL G 325 -48.54 2.73 33.62
N LEU G 326 -48.92 2.73 34.90
CA LEU G 326 -50.21 2.18 35.27
C LEU G 326 -51.36 3.00 34.70
N GLY G 327 -51.21 4.32 34.63
CA GLY G 327 -52.23 5.13 34.02
C GLY G 327 -52.40 4.85 32.54
N ASN G 328 -51.27 4.71 31.83
CA ASN G 328 -51.33 4.37 30.42
C ASN G 328 -52.01 3.02 30.21
N ALA G 329 -51.66 2.04 31.04
CA ALA G 329 -52.28 0.73 30.93
C ALA G 329 -53.77 0.81 31.21
N SER G 330 -54.17 1.62 32.19
CA SER G 330 -55.59 1.76 32.51
C SER G 330 -56.35 2.43 31.38
N GLY G 331 -55.71 3.40 30.72
CA GLY G 331 -56.36 4.05 29.60
C GLY G 331 -56.56 3.11 28.43
N LEU G 332 -55.54 2.31 28.11
CA LEU G 332 -55.63 1.36 27.01
C LEU G 332 -56.50 0.15 27.35
N GLY G 333 -56.92 0.00 28.60
CA GLY G 333 -57.69 -1.17 29.00
C GLY G 333 -56.85 -2.37 29.34
N ILE G 334 -55.52 -2.22 29.25
CA ILE G 334 -54.62 -3.33 29.56
C ILE G 334 -54.61 -3.65 31.05
N ILE G 335 -54.82 -2.65 31.91
CA ILE G 335 -54.64 -2.85 33.35
C ILE G 335 -55.55 -3.94 33.87
N GLY G 336 -56.70 -4.14 33.24
CA GLY G 336 -57.60 -5.19 33.67
C GLY G 336 -57.96 -5.03 35.13
N MET G 337 -57.48 -5.96 35.94
CA MET G 337 -57.72 -5.96 37.38
C MET G 337 -56.38 -6.08 38.11
N TYR G 338 -55.38 -5.37 37.62
CA TYR G 338 -54.05 -5.39 38.21
C TYR G 338 -54.09 -4.76 39.59
N ARG G 339 -53.42 -5.39 40.55
CA ARG G 339 -53.50 -4.99 41.95
C ARG G 339 -52.31 -4.17 42.43
N GLY G 340 -51.46 -3.68 41.54
CA GLY G 340 -50.36 -2.85 41.95
C GLY G 340 -50.82 -1.50 42.47
N ARG G 341 -49.91 -0.80 43.13
CA ARG G 341 -50.20 0.49 43.71
C ARG G 341 -49.91 1.61 42.73
N VAL G 342 -50.74 2.64 42.74
CA VAL G 342 -50.48 3.87 42.00
C VAL G 342 -49.97 4.91 43.00
N PRO G 343 -48.69 5.25 42.98
CA PRO G 343 -48.16 6.18 43.99
C PRO G 343 -48.70 7.58 43.84
N ASN G 344 -48.61 8.14 42.64
CA ASN G 344 -49.02 9.51 42.35
C ASN G 344 -50.31 9.46 41.56
N THR G 345 -51.42 9.78 42.22
CA THR G 345 -52.73 9.61 41.60
C THR G 345 -52.98 10.61 40.49
N GLU G 346 -52.44 11.81 40.59
CA GLU G 346 -52.66 12.82 39.56
C GLU G 346 -52.03 12.40 38.23
N LEU G 347 -50.80 11.92 38.28
CA LEU G 347 -50.17 11.37 37.07
C LEU G 347 -50.94 10.17 36.55
N PHE G 348 -51.39 9.29 37.43
CA PHE G 348 -52.15 8.13 36.98
C PHE G 348 -53.39 8.58 36.23
N SER G 349 -54.15 9.53 36.79
CA SER G 349 -55.38 9.96 36.14
C SER G 349 -55.10 10.70 34.83
N ALA G 350 -54.07 11.56 34.81
CA ALA G 350 -53.75 12.27 33.57
C ALA G 350 -53.32 11.30 32.48
N ALA G 351 -52.48 10.32 32.84
CA ALA G 351 -52.04 9.33 31.86
C ALA G 351 -53.20 8.48 31.38
N GLU G 352 -54.12 8.11 32.30
CA GLU G 352 -55.29 7.35 31.90
C GLU G 352 -56.16 8.14 30.93
N SER G 353 -56.37 9.43 31.21
CA SER G 353 -57.15 10.27 30.31
C SER G 353 -56.51 10.39 28.93
N TYR G 354 -55.20 10.63 28.89
CA TYR G 354 -54.53 10.72 27.60
C TYR G 354 -54.56 9.40 26.85
N ALA G 355 -54.41 8.28 27.57
CA ALA G 355 -54.42 6.99 26.91
C ALA G 355 -55.80 6.67 26.34
N LYS G 356 -56.87 7.00 27.08
CA LYS G 356 -58.21 6.82 26.54
C LYS G 356 -58.43 7.71 25.33
N SER G 357 -57.96 8.95 25.39
CA SER G 357 -58.12 9.87 24.26
C SER G 357 -57.41 9.34 23.02
N LEU G 358 -56.18 8.83 23.19
CA LEU G 358 -55.44 8.27 22.07
C LEU G 358 -56.11 7.01 21.55
N LYS G 359 -56.65 6.18 22.45
CA LYS G 359 -57.32 4.96 22.05
C LYS G 359 -58.56 5.25 21.22
N GLU G 360 -59.35 6.25 21.64
CA GLU G 360 -60.60 6.55 20.94
C GLU G 360 -60.33 7.06 19.53
N ASP H 10 -38.39 -9.14 24.04
CA ASP H 10 -38.75 -10.41 24.67
C ASP H 10 -38.74 -11.58 23.71
N LEU H 11 -39.25 -11.39 22.48
CA LEU H 11 -39.41 -12.51 21.56
C LEU H 11 -38.05 -13.05 21.11
N SER H 12 -37.10 -12.17 20.84
CA SER H 12 -35.75 -12.59 20.54
C SER H 12 -35.12 -13.36 21.69
N TYR H 13 -35.38 -12.94 22.93
CA TYR H 13 -34.85 -13.65 24.09
C TYR H 13 -35.47 -15.03 24.23
N LYS H 14 -36.78 -15.14 23.99
CA LYS H 14 -37.43 -16.43 24.04
C LYS H 14 -36.85 -17.38 22.99
N HIS H 15 -36.65 -16.88 21.77
CA HIS H 15 -36.05 -17.73 20.75
C HIS H 15 -34.62 -18.07 21.08
N ALA H 16 -33.88 -17.14 21.71
CA ALA H 16 -32.52 -17.42 22.11
C ALA H 16 -32.46 -18.53 23.15
N ILE H 17 -33.40 -18.53 24.10
CA ILE H 17 -33.47 -19.61 25.08
C ILE H 17 -33.78 -20.93 24.40
N LEU H 18 -34.78 -20.93 23.52
CA LEU H 18 -35.17 -22.18 22.87
C LEU H 18 -34.06 -22.73 22.00
N LYS H 19 -33.38 -21.86 21.26
CA LYS H 19 -32.34 -22.31 20.33
C LYS H 19 -31.08 -22.74 21.07
N GLU H 20 -30.64 -21.96 22.06
CA GLU H 20 -29.42 -22.25 22.80
C GLU H 20 -29.72 -23.25 23.92
N SER H 21 -29.87 -24.51 23.53
CA SER H 21 -30.07 -25.61 24.47
C SER H 21 -28.94 -26.61 24.30
N GLN H 22 -28.28 -26.94 25.41
CA GLN H 22 -27.18 -27.90 25.38
C GLN H 22 -27.64 -29.34 25.57
N TYR H 23 -28.94 -29.57 25.69
CA TYR H 23 -29.48 -30.89 25.99
C TYR H 23 -30.43 -31.31 24.89
N THR H 24 -30.36 -32.59 24.51
CA THR H 24 -31.20 -33.13 23.46
C THR H 24 -32.32 -33.96 24.07
N ILE H 25 -33.51 -33.77 23.54
CA ILE H 25 -34.69 -34.48 24.01
C ILE H 25 -34.61 -35.92 23.54
N LYS H 26 -35.32 -36.82 24.22
CA LYS H 26 -35.38 -38.22 23.83
C LYS H 26 -36.82 -38.68 23.94
N ARG H 27 -37.37 -39.19 22.83
CA ARG H 27 -38.74 -39.66 22.83
C ARG H 27 -38.85 -40.89 21.93
N ASP H 28 -39.94 -41.60 22.09
CA ASP H 28 -40.18 -42.83 21.35
C ASP H 28 -39.03 -43.81 21.54
N VAL H 29 -38.54 -43.90 22.77
CA VAL H 29 -37.32 -44.66 23.04
C VAL H 29 -37.53 -46.14 22.72
N GLY H 30 -38.64 -46.70 23.17
CA GLY H 30 -38.85 -48.13 23.01
C GLY H 30 -39.63 -48.50 21.77
N THR H 31 -39.76 -47.57 20.84
CA THR H 31 -40.60 -47.74 19.67
C THR H 31 -39.74 -48.08 18.45
N THR H 32 -40.39 -48.65 17.44
CA THR H 32 -39.74 -49.00 16.18
C THR H 32 -40.65 -48.63 15.02
N THR H 33 -40.05 -48.50 13.85
CA THR H 33 -40.76 -48.18 12.62
C THR H 33 -40.16 -48.97 11.48
N ALA H 34 -40.88 -49.00 10.35
CA ALA H 34 -40.51 -49.82 9.21
C ALA H 34 -39.94 -48.96 8.10
N VAL H 35 -38.91 -49.49 7.44
CA VAL H 35 -38.42 -48.93 6.19
C VAL H 35 -38.24 -50.06 5.19
N THR H 36 -38.12 -49.70 3.94
CA THR H 36 -37.94 -50.62 2.84
C THR H 36 -36.69 -50.23 2.06
N PRO H 37 -35.73 -51.13 1.89
CA PRO H 37 -34.49 -50.77 1.20
C PRO H 37 -34.73 -50.53 -0.28
N SER H 38 -33.82 -49.75 -0.88
CA SER H 38 -33.95 -49.43 -2.30
C SER H 38 -34.00 -50.67 -3.17
N SER H 39 -33.40 -51.77 -2.71
CA SER H 39 -33.39 -53.00 -3.47
C SER H 39 -34.80 -53.56 -3.69
N LEU H 40 -35.78 -53.09 -2.92
CA LEU H 40 -37.17 -53.51 -3.05
C LEU H 40 -38.03 -52.47 -3.74
N GLN H 41 -37.45 -51.42 -4.31
CA GLN H 41 -38.27 -50.36 -4.91
C GLN H 41 -39.17 -50.90 -6.01
N GLN H 42 -38.61 -51.68 -6.92
CA GLN H 42 -39.41 -52.25 -8.00
C GLN H 42 -40.56 -53.08 -7.46
N GLU H 43 -40.44 -53.61 -6.24
CA GLU H 43 -41.54 -54.32 -5.62
C GLU H 43 -42.55 -53.36 -4.99
N ILE H 44 -42.06 -52.38 -4.23
CA ILE H 44 -42.99 -51.50 -3.55
C ILE H 44 -43.81 -50.71 -4.55
N THR H 45 -43.21 -50.36 -5.69
CA THR H 45 -43.96 -49.70 -6.75
C THR H 45 -45.21 -50.49 -7.08
N LEU H 46 -45.07 -51.80 -7.29
CA LEU H 46 -46.24 -52.62 -7.57
C LEU H 46 -47.29 -52.42 -6.51
N LEU H 47 -46.90 -52.55 -5.23
CA LEU H 47 -47.87 -52.36 -4.15
C LEU H 47 -48.47 -50.97 -4.22
N CYS H 48 -47.65 -49.95 -4.41
CA CYS H 48 -48.14 -48.59 -4.40
C CYS H 48 -49.10 -48.32 -5.54
N GLY H 49 -49.15 -49.21 -6.53
CA GLY H 49 -50.06 -49.04 -7.65
C GLY H 49 -51.24 -49.97 -7.54
N GLU H 50 -51.08 -51.07 -6.81
CA GLU H 50 -52.20 -51.97 -6.61
C GLU H 50 -53.19 -51.43 -5.61
N ILE H 51 -52.85 -50.32 -4.97
CA ILE H 51 -53.78 -49.54 -4.17
C ILE H 51 -54.62 -48.63 -5.05
N LEU H 52 -54.17 -48.36 -6.28
CA LEU H 52 -54.75 -47.25 -7.01
C LEU H 52 -55.81 -47.69 -8.02
N TYR H 53 -55.68 -48.89 -8.61
CA TYR H 53 -56.64 -49.14 -9.68
C TYR H 53 -57.71 -50.13 -9.26
N ALA H 54 -57.74 -50.54 -7.99
CA ALA H 54 -58.74 -51.45 -7.50
C ALA H 54 -59.53 -50.79 -6.38
N LYS H 55 -60.71 -51.32 -6.11
CA LYS H 55 -61.62 -50.75 -5.12
C LYS H 55 -61.52 -51.60 -3.86
N HIS H 56 -60.79 -51.09 -2.88
CA HIS H 56 -60.45 -51.84 -1.67
C HIS H 56 -61.38 -51.49 -0.52
N ALA H 57 -61.76 -52.50 0.26
CA ALA H 57 -62.57 -52.27 1.44
C ALA H 57 -61.79 -51.50 2.50
N ASP H 58 -60.52 -51.85 2.71
CA ASP H 58 -59.69 -51.23 3.73
C ASP H 58 -58.50 -50.54 3.07
N TYR H 59 -58.37 -49.23 3.30
CA TYR H 59 -57.26 -48.42 2.82
C TYR H 59 -56.39 -47.97 3.99
N LYS H 60 -56.15 -48.85 4.96
CA LYS H 60 -55.64 -48.41 6.26
C LYS H 60 -54.17 -48.03 6.20
N TYR H 61 -53.37 -48.79 5.45
CA TYR H 61 -51.94 -48.60 5.44
C TYR H 61 -51.40 -48.05 4.13
N ALA H 62 -52.22 -47.34 3.35
CA ALA H 62 -51.73 -46.77 2.12
C ALA H 62 -50.64 -45.73 2.39
N ALA H 63 -50.80 -44.97 3.48
CA ALA H 63 -49.80 -43.98 3.84
C ALA H 63 -48.48 -44.65 4.20
N GLU H 64 -48.52 -45.78 4.90
CA GLU H 64 -47.29 -46.49 5.21
C GLU H 64 -46.63 -47.01 3.95
N ILE H 65 -47.40 -47.39 2.94
CA ILE H 65 -46.80 -47.83 1.68
C ILE H 65 -46.17 -46.66 0.93
N GLY H 66 -46.78 -45.49 0.97
CA GLY H 66 -46.12 -44.32 0.39
C GLY H 66 -44.82 -43.99 1.10
N ILE H 67 -44.83 -44.07 2.42
CA ILE H 67 -43.62 -43.81 3.18
C ILE H 67 -42.57 -44.90 2.92
N GLN H 68 -43.02 -46.13 2.68
CA GLN H 68 -42.08 -47.18 2.28
C GLN H 68 -41.41 -46.83 0.95
N TYR H 69 -42.17 -46.32 -0.01
CA TYR H 69 -41.55 -45.91 -1.25
C TYR H 69 -40.55 -44.79 -1.02
N ILE H 70 -40.90 -43.84 -0.15
CA ILE H 70 -39.95 -42.77 0.20
C ILE H 70 -38.66 -43.35 0.75
N SER H 71 -38.79 -44.37 1.62
CA SER H 71 -37.62 -45.02 2.19
C SER H 71 -36.79 -45.74 1.13
N THR H 72 -37.43 -46.32 0.13
CA THR H 72 -36.67 -46.91 -0.98
C THR H 72 -35.92 -45.82 -1.74
N ALA H 73 -36.57 -44.67 -1.93
CA ALA H 73 -35.95 -43.59 -2.70
C ALA H 73 -34.74 -43.02 -1.98
N LEU H 74 -34.89 -42.67 -0.71
CA LEU H 74 -33.77 -42.06 0.03
C LEU H 74 -32.74 -43.10 0.44
N GLY H 75 -33.19 -44.28 0.79
CA GLY H 75 -32.34 -45.33 1.32
C GLY H 75 -32.62 -45.58 2.78
N SER H 76 -32.40 -46.81 3.22
CA SER H 76 -32.70 -47.18 4.59
C SER H 76 -31.83 -46.41 5.59
N GLU H 77 -30.52 -46.31 5.32
CA GLU H 77 -29.62 -45.64 6.25
C GLU H 77 -29.90 -44.15 6.33
N ARG H 78 -30.12 -43.51 5.18
CA ARG H 78 -30.47 -42.09 5.19
C ARG H 78 -31.78 -41.85 5.90
N VAL H 79 -32.73 -42.79 5.79
CA VAL H 79 -34.01 -42.65 6.46
C VAL H 79 -33.85 -42.79 7.96
N GLN H 80 -33.02 -43.74 8.41
CA GLN H 80 -32.72 -43.86 9.83
C GLN H 80 -32.09 -42.59 10.36
N GLN H 81 -31.14 -42.02 9.61
CA GLN H 81 -30.52 -40.78 10.02
C GLN H 81 -31.53 -39.64 10.10
N ILE H 82 -32.44 -39.58 9.13
CA ILE H 82 -33.48 -38.54 9.14
C ILE H 82 -34.35 -38.68 10.37
N LEU H 83 -34.76 -39.90 10.70
CA LEU H 83 -35.58 -40.11 11.89
C LEU H 83 -34.82 -39.75 13.16
N ARG H 84 -33.53 -40.07 13.22
CA ARG H 84 -32.71 -39.74 14.38
C ARG H 84 -32.53 -38.23 14.58
N ASN H 85 -32.28 -37.48 13.50
CA ASN H 85 -32.11 -36.04 13.64
C ASN H 85 -33.42 -35.30 13.79
N SER H 86 -34.56 -35.98 13.76
CA SER H 86 -35.85 -35.34 13.96
C SER H 86 -36.26 -35.33 15.42
N GLY H 87 -35.38 -35.74 16.33
CA GLY H 87 -35.69 -35.77 17.74
C GLY H 87 -36.37 -37.03 18.22
N SER H 88 -36.48 -38.05 17.39
CA SER H 88 -37.21 -39.27 17.71
C SER H 88 -36.25 -40.45 17.66
N GLU H 89 -36.22 -41.24 18.73
CA GLU H 89 -35.31 -42.39 18.84
C GLU H 89 -36.04 -43.67 18.43
N VAL H 90 -36.64 -43.63 17.25
CA VAL H 90 -37.32 -44.79 16.68
C VAL H 90 -36.27 -45.67 16.01
N GLN H 91 -36.29 -46.95 16.35
CA GLN H 91 -35.39 -47.89 15.71
C GLN H 91 -36.00 -48.44 14.44
N VAL H 92 -35.34 -48.16 13.32
CA VAL H 92 -35.73 -48.62 12.01
C VAL H 92 -35.72 -50.13 11.96
N VAL H 93 -36.78 -50.71 11.39
CA VAL H 93 -36.86 -52.14 11.11
C VAL H 93 -36.92 -52.33 9.60
N LEU H 94 -36.06 -53.19 9.07
CA LEU H 94 -35.98 -53.38 7.63
C LEU H 94 -37.18 -54.17 7.13
N THR H 95 -37.31 -54.23 5.80
CA THR H 95 -38.40 -54.91 5.12
C THR H 95 -37.86 -56.16 4.45
N ARG H 96 -38.63 -57.24 4.52
CA ARG H 96 -38.26 -58.52 3.94
C ARG H 96 -39.32 -58.96 2.95
N THR H 97 -39.02 -60.02 2.22
CA THR H 97 -39.91 -60.59 1.23
C THR H 97 -40.25 -62.01 1.60
N TYR H 98 -41.41 -62.47 1.13
CA TYR H 98 -41.84 -63.84 1.39
C TYR H 98 -42.74 -64.31 0.26
N SER H 99 -42.93 -65.63 0.20
CA SER H 99 -43.73 -66.23 -0.86
C SER H 99 -45.05 -66.78 -0.31
N GLN H 112 -43.50 -62.97 -5.33
CA GLN H 112 -43.24 -62.69 -3.93
C GLN H 112 -43.93 -61.41 -3.47
N MET H 113 -44.06 -61.27 -2.15
CA MET H 113 -44.73 -60.14 -1.53
C MET H 113 -43.87 -59.61 -0.40
N LEU H 114 -44.28 -58.49 0.17
CA LEU H 114 -43.51 -57.78 1.19
C LEU H 114 -44.09 -58.02 2.57
N ASP H 115 -43.21 -58.12 3.56
CA ASP H 115 -43.58 -58.22 4.96
C ASP H 115 -43.05 -56.95 5.63
N ILE H 116 -43.85 -55.91 5.61
CA ILE H 116 -43.49 -54.62 6.16
C ILE H 116 -43.85 -54.60 7.64
N HIS H 117 -42.93 -54.09 8.46
CA HIS H 117 -43.13 -54.08 9.90
C HIS H 117 -44.24 -53.11 10.27
N GLY H 118 -45.19 -53.56 11.09
CA GLY H 118 -46.32 -52.76 11.47
C GLY H 118 -47.44 -52.75 10.45
N VAL H 119 -47.25 -53.41 9.30
CA VAL H 119 -48.28 -53.58 8.28
C VAL H 119 -48.62 -55.07 8.24
N GLU H 120 -49.88 -55.39 8.55
CA GLU H 120 -50.27 -56.79 8.63
C GLU H 120 -50.20 -57.45 7.27
N LYS H 121 -49.67 -58.68 7.25
CA LYS H 121 -49.54 -59.41 5.99
C LYS H 121 -50.91 -59.69 5.38
N SER H 122 -51.94 -59.79 6.22
CA SER H 122 -53.30 -59.95 5.69
C SER H 122 -53.69 -58.78 4.82
N TRP H 123 -53.33 -57.56 5.24
CA TRP H 123 -53.65 -56.37 4.45
C TRP H 123 -52.94 -56.41 3.09
N VAL H 124 -51.66 -56.74 3.08
CA VAL H 124 -50.92 -56.78 1.82
C VAL H 124 -51.49 -57.84 0.90
N GLU H 125 -51.82 -59.02 1.44
CA GLU H 125 -52.42 -60.06 0.63
C GLU H 125 -53.77 -59.63 0.09
N GLU H 126 -54.58 -58.94 0.91
CA GLU H 126 -55.89 -58.47 0.45
C GLU H 126 -55.74 -57.48 -0.69
N ILE H 127 -54.83 -56.52 -0.56
CA ILE H 127 -54.64 -55.53 -1.61
C ILE H 127 -54.17 -56.19 -2.90
N ASP H 128 -53.20 -57.10 -2.79
CA ASP H 128 -52.70 -57.77 -3.97
C ASP H 128 -53.78 -58.60 -4.64
N LYS H 129 -54.55 -59.35 -3.86
CA LYS H 129 -55.59 -60.19 -4.44
C LYS H 129 -56.69 -59.34 -5.08
N GLU H 130 -57.09 -58.25 -4.43
CA GLU H 130 -58.11 -57.38 -5.02
C GLU H 130 -57.64 -56.81 -6.34
N ALA H 131 -56.38 -56.35 -6.40
CA ALA H 131 -55.86 -55.80 -7.64
C ALA H 131 -55.76 -56.87 -8.73
N ARG H 132 -55.33 -58.08 -8.37
CA ARG H 132 -55.24 -59.14 -9.37
C ARG H 132 -56.62 -59.52 -9.91
N LYS H 133 -57.62 -59.59 -9.03
CA LYS H 133 -58.97 -59.90 -9.47
C LYS H 133 -59.54 -58.81 -10.36
N THR H 134 -59.33 -57.54 -10.01
CA THR H 134 -59.79 -56.46 -10.87
C THR H 134 -59.09 -56.49 -12.22
N MET H 135 -57.79 -56.77 -12.23
CA MET H 135 -57.07 -56.84 -13.50
C MET H 135 -57.60 -57.98 -14.36
N ALA H 136 -57.86 -59.13 -13.74
CA ALA H 136 -58.41 -60.26 -14.50
C ALA H 136 -59.79 -59.92 -15.05
N THR H 137 -60.62 -59.23 -14.26
CA THR H 137 -61.95 -58.87 -14.74
C THR H 137 -61.90 -57.86 -15.88
N LEU H 138 -61.02 -56.86 -15.78
CA LEU H 138 -60.87 -55.88 -16.84
C LEU H 138 -60.09 -56.40 -18.04
N LEU H 139 -59.45 -57.56 -17.93
CA LEU H 139 -58.80 -58.16 -19.09
C LEU H 139 -59.69 -59.18 -19.77
N LYS H 140 -60.47 -59.94 -19.01
CA LYS H 140 -61.34 -60.95 -19.59
C LYS H 140 -62.48 -60.32 -20.38
N GLU H 141 -63.16 -59.34 -19.78
CA GLU H 141 -64.30 -58.72 -20.46
C GLU H 141 -63.84 -57.81 -21.59
N SER H 142 -62.83 -56.99 -21.35
CA SER H 142 -62.43 -55.98 -22.33
C SER H 142 -61.67 -56.63 -23.48
N SER H 143 -61.16 -55.78 -24.36
CA SER H 143 -60.50 -56.21 -25.59
C SER H 143 -59.02 -56.50 -25.41
N GLY H 144 -58.51 -56.43 -24.19
CA GLY H 144 -57.11 -56.71 -23.94
C GLY H 144 -56.15 -55.70 -24.54
N ASN H 145 -56.44 -54.41 -24.39
CA ASN H 145 -55.55 -53.38 -24.90
C ASN H 145 -55.12 -52.45 -23.76
N ILE H 146 -54.73 -53.02 -22.64
CA ILE H 146 -54.36 -52.22 -21.47
C ILE H 146 -53.08 -51.43 -21.79
N PRO H 147 -53.11 -50.11 -21.74
CA PRO H 147 -51.91 -49.33 -22.04
C PRO H 147 -50.87 -49.46 -20.94
N GLN H 148 -49.71 -48.83 -21.19
CA GLN H 148 -48.59 -48.98 -20.28
C GLN H 148 -48.80 -48.17 -19.01
N ASN H 149 -49.70 -47.19 -19.05
CA ASN H 149 -49.89 -46.35 -17.87
C ASN H 149 -51.04 -46.85 -17.00
N GLN H 150 -51.85 -47.77 -17.52
CA GLN H 150 -53.02 -48.20 -16.76
C GLN H 150 -52.73 -49.40 -15.87
N ARG H 151 -51.54 -49.98 -15.94
CA ARG H 151 -51.24 -51.16 -15.15
C ARG H 151 -50.67 -50.79 -13.78
N PRO H 152 -50.83 -51.65 -12.77
CA PRO H 152 -50.32 -51.33 -11.43
C PRO H 152 -48.82 -51.13 -11.36
N SER H 153 -48.04 -51.81 -12.19
CA SER H 153 -46.59 -51.72 -12.14
C SER H 153 -46.06 -50.46 -12.81
N ALA H 154 -46.91 -49.47 -13.05
CA ALA H 154 -46.43 -48.21 -13.58
C ALA H 154 -45.48 -47.56 -12.59
N PRO H 155 -44.45 -46.87 -13.06
CA PRO H 155 -43.43 -46.34 -12.14
C PRO H 155 -43.81 -45.01 -11.50
N ASP H 156 -44.90 -44.36 -11.91
CA ASP H 156 -45.35 -43.15 -11.25
C ASP H 156 -46.49 -43.39 -10.26
N THR H 157 -46.95 -44.63 -10.11
CA THR H 157 -47.98 -44.90 -9.13
C THR H 157 -47.57 -44.57 -7.69
N PRO H 158 -46.36 -44.88 -7.21
CA PRO H 158 -46.01 -44.42 -5.87
C PRO H 158 -46.04 -42.92 -5.75
N ILE H 159 -45.68 -42.19 -6.79
CA ILE H 159 -45.75 -40.74 -6.74
C ILE H 159 -47.19 -40.27 -6.82
N ILE H 160 -48.06 -41.02 -7.50
CA ILE H 160 -49.48 -40.66 -7.52
C ILE H 160 -50.09 -40.81 -6.14
N LEU H 161 -49.75 -41.87 -5.41
CA LEU H 161 -50.19 -42.00 -4.02
C LEU H 161 -49.60 -40.91 -3.14
N LEU H 162 -48.32 -40.62 -3.31
CA LEU H 162 -47.70 -39.56 -2.53
C LEU H 162 -48.26 -38.18 -2.90
N CYS H 163 -48.91 -38.05 -4.05
CA CYS H 163 -49.56 -36.78 -4.38
C CYS H 163 -50.82 -36.56 -3.56
N VAL H 164 -51.62 -37.61 -3.36
CA VAL H 164 -52.71 -37.53 -2.38
C VAL H 164 -52.16 -37.23 -1.00
N GLY H 165 -51.05 -37.90 -0.65
CA GLY H 165 -50.39 -37.58 0.61
C GLY H 165 -49.92 -36.15 0.75
N ALA H 166 -49.43 -35.56 -0.33
CA ALA H 166 -48.99 -34.17 -0.29
C ALA H 166 -50.16 -33.21 -0.27
N LEU H 167 -51.28 -33.58 -0.89
CA LEU H 167 -52.48 -32.75 -0.80
C LEU H 167 -53.00 -32.70 0.62
N ILE H 168 -53.01 -33.85 1.30
CA ILE H 168 -53.46 -33.86 2.69
C ILE H 168 -52.36 -33.33 3.61
N PHE H 169 -51.13 -33.26 3.11
CA PHE H 169 -50.04 -32.65 3.88
C PHE H 169 -50.22 -31.14 4.00
N THR H 170 -50.72 -30.49 2.95
CA THR H 170 -50.89 -29.05 3.01
C THR H 170 -51.99 -28.64 3.98
N LYS H 171 -52.80 -29.59 4.43
CA LYS H 171 -53.89 -29.34 5.37
C LYS H 171 -53.65 -29.99 6.72
N LEU H 172 -52.41 -29.98 7.20
CA LEU H 172 -52.15 -30.58 8.51
C LEU H 172 -52.35 -29.58 9.63
N ALA H 173 -52.26 -28.29 9.31
CA ALA H 173 -52.59 -27.26 10.29
C ALA H 173 -54.10 -27.10 10.43
N SER H 174 -54.85 -27.44 9.39
CA SER H 174 -56.29 -27.35 9.43
C SER H 174 -56.87 -28.55 10.17
N THR H 175 -58.20 -28.69 10.10
CA THR H 175 -58.86 -29.80 10.75
C THR H 175 -58.94 -31.01 9.81
N ILE H 176 -59.45 -32.12 10.35
CA ILE H 176 -59.54 -33.34 9.57
C ILE H 176 -60.59 -33.24 8.48
N GLU H 177 -61.78 -32.71 8.81
CA GLU H 177 -62.87 -32.68 7.84
C GLU H 177 -62.56 -31.69 6.73
N VAL H 178 -62.04 -30.52 7.08
CA VAL H 178 -61.64 -29.54 6.07
C VAL H 178 -60.52 -30.12 5.22
N GLY H 179 -59.56 -30.80 5.84
CA GLY H 179 -58.48 -31.40 5.09
C GLY H 179 -58.96 -32.43 4.08
N LEU H 180 -59.86 -33.31 4.49
CA LEU H 180 -60.36 -34.33 3.59
C LEU H 180 -61.19 -33.73 2.46
N GLU H 181 -62.07 -32.77 2.78
CA GLU H 181 -62.88 -32.14 1.76
C GLU H 181 -62.01 -31.42 0.73
N THR H 182 -61.02 -30.66 1.22
CA THR H 182 -60.12 -29.96 0.32
C THR H 182 -59.28 -30.92 -0.50
N THR H 183 -58.83 -32.02 0.11
CA THR H 183 -58.04 -33.00 -0.64
C THR H 183 -58.84 -33.57 -1.79
N VAL H 184 -60.09 -33.96 -1.54
CA VAL H 184 -60.89 -34.54 -2.61
C VAL H 184 -61.18 -33.50 -3.69
N ARG H 185 -61.55 -32.29 -3.28
CA ARG H 185 -61.88 -31.24 -4.23
C ARG H 185 -60.69 -30.91 -5.12
N ARG H 186 -59.50 -30.78 -4.52
CA ARG H 186 -58.31 -30.42 -5.29
C ARG H 186 -57.77 -31.59 -6.08
N ALA H 187 -58.02 -32.82 -5.63
CA ALA H 187 -57.49 -33.97 -6.34
C ALA H 187 -58.33 -34.31 -7.55
N ASN H 188 -59.59 -33.91 -7.57
CA ASN H 188 -60.34 -34.11 -8.81
C ASN H 188 -59.80 -33.29 -9.97
N ARG H 189 -58.96 -32.29 -9.72
CA ARG H 189 -58.40 -31.44 -10.77
C ARG H 189 -56.89 -31.57 -10.89
N VAL H 190 -56.18 -31.53 -9.76
CA VAL H 190 -54.74 -31.72 -9.75
C VAL H 190 -54.37 -33.10 -10.29
N LEU H 191 -55.07 -34.13 -9.82
CA LEU H 191 -54.80 -35.51 -10.21
C LEU H 191 -55.81 -36.04 -11.21
N SER H 192 -56.23 -35.22 -12.16
CA SER H 192 -57.21 -35.68 -13.14
C SER H 192 -56.65 -36.78 -14.02
N ASP H 193 -55.39 -36.65 -14.44
CA ASP H 193 -54.79 -37.63 -15.35
C ASP H 193 -54.68 -38.99 -14.68
N ALA H 194 -54.25 -39.03 -13.43
CA ALA H 194 -54.18 -40.30 -12.70
C ALA H 194 -55.57 -40.89 -12.51
N LEU H 195 -56.56 -40.06 -12.25
CA LEU H 195 -57.94 -40.53 -12.12
C LEU H 195 -58.43 -41.14 -13.44
N LYS H 196 -58.08 -40.52 -14.56
CA LYS H 196 -58.42 -41.11 -15.86
C LYS H 196 -57.72 -42.46 -16.04
N ARG H 197 -56.43 -42.52 -15.69
CA ARG H 197 -55.69 -43.77 -15.81
C ARG H 197 -56.24 -44.83 -14.87
N TYR H 198 -56.55 -44.45 -13.63
CA TYR H 198 -57.11 -45.37 -12.64
C TYR H 198 -58.50 -44.89 -12.26
N PRO H 199 -59.54 -45.33 -12.96
CA PRO H 199 -60.88 -44.83 -12.66
C PRO H 199 -61.31 -45.05 -11.23
N ARG H 200 -60.87 -46.13 -10.59
CA ARG H 200 -61.31 -46.47 -9.25
C ARG H 200 -60.14 -46.33 -8.29
N MET H 201 -59.86 -45.09 -7.91
CA MET H 201 -58.93 -44.74 -6.85
C MET H 201 -59.67 -43.85 -5.87
N ASP H 202 -59.67 -44.24 -4.60
CA ASP H 202 -60.53 -43.58 -3.62
C ASP H 202 -59.69 -42.55 -2.89
N ILE H 203 -59.67 -41.34 -3.43
CA ILE H 203 -58.93 -40.25 -2.78
C ILE H 203 -59.40 -40.00 -1.35
N PRO H 204 -60.70 -40.08 -1.01
CA PRO H 204 -61.06 -39.91 0.41
C PRO H 204 -60.40 -40.87 1.37
N LYS H 205 -60.41 -42.18 1.08
CA LYS H 205 -59.86 -43.14 2.03
C LYS H 205 -58.34 -43.07 2.10
N ILE H 206 -57.69 -42.86 0.96
CA ILE H 206 -56.23 -42.70 0.97
C ILE H 206 -55.84 -41.43 1.72
N ALA H 207 -56.61 -40.36 1.54
CA ALA H 207 -56.34 -39.12 2.27
C ALA H 207 -56.54 -39.31 3.77
N ARG H 208 -57.57 -40.05 4.15
CA ARG H 208 -57.75 -40.38 5.57
C ARG H 208 -56.58 -41.18 6.12
N SER H 209 -56.09 -42.15 5.34
CA SER H 209 -54.93 -42.92 5.77
C SER H 209 -53.71 -42.04 5.96
N PHE H 210 -53.49 -41.10 5.03
CA PHE H 210 -52.33 -40.22 5.15
C PHE H 210 -52.46 -39.29 6.34
N TYR H 211 -53.66 -38.77 6.59
CA TYR H 211 -53.87 -37.93 7.77
C TYR H 211 -53.61 -38.71 9.05
N ASP H 212 -54.09 -39.94 9.12
CA ASP H 212 -53.81 -40.79 10.27
C ASP H 212 -52.32 -41.01 10.47
N LEU H 213 -51.59 -41.31 9.39
CA LEU H 213 -50.15 -41.50 9.52
C LEU H 213 -49.47 -40.24 10.03
N PHE H 214 -49.81 -39.09 9.45
CA PHE H 214 -49.14 -37.85 9.84
C PHE H 214 -49.45 -37.51 11.29
N GLU H 215 -50.65 -37.83 11.77
CA GLU H 215 -50.96 -37.54 13.17
C GLU H 215 -50.28 -38.51 14.12
N GLN H 216 -50.29 -39.80 13.81
CA GLN H 216 -49.72 -40.79 14.71
C GLN H 216 -48.20 -40.70 14.76
N LYS H 217 -47.55 -40.88 13.62
CA LYS H 217 -46.11 -40.85 13.51
C LYS H 217 -45.68 -39.47 13.03
N VAL H 218 -45.25 -38.62 13.97
CA VAL H 218 -44.86 -37.26 13.64
C VAL H 218 -43.50 -37.17 12.99
N TYR H 219 -42.62 -38.15 13.22
CA TYR H 219 -41.34 -38.19 12.54
C TYR H 219 -41.49 -38.42 11.04
N HIS H 220 -42.60 -39.01 10.61
CA HIS H 220 -42.85 -39.19 9.19
C HIS H 220 -43.16 -37.89 8.49
N ARG H 221 -43.58 -36.86 9.21
CA ARG H 221 -43.59 -35.52 8.63
C ARG H 221 -42.19 -35.08 8.25
N SER H 222 -41.20 -35.33 9.10
CA SER H 222 -39.83 -35.02 8.76
C SER H 222 -39.33 -35.86 7.60
N LEU H 223 -39.67 -37.14 7.58
CA LEU H 223 -39.29 -37.97 6.43
C LEU H 223 -39.91 -37.46 5.14
N PHE H 224 -41.17 -37.06 5.19
CA PHE H 224 -41.88 -36.60 4.01
C PHE H 224 -41.30 -35.29 3.51
N ILE H 225 -40.92 -34.41 4.44
CA ILE H 225 -40.25 -33.17 4.06
C ILE H 225 -38.87 -33.45 3.46
N GLU H 226 -38.14 -34.42 4.01
CA GLU H 226 -36.84 -34.77 3.43
C GLU H 226 -37.00 -35.33 2.03
N TYR H 227 -38.05 -36.11 1.79
CA TYR H 227 -38.31 -36.54 0.42
C TYR H 227 -38.63 -35.37 -0.49
N GLY H 228 -39.42 -34.41 0.00
CA GLY H 228 -39.70 -33.24 -0.79
C GLY H 228 -38.45 -32.47 -1.18
N LYS H 229 -37.51 -32.34 -0.24
CA LYS H 229 -36.25 -31.67 -0.53
C LYS H 229 -35.39 -32.48 -1.49
N ALA H 230 -35.27 -33.78 -1.25
CA ALA H 230 -34.45 -34.62 -2.11
C ALA H 230 -35.01 -34.73 -3.51
N LEU H 231 -36.31 -34.48 -3.68
CA LEU H 231 -36.96 -34.47 -4.97
C LEU H 231 -36.82 -33.12 -5.67
N GLY H 232 -37.05 -32.02 -4.94
CA GLY H 232 -36.88 -30.71 -5.52
C GLY H 232 -35.45 -30.42 -5.92
N SER H 233 -34.48 -30.98 -5.20
CA SER H 233 -33.08 -30.79 -5.53
C SER H 233 -32.62 -31.64 -6.71
N SER H 234 -33.45 -32.55 -7.20
CA SER H 234 -33.05 -33.42 -8.29
C SER H 234 -32.88 -32.64 -9.58
N SER H 235 -32.01 -33.15 -10.44
CA SER H 235 -31.75 -32.51 -11.72
C SER H 235 -32.85 -32.78 -12.74
N THR H 236 -33.47 -33.95 -12.68
CA THR H 236 -34.55 -34.32 -13.59
C THR H 236 -35.68 -34.96 -12.79
N GLY H 237 -36.85 -35.00 -13.40
CA GLY H 237 -37.98 -35.66 -12.78
C GLY H 237 -39.13 -35.81 -13.75
N SER H 238 -40.01 -36.75 -13.44
CA SER H 238 -41.20 -36.96 -14.25
C SER H 238 -42.24 -35.92 -13.90
N LYS H 239 -43.37 -35.94 -14.61
CA LYS H 239 -44.42 -34.97 -14.31
C LYS H 239 -45.06 -35.25 -12.97
N ALA H 240 -45.10 -36.51 -12.55
CA ALA H 240 -45.62 -36.84 -11.23
C ALA H 240 -44.77 -36.22 -10.12
N GLU H 241 -43.44 -36.29 -10.26
CA GLU H 241 -42.58 -35.73 -9.23
C GLU H 241 -42.62 -34.21 -9.25
N SER H 242 -42.76 -33.60 -10.43
CA SER H 242 -42.92 -32.16 -10.50
C SER H 242 -44.24 -31.73 -9.85
N LEU H 243 -45.31 -32.49 -10.05
CA LEU H 243 -46.57 -32.21 -9.37
C LEU H 243 -46.44 -32.35 -7.87
N PHE H 244 -45.77 -33.40 -7.40
CA PHE H 244 -45.58 -33.57 -5.98
C PHE H 244 -44.81 -32.41 -5.39
N VAL H 245 -43.77 -31.95 -6.08
CA VAL H 245 -43.00 -30.82 -5.54
C VAL H 245 -43.84 -29.55 -5.56
N ASN H 246 -44.69 -29.37 -6.58
CA ASN H 246 -45.57 -28.21 -6.61
C ASN H 246 -46.49 -28.18 -5.40
N ILE H 247 -47.10 -29.31 -5.08
CA ILE H 247 -48.00 -29.37 -3.92
C ILE H 247 -47.21 -29.21 -2.62
N PHE H 248 -46.06 -29.87 -2.53
CA PHE H 248 -45.23 -29.75 -1.33
C PHE H 248 -44.85 -28.29 -1.07
N MET H 249 -44.55 -27.54 -2.12
CA MET H 249 -44.24 -26.12 -1.93
C MET H 249 -45.48 -25.31 -1.65
N GLN H 250 -46.65 -25.75 -2.14
CA GLN H 250 -47.88 -25.10 -1.74
C GLN H 250 -48.15 -25.28 -0.26
N ALA H 251 -47.53 -26.27 0.37
CA ALA H 251 -47.68 -26.46 1.81
C ALA H 251 -46.73 -25.62 2.64
N TYR H 252 -45.88 -24.79 2.03
CA TYR H 252 -44.75 -24.23 2.76
C TYR H 252 -45.17 -23.35 3.93
N GLY H 253 -46.03 -22.37 3.71
CA GLY H 253 -46.40 -21.49 4.78
C GLY H 253 -47.53 -21.98 5.65
N ALA H 254 -47.63 -23.29 5.89
CA ALA H 254 -48.77 -23.82 6.62
C ALA H 254 -48.72 -23.41 8.07
N GLY H 255 -49.88 -23.05 8.61
CA GLY H 255 -49.98 -22.64 10.00
C GLY H 255 -49.61 -21.20 10.26
N GLN H 256 -49.29 -20.42 9.23
CA GLN H 256 -48.87 -19.04 9.40
C GLN H 256 -49.52 -18.15 8.34
N THR H 257 -50.81 -18.33 8.08
CA THR H 257 -51.45 -17.49 7.08
C THR H 257 -51.63 -16.07 7.57
N MET H 258 -51.53 -15.84 8.89
CA MET H 258 -51.67 -14.48 9.40
C MET H 258 -50.48 -13.61 9.01
N LEU H 259 -49.28 -14.19 8.98
CA LEU H 259 -48.11 -13.42 8.55
C LEU H 259 -48.20 -13.08 7.06
N ARG H 260 -48.63 -14.04 6.24
CA ARG H 260 -48.80 -13.77 4.82
C ARG H 260 -49.86 -12.71 4.60
N TRP H 261 -50.95 -12.77 5.35
CA TRP H 261 -51.98 -11.74 5.22
C TRP H 261 -51.52 -10.40 5.78
N GLY H 262 -50.60 -10.41 6.74
CA GLY H 262 -50.05 -9.16 7.21
C GLY H 262 -49.20 -8.47 6.18
N VAL H 263 -48.33 -9.22 5.50
CA VAL H 263 -47.56 -8.59 4.44
C VAL H 263 -48.47 -8.21 3.28
N ILE H 264 -49.57 -8.95 3.07
CA ILE H 264 -50.56 -8.54 2.08
C ILE H 264 -51.19 -7.21 2.47
N ALA H 265 -51.54 -7.04 3.74
CA ALA H 265 -52.14 -5.78 4.19
C ALA H 265 -51.16 -4.63 4.02
N ARG H 266 -49.89 -4.85 4.33
CA ARG H 266 -48.89 -3.81 4.13
C ARG H 266 -48.75 -3.46 2.66
N SER H 267 -48.82 -4.46 1.78
CA SER H 267 -48.77 -4.21 0.34
C SER H 267 -50.00 -3.44 -0.13
N SER H 268 -51.14 -3.67 0.51
CA SER H 268 -52.38 -2.99 0.13
C SER H 268 -52.45 -1.55 0.62
N ASN H 269 -51.53 -1.15 1.48
CA ASN H 269 -51.50 0.22 2.02
C ASN H 269 -52.84 0.56 2.67
N ASN H 270 -53.27 -0.31 3.58
CA ASN H 270 -54.53 -0.11 4.29
C ASN H 270 -54.41 1.06 5.24
N ILE H 271 -55.39 1.97 5.21
CA ILE H 271 -55.31 3.19 6.01
C ILE H 271 -55.41 2.85 7.50
N MET H 272 -56.21 1.85 7.84
CA MET H 272 -56.35 1.50 9.25
C MET H 272 -55.10 0.92 9.85
N LEU H 273 -54.07 0.61 9.05
CA LEU H 273 -52.77 0.29 9.61
C LEU H 273 -52.14 1.47 10.34
N GLY H 274 -52.54 2.69 10.00
CA GLY H 274 -52.07 3.91 10.64
C GLY H 274 -52.86 4.31 11.87
N HIS H 275 -53.82 3.50 12.29
CA HIS H 275 -54.56 3.77 13.52
C HIS H 275 -53.61 3.80 14.71
N VAL H 276 -54.10 4.33 15.83
CA VAL H 276 -53.24 4.50 17.00
C VAL H 276 -52.80 3.15 17.55
N SER H 277 -53.73 2.21 17.71
CA SER H 277 -53.40 0.93 18.33
C SER H 277 -52.56 0.06 17.40
N VAL H 278 -52.85 0.10 16.11
CA VAL H 278 -52.04 -0.64 15.15
C VAL H 278 -50.60 -0.12 15.18
N GLN H 279 -50.43 1.20 15.19
CA GLN H 279 -49.09 1.77 15.27
C GLN H 279 -48.45 1.46 16.61
N ALA H 280 -49.26 1.25 17.64
CA ALA H 280 -48.72 0.85 18.94
C ALA H 280 -48.13 -0.56 18.88
N GLU H 281 -48.81 -1.47 18.20
CA GLU H 281 -48.39 -2.86 18.14
C GLU H 281 -47.40 -3.17 17.02
N LEU H 282 -47.20 -2.23 16.10
CA LEU H 282 -46.30 -2.46 14.97
C LEU H 282 -44.88 -2.80 15.39
N LYS H 283 -44.41 -2.32 16.53
CA LYS H 283 -43.06 -2.64 16.97
C LYS H 283 -42.90 -4.14 17.20
N GLN H 284 -43.79 -4.75 17.98
CA GLN H 284 -43.62 -6.16 18.27
C GLN H 284 -44.02 -7.00 17.07
N VAL H 285 -44.90 -6.48 16.21
CA VAL H 285 -45.18 -7.16 14.94
C VAL H 285 -43.91 -7.28 14.11
N THR H 286 -43.18 -6.17 13.96
CA THR H 286 -41.90 -6.21 13.26
C THR H 286 -40.92 -7.11 13.99
N GLU H 287 -41.04 -7.24 15.31
CA GLU H 287 -40.21 -8.20 16.04
C GLU H 287 -40.50 -9.63 15.59
N VAL H 288 -41.78 -9.97 15.41
CA VAL H 288 -42.13 -11.31 14.93
C VAL H 288 -41.55 -11.55 13.54
N TYR H 289 -41.66 -10.54 12.67
CA TYR H 289 -41.12 -10.71 11.32
C TYR H 289 -39.59 -10.84 11.34
N ASP H 290 -38.94 -10.11 12.23
CA ASP H 290 -37.48 -10.25 12.38
C ASP H 290 -37.13 -11.65 12.86
N LEU H 291 -37.93 -12.21 13.77
CA LEU H 291 -37.70 -13.59 14.20
C LEU H 291 -37.89 -14.56 13.04
N VAL H 292 -38.87 -14.31 12.19
CA VAL H 292 -39.05 -15.12 10.99
C VAL H 292 -37.78 -15.11 10.14
N ARG H 293 -37.24 -13.91 9.88
CA ARG H 293 -36.01 -13.82 9.10
C ARG H 293 -34.85 -14.50 9.80
N GLU H 294 -34.79 -14.40 11.13
CA GLU H 294 -33.71 -15.01 11.89
C GLU H 294 -33.71 -16.52 11.75
N MET H 295 -34.88 -17.15 11.88
CA MET H 295 -34.95 -18.59 11.66
C MET H 295 -34.64 -18.94 10.22
N GLY H 296 -35.18 -18.19 9.26
CA GLY H 296 -34.81 -18.36 7.88
C GLY H 296 -35.65 -19.37 7.14
N PRO H 297 -35.01 -20.17 6.28
CA PRO H 297 -35.77 -21.07 5.39
C PRO H 297 -36.59 -22.11 6.12
N GLU H 298 -36.13 -22.60 7.26
CA GLU H 298 -36.85 -23.65 7.97
C GLU H 298 -38.00 -23.13 8.80
N SER H 299 -38.24 -21.82 8.80
CA SER H 299 -39.34 -21.27 9.59
C SER H 299 -40.68 -21.71 9.04
N GLY H 300 -40.81 -21.81 7.73
CA GLY H 300 -42.08 -22.18 7.13
C GLY H 300 -42.52 -23.58 7.48
N LEU H 301 -41.57 -24.49 7.69
CA LEU H 301 -41.88 -25.88 8.00
C LEU H 301 -42.08 -26.13 9.49
N LEU H 302 -42.19 -25.08 10.29
CA LEU H 302 -42.31 -25.27 11.74
C LEU H 302 -43.66 -25.86 12.10
N HIS H 303 -44.75 -25.32 11.57
CA HIS H 303 -46.07 -25.85 11.87
C HIS H 303 -46.35 -27.15 11.15
N LEU H 304 -45.78 -27.35 9.96
CA LEU H 304 -45.92 -28.63 9.27
C LEU H 304 -45.28 -29.75 10.07
N ARG H 305 -44.10 -29.50 10.64
CA ARG H 305 -43.40 -30.47 11.44
C ARG H 305 -43.95 -30.59 12.85
N GLN H 306 -44.90 -29.74 13.24
CA GLN H 306 -45.28 -29.56 14.64
C GLN H 306 -44.07 -29.31 15.50
N SER H 307 -43.16 -28.48 15.02
CA SER H 307 -42.03 -28.09 15.85
C SER H 307 -42.54 -27.32 17.05
N PRO H 308 -42.16 -27.70 18.27
CA PRO H 308 -42.68 -27.01 19.46
C PRO H 308 -42.31 -25.54 19.46
N LYS H 309 -41.24 -25.20 18.74
CA LYS H 309 -40.81 -23.83 18.56
C LYS H 309 -41.83 -22.99 17.80
N ALA H 310 -42.74 -23.60 17.06
CA ALA H 310 -43.83 -22.87 16.47
C ALA H 310 -44.73 -22.30 17.57
N GLY H 311 -45.33 -21.16 17.28
CA GLY H 311 -46.00 -20.38 18.29
C GLY H 311 -45.22 -19.18 18.74
N LEU H 312 -43.91 -19.15 18.46
CA LEU H 312 -43.15 -17.91 18.58
C LEU H 312 -43.53 -16.95 17.46
N LEU H 313 -44.08 -17.48 16.37
CA LEU H 313 -44.48 -16.69 15.22
C LEU H 313 -45.94 -16.26 15.27
N SER H 314 -46.65 -16.53 16.37
CA SER H 314 -48.03 -16.15 16.49
C SER H 314 -48.18 -14.63 16.60
N LEU H 315 -49.16 -14.09 15.88
CA LEU H 315 -49.54 -12.69 16.03
C LEU H 315 -50.75 -12.51 16.92
N ALA H 316 -51.02 -13.48 17.80
CA ALA H 316 -52.17 -13.38 18.68
C ALA H 316 -51.98 -12.34 19.77
N ASN H 317 -50.74 -11.96 20.05
CA ASN H 317 -50.48 -10.92 21.05
C ASN H 317 -50.60 -9.51 20.48
N CYS H 318 -51.07 -9.38 19.24
CA CYS H 318 -51.35 -8.08 18.61
C CYS H 318 -52.78 -8.12 18.09
N PRO H 319 -53.77 -8.06 18.98
CA PRO H 319 -55.16 -8.24 18.57
C PRO H 319 -55.63 -7.20 17.56
N ASN H 320 -55.15 -5.97 17.68
CA ASN H 320 -55.58 -4.91 16.78
C ASN H 320 -54.96 -5.07 15.40
N PHE H 321 -53.68 -5.44 15.34
CA PHE H 321 -53.06 -5.74 14.06
C PHE H 321 -53.72 -6.93 13.40
N ALA H 322 -54.01 -7.98 14.16
CA ALA H 322 -54.68 -9.15 13.60
C ALA H 322 -56.07 -8.80 13.08
N SER H 323 -56.80 -7.97 13.83
CA SER H 323 -58.13 -7.56 13.36
C SER H 323 -58.04 -6.75 12.09
N VAL H 324 -57.07 -5.84 12.00
CA VAL H 324 -56.92 -5.04 10.78
C VAL H 324 -56.53 -5.94 9.61
N VAL H 325 -55.65 -6.90 9.84
CA VAL H 325 -55.22 -7.81 8.78
C VAL H 325 -56.38 -8.65 8.28
N LEU H 326 -57.18 -9.17 9.20
CA LEU H 326 -58.35 -9.95 8.82
C LEU H 326 -59.38 -9.10 8.10
N GLY H 327 -59.54 -7.84 8.52
CA GLY H 327 -60.45 -6.96 7.81
C GLY H 327 -60.00 -6.67 6.39
N ASN H 328 -58.70 -6.42 6.22
CA ASN H 328 -58.17 -6.20 4.88
C ASN H 328 -58.38 -7.42 4.01
N ALA H 329 -58.11 -8.61 4.56
CA ALA H 329 -58.32 -9.84 3.81
C ALA H 329 -59.79 -10.01 3.44
N SER H 330 -60.69 -9.68 4.36
CA SER H 330 -62.11 -9.82 4.08
C SER H 330 -62.56 -8.84 3.01
N GLY H 331 -62.00 -7.64 3.01
CA GLY H 331 -62.34 -6.69 1.97
C GLY H 331 -61.87 -7.12 0.61
N LEU H 332 -60.65 -7.64 0.51
CA LEU H 332 -60.11 -8.10 -0.76
C LEU H 332 -60.72 -9.43 -1.21
N GLY H 333 -61.51 -10.08 -0.36
CA GLY H 333 -62.05 -11.38 -0.70
C GLY H 333 -61.11 -12.53 -0.43
N ILE H 334 -59.93 -12.24 0.10
CA ILE H 334 -58.95 -13.27 0.40
C ILE H 334 -59.40 -14.14 1.58
N ILE H 335 -60.15 -13.57 2.53
CA ILE H 335 -60.44 -14.27 3.78
C ILE H 335 -61.17 -15.57 3.51
N GLY H 336 -61.94 -15.63 2.43
CA GLY H 336 -62.65 -16.86 2.09
C GLY H 336 -63.53 -17.30 3.22
N MET H 337 -63.16 -18.41 3.83
CA MET H 337 -63.89 -18.98 4.96
C MET H 337 -62.92 -19.24 6.12
N TYR H 338 -62.00 -18.29 6.33
CA TYR H 338 -61.01 -18.41 7.39
C TYR H 338 -61.69 -18.36 8.76
N ARG H 339 -61.26 -19.23 9.66
CA ARG H 339 -61.94 -19.40 10.94
C ARG H 339 -61.24 -18.71 12.10
N GLY H 340 -60.27 -17.84 11.84
CA GLY H 340 -59.63 -17.13 12.92
C GLY H 340 -60.55 -16.13 13.58
N ARG H 341 -60.14 -15.65 14.74
CA ARG H 341 -60.93 -14.72 15.52
C ARG H 341 -60.58 -13.27 15.15
N VAL H 342 -61.59 -12.42 15.12
CA VAL H 342 -61.39 -10.98 14.98
C VAL H 342 -61.54 -10.35 16.37
N PRO H 343 -60.46 -9.90 16.99
CA PRO H 343 -60.57 -9.39 18.36
C PRO H 343 -61.35 -8.08 18.44
N ASN H 344 -60.97 -7.11 17.61
CA ASN H 344 -61.56 -5.79 17.63
C ASN H 344 -62.44 -5.65 16.39
N THR H 345 -63.76 -5.72 16.59
CA THR H 345 -64.68 -5.77 15.46
C THR H 345 -64.76 -4.45 14.71
N GLU H 346 -64.60 -3.32 15.40
CA GLU H 346 -64.68 -2.04 14.73
C GLU H 346 -63.54 -1.85 13.75
N LEU H 347 -62.31 -2.20 14.15
CA LEU H 347 -61.19 -2.17 13.21
C LEU H 347 -61.40 -3.15 12.07
N PHE H 348 -61.91 -4.34 12.36
CA PHE H 348 -62.15 -5.31 11.30
C PHE H 348 -63.12 -4.74 10.27
N SER H 349 -64.22 -4.15 10.73
CA SER H 349 -65.22 -3.63 9.80
C SER H 349 -64.68 -2.43 9.03
N ALA H 350 -63.95 -1.53 9.70
CA ALA H 350 -63.39 -0.38 9.00
C ALA H 350 -62.39 -0.81 7.95
N ALA H 351 -61.52 -1.76 8.30
CA ALA H 351 -60.53 -2.26 7.35
C ALA H 351 -61.21 -2.98 6.19
N GLU H 352 -62.27 -3.75 6.47
CA GLU H 352 -63.00 -4.41 5.40
C GLU H 352 -63.63 -3.40 4.46
N SER H 353 -64.23 -2.34 5.01
CA SER H 353 -64.83 -1.31 4.16
C SER H 353 -63.78 -0.61 3.30
N TYR H 354 -62.64 -0.25 3.89
CA TYR H 354 -61.61 0.39 3.10
C TYR H 354 -61.05 -0.54 2.04
N ALA H 355 -60.89 -1.81 2.37
CA ALA H 355 -60.35 -2.76 1.39
C ALA H 355 -61.31 -2.97 0.24
N LYS H 356 -62.62 -3.06 0.53
CA LYS H 356 -63.60 -3.15 -0.56
C LYS H 356 -63.58 -1.89 -1.41
N SER H 357 -63.48 -0.72 -0.78
CA SER H 357 -63.45 0.53 -1.53
C SER H 357 -62.24 0.59 -2.45
N LEU H 358 -61.07 0.18 -1.94
CA LEU H 358 -59.87 0.16 -2.77
C LEU H 358 -59.98 -0.89 -3.88
N LYS H 359 -60.59 -2.03 -3.59
CA LYS H 359 -60.74 -3.07 -4.60
C LYS H 359 -61.65 -2.61 -5.74
N GLU H 360 -62.75 -1.93 -5.40
CA GLU H 360 -63.70 -1.50 -6.42
C GLU H 360 -63.08 -0.48 -7.36
N ASP I 10 -40.70 -15.02 0.43
CA ASP I 10 -40.96 -16.46 0.47
C ASP I 10 -40.36 -17.21 -0.71
N LEU I 11 -40.43 -16.66 -1.91
CA LEU I 11 -40.00 -17.40 -3.10
C LEU I 11 -38.49 -17.63 -3.10
N SER I 12 -37.73 -16.61 -2.69
CA SER I 12 -36.30 -16.78 -2.53
C SER I 12 -35.96 -17.84 -1.49
N TYR I 13 -36.72 -17.91 -0.40
CA TYR I 13 -36.49 -18.91 0.63
C TYR I 13 -36.80 -20.31 0.11
N LYS I 14 -37.89 -20.45 -0.67
CA LYS I 14 -38.21 -21.74 -1.26
C LYS I 14 -37.10 -22.21 -2.19
N HIS I 15 -36.60 -21.30 -3.04
CA HIS I 15 -35.51 -21.69 -3.93
C HIS I 15 -34.24 -21.98 -3.15
N ALA I 16 -34.01 -21.25 -2.05
CA ALA I 16 -32.84 -21.53 -1.22
C ALA I 16 -32.91 -22.92 -0.60
N ILE I 17 -34.09 -23.33 -0.16
CA ILE I 17 -34.26 -24.69 0.36
C ILE I 17 -34.02 -25.72 -0.73
N LEU I 18 -34.62 -25.51 -1.90
CA LEU I 18 -34.47 -26.49 -2.98
C LEU I 18 -33.02 -26.59 -3.44
N LYS I 19 -32.34 -25.46 -3.56
CA LYS I 19 -30.97 -25.46 -4.07
C LYS I 19 -29.99 -26.00 -3.05
N GLU I 20 -30.11 -25.57 -1.79
CA GLU I 20 -29.18 -25.99 -0.73
C GLU I 20 -29.63 -27.34 -0.16
N SER I 21 -29.35 -28.39 -0.92
CA SER I 21 -29.63 -29.76 -0.49
C SER I 21 -28.32 -30.53 -0.46
N GLN I 22 -28.03 -31.17 0.67
CA GLN I 22 -26.81 -31.95 0.83
C GLN I 22 -26.97 -33.40 0.40
N TYR I 23 -28.15 -33.78 -0.08
CA TYR I 23 -28.46 -35.16 -0.42
C TYR I 23 -28.83 -35.27 -1.89
N THR I 24 -28.36 -36.32 -2.54
CA THR I 24 -28.64 -36.54 -3.94
C THR I 24 -29.68 -37.63 -4.10
N ILE I 25 -30.63 -37.39 -5.00
CA ILE I 25 -31.71 -38.32 -5.26
C ILE I 25 -31.14 -39.49 -6.05
N LYS I 26 -31.83 -40.63 -6.00
CA LYS I 26 -31.44 -41.82 -6.75
C LYS I 26 -32.69 -42.42 -7.37
N ARG I 27 -32.69 -42.56 -8.69
CA ARG I 27 -33.83 -43.11 -9.40
C ARG I 27 -33.34 -43.96 -10.56
N ASP I 28 -34.23 -44.79 -11.07
CA ASP I 28 -33.91 -45.71 -12.16
C ASP I 28 -32.72 -46.58 -11.80
N VAL I 29 -32.68 -47.04 -10.55
CA VAL I 29 -31.50 -47.74 -10.05
C VAL I 29 -31.24 -49.02 -10.82
N GLY I 30 -32.29 -49.81 -11.04
CA GLY I 30 -32.11 -51.10 -11.67
C GLY I 30 -32.30 -51.09 -13.17
N THR I 31 -32.31 -49.91 -13.77
CA THR I 31 -32.62 -49.74 -15.17
C THR I 31 -31.34 -49.56 -15.98
N THR I 32 -31.44 -49.80 -17.28
CA THR I 32 -30.33 -49.64 -18.22
C THR I 32 -30.84 -48.97 -19.49
N THR I 33 -29.90 -48.38 -20.22
CA THR I 33 -30.20 -47.72 -21.49
C THR I 33 -29.07 -48.01 -22.47
N ALA I 34 -29.33 -47.72 -23.74
CA ALA I 34 -28.40 -48.05 -24.82
C ALA I 34 -27.68 -46.81 -25.32
N VAL I 35 -26.39 -46.98 -25.62
CA VAL I 35 -25.63 -45.97 -26.35
C VAL I 35 -24.87 -46.68 -27.46
N THR I 36 -24.41 -45.90 -28.40
CA THR I 36 -23.64 -46.35 -29.55
C THR I 36 -22.32 -45.61 -29.60
N PRO I 37 -21.19 -46.30 -29.61
CA PRO I 37 -19.90 -45.61 -29.61
C PRO I 37 -19.65 -44.88 -30.94
N SER I 38 -18.78 -43.88 -30.87
CA SER I 38 -18.49 -43.09 -32.07
C SER I 38 -17.94 -43.96 -33.19
N SER I 39 -17.31 -45.08 -32.86
CA SER I 39 -16.77 -45.97 -33.86
C SER I 39 -17.85 -46.54 -34.79
N LEU I 40 -19.12 -46.46 -34.38
CA LEU I 40 -20.24 -46.93 -35.17
C LEU I 40 -21.01 -45.81 -35.83
N GLN I 41 -20.52 -44.57 -35.80
CA GLN I 41 -21.28 -43.45 -36.34
C GLN I 41 -21.60 -43.66 -37.81
N GLN I 42 -20.60 -44.03 -38.61
CA GLN I 42 -20.81 -44.26 -40.03
C GLN I 42 -21.87 -45.33 -40.26
N GLU I 43 -22.08 -46.23 -39.30
CA GLU I 43 -23.13 -47.22 -39.42
C GLU I 43 -24.47 -46.63 -39.00
N ILE I 44 -24.52 -45.93 -37.86
CA ILE I 44 -25.80 -45.43 -37.38
C ILE I 44 -26.37 -44.42 -38.37
N THR I 45 -25.50 -43.65 -39.01
CA THR I 45 -25.96 -42.74 -40.06
C THR I 45 -26.81 -43.47 -41.08
N LEU I 46 -26.32 -44.61 -41.58
CA LEU I 46 -27.10 -45.39 -42.53
C LEU I 46 -28.48 -45.67 -41.97
N LEU I 47 -28.53 -46.20 -40.74
CA LEU I 47 -29.82 -46.48 -40.14
C LEU I 47 -30.67 -45.22 -40.05
N CYS I 48 -30.07 -44.13 -39.59
CA CYS I 48 -30.84 -42.90 -39.40
C CYS I 48 -31.37 -42.35 -40.71
N GLY I 49 -30.87 -42.83 -41.84
CA GLY I 49 -31.35 -42.38 -43.13
C GLY I 49 -32.25 -43.40 -43.77
N GLU I 50 -32.10 -44.67 -43.40
CA GLU I 50 -33.00 -45.68 -43.92
C GLU I 50 -34.38 -45.61 -43.29
N ILE I 51 -34.54 -44.76 -42.29
CA ILE I 51 -35.83 -44.40 -41.75
C ILE I 51 -36.49 -43.32 -42.59
N LEU I 52 -35.71 -42.61 -43.41
CA LEU I 52 -36.22 -41.37 -43.97
C LEU I 52 -36.73 -41.53 -45.40
N TYR I 53 -36.15 -42.43 -46.20
CA TYR I 53 -36.58 -42.39 -47.59
C TYR I 53 -37.49 -43.55 -47.93
N ALA I 54 -37.87 -44.38 -46.96
CA ALA I 54 -38.75 -45.50 -47.18
C ALA I 54 -40.02 -45.32 -46.35
N LYS I 55 -41.07 -46.04 -46.75
CA LYS I 55 -42.37 -45.93 -46.09
C LYS I 55 -42.53 -47.15 -45.20
N HIS I 56 -42.33 -46.96 -43.90
CA HIS I 56 -42.27 -48.05 -42.93
C HIS I 56 -43.59 -48.19 -42.20
N ALA I 57 -43.99 -49.44 -41.96
CA ALA I 57 -45.20 -49.71 -41.19
C ALA I 57 -45.03 -49.29 -39.74
N ASP I 58 -43.87 -49.56 -39.15
CA ASP I 58 -43.61 -49.26 -37.74
C ASP I 58 -42.45 -48.28 -37.64
N TYR I 59 -42.71 -47.13 -37.02
CA TYR I 59 -41.71 -46.10 -36.76
C TYR I 59 -41.42 -46.00 -35.26
N LYS I 60 -41.36 -47.14 -34.57
CA LYS I 60 -41.45 -47.13 -33.11
C LYS I 60 -40.17 -46.62 -32.47
N TYR I 61 -39.01 -46.99 -33.01
CA TYR I 61 -37.74 -46.68 -32.38
C TYR I 61 -36.92 -45.65 -33.14
N ALA I 62 -37.54 -44.82 -33.96
CA ALA I 62 -36.79 -43.79 -34.66
C ALA I 62 -36.14 -42.82 -33.70
N ALA I 63 -36.83 -42.50 -32.60
CA ALA I 63 -36.26 -41.61 -31.59
C ALA I 63 -35.03 -42.24 -30.95
N GLU I 64 -35.07 -43.54 -30.67
CA GLU I 64 -33.91 -44.20 -30.10
C GLU I 64 -32.74 -44.18 -31.08
N ILE I 65 -33.01 -44.26 -32.38
CA ILE I 65 -31.92 -44.17 -33.34
C ILE I 65 -31.34 -42.77 -33.41
N GLY I 66 -32.17 -41.74 -33.30
CA GLY I 66 -31.63 -40.40 -33.21
C GLY I 66 -30.76 -40.20 -31.98
N ILE I 67 -31.22 -40.74 -30.84
CA ILE I 67 -30.43 -40.65 -29.63
C ILE I 67 -29.16 -41.48 -29.74
N GLN I 68 -29.20 -42.58 -30.48
CA GLN I 68 -27.98 -43.33 -30.74
C GLN I 68 -26.98 -42.49 -31.52
N TYR I 69 -27.45 -41.75 -32.52
CA TYR I 69 -26.53 -40.87 -33.24
C TYR I 69 -25.96 -39.81 -32.31
N ILE I 70 -26.78 -39.26 -31.42
CA ILE I 70 -26.29 -38.30 -30.44
C ILE I 70 -25.18 -38.91 -29.60
N SER I 71 -25.38 -40.17 -29.20
CA SER I 71 -24.37 -40.88 -28.41
C SER I 71 -23.08 -41.09 -29.19
N THR I 72 -23.18 -41.36 -30.49
CA THR I 72 -21.97 -41.45 -31.30
C THR I 72 -21.27 -40.10 -31.35
N ALA I 73 -22.04 -39.02 -31.46
CA ALA I 73 -21.45 -37.69 -31.58
C ALA I 73 -20.72 -37.29 -30.30
N LEU I 74 -21.39 -37.41 -29.16
CA LEU I 74 -20.77 -37.00 -27.90
C LEU I 74 -19.74 -38.01 -27.41
N GLY I 75 -20.00 -39.28 -27.62
CA GLY I 75 -19.19 -40.36 -27.11
C GLY I 75 -19.91 -41.12 -26.01
N SER I 76 -19.58 -42.42 -25.90
CA SER I 76 -20.26 -43.26 -24.92
C SER I 76 -19.98 -42.80 -23.49
N GLU I 77 -18.72 -42.50 -23.18
CA GLU I 77 -18.37 -42.11 -21.82
C GLU I 77 -18.99 -40.77 -21.43
N ARG I 78 -18.94 -39.79 -22.33
CA ARG I 78 -19.57 -38.51 -22.07
C ARG I 78 -21.07 -38.66 -21.91
N VAL I 79 -21.67 -39.58 -22.66
CA VAL I 79 -23.12 -39.80 -22.56
C VAL I 79 -23.47 -40.44 -21.23
N GLN I 80 -22.65 -41.40 -20.77
CA GLN I 80 -22.85 -41.98 -19.45
C GLN I 80 -22.74 -40.92 -18.37
N GLN I 81 -21.75 -40.04 -18.48
CA GLN I 81 -21.60 -38.96 -17.52
C GLN I 81 -22.80 -38.02 -17.54
N ILE I 82 -23.31 -37.71 -18.73
CA ILE I 82 -24.47 -36.84 -18.85
C ILE I 82 -25.68 -37.48 -18.17
N LEU I 83 -25.89 -38.77 -18.40
CA LEU I 83 -27.00 -39.46 -17.76
C LEU I 83 -26.84 -39.49 -16.24
N ARG I 84 -25.62 -39.69 -15.75
CA ARG I 84 -25.36 -39.70 -14.32
C ARG I 84 -25.60 -38.35 -13.66
N ASN I 85 -25.15 -37.26 -14.28
CA ASN I 85 -25.36 -35.94 -13.69
C ASN I 85 -26.78 -35.42 -13.87
N SER I 86 -27.65 -36.15 -14.55
CA SER I 86 -29.04 -35.74 -14.71
C SER I 86 -29.93 -36.28 -13.61
N GLY I 87 -29.36 -36.90 -12.57
CA GLY I 87 -30.12 -37.44 -11.48
C GLY I 87 -30.65 -38.85 -11.69
N SER I 88 -30.22 -39.52 -12.76
CA SER I 88 -30.72 -40.85 -13.11
C SER I 88 -29.56 -41.84 -13.11
N GLU I 89 -29.74 -42.94 -12.38
CA GLU I 89 -28.70 -43.97 -12.24
C GLU I 89 -28.94 -45.09 -13.25
N VAL I 90 -29.08 -44.69 -14.52
CA VAL I 90 -29.23 -45.65 -15.62
C VAL I 90 -27.86 -46.14 -16.02
N GLN I 91 -27.70 -47.46 -16.10
CA GLN I 91 -26.45 -48.03 -16.55
C GLN I 91 -26.44 -48.16 -18.05
N VAL I 92 -25.51 -47.45 -18.68
CA VAL I 92 -25.31 -47.46 -20.11
C VAL I 92 -24.95 -48.86 -20.58
N VAL I 93 -25.58 -49.30 -21.66
CA VAL I 93 -25.23 -50.54 -22.35
C VAL I 93 -24.71 -50.19 -23.73
N LEU I 94 -23.56 -50.73 -24.09
CA LEU I 94 -22.94 -50.40 -25.36
C LEU I 94 -23.68 -51.08 -26.52
N THR I 95 -23.31 -50.69 -27.73
CA THR I 95 -23.92 -51.19 -28.96
C THR I 95 -22.91 -52.08 -29.68
N ARG I 96 -23.40 -53.18 -30.23
CA ARG I 96 -22.58 -54.14 -30.95
C ARG I 96 -23.10 -54.31 -32.37
N THR I 97 -22.33 -55.02 -33.18
CA THR I 97 -22.67 -55.27 -34.56
C THR I 97 -22.79 -56.78 -34.78
N TYR I 98 -23.58 -57.15 -35.78
CA TYR I 98 -23.76 -58.55 -36.12
C TYR I 98 -24.08 -58.69 -37.60
N SER I 99 -23.94 -59.91 -38.11
CA SER I 99 -24.17 -60.18 -39.52
C SER I 99 -25.42 -61.01 -39.73
N GLN I 112 -23.09 -55.57 -42.39
CA GLN I 112 -23.41 -55.76 -40.98
C GLN I 112 -24.49 -54.81 -40.51
N MET I 113 -25.11 -55.14 -39.37
CA MET I 113 -26.19 -54.36 -38.79
C MET I 113 -25.91 -54.19 -37.30
N LEU I 114 -26.74 -53.37 -36.65
CA LEU I 114 -26.55 -52.99 -35.27
C LEU I 114 -27.51 -53.75 -34.37
N ASP I 115 -27.04 -54.10 -33.17
CA ASP I 115 -27.84 -54.71 -32.12
C ASP I 115 -27.88 -53.71 -30.98
N ILE I 116 -28.84 -52.80 -31.03
CA ILE I 116 -28.98 -51.76 -30.03
C ILE I 116 -29.83 -52.29 -28.89
N HIS I 117 -29.40 -52.01 -27.66
CA HIS I 117 -30.09 -52.51 -26.49
C HIS I 117 -31.44 -51.84 -26.33
N GLY I 118 -32.48 -52.63 -26.13
CA GLY I 118 -33.83 -52.12 -26.05
C GLY I 118 -34.50 -51.87 -27.37
N VAL I 119 -33.78 -52.07 -28.48
CA VAL I 119 -34.31 -51.98 -29.83
C VAL I 119 -34.28 -53.37 -30.43
N GLU I 120 -35.45 -53.90 -30.76
CA GLU I 120 -35.54 -55.27 -31.24
C GLU I 120 -34.84 -55.41 -32.58
N LYS I 121 -34.08 -56.50 -32.73
CA LYS I 121 -33.36 -56.72 -33.98
C LYS I 121 -34.33 -56.91 -35.15
N SER I 122 -35.54 -57.39 -34.87
CA SER I 122 -36.55 -57.50 -35.92
C SER I 122 -36.87 -56.13 -36.50
N TRP I 123 -36.95 -55.10 -35.65
CA TRP I 123 -37.22 -53.75 -36.13
C TRP I 123 -36.10 -53.25 -37.03
N VAL I 124 -34.85 -53.42 -36.62
CA VAL I 124 -33.73 -52.96 -37.43
C VAL I 124 -33.70 -53.69 -38.76
N GLU I 125 -33.92 -55.00 -38.75
CA GLU I 125 -33.95 -55.76 -39.99
C GLU I 125 -35.09 -55.29 -40.89
N GLU I 126 -36.26 -55.01 -40.31
CA GLU I 126 -37.39 -54.54 -41.10
C GLU I 126 -37.09 -53.19 -41.76
N ILE I 127 -36.51 -52.26 -41.00
CA ILE I 127 -36.19 -50.95 -41.55
C ILE I 127 -35.16 -51.08 -42.67
N ASP I 128 -34.12 -51.88 -42.44
CA ASP I 128 -33.09 -52.05 -43.46
C ASP I 128 -33.67 -52.69 -44.72
N LYS I 129 -34.47 -53.74 -44.56
CA LYS I 129 -35.03 -54.42 -45.73
C LYS I 129 -35.99 -53.52 -46.49
N GLU I 130 -36.82 -52.75 -45.78
CA GLU I 130 -37.73 -51.83 -46.44
C GLU I 130 -36.97 -50.79 -47.24
N ALA I 131 -35.91 -50.23 -46.66
CA ALA I 131 -35.13 -49.23 -47.38
C ALA I 131 -34.41 -49.85 -48.59
N ARG I 132 -33.88 -51.06 -48.45
CA ARG I 132 -33.22 -51.70 -49.57
C ARG I 132 -34.19 -51.99 -50.70
N LYS I 133 -35.39 -52.45 -50.36
CA LYS I 133 -36.41 -52.73 -51.39
C LYS I 133 -36.84 -51.45 -52.08
N THR I 134 -37.05 -50.36 -51.33
CA THR I 134 -37.41 -49.10 -51.95
C THR I 134 -36.30 -48.59 -52.87
N MET I 135 -35.04 -48.73 -52.42
CA MET I 135 -33.93 -48.28 -53.26
C MET I 135 -33.85 -49.11 -54.54
N ALA I 136 -34.06 -50.42 -54.44
CA ALA I 136 -34.05 -51.26 -55.63
C ALA I 136 -35.18 -50.87 -56.58
N THR I 137 -36.36 -50.59 -56.04
CA THR I 137 -37.49 -50.21 -56.88
C THR I 137 -37.25 -48.87 -57.57
N LEU I 138 -36.72 -47.89 -56.85
CA LEU I 138 -36.43 -46.59 -57.43
C LEU I 138 -35.18 -46.59 -58.30
N LEU I 139 -34.38 -47.65 -58.27
CA LEU I 139 -33.25 -47.74 -59.18
C LEU I 139 -33.59 -48.55 -60.43
N LYS I 140 -34.40 -49.59 -60.30
CA LYS I 140 -34.76 -50.41 -61.44
C LYS I 140 -35.66 -49.65 -62.41
N GLU I 141 -36.71 -49.01 -61.89
CA GLU I 141 -37.65 -48.31 -62.76
C GLU I 141 -37.03 -47.02 -63.31
N SER I 142 -36.38 -46.24 -62.46
CA SER I 142 -35.90 -44.93 -62.86
C SER I 142 -34.66 -45.06 -63.74
N SER I 143 -34.07 -43.91 -64.06
CA SER I 143 -32.95 -43.84 -64.99
C SER I 143 -31.59 -44.03 -64.30
N GLY I 144 -31.58 -44.34 -63.02
CA GLY I 144 -30.32 -44.55 -62.32
C GLY I 144 -29.47 -43.32 -62.17
N ASN I 145 -30.06 -42.19 -61.79
CA ASN I 145 -29.31 -40.96 -61.57
C ASN I 145 -29.53 -40.45 -60.16
N ILE I 146 -29.44 -41.34 -59.18
CA ILE I 146 -29.69 -40.95 -57.78
C ILE I 146 -28.59 -40.00 -57.33
N PRO I 147 -28.93 -38.79 -56.91
CA PRO I 147 -27.90 -37.84 -56.48
C PRO I 147 -27.31 -38.24 -55.13
N GLN I 148 -26.30 -37.46 -54.71
CA GLN I 148 -25.57 -37.81 -53.50
C GLN I 148 -26.39 -37.51 -52.25
N ASN I 149 -27.42 -36.67 -52.37
CA ASN I 149 -28.19 -36.31 -51.19
C ASN I 149 -29.43 -37.19 -51.04
N GLN I 150 -29.78 -37.93 -52.08
CA GLN I 150 -31.01 -38.72 -52.02
C GLN I 150 -30.81 -40.11 -51.46
N ARG I 151 -29.57 -40.52 -51.20
CA ARG I 151 -29.31 -41.88 -50.73
C ARG I 151 -29.35 -41.94 -49.20
N PRO I 152 -29.66 -43.12 -48.63
CA PRO I 152 -29.74 -43.22 -47.16
C PRO I 152 -28.45 -42.93 -46.44
N SER I 153 -27.30 -43.20 -47.04
CA SER I 153 -26.02 -43.00 -46.39
C SER I 153 -25.57 -41.55 -46.40
N ALA I 154 -26.48 -40.61 -46.67
CA ALA I 154 -26.13 -39.21 -46.59
C ALA I 154 -25.77 -38.86 -45.16
N PRO I 155 -24.80 -37.96 -44.96
CA PRO I 155 -24.33 -37.68 -43.59
C PRO I 155 -25.20 -36.71 -42.81
N ASP I 156 -26.19 -36.05 -43.43
CA ASP I 156 -27.09 -35.19 -42.69
C ASP I 156 -28.42 -35.87 -42.37
N THR I 157 -28.61 -37.12 -42.77
CA THR I 157 -29.84 -37.81 -42.41
C THR I 157 -30.05 -37.96 -40.90
N PRO I 158 -29.05 -38.30 -40.09
CA PRO I 158 -29.30 -38.31 -38.64
C PRO I 158 -29.71 -36.95 -38.12
N ILE I 159 -29.17 -35.87 -38.68
CA ILE I 159 -29.57 -34.54 -38.25
C ILE I 159 -30.97 -34.22 -38.77
N ILE I 160 -31.35 -34.76 -39.94
CA ILE I 160 -32.71 -34.55 -40.41
C ILE I 160 -33.72 -35.23 -39.50
N LEU I 161 -33.43 -36.44 -39.03
CA LEU I 161 -34.29 -37.08 -38.04
C LEU I 161 -34.31 -36.31 -36.73
N LEU I 162 -33.14 -35.86 -36.27
CA LEU I 162 -33.09 -35.08 -35.05
C LEU I 162 -33.77 -33.72 -35.20
N CYS I 163 -34.00 -33.26 -36.43
CA CYS I 163 -34.74 -32.02 -36.62
C CYS I 163 -36.23 -32.22 -36.35
N VAL I 164 -36.80 -33.34 -36.80
CA VAL I 164 -38.15 -33.70 -36.37
C VAL I 164 -38.19 -33.86 -34.86
N GLY I 165 -37.16 -34.49 -34.29
CA GLY I 165 -37.08 -34.58 -32.84
C GLY I 165 -37.02 -33.25 -32.13
N ALA I 166 -36.32 -32.27 -32.70
CA ALA I 166 -36.24 -30.95 -32.10
C ALA I 166 -37.53 -30.17 -32.28
N LEU I 167 -38.24 -30.40 -33.38
CA LEU I 167 -39.55 -29.77 -33.55
C LEU I 167 -40.54 -30.27 -32.51
N ILE I 168 -40.53 -31.58 -32.26
CA ILE I 168 -41.42 -32.11 -31.22
C ILE I 168 -40.87 -31.83 -29.83
N PHE I 169 -39.59 -31.47 -29.74
CA PHE I 169 -39.00 -31.07 -28.47
C PHE I 169 -39.54 -29.72 -28.01
N THR I 170 -39.77 -28.79 -28.93
CA THR I 170 -40.26 -27.48 -28.56
C THR I 170 -41.69 -27.55 -28.03
N LYS I 171 -42.38 -28.66 -28.24
CA LYS I 171 -43.75 -28.85 -27.80
C LYS I 171 -43.87 -29.90 -26.71
N LEU I 172 -42.92 -29.95 -25.78
CA LEU I 172 -43.00 -30.94 -24.71
C LEU I 172 -43.81 -30.41 -23.54
N ALA I 173 -43.89 -29.09 -23.41
CA ALA I 173 -44.77 -28.50 -22.40
C ALA I 173 -46.23 -28.54 -22.84
N SER I 174 -46.46 -28.57 -24.15
CA SER I 174 -47.81 -28.63 -24.67
C SER I 174 -48.34 -30.07 -24.61
N THR I 175 -49.48 -30.29 -25.24
CA THR I 175 -50.07 -31.62 -25.26
C THR I 175 -49.54 -32.43 -26.44
N ILE I 176 -49.95 -33.69 -26.50
CA ILE I 176 -49.48 -34.58 -27.56
C ILE I 176 -50.09 -34.20 -28.90
N GLU I 177 -51.39 -33.94 -28.94
CA GLU I 177 -52.06 -33.66 -30.22
C GLU I 177 -51.60 -32.33 -30.79
N VAL I 178 -51.51 -31.30 -29.94
CA VAL I 178 -51.01 -30.01 -30.37
C VAL I 178 -49.57 -30.15 -30.84
N GLY I 179 -48.76 -30.92 -30.09
CA GLY I 179 -47.38 -31.11 -30.49
C GLY I 179 -47.24 -31.76 -31.83
N LEU I 180 -48.01 -32.82 -32.09
CA LEU I 180 -47.92 -33.51 -33.38
C LEU I 180 -48.41 -32.63 -34.52
N GLU I 181 -49.53 -31.93 -34.32
CA GLU I 181 -50.05 -31.06 -35.36
C GLU I 181 -49.05 -29.96 -35.70
N THR I 182 -48.49 -29.33 -34.66
CA THR I 182 -47.52 -28.27 -34.87
C THR I 182 -46.25 -28.80 -35.53
N THR I 183 -45.81 -30.00 -35.12
CA THR I 183 -44.62 -30.58 -35.73
C THR I 183 -44.81 -30.78 -37.22
N VAL I 184 -45.94 -31.36 -37.62
CA VAL I 184 -46.17 -31.61 -39.04
C VAL I 184 -46.27 -30.29 -39.79
N ARG I 185 -47.03 -29.34 -39.24
CA ARG I 185 -47.23 -28.05 -39.92
C ARG I 185 -45.90 -27.32 -40.11
N ARG I 186 -45.07 -27.30 -39.08
CA ARG I 186 -43.81 -26.58 -39.16
C ARG I 186 -42.77 -27.36 -39.95
N ALA I 187 -42.88 -28.68 -40.01
CA ALA I 187 -41.89 -29.46 -40.74
C ALA I 187 -42.16 -29.44 -42.23
N ASN I 188 -43.39 -29.17 -42.65
CA ASN I 188 -43.59 -29.00 -44.08
C ASN I 188 -42.86 -27.78 -44.65
N ARG I 189 -42.43 -26.85 -43.81
CA ARG I 189 -41.73 -25.66 -44.25
C ARG I 189 -40.29 -25.58 -43.78
N VAL I 190 -40.05 -25.88 -42.51
CA VAL I 190 -38.69 -25.92 -41.96
C VAL I 190 -37.87 -26.99 -42.67
N LEU I 191 -38.43 -28.18 -42.84
CA LEU I 191 -37.75 -29.31 -43.45
C LEU I 191 -38.20 -29.55 -44.88
N SER I 192 -38.42 -28.49 -45.65
CA SER I 192 -38.87 -28.68 -47.03
C SER I 192 -37.80 -29.34 -47.88
N ASP I 193 -36.55 -28.95 -47.70
CA ASP I 193 -35.47 -29.51 -48.52
C ASP I 193 -35.29 -31.00 -48.29
N ALA I 194 -35.34 -31.43 -47.03
CA ALA I 194 -35.26 -32.85 -46.73
C ALA I 194 -36.44 -33.61 -47.30
N LEU I 195 -37.63 -33.01 -47.22
CA LEU I 195 -38.82 -33.63 -47.80
C LEU I 195 -38.68 -33.78 -49.32
N LYS I 196 -38.10 -32.78 -49.99
CA LYS I 196 -37.82 -32.92 -51.41
C LYS I 196 -36.81 -34.04 -51.68
N ARG I 197 -35.76 -34.10 -50.86
CA ARG I 197 -34.77 -35.16 -51.02
C ARG I 197 -35.36 -36.53 -50.72
N TYR I 198 -36.16 -36.63 -49.66
CA TYR I 198 -36.81 -37.88 -49.29
C TYR I 198 -38.32 -37.69 -49.38
N PRO I 199 -38.92 -37.96 -50.54
CA PRO I 199 -40.36 -37.72 -50.68
C PRO I 199 -41.19 -38.46 -49.66
N ARG I 200 -40.77 -39.65 -49.24
CA ARG I 200 -41.58 -40.48 -48.36
C ARG I 200 -40.88 -40.57 -47.00
N MET I 201 -41.05 -39.51 -46.21
CA MET I 201 -40.64 -39.48 -44.81
C MET I 201 -41.86 -39.04 -44.00
N ASP I 202 -42.23 -39.85 -43.01
CA ASP I 202 -43.48 -39.65 -42.32
C ASP I 202 -43.20 -38.87 -41.06
N ILE I 203 -43.27 -37.55 -41.17
CA ILE I 203 -43.07 -36.69 -40.01
C ILE I 203 -44.05 -37.00 -38.88
N PRO I 204 -45.33 -37.31 -39.13
CA PRO I 204 -46.21 -37.68 -38.00
C PRO I 204 -45.73 -38.85 -37.17
N LYS I 205 -45.34 -39.97 -37.78
CA LYS I 205 -44.96 -41.14 -37.01
C LYS I 205 -43.62 -40.95 -36.31
N ILE I 206 -42.67 -40.30 -36.97
CA ILE I 206 -41.38 -40.02 -36.34
C ILE I 206 -41.57 -39.06 -35.17
N ALA I 207 -42.45 -38.07 -35.34
CA ALA I 207 -42.73 -37.15 -34.25
C ALA I 207 -43.40 -37.86 -33.07
N ARG I 208 -44.31 -38.78 -33.37
CA ARG I 208 -44.90 -39.59 -32.31
C ARG I 208 -43.85 -40.42 -31.58
N SER I 209 -42.91 -41.00 -32.33
CA SER I 209 -41.84 -41.77 -31.70
C SER I 209 -40.99 -40.90 -30.79
N PHE I 210 -40.67 -39.68 -31.24
CA PHE I 210 -39.85 -38.80 -30.42
C PHE I 210 -40.60 -38.34 -29.18
N TYR I 211 -41.90 -38.07 -29.30
CA TYR I 211 -42.68 -37.71 -28.13
C TYR I 211 -42.72 -38.85 -27.12
N ASP I 212 -42.90 -40.08 -27.61
CA ASP I 212 -42.88 -41.24 -26.74
C ASP I 212 -41.54 -41.37 -26.02
N LEU I 213 -40.44 -41.21 -26.74
CA LEU I 213 -39.12 -41.30 -26.10
C LEU I 213 -38.96 -40.23 -25.04
N PHE I 214 -39.33 -38.99 -25.34
CA PHE I 214 -39.13 -37.91 -24.38
C PHE I 214 -39.99 -38.11 -23.14
N GLU I 215 -41.18 -38.69 -23.30
CA GLU I 215 -42.02 -38.93 -22.14
C GLU I 215 -41.52 -40.12 -21.31
N GLN I 216 -41.12 -41.22 -21.96
CA GLN I 216 -40.71 -42.40 -21.20
C GLN I 216 -39.37 -42.19 -20.53
N LYS I 217 -38.34 -41.90 -21.32
CA LYS I 217 -36.99 -41.69 -20.81
C LYS I 217 -36.74 -40.20 -20.67
N VAL I 218 -36.87 -39.69 -19.43
CA VAL I 218 -36.71 -38.27 -19.19
C VAL I 218 -35.25 -37.84 -19.17
N TYR I 219 -34.32 -38.75 -18.89
CA TYR I 219 -32.89 -38.43 -18.98
C TYR I 219 -32.45 -38.14 -20.41
N HIS I 220 -33.18 -38.64 -21.40
CA HIS I 220 -32.88 -38.35 -22.78
C HIS I 220 -33.19 -36.91 -23.15
N ARG I 221 -34.06 -36.24 -22.39
CA ARG I 221 -34.17 -34.80 -22.54
C ARG I 221 -32.86 -34.12 -22.18
N SER I 222 -32.21 -34.56 -21.10
CA SER I 222 -30.90 -34.01 -20.76
C SER I 222 -29.86 -34.36 -21.80
N LEU I 223 -29.87 -35.58 -22.32
CA LEU I 223 -28.94 -35.92 -23.40
C LEU I 223 -29.17 -35.06 -24.63
N PHE I 224 -30.43 -34.81 -24.98
CA PHE I 224 -30.75 -34.05 -26.17
C PHE I 224 -30.34 -32.59 -25.99
N ILE I 225 -30.51 -32.05 -24.80
CA ILE I 225 -30.04 -30.71 -24.49
C ILE I 225 -28.51 -30.62 -24.54
N GLU I 226 -27.83 -31.66 -24.04
CA GLU I 226 -26.37 -31.66 -24.11
C GLU I 226 -25.89 -31.71 -25.55
N TYR I 227 -26.60 -32.45 -26.41
CA TYR I 227 -26.25 -32.41 -27.83
C TYR I 227 -26.49 -31.04 -28.42
N GLY I 228 -27.59 -30.38 -28.04
CA GLY I 228 -27.82 -29.03 -28.51
C GLY I 228 -26.71 -28.07 -28.12
N LYS I 229 -26.22 -28.18 -26.89
CA LYS I 229 -25.12 -27.34 -26.44
C LYS I 229 -23.82 -27.68 -27.16
N ALA I 230 -23.51 -28.97 -27.28
CA ALA I 230 -22.28 -29.38 -27.93
C ALA I 230 -22.28 -29.05 -29.40
N LEU I 231 -23.44 -28.88 -29.99
CA LEU I 231 -23.59 -28.48 -31.39
C LEU I 231 -23.53 -26.96 -31.55
N GLY I 232 -24.22 -26.21 -30.70
CA GLY I 232 -24.15 -24.77 -30.77
C GLY I 232 -22.77 -24.23 -30.47
N SER I 233 -22.03 -24.91 -29.60
CA SER I 233 -20.68 -24.50 -29.26
C SER I 233 -19.65 -24.83 -30.34
N SER I 234 -20.05 -25.59 -31.36
CA SER I 234 -19.11 -25.99 -32.40
C SER I 234 -18.68 -24.80 -33.24
N SER I 235 -17.46 -24.90 -33.77
CA SER I 235 -16.91 -23.82 -34.59
C SER I 235 -17.49 -23.82 -36.00
N THR I 236 -17.83 -25.00 -36.54
CA THR I 236 -18.40 -25.14 -37.86
C THR I 236 -19.56 -26.11 -37.81
N GLY I 237 -20.41 -26.06 -38.82
CA GLY I 237 -21.52 -26.98 -38.93
C GLY I 237 -22.18 -26.89 -40.28
N SER I 238 -22.89 -27.96 -40.63
CA SER I 238 -23.64 -27.99 -41.87
C SER I 238 -24.93 -27.23 -41.69
N LYS I 239 -25.71 -27.12 -42.77
CA LYS I 239 -26.98 -26.41 -42.68
C LYS I 239 -27.99 -27.20 -41.84
N ALA I 240 -27.88 -28.52 -41.84
CA ALA I 240 -28.74 -29.34 -41.00
C ALA I 240 -28.50 -29.06 -39.53
N GLU I 241 -27.23 -28.96 -39.12
CA GLU I 241 -26.92 -28.70 -37.72
C GLU I 241 -27.29 -27.28 -37.32
N SER I 242 -27.14 -26.33 -38.24
CA SER I 242 -27.59 -24.97 -37.96
C SER I 242 -29.10 -24.91 -37.80
N LEU I 243 -29.85 -25.65 -38.62
CA LEU I 243 -31.29 -25.74 -38.46
C LEU I 243 -31.67 -26.38 -37.14
N PHE I 244 -30.98 -27.46 -36.77
CA PHE I 244 -31.27 -28.11 -35.50
C PHE I 244 -31.04 -27.15 -34.35
N VAL I 245 -29.96 -26.38 -34.39
CA VAL I 245 -29.69 -25.44 -33.30
C VAL I 245 -30.73 -24.32 -33.30
N ASN I 246 -31.19 -23.88 -34.47
CA ASN I 246 -32.23 -22.87 -34.52
C ASN I 246 -33.50 -23.34 -33.84
N ILE I 247 -33.92 -24.58 -34.13
CA ILE I 247 -35.13 -25.12 -33.50
C ILE I 247 -34.91 -25.33 -32.01
N PHE I 248 -33.75 -25.88 -31.64
CA PHE I 248 -33.44 -26.11 -30.23
C PHE I 248 -33.51 -24.81 -29.45
N MET I 249 -33.03 -23.71 -30.02
CA MET I 249 -33.12 -22.43 -29.33
C MET I 249 -34.54 -21.87 -29.37
N GLN I 250 -35.33 -22.24 -30.38
CA GLN I 250 -36.74 -21.87 -30.35
C GLN I 250 -37.47 -22.58 -29.22
N ALA I 251 -36.89 -23.67 -28.71
CA ALA I 251 -37.49 -24.35 -27.57
C ALA I 251 -37.11 -23.77 -26.21
N TYR I 252 -36.31 -22.70 -26.17
CA TYR I 252 -35.66 -22.32 -24.91
C TYR I 252 -36.65 -21.96 -23.82
N GLY I 253 -37.56 -21.05 -24.10
CA GLY I 253 -38.47 -20.62 -23.06
C GLY I 253 -39.71 -21.49 -22.91
N ALA I 254 -39.59 -22.80 -23.11
CA ALA I 254 -40.76 -23.66 -23.08
C ALA I 254 -41.32 -23.76 -21.67
N GLY I 255 -42.65 -23.74 -21.57
CA GLY I 255 -43.31 -23.83 -20.30
C GLY I 255 -43.39 -22.55 -19.51
N GLN I 256 -42.90 -21.44 -20.06
CA GLN I 256 -42.89 -20.16 -19.35
C GLN I 256 -43.31 -19.04 -20.27
N THR I 257 -44.34 -19.24 -21.09
CA THR I 257 -44.77 -18.16 -21.97
C THR I 257 -45.42 -17.02 -21.22
N MET I 258 -45.85 -17.25 -19.97
CA MET I 258 -46.44 -16.18 -19.20
C MET I 258 -45.41 -15.12 -18.81
N LEU I 259 -44.18 -15.53 -18.50
CA LEU I 259 -43.14 -14.55 -18.20
C LEU I 259 -42.78 -13.73 -19.43
N ARG I 260 -42.67 -14.38 -20.59
CA ARG I 260 -42.39 -13.66 -21.82
C ARG I 260 -43.51 -12.69 -22.15
N TRP I 261 -44.76 -13.11 -21.95
CA TRP I 261 -45.86 -12.20 -22.19
C TRP I 261 -45.94 -11.10 -21.13
N GLY I 262 -45.44 -11.35 -19.93
CA GLY I 262 -45.39 -10.30 -18.94
C GLY I 262 -44.40 -9.21 -19.30
N VAL I 263 -43.21 -9.60 -19.74
CA VAL I 263 -42.27 -8.58 -20.19
C VAL I 263 -42.78 -7.91 -21.45
N ILE I 264 -43.54 -8.63 -22.29
CA ILE I 264 -44.19 -7.99 -23.43
C ILE I 264 -45.18 -6.94 -22.98
N ALA I 265 -45.99 -7.26 -21.96
CA ALA I 265 -46.97 -6.29 -21.46
C ALA I 265 -46.28 -5.07 -20.89
N ARG I 266 -45.18 -5.26 -20.16
CA ARG I 266 -44.43 -4.13 -19.64
C ARG I 266 -43.86 -3.28 -20.76
N SER I 267 -43.39 -3.92 -21.85
CA SER I 267 -42.91 -3.18 -22.99
C SER I 267 -44.02 -2.42 -23.70
N SER I 268 -45.24 -2.95 -23.67
CA SER I 268 -46.39 -2.31 -24.31
C SER I 268 -46.93 -1.14 -23.50
N ASN I 269 -46.48 -0.97 -22.25
CA ASN I 269 -46.95 0.11 -21.39
C ASN I 269 -48.48 0.08 -21.27
N ASN I 270 -49.00 -1.08 -20.90
CA ASN I 270 -50.43 -1.26 -20.75
C ASN I 270 -50.93 -0.48 -19.54
N ILE I 271 -52.00 0.29 -19.71
CA ILE I 271 -52.47 1.14 -18.63
C ILE I 271 -53.02 0.31 -17.47
N MET I 272 -53.64 -0.82 -17.77
CA MET I 272 -54.20 -1.64 -16.71
C MET I 272 -53.13 -2.28 -15.84
N LEU I 273 -51.85 -2.19 -16.21
CA LEU I 273 -50.80 -2.57 -15.29
C LEU I 273 -50.74 -1.66 -14.07
N GLY I 274 -51.25 -0.44 -14.18
CA GLY I 274 -51.32 0.52 -13.09
C GLY I 274 -52.56 0.40 -12.23
N HIS I 275 -53.41 -0.59 -12.47
CA HIS I 275 -54.56 -0.83 -11.64
C HIS I 275 -54.13 -1.13 -10.20
N VAL I 276 -55.09 -1.07 -9.27
CA VAL I 276 -54.75 -1.25 -7.86
C VAL I 276 -54.24 -2.65 -7.59
N SER I 277 -54.94 -3.67 -8.10
CA SER I 277 -54.57 -5.04 -7.77
C SER I 277 -53.29 -5.46 -8.49
N VAL I 278 -53.11 -5.00 -9.73
CA VAL I 278 -51.86 -5.28 -10.44
C VAL I 278 -50.68 -4.69 -9.69
N GLN I 279 -50.83 -3.44 -9.23
CA GLN I 279 -49.76 -2.80 -8.46
C GLN I 279 -49.58 -3.49 -7.12
N ALA I 280 -50.64 -4.12 -6.60
CA ALA I 280 -50.51 -4.89 -5.38
C ALA I 280 -49.64 -6.13 -5.58
N GLU I 281 -49.81 -6.80 -6.72
CA GLU I 281 -49.10 -8.06 -6.98
C GLU I 281 -47.75 -7.85 -7.64
N LEU I 282 -47.44 -6.64 -8.09
CA LEU I 282 -46.19 -6.38 -8.78
C LEU I 282 -44.96 -6.72 -7.94
N LYS I 283 -45.04 -6.60 -6.62
CA LYS I 283 -43.89 -6.95 -5.78
C LYS I 283 -43.50 -8.40 -5.94
N GLN I 284 -44.45 -9.33 -5.80
CA GLN I 284 -44.07 -10.73 -5.88
C GLN I 284 -43.84 -11.14 -7.33
N VAL I 285 -44.45 -10.43 -8.28
CA VAL I 285 -44.11 -10.65 -9.69
C VAL I 285 -42.63 -10.36 -9.92
N THR I 286 -42.16 -9.21 -9.45
CA THR I 286 -40.75 -8.89 -9.55
C THR I 286 -39.90 -9.89 -8.78
N GLU I 287 -40.45 -10.47 -7.71
CA GLU I 287 -39.75 -11.54 -7.02
C GLU I 287 -39.54 -12.75 -7.93
N VAL I 288 -40.56 -13.12 -8.70
CA VAL I 288 -40.42 -14.24 -9.63
C VAL I 288 -39.35 -13.93 -10.66
N TYR I 289 -39.36 -12.71 -11.19
CA TYR I 289 -38.36 -12.34 -12.19
C TYR I 289 -36.95 -12.32 -11.60
N ASP I 290 -36.82 -11.88 -10.34
CA ASP I 290 -35.53 -11.93 -9.67
C ASP I 290 -35.06 -13.38 -9.50
N LEU I 291 -35.99 -14.29 -9.20
CA LEU I 291 -35.62 -15.69 -9.12
C LEU I 291 -35.17 -16.23 -10.47
N VAL I 292 -35.82 -15.78 -11.55
CA VAL I 292 -35.38 -16.14 -12.89
C VAL I 292 -33.94 -15.72 -13.11
N ARG I 293 -33.62 -14.47 -12.78
CA ARG I 293 -32.25 -13.99 -12.93
C ARG I 293 -31.29 -14.76 -12.04
N GLU I 294 -31.72 -15.12 -10.84
CA GLU I 294 -30.87 -15.85 -9.91
C GLU I 294 -30.49 -17.22 -10.46
N MET I 295 -31.46 -17.96 -11.00
CA MET I 295 -31.12 -19.23 -11.63
C MET I 295 -30.26 -19.04 -12.86
N GLY I 296 -30.58 -18.05 -13.69
CA GLY I 296 -29.72 -17.70 -14.79
C GLY I 296 -30.00 -18.46 -16.06
N PRO I 297 -28.94 -18.85 -16.78
CA PRO I 297 -29.12 -19.45 -18.11
C PRO I 297 -29.89 -20.75 -18.10
N GLU I 298 -29.76 -21.56 -17.06
CA GLU I 298 -30.43 -22.85 -17.03
C GLU I 298 -31.89 -22.77 -16.63
N SER I 299 -32.39 -21.56 -16.35
CA SER I 299 -33.79 -21.43 -15.95
C SER I 299 -34.74 -21.77 -17.10
N GLY I 300 -34.36 -21.42 -18.33
CA GLY I 300 -35.22 -21.68 -19.47
C GLY I 300 -35.43 -23.16 -19.73
N LEU I 301 -34.44 -23.98 -19.43
CA LEU I 301 -34.52 -25.41 -19.67
C LEU I 301 -35.18 -26.17 -18.53
N LEU I 302 -35.79 -25.49 -17.58
CA LEU I 302 -36.37 -26.18 -16.42
C LEU I 302 -37.59 -26.99 -16.82
N HIS I 303 -38.51 -26.40 -17.56
CA HIS I 303 -39.70 -27.12 -17.99
C HIS I 303 -39.42 -28.11 -19.11
N LEU I 304 -38.43 -27.83 -19.96
CA LEU I 304 -38.04 -28.79 -20.98
C LEU I 304 -37.48 -30.06 -20.35
N ARG I 305 -36.67 -29.92 -19.30
CA ARG I 305 -36.10 -31.03 -18.58
C ARG I 305 -37.07 -31.69 -17.62
N GLN I 306 -38.26 -31.12 -17.43
CA GLN I 306 -39.14 -31.47 -16.31
C GLN I 306 -38.39 -31.43 -14.99
N SER I 307 -37.59 -30.40 -14.81
CA SER I 307 -36.93 -30.21 -13.54
C SER I 307 -37.99 -29.96 -12.47
N PRO I 308 -37.98 -30.70 -11.36
CA PRO I 308 -39.02 -30.52 -10.35
C PRO I 308 -39.02 -29.11 -9.78
N LYS I 309 -37.87 -28.44 -9.88
CA LYS I 309 -37.71 -27.06 -9.47
C LYS I 309 -38.55 -26.10 -10.30
N ALA I 310 -38.99 -26.51 -11.48
CA ALA I 310 -39.95 -25.72 -12.24
C ALA I 310 -41.27 -25.66 -11.50
N GLY I 311 -41.97 -24.54 -11.66
CA GLY I 311 -43.10 -24.23 -10.84
C GLY I 311 -42.81 -23.19 -9.78
N LEU I 312 -41.54 -22.95 -9.49
CA LEU I 312 -41.17 -21.76 -8.73
C LEU I 312 -41.33 -20.51 -9.59
N LEU I 313 -41.32 -20.69 -10.91
CA LEU I 313 -41.46 -19.58 -11.85
C LEU I 313 -42.91 -19.34 -12.27
N SER I 314 -43.86 -20.03 -11.68
CA SER I 314 -45.27 -19.85 -12.03
C SER I 314 -45.77 -18.49 -11.57
N LEU I 315 -46.53 -17.82 -12.43
CA LEU I 315 -47.23 -16.60 -12.06
C LEU I 315 -48.70 -16.86 -11.72
N ALA I 316 -49.03 -18.10 -11.35
CA ALA I 316 -50.41 -18.41 -11.01
C ALA I 316 -50.84 -17.80 -9.69
N ASN I 317 -49.90 -17.42 -8.84
CA ASN I 317 -50.24 -16.78 -7.57
C ASN I 317 -50.47 -15.28 -7.72
N CYS I 318 -50.49 -14.76 -8.96
CA CYS I 318 -50.81 -13.37 -9.24
C CYS I 318 -51.92 -13.35 -10.29
N PRO I 319 -53.14 -13.70 -9.90
CA PRO I 319 -54.22 -13.85 -10.88
C PRO I 319 -54.52 -12.58 -11.65
N ASN I 320 -54.40 -11.43 -10.99
CA ASN I 320 -54.72 -10.17 -11.67
C ASN I 320 -53.63 -9.78 -12.66
N PHE I 321 -52.37 -9.99 -12.29
CA PHE I 321 -51.29 -9.76 -13.23
C PHE I 321 -51.39 -10.71 -14.42
N ALA I 322 -51.69 -11.98 -14.17
CA ALA I 322 -51.84 -12.94 -15.26
C ALA I 322 -53.00 -12.56 -16.17
N SER I 323 -54.11 -12.11 -15.59
CA SER I 323 -55.25 -11.70 -16.41
C SER I 323 -54.90 -10.48 -17.26
N VAL I 324 -54.19 -9.52 -16.68
CA VAL I 324 -53.79 -8.34 -17.45
C VAL I 324 -52.84 -8.73 -18.57
N VAL I 325 -51.90 -9.63 -18.29
CA VAL I 325 -50.93 -10.07 -19.28
C VAL I 325 -51.64 -10.78 -20.43
N LEU I 326 -52.57 -11.66 -20.09
CA LEU I 326 -53.32 -12.37 -21.13
C LEU I 326 -54.19 -11.41 -21.93
N GLY I 327 -54.76 -10.40 -21.27
CA GLY I 327 -55.54 -9.43 -22.01
C GLY I 327 -54.70 -8.63 -22.97
N ASN I 328 -53.51 -8.21 -22.54
CA ASN I 328 -52.61 -7.48 -23.42
C ASN I 328 -52.22 -8.35 -24.61
N ALA I 329 -51.91 -9.63 -24.36
CA ALA I 329 -51.56 -10.53 -25.44
C ALA I 329 -52.73 -10.70 -26.40
N SER I 330 -53.94 -10.80 -25.88
CA SER I 330 -55.11 -10.96 -26.74
C SER I 330 -55.36 -9.72 -27.57
N GLY I 331 -55.11 -8.54 -27.00
CA GLY I 331 -55.27 -7.32 -27.77
C GLY I 331 -54.27 -7.21 -28.90
N LEU I 332 -53.01 -7.54 -28.62
CA LEU I 332 -51.98 -7.49 -29.64
C LEU I 332 -52.07 -8.64 -30.65
N GLY I 333 -52.95 -9.62 -30.42
CA GLY I 333 -53.03 -10.76 -31.30
C GLY I 333 -52.03 -11.84 -31.02
N ILE I 334 -51.20 -11.63 -29.99
CA ILE I 334 -50.18 -12.62 -29.64
C ILE I 334 -50.80 -13.87 -29.03
N ILE I 335 -51.94 -13.74 -28.34
CA ILE I 335 -52.49 -14.85 -27.58
C ILE I 335 -52.78 -16.05 -28.48
N GLY I 336 -53.09 -15.79 -29.74
CA GLY I 336 -53.34 -16.88 -30.67
C GLY I 336 -54.44 -17.77 -30.16
N MET I 337 -54.08 -18.99 -29.79
CA MET I 337 -55.01 -19.98 -29.27
C MET I 337 -54.48 -20.53 -27.94
N TYR I 338 -53.93 -19.64 -27.12
CA TYR I 338 -53.37 -20.03 -25.83
C TYR I 338 -54.48 -20.51 -24.91
N ARG I 339 -54.22 -21.59 -24.19
CA ARG I 339 -55.23 -22.27 -23.40
C ARG I 339 -55.16 -21.96 -21.91
N GLY I 340 -54.38 -20.96 -21.50
CA GLY I 340 -54.34 -20.61 -20.10
C GLY I 340 -55.63 -20.00 -19.62
N ARG I 341 -55.77 -19.91 -18.31
CA ARG I 341 -56.97 -19.38 -17.68
C ARG I 341 -56.84 -17.88 -17.47
N VAL I 342 -57.94 -17.16 -17.64
CA VAL I 342 -58.03 -15.74 -17.29
C VAL I 342 -58.78 -15.65 -15.97
N PRO I 343 -58.13 -15.36 -14.86
CA PRO I 343 -58.82 -15.35 -13.57
C PRO I 343 -59.84 -14.24 -13.44
N ASN I 344 -59.43 -13.01 -13.73
CA ASN I 344 -60.28 -11.84 -13.59
C ASN I 344 -60.67 -11.37 -14.99
N THR I 345 -61.91 -11.61 -15.36
CA THR I 345 -62.34 -11.37 -16.73
C THR I 345 -62.45 -9.88 -17.05
N GLU I 346 -62.79 -9.05 -16.06
CA GLU I 346 -62.92 -7.62 -16.30
C GLU I 346 -61.57 -7.00 -16.66
N LEU I 347 -60.52 -7.35 -15.90
CA LEU I 347 -59.18 -6.90 -16.25
C LEU I 347 -58.75 -7.44 -17.61
N PHE I 348 -59.06 -8.70 -17.90
CA PHE I 348 -58.69 -9.25 -19.19
C PHE I 348 -59.33 -8.46 -20.32
N SER I 349 -60.62 -8.17 -20.20
CA SER I 349 -61.32 -7.44 -21.27
C SER I 349 -60.82 -6.01 -21.38
N ALA I 350 -60.60 -5.34 -20.25
CA ALA I 350 -60.10 -3.97 -20.31
C ALA I 350 -58.72 -3.92 -20.94
N ALA I 351 -57.84 -4.85 -20.55
CA ALA I 351 -56.50 -4.89 -21.12
C ALA I 351 -56.54 -5.22 -22.60
N GLU I 352 -57.43 -6.13 -23.00
CA GLU I 352 -57.58 -6.46 -24.42
C GLU I 352 -58.04 -5.24 -25.20
N SER I 353 -59.01 -4.49 -24.67
CA SER I 353 -59.49 -3.30 -25.35
C SER I 353 -58.39 -2.25 -25.49
N TYR I 354 -57.64 -2.01 -24.41
CA TYR I 354 -56.56 -1.03 -24.50
C TYR I 354 -55.48 -1.49 -25.47
N ALA I 355 -55.16 -2.79 -25.47
CA ALA I 355 -54.13 -3.28 -26.36
C ALA I 355 -54.55 -3.16 -27.82
N LYS I 356 -55.82 -3.46 -28.13
CA LYS I 356 -56.30 -3.27 -29.49
C LYS I 356 -56.28 -1.80 -29.87
N SER I 357 -56.66 -0.92 -28.94
CA SER I 357 -56.64 0.51 -29.23
C SER I 357 -55.23 1.00 -29.52
N LEU I 358 -54.26 0.56 -28.74
CA LEU I 358 -52.87 0.93 -28.96
C LEU I 358 -52.35 0.35 -30.27
N LYS I 359 -52.76 -0.89 -30.59
CA LYS I 359 -52.31 -1.52 -31.82
C LYS I 359 -52.84 -0.78 -33.05
N GLU I 360 -54.10 -0.38 -33.01
CA GLU I 360 -54.70 0.29 -34.17
C GLU I 360 -54.05 1.63 -34.44
N ASP J 10 -33.13 -12.15 -22.78
CA ASP J 10 -33.07 -13.54 -23.22
C ASP J 10 -31.94 -13.81 -24.20
N LEU J 11 -31.68 -12.89 -25.14
CA LEU J 11 -30.71 -13.15 -26.19
C LEU J 11 -29.29 -13.23 -25.62
N SER J 12 -28.96 -12.33 -24.70
CA SER J 12 -27.69 -12.40 -24.00
C SER J 12 -27.53 -13.70 -23.23
N TYR J 13 -28.59 -14.19 -22.62
CA TYR J 13 -28.53 -15.47 -21.89
C TYR J 13 -28.32 -16.64 -22.84
N LYS J 14 -29.00 -16.61 -23.99
CA LYS J 14 -28.79 -17.67 -24.99
C LYS J 14 -27.34 -17.68 -25.46
N HIS J 15 -26.78 -16.51 -25.76
CA HIS J 15 -25.39 -16.46 -26.18
C HIS J 15 -24.46 -16.88 -25.05
N ALA J 16 -24.81 -16.54 -23.81
CA ALA J 16 -23.98 -16.96 -22.68
C ALA J 16 -23.97 -18.47 -22.55
N ILE J 17 -25.10 -19.12 -22.75
CA ILE J 17 -25.14 -20.58 -22.72
C ILE J 17 -24.30 -21.16 -23.84
N LEU J 18 -24.46 -20.64 -25.06
CA LEU J 18 -23.73 -21.19 -26.19
C LEU J 18 -22.22 -21.00 -26.03
N LYS J 19 -21.81 -19.82 -25.55
CA LYS J 19 -20.39 -19.52 -25.44
C LYS J 19 -19.75 -20.27 -24.28
N GLU J 20 -20.40 -20.29 -23.12
CA GLU J 20 -19.86 -20.95 -21.93
C GLU J 20 -20.18 -22.44 -21.96
N SER J 21 -19.42 -23.16 -22.79
CA SER J 21 -19.52 -24.61 -22.89
C SER J 21 -18.17 -25.22 -22.52
N GLN J 22 -18.18 -26.15 -21.58
CA GLN J 22 -16.96 -26.82 -21.15
C GLN J 22 -16.63 -28.06 -21.97
N TYR J 23 -17.43 -28.37 -22.99
CA TYR J 23 -17.28 -29.60 -23.76
C TYR J 23 -17.07 -29.25 -25.22
N THR J 24 -16.18 -29.98 -25.88
CA THR J 24 -15.87 -29.74 -27.28
C THR J 24 -16.52 -30.82 -28.13
N ILE J 25 -17.10 -30.38 -29.23
CA ILE J 25 -17.78 -31.28 -30.16
C ILE J 25 -16.73 -32.07 -30.92
N LYS J 26 -17.11 -33.21 -31.45
CA LYS J 26 -16.24 -34.05 -32.27
C LYS J 26 -17.01 -34.53 -33.48
N ARG J 27 -16.49 -34.22 -34.67
CA ARG J 27 -17.15 -34.63 -35.90
C ARG J 27 -16.11 -34.99 -36.93
N ASP J 28 -16.54 -35.69 -37.96
CA ASP J 28 -15.65 -36.16 -39.03
C ASP J 28 -14.51 -36.98 -38.45
N VAL J 29 -14.83 -37.83 -37.47
CA VAL J 29 -13.78 -38.52 -36.72
C VAL J 29 -12.99 -39.46 -37.63
N GLY J 30 -13.68 -40.22 -38.47
CA GLY J 30 -13.02 -41.21 -39.28
C GLY J 30 -12.64 -40.73 -40.65
N THR J 31 -12.69 -39.42 -40.87
CA THR J 31 -12.50 -38.83 -42.18
C THR J 31 -11.09 -38.27 -42.32
N THR J 32 -10.67 -38.07 -43.56
CA THR J 32 -9.36 -37.50 -43.87
C THR J 32 -9.50 -36.51 -45.00
N THR J 33 -8.52 -35.62 -45.11
CA THR J 33 -8.46 -34.62 -46.17
C THR J 33 -7.03 -34.46 -46.63
N ALA J 34 -6.87 -33.78 -47.77
CA ALA J 34 -5.57 -33.66 -48.41
C ALA J 34 -5.01 -32.26 -48.23
N VAL J 35 -3.70 -32.18 -48.00
CA VAL J 35 -2.97 -30.93 -48.07
C VAL J 35 -1.72 -31.14 -48.91
N THR J 36 -1.13 -30.06 -49.33
CA THR J 36 0.07 -30.03 -50.14
C THR J 36 1.12 -29.18 -49.44
N PRO J 37 2.31 -29.72 -49.17
CA PRO J 37 3.32 -28.94 -48.45
C PRO J 37 3.87 -27.82 -49.31
N SER J 38 4.40 -26.79 -48.64
CA SER J 38 4.94 -25.64 -49.35
C SER J 38 6.03 -26.02 -50.33
N SER J 39 6.72 -27.13 -50.07
CA SER J 39 7.77 -27.58 -50.97
C SER J 39 7.25 -27.92 -52.35
N LEU J 40 5.95 -28.11 -52.50
CA LEU J 40 5.32 -28.40 -53.78
C LEU J 40 4.61 -27.20 -54.38
N GLN J 41 4.78 -26.00 -53.82
CA GLN J 41 4.02 -24.85 -54.33
C GLN J 41 4.32 -24.59 -55.79
N GLN J 42 5.59 -24.57 -56.17
CA GLN J 42 5.96 -24.35 -57.56
C GLN J 42 5.32 -25.38 -58.48
N GLU J 43 4.99 -26.55 -57.96
CA GLU J 43 4.29 -27.55 -58.75
C GLU J 43 2.79 -27.27 -58.79
N ILE J 44 2.19 -26.99 -57.64
CA ILE J 44 0.74 -26.80 -57.62
C ILE J 44 0.36 -25.58 -58.45
N THR J 45 1.21 -24.56 -58.45
CA THR J 45 0.97 -23.40 -59.31
C THR J 45 0.73 -23.84 -60.74
N LEU J 46 1.61 -24.70 -61.27
CA LEU J 46 1.41 -25.19 -62.63
C LEU J 46 0.03 -25.78 -62.78
N LEU J 47 -0.35 -26.68 -61.87
CA LEU J 47 -1.67 -27.27 -61.96
C LEU J 47 -2.75 -26.21 -61.90
N CYS J 48 -2.63 -25.27 -60.96
CA CYS J 48 -3.65 -24.25 -60.78
C CYS J 48 -3.78 -23.35 -61.99
N GLY J 49 -2.81 -23.39 -62.91
CA GLY J 49 -2.87 -22.59 -64.11
C GLY J 49 -3.25 -23.42 -65.31
N GLU J 50 -2.96 -24.72 -65.26
CA GLU J 50 -3.36 -25.59 -66.35
C GLU J 50 -4.85 -25.85 -66.35
N ILE J 51 -5.54 -25.41 -65.31
CA ILE J 51 -6.99 -25.38 -65.29
C ILE J 51 -7.52 -24.15 -66.01
N LEU J 52 -6.67 -23.14 -66.22
CA LEU J 52 -7.22 -21.84 -66.58
C LEU J 52 -7.12 -21.57 -68.08
N TYR J 53 -6.11 -22.09 -68.78
CA TYR J 53 -6.01 -21.64 -70.16
C TYR J 53 -6.45 -22.71 -71.14
N ALA J 54 -6.96 -23.84 -70.66
CA ALA J 54 -7.43 -24.91 -71.52
C ALA J 54 -8.92 -25.14 -71.27
N LYS J 55 -9.56 -25.78 -72.23
CA LYS J 55 -11.01 -26.02 -72.17
C LYS J 55 -11.21 -27.48 -71.78
N HIS J 56 -11.54 -27.71 -70.51
CA HIS J 56 -11.59 -29.04 -69.93
C HIS J 56 -13.03 -29.55 -69.88
N ALA J 57 -13.19 -30.83 -70.16
CA ALA J 57 -14.50 -31.46 -70.06
C ALA J 57 -14.97 -31.53 -68.60
N ASP J 58 -14.07 -31.87 -67.68
CA ASP J 58 -14.41 -32.03 -66.27
C ASP J 58 -13.61 -31.02 -65.45
N TYR J 59 -14.32 -30.17 -64.71
CA TYR J 59 -13.75 -29.19 -63.80
C TYR J 59 -14.05 -29.56 -62.35
N LYS J 60 -13.98 -30.86 -62.02
CA LYS J 60 -14.59 -31.34 -60.78
C LYS J 60 -13.79 -30.94 -59.55
N TYR J 61 -12.46 -30.99 -59.65
CA TYR J 61 -11.61 -30.79 -58.49
C TYR J 61 -10.81 -29.50 -58.55
N ALA J 62 -11.27 -28.50 -59.31
CA ALA J 62 -10.56 -27.23 -59.35
C ALA J 62 -10.52 -26.58 -57.97
N ALA J 63 -11.62 -26.70 -57.22
CA ALA J 63 -11.66 -26.15 -55.87
C ALA J 63 -10.65 -26.83 -54.97
N GLU J 64 -10.50 -28.14 -55.08
CA GLU J 64 -9.50 -28.82 -54.28
C GLU J 64 -8.11 -28.37 -54.64
N ILE J 65 -7.85 -28.05 -55.91
CA ILE J 65 -6.53 -27.55 -56.28
C ILE J 65 -6.29 -26.15 -55.74
N GLY J 66 -7.32 -25.31 -55.71
CA GLY J 66 -7.16 -24.01 -55.05
C GLY J 66 -6.86 -24.15 -53.57
N ILE J 67 -7.57 -25.08 -52.91
CA ILE J 67 -7.31 -25.31 -51.50
C ILE J 67 -5.93 -25.93 -51.29
N GLN J 68 -5.46 -26.73 -52.24
CA GLN J 68 -4.09 -27.23 -52.18
C GLN J 68 -3.10 -26.08 -52.21
N TYR J 69 -3.32 -25.11 -53.08
CA TYR J 69 -2.42 -23.96 -53.10
C TYR J 69 -2.48 -23.20 -51.78
N ILE J 70 -3.67 -23.06 -51.20
CA ILE J 70 -3.79 -22.44 -49.88
C ILE J 70 -2.94 -23.18 -48.86
N SER J 71 -2.99 -24.52 -48.91
CA SER J 71 -2.21 -25.34 -48.00
C SER J 71 -0.71 -25.16 -48.21
N THR J 72 -0.27 -24.99 -49.45
CA THR J 72 1.13 -24.68 -49.69
C THR J 72 1.49 -23.33 -49.08
N ALA J 73 0.59 -22.36 -49.22
CA ALA J 73 0.88 -21.02 -48.71
C ALA J 73 0.99 -20.99 -47.21
N LEU J 74 -0.01 -21.55 -46.50
CA LEU J 74 0.01 -21.50 -45.04
C LEU J 74 0.99 -22.52 -44.46
N GLY J 75 1.11 -23.67 -45.09
CA GLY J 75 1.90 -24.78 -44.60
C GLY J 75 1.02 -25.92 -44.14
N SER J 76 1.56 -27.13 -44.24
CA SER J 76 0.78 -28.32 -43.89
C SER J 76 0.41 -28.33 -42.41
N GLU J 77 1.38 -28.03 -41.54
CA GLU J 77 1.11 -28.09 -40.10
C GLU J 77 0.11 -27.01 -39.66
N ARG J 78 0.27 -25.79 -40.18
CA ARG J 78 -0.67 -24.73 -39.87
C ARG J 78 -2.06 -25.07 -40.39
N VAL J 79 -2.13 -25.75 -41.54
CA VAL J 79 -3.42 -26.13 -42.09
C VAL J 79 -4.08 -27.21 -41.25
N GLN J 80 -3.30 -28.18 -40.77
CA GLN J 80 -3.83 -29.17 -39.85
C GLN J 80 -4.36 -28.52 -38.58
N GLN J 81 -3.61 -27.56 -38.04
CA GLN J 81 -4.06 -26.85 -36.85
C GLN J 81 -5.34 -26.08 -37.12
N ILE J 82 -5.44 -25.45 -38.28
CA ILE J 82 -6.65 -24.71 -38.64
C ILE J 82 -7.84 -25.64 -38.71
N LEU J 83 -7.67 -26.80 -39.34
CA LEU J 83 -8.76 -27.77 -39.41
C LEU J 83 -9.16 -28.28 -38.04
N ARG J 84 -8.18 -28.52 -37.16
CA ARG J 84 -8.46 -28.97 -35.81
C ARG J 84 -9.21 -27.94 -34.97
N ASN J 85 -8.82 -26.67 -35.04
CA ASN J 85 -9.52 -25.64 -34.26
C ASN J 85 -10.86 -25.24 -34.87
N SER J 86 -11.23 -25.78 -36.02
CA SER J 86 -12.52 -25.48 -36.62
C SER J 86 -13.62 -26.44 -36.17
N GLY J 87 -13.33 -27.31 -35.19
CA GLY J 87 -14.29 -28.25 -34.71
C GLY J 87 -14.38 -29.55 -35.47
N SER J 88 -13.46 -29.79 -36.40
CA SER J 88 -13.50 -30.97 -37.26
C SER J 88 -12.24 -31.80 -37.04
N GLU J 89 -12.41 -33.08 -36.77
CA GLU J 89 -11.29 -33.98 -36.49
C GLU J 89 -10.89 -34.73 -37.77
N VAL J 90 -10.65 -33.96 -38.83
CA VAL J 90 -10.18 -34.51 -40.09
C VAL J 90 -8.68 -34.71 -40.01
N GLN J 91 -8.22 -35.90 -40.36
CA GLN J 91 -6.80 -36.16 -40.39
C GLN J 91 -6.21 -35.79 -41.74
N VAL J 92 -5.30 -34.82 -41.71
CA VAL J 92 -4.60 -34.34 -42.88
C VAL J 92 -3.79 -35.46 -43.50
N VAL J 93 -3.88 -35.58 -44.83
CA VAL J 93 -3.04 -36.49 -45.60
C VAL J 93 -2.16 -35.65 -46.52
N LEU J 94 -0.85 -35.94 -46.49
CA LEU J 94 0.09 -35.15 -47.26
C LEU J 94 -0.01 -35.49 -48.75
N THR J 95 0.67 -34.67 -49.55
CA THR J 95 0.68 -34.80 -51.00
C THR J 95 2.04 -35.29 -51.45
N ARG J 96 2.04 -36.20 -52.42
CA ARG J 96 3.26 -36.78 -52.96
C ARG J 96 3.34 -36.52 -54.46
N THR J 97 4.49 -36.85 -55.03
CA THR J 97 4.74 -36.67 -56.45
C THR J 97 5.04 -38.02 -57.09
N TYR J 98 4.77 -38.12 -58.38
CA TYR J 98 5.04 -39.35 -59.12
C TYR J 98 5.31 -39.02 -60.58
N SER J 99 5.90 -39.97 -61.28
CA SER J 99 6.26 -39.79 -62.68
C SER J 99 5.39 -40.62 -63.61
N GLN J 112 7.25 -34.41 -63.54
CA GLN J 112 6.50 -35.09 -62.49
C GLN J 112 5.13 -34.45 -62.26
N MET J 113 4.23 -35.19 -61.62
CA MET J 113 2.88 -34.76 -61.35
C MET J 113 2.55 -35.05 -59.89
N LEU J 114 1.39 -34.58 -59.45
CA LEU J 114 0.97 -34.67 -58.06
C LEU J 114 -0.05 -35.78 -57.87
N ASP J 115 0.02 -36.45 -56.72
CA ASP J 115 -0.96 -37.45 -56.31
C ASP J 115 -1.62 -36.89 -55.05
N ILE J 116 -2.67 -36.11 -55.26
CA ILE J 116 -3.39 -35.47 -54.17
C ILE J 116 -4.46 -36.43 -53.67
N HIS J 117 -4.57 -36.53 -52.35
CA HIS J 117 -5.51 -37.46 -51.74
C HIS J 117 -6.95 -37.01 -51.98
N GLY J 118 -7.78 -37.93 -52.45
CA GLY J 118 -9.14 -37.60 -52.79
C GLY J 118 -9.32 -37.00 -54.16
N VAL J 119 -8.23 -36.75 -54.88
CA VAL J 119 -8.25 -36.27 -56.25
C VAL J 119 -7.69 -37.38 -57.13
N GLU J 120 -8.52 -37.88 -58.04
CA GLU J 120 -8.12 -39.02 -58.86
C GLU J 120 -6.97 -38.63 -59.77
N LYS J 121 -5.99 -39.54 -59.89
CA LYS J 121 -4.84 -39.27 -60.73
C LYS J 121 -5.25 -39.16 -62.20
N SER J 122 -6.35 -39.82 -62.57
CA SER J 122 -6.86 -39.67 -63.94
C SER J 122 -7.23 -38.22 -64.22
N TRP J 123 -7.85 -37.55 -63.24
CA TRP J 123 -8.22 -36.14 -63.41
C TRP J 123 -7.00 -35.26 -63.61
N VAL J 124 -5.97 -35.44 -62.77
CA VAL J 124 -4.76 -34.64 -62.90
C VAL J 124 -4.09 -34.88 -64.23
N GLU J 125 -4.01 -36.14 -64.67
CA GLU J 125 -3.41 -36.44 -65.97
C GLU J 125 -4.23 -35.81 -67.10
N GLU J 126 -5.56 -35.86 -67.00
CA GLU J 126 -6.40 -35.26 -68.03
C GLU J 126 -6.18 -33.75 -68.12
N ILE J 127 -6.14 -33.07 -66.98
CA ILE J 127 -5.94 -31.62 -66.99
C ILE J 127 -4.57 -31.29 -67.58
N ASP J 128 -3.54 -32.00 -67.15
CA ASP J 128 -2.20 -31.72 -67.66
C ASP J 128 -2.13 -31.97 -69.15
N LYS J 129 -2.69 -33.09 -69.64
CA LYS J 129 -2.62 -33.39 -71.05
C LYS J 129 -3.41 -32.38 -71.88
N GLU J 130 -4.59 -31.99 -71.40
CA GLU J 130 -5.38 -30.99 -72.12
C GLU J 130 -4.63 -29.68 -72.23
N ALA J 131 -4.00 -29.24 -71.14
CA ALA J 131 -3.24 -27.99 -71.18
C ALA J 131 -2.04 -28.10 -72.10
N ARG J 132 -1.33 -29.23 -72.07
CA ARG J 132 -0.18 -29.40 -72.95
C ARG J 132 -0.60 -29.39 -74.41
N LYS J 133 -1.70 -30.06 -74.74
CA LYS J 133 -2.19 -30.07 -76.12
C LYS J 133 -2.61 -28.69 -76.58
N THR J 134 -3.32 -27.94 -75.72
CA THR J 134 -3.70 -26.58 -76.08
C THR J 134 -2.47 -25.70 -76.27
N MET J 135 -1.47 -25.86 -75.41
CA MET J 135 -0.26 -25.05 -75.56
C MET J 135 0.46 -25.39 -76.87
N ALA J 136 0.53 -26.67 -77.21
CA ALA J 136 1.16 -27.06 -78.47
C ALA J 136 0.39 -26.51 -79.66
N THR J 137 -0.94 -26.54 -79.60
CA THR J 137 -1.74 -26.01 -80.70
C THR J 137 -1.59 -24.50 -80.85
N LEU J 138 -1.57 -23.77 -79.74
CA LEU J 138 -1.38 -22.32 -79.79
C LEU J 138 0.06 -21.91 -80.04
N LEU J 139 1.00 -22.84 -79.95
CA LEU J 139 2.38 -22.52 -80.31
C LEU J 139 2.70 -22.90 -81.75
N LYS J 140 2.14 -24.00 -82.24
CA LYS J 140 2.42 -24.43 -83.61
C LYS J 140 1.79 -23.49 -84.62
N GLU J 141 0.50 -23.16 -84.43
CA GLU J 141 -0.18 -22.30 -85.39
C GLU J 141 0.28 -20.86 -85.28
N SER J 142 0.39 -20.35 -84.06
CA SER J 142 0.69 -18.93 -83.87
C SER J 142 2.16 -18.65 -84.16
N SER J 143 2.55 -17.40 -83.90
CA SER J 143 3.89 -16.91 -84.22
C SER J 143 4.92 -17.19 -83.12
N GLY J 144 4.53 -17.90 -82.07
CA GLY J 144 5.46 -18.21 -81.00
C GLY J 144 5.91 -17.01 -80.19
N ASN J 145 4.98 -16.14 -79.81
CA ASN J 145 5.31 -14.98 -78.99
C ASN J 145 4.49 -14.99 -77.71
N ILE J 146 4.43 -16.14 -77.05
CA ILE J 146 3.60 -16.26 -75.83
C ILE J 146 4.22 -15.40 -74.74
N PRO J 147 3.50 -14.43 -74.20
CA PRO J 147 4.06 -13.59 -73.13
C PRO J 147 4.20 -14.35 -71.83
N GLN J 148 4.78 -13.66 -70.84
CA GLN J 148 5.08 -14.31 -69.58
C GLN J 148 3.82 -14.52 -68.75
N ASN J 149 2.76 -13.79 -69.06
CA ASN J 149 1.55 -13.92 -68.24
C ASN J 149 0.57 -14.92 -68.85
N GLN J 150 0.78 -15.31 -70.10
CA GLN J 150 -0.18 -16.19 -70.76
C GLN J 150 0.12 -17.66 -70.56
N ARG J 151 1.25 -18.01 -69.93
CA ARG J 151 1.60 -19.41 -69.77
C ARG J 151 1.03 -19.98 -68.47
N PRO J 152 0.79 -21.30 -68.41
CA PRO J 152 0.22 -21.89 -67.20
C PRO J 152 1.07 -21.73 -65.95
N SER J 153 2.38 -21.67 -66.07
CA SER J 153 3.26 -21.57 -64.92
C SER J 153 3.35 -20.16 -64.37
N ALA J 154 2.42 -19.28 -64.73
CA ALA J 154 2.38 -17.96 -64.15
C ALA J 154 2.12 -18.07 -62.65
N PRO J 155 2.73 -17.19 -61.84
CA PRO J 155 2.60 -17.33 -60.39
C PRO J 155 1.32 -16.76 -59.81
N ASP J 156 0.51 -16.05 -60.58
CA ASP J 156 -0.78 -15.56 -60.09
C ASP J 156 -1.94 -16.43 -60.52
N THR J 157 -1.70 -17.49 -61.28
CA THR J 157 -2.79 -18.39 -61.66
C THR J 157 -3.49 -19.04 -60.47
N PRO J 158 -2.80 -19.54 -59.43
CA PRO J 158 -3.55 -20.04 -58.28
C PRO J 158 -4.41 -18.97 -57.64
N ILE J 159 -3.95 -17.72 -57.62
CA ILE J 159 -4.76 -16.65 -57.07
C ILE J 159 -5.92 -16.31 -58.01
N ILE J 160 -5.72 -16.48 -59.32
CA ILE J 160 -6.82 -16.26 -60.25
C ILE J 160 -7.92 -17.29 -60.04
N LEU J 161 -7.56 -18.56 -59.83
CA LEU J 161 -8.55 -19.57 -59.49
C LEU J 161 -9.21 -19.28 -58.14
N LEU J 162 -8.42 -18.89 -57.15
CA LEU J 162 -9.00 -18.56 -55.86
C LEU J 162 -9.85 -17.30 -55.92
N CYS J 163 -9.71 -16.49 -56.96
CA CYS J 163 -10.60 -15.33 -57.11
C CYS J 163 -12.00 -15.75 -57.54
N VAL J 164 -12.10 -16.72 -58.46
CA VAL J 164 -13.40 -17.33 -58.73
C VAL J 164 -13.95 -17.98 -57.47
N GLY J 165 -13.09 -18.66 -56.72
CA GLY J 165 -13.51 -19.21 -55.45
C GLY J 165 -14.01 -18.18 -54.45
N ALA J 166 -13.39 -17.01 -54.40
CA ALA J 166 -13.83 -15.96 -53.50
C ALA J 166 -15.10 -15.30 -53.99
N LEU J 167 -15.30 -15.22 -55.30
CA LEU J 167 -16.56 -14.70 -55.82
C LEU J 167 -17.72 -15.61 -55.45
N ILE J 168 -17.52 -16.93 -55.57
CA ILE J 168 -18.58 -17.85 -55.18
C ILE J 168 -18.64 -17.99 -53.66
N PHE J 169 -17.59 -17.55 -52.97
CA PHE J 169 -17.61 -17.54 -51.50
C PHE J 169 -18.57 -16.48 -50.96
N THR J 170 -18.64 -15.32 -51.63
CA THR J 170 -19.52 -14.27 -51.16
C THR J 170 -20.99 -14.63 -51.30
N LYS J 171 -21.29 -15.68 -52.06
CA LYS J 171 -22.65 -16.14 -52.29
C LYS J 171 -22.91 -17.51 -51.68
N LEU J 172 -22.38 -17.76 -50.48
CA LEU J 172 -22.62 -19.05 -49.84
C LEU J 172 -23.89 -19.02 -49.01
N ALA J 173 -24.31 -17.83 -48.58
CA ALA J 173 -25.60 -17.69 -47.91
C ALA J 173 -26.75 -17.73 -48.91
N SER J 174 -26.48 -17.34 -50.16
CA SER J 174 -27.50 -17.37 -51.18
C SER J 174 -27.68 -18.79 -51.71
N THR J 175 -28.44 -18.89 -52.80
CA THR J 175 -28.68 -20.19 -53.41
C THR J 175 -27.59 -20.52 -54.44
N ILE J 176 -27.66 -21.73 -54.99
CA ILE J 176 -26.66 -22.16 -55.96
C ILE J 176 -26.80 -21.43 -57.27
N GLU J 177 -28.03 -21.29 -57.78
CA GLU J 177 -28.23 -20.68 -59.09
C GLU J 177 -27.91 -19.20 -59.05
N VAL J 178 -28.37 -18.51 -58.00
CA VAL J 178 -28.03 -17.10 -57.84
C VAL J 178 -26.53 -16.93 -57.68
N GLY J 179 -25.90 -17.81 -56.91
CA GLY J 179 -24.46 -17.74 -56.72
C GLY J 179 -23.69 -17.89 -58.02
N LEU J 180 -24.07 -18.87 -58.84
CA LEU J 180 -23.37 -19.09 -60.10
C LEU J 180 -23.60 -17.93 -61.06
N GLU J 181 -24.85 -17.46 -61.17
CA GLU J 181 -25.13 -16.34 -62.06
C GLU J 181 -24.35 -15.11 -61.65
N THR J 182 -24.35 -14.79 -60.36
CA THR J 182 -23.62 -13.63 -59.86
C THR J 182 -22.12 -13.80 -60.05
N THR J 183 -21.61 -15.01 -59.84
CA THR J 183 -20.18 -15.23 -60.03
C THR J 183 -19.77 -14.96 -61.46
N VAL J 184 -20.53 -15.49 -62.42
CA VAL J 184 -20.17 -15.26 -63.82
C VAL J 184 -20.29 -13.79 -64.18
N ARG J 185 -21.37 -13.15 -63.76
CA ARG J 185 -21.59 -11.74 -64.09
C ARG J 185 -20.49 -10.87 -63.52
N ARG J 186 -20.11 -11.10 -62.27
CA ARG J 186 -19.09 -10.28 -61.63
C ARG J 186 -17.70 -10.64 -62.10
N ALA J 187 -17.48 -11.88 -62.54
CA ALA J 187 -16.15 -12.27 -62.97
C ALA J 187 -15.86 -11.79 -64.37
N ASN J 188 -16.88 -11.51 -65.18
CA ASN J 188 -16.58 -10.90 -66.47
C ASN J 188 -16.00 -9.50 -66.35
N ARG J 189 -16.10 -8.87 -65.18
CA ARG J 189 -15.58 -7.53 -64.97
C ARG J 189 -14.46 -7.48 -63.95
N VAL J 190 -14.63 -8.15 -62.81
CA VAL J 190 -13.59 -8.24 -61.80
C VAL J 190 -12.35 -8.92 -62.35
N LEU J 191 -12.54 -10.03 -63.05
CA LEU J 191 -11.45 -10.83 -63.59
C LEU J 191 -11.29 -10.63 -65.09
N SER J 192 -11.46 -9.40 -65.58
CA SER J 192 -11.32 -9.16 -67.01
C SER J 192 -9.89 -9.41 -67.49
N ASP J 193 -8.91 -8.98 -66.71
CA ASP J 193 -7.51 -9.12 -67.13
C ASP J 193 -7.11 -10.58 -67.25
N ALA J 194 -7.51 -11.41 -66.27
CA ALA J 194 -7.23 -12.84 -66.35
C ALA J 194 -7.94 -13.48 -67.53
N LEU J 195 -9.17 -13.06 -67.81
CA LEU J 195 -9.90 -13.56 -68.97
C LEU J 195 -9.18 -13.19 -70.27
N LYS J 196 -8.64 -11.98 -70.36
CA LYS J 196 -7.84 -11.60 -71.52
C LYS J 196 -6.59 -12.48 -71.62
N ARG J 197 -5.91 -12.70 -70.50
CA ARG J 197 -4.72 -13.55 -70.50
C ARG J 197 -5.07 -14.98 -70.84
N TYR J 198 -6.14 -15.51 -70.28
CA TYR J 198 -6.60 -16.87 -70.56
C TYR J 198 -7.97 -16.81 -71.20
N PRO J 199 -8.04 -16.73 -72.53
CA PRO J 199 -9.35 -16.60 -73.18
C PRO J 199 -10.31 -17.71 -72.84
N ARG J 200 -9.82 -18.93 -72.62
CA ARG J 200 -10.68 -20.08 -72.39
C ARG J 200 -10.52 -20.54 -70.94
N MET J 201 -11.18 -19.82 -70.04
CA MET J 201 -11.34 -20.21 -68.64
C MET J 201 -12.81 -20.20 -68.33
N ASP J 202 -13.33 -21.31 -67.83
CA ASP J 202 -14.77 -21.49 -67.69
C ASP J 202 -15.15 -21.13 -66.26
N ILE J 203 -15.46 -19.86 -66.04
CA ILE J 203 -15.89 -19.42 -64.71
C ILE J 203 -17.11 -20.18 -64.22
N PRO J 204 -18.11 -20.51 -65.05
CA PRO J 204 -19.24 -21.31 -64.52
C PRO J 204 -18.84 -22.64 -63.90
N LYS J 205 -18.02 -23.44 -64.59
CA LYS J 205 -17.70 -24.78 -64.06
C LYS J 205 -16.78 -24.69 -62.84
N ILE J 206 -15.81 -23.77 -62.86
CA ILE J 206 -14.95 -23.59 -61.71
C ILE J 206 -15.75 -23.09 -60.51
N ALA J 207 -16.71 -22.19 -60.75
CA ALA J 207 -17.55 -21.71 -59.67
C ALA J 207 -18.43 -22.82 -59.11
N ARG J 208 -18.94 -23.69 -59.99
CA ARG J 208 -19.69 -24.86 -59.52
C ARG J 208 -18.82 -25.77 -58.67
N SER J 209 -17.56 -25.98 -59.09
CA SER J 209 -16.64 -26.80 -58.30
C SER J 209 -16.40 -26.20 -56.93
N PHE J 210 -16.21 -24.88 -56.87
CA PHE J 210 -15.96 -24.23 -55.59
C PHE J 210 -17.19 -24.29 -54.69
N TYR J 211 -18.39 -24.13 -55.26
CA TYR J 211 -19.60 -24.24 -54.46
C TYR J 211 -19.75 -25.65 -53.90
N ASP J 212 -19.47 -26.66 -54.73
CA ASP J 212 -19.50 -28.04 -54.26
C ASP J 212 -18.52 -28.28 -53.12
N LEU J 213 -17.29 -27.78 -53.25
CA LEU J 213 -16.31 -27.94 -52.18
C LEU J 213 -16.79 -27.27 -50.90
N PHE J 214 -17.28 -26.04 -50.99
CA PHE J 214 -17.69 -25.32 -49.79
C PHE J 214 -18.87 -26.01 -49.12
N GLU J 215 -19.77 -26.62 -49.90
CA GLU J 215 -20.90 -27.31 -49.29
C GLU J 215 -20.49 -28.64 -48.67
N GLN J 216 -19.64 -29.42 -49.36
CA GLN J 216 -19.28 -30.74 -48.85
C GLN J 216 -18.36 -30.63 -47.65
N LYS J 217 -17.21 -30.00 -47.84
CA LYS J 217 -16.21 -29.84 -46.79
C LYS J 217 -16.36 -28.47 -46.17
N VAL J 218 -17.03 -28.41 -45.01
CA VAL J 218 -17.29 -27.14 -44.35
C VAL J 218 -16.07 -26.60 -43.62
N TYR J 219 -15.13 -27.45 -43.23
CA TYR J 219 -13.89 -26.97 -42.64
C TYR J 219 -13.04 -26.19 -43.63
N HIS J 220 -13.23 -26.42 -44.93
CA HIS J 220 -12.51 -25.65 -45.94
C HIS J 220 -12.98 -24.22 -46.01
N ARG J 221 -14.18 -23.92 -45.53
CA ARG J 221 -14.55 -22.52 -45.31
C ARG J 221 -13.64 -21.87 -44.28
N SER J 222 -13.36 -22.58 -43.19
CA SER J 222 -12.41 -22.05 -42.21
C SER J 222 -11.01 -21.93 -42.78
N LEU J 223 -10.56 -22.90 -43.56
CA LEU J 223 -9.26 -22.79 -44.21
C LEU J 223 -9.20 -21.58 -45.15
N PHE J 224 -10.28 -21.36 -45.91
CA PHE J 224 -10.31 -20.28 -46.88
C PHE J 224 -10.32 -18.94 -46.18
N ILE J 225 -11.03 -18.84 -45.05
CA ILE J 225 -11.01 -17.63 -44.24
C ILE J 225 -9.63 -17.39 -43.64
N GLU J 226 -8.96 -18.45 -43.19
CA GLU J 226 -7.62 -18.30 -42.65
C GLU J 226 -6.65 -17.82 -43.72
N TYR J 227 -6.81 -18.30 -44.96
CA TYR J 227 -5.99 -17.76 -46.05
C TYR J 227 -6.31 -16.29 -46.29
N GLY J 228 -7.58 -15.92 -46.24
CA GLY J 228 -7.92 -14.52 -46.39
C GLY J 228 -7.27 -13.64 -45.35
N LYS J 229 -7.25 -14.11 -44.10
CA LYS J 229 -6.59 -13.34 -43.03
C LYS J 229 -5.08 -13.30 -43.22
N ALA J 230 -4.47 -14.44 -43.53
CA ALA J 230 -3.03 -14.50 -43.69
C ALA J 230 -2.57 -13.71 -44.89
N LEU J 231 -3.45 -13.45 -45.85
CA LEU J 231 -3.17 -12.64 -47.01
C LEU J 231 -3.38 -11.15 -46.74
N GLY J 232 -4.49 -10.80 -46.08
CA GLY J 232 -4.72 -9.42 -45.73
C GLY J 232 -3.70 -8.88 -44.76
N SER J 233 -3.19 -9.72 -43.87
CA SER J 233 -2.18 -9.31 -42.91
C SER J 233 -0.79 -9.18 -43.52
N SER J 234 -0.60 -9.58 -44.77
CA SER J 234 0.71 -9.53 -45.39
C SER J 234 1.14 -8.09 -45.64
N SER J 235 2.46 -7.88 -45.62
CA SER J 235 3.01 -6.55 -45.84
C SER J 235 3.00 -6.15 -47.31
N THR J 236 3.15 -7.11 -48.22
CA THR J 236 3.13 -6.86 -49.65
C THR J 236 2.28 -7.91 -50.33
N GLY J 237 1.86 -7.60 -51.56
CA GLY J 237 1.10 -8.55 -52.34
C GLY J 237 0.98 -8.09 -53.77
N SER J 238 0.69 -9.03 -54.65
CA SER J 238 0.47 -8.73 -56.05
C SER J 238 -0.94 -8.20 -56.23
N LYS J 239 -1.28 -7.82 -57.46
CA LYS J 239 -2.62 -7.31 -57.71
C LYS J 239 -3.65 -8.42 -57.61
N ALA J 240 -3.27 -9.66 -57.92
CA ALA J 240 -4.17 -10.78 -57.75
C ALA J 240 -4.55 -10.98 -56.29
N GLU J 241 -3.57 -10.90 -55.38
CA GLU J 241 -3.85 -11.08 -53.97
C GLU J 241 -4.64 -9.92 -53.40
N SER J 242 -4.38 -8.70 -53.89
CA SER J 242 -5.19 -7.57 -53.47
C SER J 242 -6.64 -7.72 -53.94
N LEU J 243 -6.84 -8.22 -55.16
CA LEU J 243 -8.19 -8.49 -55.64
C LEU J 243 -8.87 -9.56 -54.81
N PHE J 244 -8.14 -10.63 -54.49
CA PHE J 244 -8.73 -11.69 -53.68
C PHE J 244 -9.15 -11.15 -52.32
N VAL J 245 -8.31 -10.31 -51.71
CA VAL J 245 -8.68 -9.75 -50.41
C VAL J 245 -9.87 -8.81 -50.53
N ASN J 246 -9.95 -8.05 -51.63
CA ASN J 246 -11.10 -7.18 -51.84
C ASN J 246 -12.40 -7.98 -51.89
N ILE J 247 -12.39 -9.08 -52.64
CA ILE J 247 -13.60 -9.92 -52.73
C ILE J 247 -13.89 -10.59 -51.39
N PHE J 248 -12.86 -11.11 -50.74
CA PHE J 248 -13.03 -11.75 -49.45
C PHE J 248 -13.67 -10.80 -48.44
N MET J 249 -13.26 -9.53 -48.46
CA MET J 249 -13.89 -8.56 -47.56
C MET J 249 -15.29 -8.18 -48.03
N GLN J 250 -15.55 -8.25 -49.33
CA GLN J 250 -16.91 -8.06 -49.79
C GLN J 250 -17.83 -9.17 -49.29
N ALA J 251 -17.25 -10.30 -48.90
CA ALA J 251 -18.06 -11.39 -48.33
C ALA J 251 -18.33 -11.24 -46.84
N TYR J 252 -17.85 -10.18 -46.18
CA TYR J 252 -17.79 -10.17 -44.72
C TYR J 252 -19.18 -10.29 -44.09
N GLY J 253 -20.10 -9.43 -44.46
CA GLY J 253 -21.40 -9.47 -43.82
C GLY J 253 -22.38 -10.45 -44.42
N ALA J 254 -21.91 -11.60 -44.89
CA ALA J 254 -22.79 -12.53 -45.58
C ALA J 254 -23.77 -13.15 -44.61
N GLY J 255 -25.03 -13.28 -45.06
CA GLY J 255 -26.07 -13.85 -44.25
C GLY J 255 -26.70 -12.92 -43.26
N GLN J 256 -26.31 -11.65 -43.24
CA GLN J 256 -26.84 -10.68 -42.29
C GLN J 256 -27.13 -9.36 -42.97
N THR J 257 -27.74 -9.39 -44.16
CA THR J 257 -28.04 -8.12 -44.82
C THR J 257 -29.15 -7.37 -44.13
N MET J 258 -29.94 -8.03 -43.28
CA MET J 258 -30.99 -7.33 -42.57
C MET J 258 -30.44 -6.37 -41.53
N LEU J 259 -29.34 -6.74 -40.86
CA LEU J 259 -28.72 -5.82 -39.91
C LEU J 259 -28.13 -4.60 -40.62
N ARG J 260 -27.47 -4.83 -41.75
CA ARG J 260 -26.94 -3.72 -42.52
C ARG J 260 -28.05 -2.80 -43.01
N TRP J 261 -29.16 -3.38 -43.46
CA TRP J 261 -30.27 -2.56 -43.89
C TRP J 261 -30.96 -1.88 -42.72
N GLY J 262 -30.89 -2.47 -41.52
CA GLY J 262 -31.43 -1.80 -40.35
C GLY J 262 -30.65 -0.56 -39.98
N VAL J 263 -29.32 -0.66 -39.99
CA VAL J 263 -28.54 0.54 -39.71
C VAL J 263 -28.69 1.54 -40.85
N ILE J 264 -28.92 1.05 -42.07
CA ILE J 264 -29.23 1.97 -43.18
C ILE J 264 -30.53 2.71 -42.91
N ALA J 265 -31.55 2.00 -42.45
CA ALA J 265 -32.84 2.64 -42.16
C ALA J 265 -32.69 3.67 -41.05
N ARG J 266 -31.92 3.35 -40.02
CA ARG J 266 -31.68 4.32 -38.96
C ARG J 266 -30.93 5.54 -39.48
N SER J 267 -29.98 5.34 -40.39
CA SER J 267 -29.29 6.47 -41.00
C SER J 267 -30.22 7.30 -41.88
N SER J 268 -31.22 6.67 -42.49
CA SER J 268 -32.16 7.37 -43.35
C SER J 268 -33.21 8.15 -42.57
N ASN J 269 -33.29 7.94 -41.26
CA ASN J 269 -34.27 8.63 -40.41
C ASN J 269 -35.69 8.41 -40.94
N ASN J 270 -36.03 7.15 -41.14
CA ASN J 270 -37.35 6.80 -41.64
C ASN J 270 -38.40 7.08 -40.58
N ILE J 271 -39.49 7.75 -40.97
CA ILE J 271 -40.49 8.15 -40.00
C ILE J 271 -41.22 6.93 -39.44
N MET J 272 -41.43 5.91 -40.25
CA MET J 272 -42.13 4.74 -39.77
C MET J 272 -41.34 3.96 -38.74
N LEU J 273 -40.07 4.29 -38.51
CA LEU J 273 -39.36 3.73 -37.37
C LEU J 273 -39.95 4.19 -36.04
N GLY J 274 -40.64 5.32 -36.03
CA GLY J 274 -41.31 5.85 -34.86
C GLY J 274 -42.72 5.34 -34.64
N HIS J 275 -43.18 4.40 -35.47
CA HIS J 275 -44.48 3.78 -35.28
C HIS J 275 -44.54 3.08 -33.93
N VAL J 276 -45.74 2.73 -33.50
CA VAL J 276 -45.92 2.14 -32.17
C VAL J 276 -45.24 0.78 -32.09
N SER J 277 -45.48 -0.08 -33.09
CA SER J 277 -44.94 -1.44 -33.02
C SER J 277 -43.44 -1.47 -33.24
N VAL J 278 -42.92 -0.61 -34.12
CA VAL J 278 -41.48 -0.53 -34.29
C VAL J 278 -40.82 -0.09 -32.99
N GLN J 279 -41.39 0.91 -32.32
CA GLN J 279 -40.84 1.36 -31.06
C GLN J 279 -41.01 0.29 -29.99
N ALA J 280 -42.01 -0.57 -30.14
CA ALA J 280 -42.17 -1.70 -29.22
C ALA J 280 -41.03 -2.70 -29.37
N GLU J 281 -40.63 -2.99 -30.61
CA GLU J 281 -39.62 -3.99 -30.87
C GLU J 281 -38.19 -3.46 -30.84
N LEU J 282 -38.01 -2.13 -30.79
CA LEU J 282 -36.69 -1.54 -30.80
C LEU J 282 -35.80 -2.02 -29.65
N LYS J 283 -36.39 -2.36 -28.50
CA LYS J 283 -35.58 -2.84 -27.39
C LYS J 283 -34.84 -4.12 -27.75
N GLN J 284 -35.55 -5.12 -28.25
CA GLN J 284 -34.87 -6.38 -28.54
C GLN J 284 -34.04 -6.26 -29.81
N VAL J 285 -34.40 -5.34 -30.71
CA VAL J 285 -33.53 -5.06 -31.86
C VAL J 285 -32.18 -4.56 -31.37
N THR J 286 -32.19 -3.59 -30.47
CA THR J 286 -30.95 -3.11 -29.89
C THR J 286 -30.23 -4.23 -29.13
N GLU J 287 -30.99 -5.17 -28.57
CA GLU J 287 -30.36 -6.34 -27.96
C GLU J 287 -29.57 -7.15 -28.99
N VAL J 288 -30.14 -7.35 -30.18
CA VAL J 288 -29.42 -8.08 -31.22
C VAL J 288 -28.15 -7.34 -31.61
N TYR J 289 -28.24 -6.02 -31.74
CA TYR J 289 -27.06 -5.25 -32.12
C TYR J 289 -25.99 -5.29 -31.01
N ASP J 290 -26.43 -5.27 -29.74
CA ASP J 290 -25.49 -5.43 -28.64
C ASP J 290 -24.81 -6.78 -28.68
N LEU J 291 -25.55 -7.83 -29.04
CA LEU J 291 -24.94 -9.15 -29.19
C LEU J 291 -23.92 -9.15 -30.32
N VAL J 292 -24.23 -8.44 -31.40
CA VAL J 292 -23.26 -8.30 -32.50
C VAL J 292 -21.97 -7.69 -31.97
N ARG J 293 -22.08 -6.59 -31.23
CA ARG J 293 -20.89 -5.95 -30.67
C ARG J 293 -20.16 -6.88 -29.71
N GLU J 294 -20.92 -7.66 -28.93
CA GLU J 294 -20.31 -8.56 -27.96
C GLU J 294 -19.47 -9.63 -28.64
N MET J 295 -19.99 -10.24 -29.70
CA MET J 295 -19.17 -11.20 -30.45
C MET J 295 -17.99 -10.52 -31.11
N GLY J 296 -18.20 -9.35 -31.72
CA GLY J 296 -17.10 -8.58 -32.23
C GLY J 296 -16.73 -8.90 -33.66
N PRO J 297 -15.41 -8.93 -33.95
CA PRO J 297 -14.98 -9.07 -35.34
C PRO J 297 -15.39 -10.37 -36.00
N GLU J 298 -15.47 -11.47 -35.24
CA GLU J 298 -15.80 -12.76 -35.83
C GLU J 298 -17.29 -12.95 -36.06
N SER J 299 -18.11 -11.95 -35.71
CA SER J 299 -19.54 -12.09 -35.90
C SER J 299 -19.91 -12.13 -37.38
N GLY J 300 -19.20 -11.36 -38.21
CA GLY J 300 -19.51 -11.33 -39.62
C GLY J 300 -19.28 -12.64 -40.33
N LEU J 301 -18.32 -13.42 -39.87
CA LEU J 301 -17.99 -14.70 -40.49
C LEU J 301 -18.81 -15.85 -39.97
N LEU J 302 -19.88 -15.58 -39.21
CA LEU J 302 -20.66 -16.65 -38.62
C LEU J 302 -21.44 -17.42 -39.67
N HIS J 303 -22.14 -16.70 -40.56
CA HIS J 303 -22.91 -17.35 -41.61
C HIS J 303 -22.02 -17.89 -42.73
N LEU J 304 -20.89 -17.25 -42.99
CA LEU J 304 -19.94 -17.78 -43.97
C LEU J 304 -19.40 -19.13 -43.52
N ARG J 305 -19.07 -19.25 -42.25
CA ARG J 305 -18.56 -20.48 -41.67
C ARG J 305 -19.65 -21.51 -41.40
N GLN J 306 -20.92 -21.14 -41.58
CA GLN J 306 -22.04 -21.93 -41.06
C GLN J 306 -21.84 -22.25 -39.59
N SER J 307 -21.41 -21.27 -38.83
CA SER J 307 -21.31 -21.45 -37.40
C SER J 307 -22.72 -21.66 -36.84
N PRO J 308 -22.96 -22.73 -36.07
CA PRO J 308 -24.31 -22.98 -35.56
C PRO J 308 -24.81 -21.85 -34.69
N LYS J 309 -23.89 -21.09 -34.12
CA LYS J 309 -24.20 -19.90 -33.34
C LYS J 309 -24.87 -18.81 -34.17
N ALA J 310 -24.74 -18.85 -35.49
CA ALA J 310 -25.52 -17.95 -36.33
C ALA J 310 -27.00 -18.27 -36.21
N GLY J 311 -27.82 -17.24 -36.35
CA GLY J 311 -29.21 -17.33 -36.01
C GLY J 311 -29.56 -16.67 -34.70
N LEU J 312 -28.56 -16.41 -33.86
CA LEU J 312 -28.76 -15.51 -32.73
C LEU J 312 -28.88 -14.07 -33.21
N LEU J 313 -28.36 -13.80 -34.42
CA LEU J 313 -28.39 -12.46 -35.00
C LEU J 313 -29.59 -12.24 -35.90
N SER J 314 -30.52 -13.18 -35.96
CA SER J 314 -31.71 -13.03 -36.79
C SER J 314 -32.63 -11.96 -36.24
N LEU J 315 -33.15 -11.12 -37.13
CA LEU J 315 -34.20 -10.16 -36.78
C LEU J 315 -35.58 -10.66 -37.15
N ALA J 316 -35.76 -11.97 -37.29
CA ALA J 316 -37.06 -12.52 -37.65
C ALA J 316 -38.06 -12.42 -36.51
N ASN J 317 -37.59 -12.25 -35.28
CA ASN J 317 -38.50 -12.10 -34.15
C ASN J 317 -38.99 -10.66 -33.98
N CYS J 318 -38.68 -9.77 -34.92
CA CYS J 318 -39.18 -8.40 -34.94
C CYS J 318 -39.80 -8.15 -36.31
N PRO J 319 -40.97 -8.72 -36.56
CA PRO J 319 -41.57 -8.65 -37.90
C PRO J 319 -41.84 -7.24 -38.37
N ASN J 320 -42.22 -6.36 -37.45
CA ASN J 320 -42.55 -4.99 -37.83
C ASN J 320 -41.29 -4.19 -38.15
N PHE J 321 -40.23 -4.38 -37.35
CA PHE J 321 -38.95 -3.75 -37.67
C PHE J 321 -38.41 -4.26 -39.00
N ALA J 322 -38.49 -5.57 -39.24
CA ALA J 322 -38.03 -6.11 -40.50
C ALA J 322 -38.83 -5.58 -41.67
N SER J 323 -40.15 -5.45 -41.52
CA SER J 323 -40.97 -4.91 -42.59
C SER J 323 -40.62 -3.45 -42.86
N VAL J 324 -40.40 -2.67 -41.81
CA VAL J 324 -40.02 -1.27 -42.01
C VAL J 324 -38.67 -1.17 -42.69
N VAL J 325 -37.72 -2.03 -42.30
CA VAL J 325 -36.38 -2.00 -42.89
C VAL J 325 -36.45 -2.37 -44.37
N LEU J 326 -37.22 -3.41 -44.69
CA LEU J 326 -37.37 -3.80 -46.08
C LEU J 326 -38.08 -2.73 -46.89
N GLY J 327 -39.06 -2.05 -46.29
CA GLY J 327 -39.72 -0.96 -46.99
C GLY J 327 -38.78 0.19 -47.27
N ASN J 328 -37.96 0.55 -46.29
CA ASN J 328 -36.97 1.61 -46.50
C ASN J 328 -36.01 1.23 -47.61
N ALA J 329 -35.53 -0.02 -47.59
CA ALA J 329 -34.63 -0.47 -48.64
C ALA J 329 -35.29 -0.44 -49.99
N SER J 330 -36.57 -0.82 -50.07
CA SER J 330 -37.28 -0.80 -51.34
C SER J 330 -37.48 0.61 -51.85
N GLY J 331 -37.71 1.55 -50.94
CA GLY J 331 -37.85 2.93 -51.35
C GLY J 331 -36.56 3.51 -51.89
N LEU J 332 -35.45 3.23 -51.22
CA LEU J 332 -34.15 3.71 -51.67
C LEU J 332 -33.62 2.97 -52.89
N GLY J 333 -34.28 1.89 -53.31
CA GLY J 333 -33.79 1.10 -54.42
C GLY J 333 -32.74 0.08 -54.03
N ILE J 334 -32.40 0.02 -52.75
CA ILE J 334 -31.39 -0.92 -52.27
C ILE J 334 -31.90 -2.36 -52.33
N ILE J 335 -33.21 -2.58 -52.17
CA ILE J 335 -33.74 -3.92 -52.02
C ILE J 335 -33.41 -4.78 -53.24
N GLY J 336 -33.28 -4.16 -54.41
CA GLY J 336 -32.94 -4.90 -55.61
C GLY J 336 -33.93 -6.01 -55.84
N MET J 337 -33.46 -7.24 -55.70
CA MET J 337 -34.27 -8.43 -55.88
C MET J 337 -34.14 -9.33 -54.65
N TYR J 338 -34.14 -8.71 -53.47
CA TYR J 338 -34.02 -9.44 -52.22
C TYR J 338 -35.25 -10.31 -52.00
N ARG J 339 -35.04 -11.55 -51.56
CA ARG J 339 -36.10 -12.53 -51.46
C ARG J 339 -36.64 -12.72 -50.05
N GLY J 340 -36.30 -11.85 -49.11
CA GLY J 340 -36.83 -11.97 -47.77
C GLY J 340 -38.31 -11.68 -47.73
N ARG J 341 -38.94 -12.05 -46.61
CA ARG J 341 -40.37 -11.87 -46.42
C ARG J 341 -40.66 -10.52 -45.78
N VAL J 342 -41.75 -9.89 -46.21
CA VAL J 342 -42.27 -8.70 -45.56
C VAL J 342 -43.46 -9.12 -44.70
N PRO J 343 -43.33 -9.13 -43.38
CA PRO J 343 -44.43 -9.64 -42.54
C PRO J 343 -45.64 -8.72 -42.55
N ASN J 344 -45.43 -7.43 -42.31
CA ASN J 344 -46.51 -6.46 -42.23
C ASN J 344 -46.46 -5.61 -43.48
N THR J 345 -47.41 -5.83 -44.40
CA THR J 345 -47.35 -5.18 -45.70
C THR J 345 -47.66 -3.70 -45.62
N GLU J 346 -48.52 -3.28 -44.69
CA GLU J 346 -48.85 -1.86 -44.58
C GLU J 346 -47.64 -1.04 -44.17
N LEU J 347 -46.89 -1.51 -43.17
CA LEU J 347 -45.65 -0.84 -42.80
C LEU J 347 -44.65 -0.86 -43.96
N PHE J 348 -44.55 -1.98 -44.66
CA PHE J 348 -43.62 -2.04 -45.79
C PHE J 348 -43.96 -0.98 -46.83
N SER J 349 -45.25 -0.87 -47.18
CA SER J 349 -45.64 0.09 -48.20
C SER J 349 -45.48 1.52 -47.73
N ALA J 350 -45.83 1.81 -46.47
CA ALA J 350 -45.67 3.16 -45.95
C ALA J 350 -44.19 3.55 -45.92
N ALA J 351 -43.33 2.63 -45.46
CA ALA J 351 -41.90 2.91 -45.42
C ALA J 351 -41.34 3.08 -46.82
N GLU J 352 -41.80 2.28 -47.78
CA GLU J 352 -41.35 2.42 -49.15
C GLU J 352 -41.75 3.78 -49.72
N SER J 353 -42.99 4.20 -49.45
CA SER J 353 -43.44 5.50 -49.93
C SER J 353 -42.63 6.64 -49.32
N TYR J 354 -42.39 6.59 -48.00
CA TYR J 354 -41.60 7.64 -47.38
C TYR J 354 -40.16 7.64 -47.89
N ALA J 355 -39.59 6.45 -48.11
CA ALA J 355 -38.22 6.39 -48.59
C ALA J 355 -38.10 6.93 -50.01
N LYS J 356 -39.08 6.62 -50.87
CA LYS J 356 -39.07 7.21 -52.21
C LYS J 356 -39.23 8.72 -52.15
N SER J 357 -40.11 9.21 -51.27
CA SER J 357 -40.31 10.64 -51.13
C SER J 357 -39.03 11.34 -50.69
N LEU J 358 -38.34 10.75 -49.71
CA LEU J 358 -37.07 11.33 -49.24
C LEU J 358 -36.00 11.24 -50.31
N LYS J 359 -35.97 10.16 -51.08
CA LYS J 359 -34.98 10.00 -52.15
C LYS J 359 -35.18 11.05 -53.23
N GLU J 360 -36.44 11.30 -53.62
CA GLU J 360 -36.72 12.25 -54.70
C GLU J 360 -36.31 13.67 -54.31
N ASP K 10 -18.80 -1.72 -39.20
CA ASP K 10 -18.25 -2.85 -39.94
C ASP K 10 -16.81 -2.62 -40.39
N LEU K 11 -16.47 -1.42 -40.85
CA LEU K 11 -15.15 -1.19 -41.43
C LEU K 11 -14.06 -1.28 -40.38
N SER K 12 -14.31 -0.74 -39.18
CA SER K 12 -13.38 -0.91 -38.08
C SER K 12 -13.19 -2.37 -37.71
N TYR K 13 -14.25 -3.17 -37.74
CA TYR K 13 -14.14 -4.59 -37.44
C TYR K 13 -13.33 -5.33 -38.51
N LYS K 14 -13.55 -4.98 -39.78
CA LYS K 14 -12.75 -5.58 -40.85
C LYS K 14 -11.28 -5.27 -40.67
N HIS K 15 -10.95 -4.01 -40.37
CA HIS K 15 -9.55 -3.66 -40.15
C HIS K 15 -9.01 -4.34 -38.90
N ALA K 16 -9.84 -4.51 -37.88
CA ALA K 16 -9.39 -5.19 -36.68
C ALA K 16 -9.06 -6.64 -36.96
N ILE K 17 -9.87 -7.31 -37.79
CA ILE K 17 -9.55 -8.68 -38.19
C ILE K 17 -8.26 -8.74 -38.97
N LEU K 18 -8.10 -7.84 -39.95
CA LEU K 18 -6.91 -7.88 -40.78
C LEU K 18 -5.65 -7.58 -39.97
N LYS K 19 -5.72 -6.61 -39.06
CA LYS K 19 -4.55 -6.21 -38.29
C LYS K 19 -4.20 -7.24 -37.23
N GLU K 20 -5.20 -7.74 -36.50
CA GLU K 20 -4.97 -8.71 -35.42
C GLU K 20 -4.88 -10.12 -36.00
N SER K 21 -3.72 -10.41 -36.60
CA SER K 21 -3.44 -11.74 -37.13
C SER K 21 -2.20 -12.27 -36.43
N GLN K 22 -2.31 -13.48 -35.88
CA GLN K 22 -1.20 -14.11 -35.18
C GLN K 22 -0.31 -14.94 -36.11
N TYR K 23 -0.60 -14.97 -37.40
CA TYR K 23 0.09 -15.81 -38.35
C TYR K 23 0.72 -14.95 -39.44
N THR K 24 1.94 -15.30 -39.83
CA THR K 24 2.65 -14.56 -40.87
C THR K 24 2.61 -15.34 -42.17
N ILE K 25 2.38 -14.61 -43.25
CA ILE K 25 2.31 -15.19 -44.57
C ILE K 25 3.72 -15.55 -45.03
N LYS K 26 3.84 -16.47 -45.96
CA LYS K 26 5.12 -16.85 -46.53
C LYS K 26 4.97 -16.96 -48.04
N ARG K 27 5.77 -16.21 -48.77
CA ARG K 27 5.71 -16.23 -50.23
C ARG K 27 7.11 -16.08 -50.79
N ASP K 28 7.24 -16.42 -52.06
CA ASP K 28 8.53 -16.39 -52.75
C ASP K 28 9.57 -17.22 -52.00
N VAL K 29 9.14 -18.38 -51.52
CA VAL K 29 9.98 -19.18 -50.63
C VAL K 29 11.24 -19.64 -51.36
N GLY K 30 11.10 -20.14 -52.57
CA GLY K 30 12.23 -20.70 -53.28
C GLY K 30 12.94 -19.72 -54.20
N THR K 31 12.65 -18.43 -54.03
CA THR K 31 13.14 -17.40 -54.93
C THR K 31 14.33 -16.69 -54.31
N THR K 32 15.10 -16.01 -55.16
CA THR K 32 16.25 -15.24 -54.73
C THR K 32 16.29 -13.92 -55.50
N THR K 33 17.01 -12.95 -54.94
CA THR K 33 17.17 -11.64 -55.55
C THR K 33 18.59 -11.16 -55.32
N ALA K 34 18.98 -10.13 -56.05
CA ALA K 34 20.35 -9.64 -56.04
C ALA K 34 20.45 -8.34 -55.26
N VAL K 35 21.54 -8.21 -54.51
CA VAL K 35 21.92 -6.93 -53.92
C VAL K 35 23.39 -6.70 -54.19
N THR K 36 23.82 -5.48 -54.01
CA THR K 36 25.18 -5.04 -54.21
C THR K 36 25.69 -4.37 -52.93
N PRO K 37 26.79 -4.84 -52.36
CA PRO K 37 27.27 -4.24 -51.11
C PRO K 37 27.78 -2.83 -51.31
N SER K 38 27.80 -2.06 -50.22
CA SER K 38 28.24 -0.68 -50.30
C SER K 38 29.67 -0.57 -50.81
N SER K 39 30.48 -1.61 -50.61
CA SER K 39 31.85 -1.59 -51.08
C SER K 39 31.95 -1.48 -52.59
N LEU K 40 30.86 -1.75 -53.31
CA LEU K 40 30.81 -1.64 -54.76
C LEU K 40 30.09 -0.40 -55.25
N GLN K 41 29.76 0.54 -54.36
CA GLN K 41 28.97 1.70 -54.78
C GLN K 41 29.69 2.49 -55.86
N GLN K 42 30.98 2.78 -55.65
CA GLN K 42 31.74 3.51 -56.65
C GLN K 42 31.75 2.82 -58.00
N GLU K 43 31.55 1.50 -58.01
CA GLU K 43 31.43 0.77 -59.27
C GLU K 43 30.03 0.88 -59.84
N ILE K 44 29.00 0.66 -59.00
CA ILE K 44 27.64 0.68 -59.53
C ILE K 44 27.30 2.05 -60.07
N THR K 45 27.81 3.10 -59.44
CA THR K 45 27.62 4.45 -59.96
C THR K 45 28.02 4.51 -61.43
N LEU K 46 29.21 4.00 -61.76
CA LEU K 46 29.62 4.00 -63.15
C LEU K 46 28.56 3.35 -64.01
N LEU K 47 28.12 2.15 -63.64
CA LEU K 47 27.10 1.48 -64.42
C LEU K 47 25.84 2.33 -64.52
N CYS K 48 25.41 2.89 -63.39
CA CYS K 48 24.18 3.66 -63.38
C CYS K 48 24.27 4.91 -64.23
N GLY K 49 25.47 5.29 -64.64
CA GLY K 49 25.64 6.45 -65.49
C GLY K 49 25.94 6.06 -66.91
N GLU K 50 26.47 4.87 -67.11
CA GLU K 50 26.71 4.40 -68.46
C GLU K 50 25.44 3.99 -69.16
N ILE K 51 24.34 3.96 -68.41
CA ILE K 51 23.01 3.81 -68.98
C ILE K 51 22.49 5.15 -69.48
N LEU K 52 23.07 6.26 -69.03
CA LEU K 52 22.40 7.54 -69.22
C LEU K 52 22.95 8.31 -70.40
N TYR K 53 24.23 8.20 -70.74
CA TYR K 53 24.71 9.11 -71.77
C TYR K 53 24.92 8.41 -73.10
N ALA K 54 24.56 7.14 -73.20
CA ALA K 54 24.69 6.39 -74.44
C ALA K 54 23.32 5.91 -74.90
N LYS K 55 23.22 5.59 -76.17
CA LYS K 55 21.96 5.18 -76.79
C LYS K 55 21.99 3.66 -76.93
N HIS K 56 21.29 2.97 -76.03
CA HIS K 56 21.37 1.52 -75.92
C HIS K 56 20.18 0.87 -76.60
N ALA K 57 20.45 -0.25 -77.28
CA ALA K 57 19.37 -1.01 -77.90
C ALA K 57 18.45 -1.63 -76.86
N ASP K 58 19.02 -2.18 -75.78
CA ASP K 58 18.26 -2.85 -74.73
C ASP K 58 18.44 -2.12 -73.41
N TYR K 59 17.33 -1.66 -72.84
CA TYR K 59 17.30 -1.01 -71.54
C TYR K 59 16.61 -1.90 -70.51
N LYS K 60 16.86 -3.20 -70.55
CA LYS K 60 15.99 -4.15 -69.86
C LYS K 60 16.19 -4.13 -68.36
N TYR K 61 17.43 -3.99 -67.90
CA TYR K 61 17.75 -4.12 -66.49
C TYR K 61 18.18 -2.80 -65.85
N ALA K 62 17.79 -1.66 -66.41
CA ALA K 62 18.14 -0.39 -65.80
C ALA K 62 17.53 -0.26 -64.42
N ALA K 63 16.30 -0.77 -64.25
CA ALA K 63 15.65 -0.73 -62.95
C ALA K 63 16.42 -1.56 -61.93
N GLU K 64 16.91 -2.73 -62.33
CA GLU K 64 17.70 -3.53 -61.41
C GLU K 64 18.98 -2.83 -61.03
N ILE K 65 19.58 -2.06 -61.94
CA ILE K 65 20.78 -1.31 -61.58
C ILE K 65 20.47 -0.17 -60.61
N GLY K 66 19.33 0.50 -60.77
CA GLY K 66 18.92 1.48 -59.78
C GLY K 66 18.71 0.85 -58.42
N ILE K 67 18.06 -0.31 -58.39
CA ILE K 67 17.84 -1.00 -57.14
C ILE K 67 19.17 -1.49 -56.55
N GLN K 68 20.13 -1.84 -57.40
CA GLN K 68 21.45 -2.18 -56.92
C GLN K 68 22.10 -0.99 -56.22
N TYR K 69 21.97 0.20 -56.80
CA TYR K 69 22.50 1.38 -56.13
C TYR K 69 21.81 1.60 -54.79
N ILE K 70 20.50 1.40 -54.75
CA ILE K 70 19.78 1.52 -53.47
C ILE K 70 20.36 0.56 -52.44
N SER K 71 20.64 -0.67 -52.88
CA SER K 71 21.24 -1.68 -51.99
C SER K 71 22.62 -1.27 -51.51
N THR K 72 23.40 -0.62 -52.36
CA THR K 72 24.69 -0.10 -51.90
C THR K 72 24.48 0.99 -50.86
N ALA K 73 23.48 1.84 -51.06
CA ALA K 73 23.23 2.94 -50.14
C ALA K 73 22.79 2.45 -48.78
N LEU K 74 21.79 1.58 -48.74
CA LEU K 74 21.28 1.10 -47.45
C LEU K 74 22.20 0.07 -46.83
N GLY K 75 22.81 -0.78 -47.64
CA GLY K 75 23.62 -1.88 -47.19
C GLY K 75 22.94 -3.20 -47.48
N SER K 76 23.75 -4.24 -47.68
CA SER K 76 23.22 -5.55 -48.02
C SER K 76 22.36 -6.11 -46.90
N GLU K 77 22.85 -6.04 -45.65
CA GLU K 77 22.12 -6.62 -44.53
C GLU K 77 20.81 -5.88 -44.27
N ARG K 78 20.84 -4.56 -44.30
CA ARG K 78 19.62 -3.78 -44.13
C ARG K 78 18.62 -4.07 -45.25
N VAL K 79 19.13 -4.32 -46.47
CA VAL K 79 18.25 -4.61 -47.59
C VAL K 79 17.61 -5.99 -47.42
N GLN K 80 18.40 -6.97 -46.95
CA GLN K 80 17.83 -8.27 -46.65
C GLN K 80 16.75 -8.17 -45.59
N GLN K 81 17.00 -7.40 -44.54
CA GLN K 81 16.00 -7.20 -43.50
C GLN K 81 14.75 -6.52 -44.05
N ILE K 82 14.91 -5.54 -44.92
CA ILE K 82 13.77 -4.87 -45.53
C ILE K 82 12.94 -5.85 -46.34
N LEU K 83 13.60 -6.69 -47.14
CA LEU K 83 12.88 -7.68 -47.92
C LEU K 83 12.16 -8.68 -47.03
N ARG K 84 12.79 -9.09 -45.92
CA ARG K 84 12.17 -10.02 -44.99
C ARG K 84 10.94 -9.45 -44.30
N ASN K 85 11.00 -8.19 -43.85
CA ASN K 85 9.86 -7.59 -43.17
C ASN K 85 8.77 -7.15 -44.13
N SER K 86 8.97 -7.30 -45.44
CA SER K 86 7.94 -6.95 -46.42
C SER K 86 7.03 -8.13 -46.73
N GLY K 87 7.15 -9.23 -46.01
CA GLY K 87 6.34 -10.41 -46.24
C GLY K 87 6.84 -11.34 -47.30
N SER K 88 8.06 -11.15 -47.80
CA SER K 88 8.61 -11.94 -48.89
C SER K 88 9.87 -12.64 -48.41
N GLU K 89 9.93 -13.95 -48.60
CA GLU K 89 11.06 -14.76 -48.15
C GLU K 89 12.06 -14.96 -49.30
N VAL K 90 12.46 -13.86 -49.90
CA VAL K 90 13.45 -13.86 -50.96
C VAL K 90 14.84 -13.91 -50.33
N GLN K 91 15.66 -14.83 -50.78
CA GLN K 91 17.02 -14.92 -50.28
C GLN K 91 17.93 -14.03 -51.10
N VAL K 92 18.51 -13.04 -50.44
CA VAL K 92 19.44 -12.11 -51.04
C VAL K 92 20.66 -12.84 -51.55
N VAL K 93 21.08 -12.50 -52.78
CA VAL K 93 22.33 -12.97 -53.36
C VAL K 93 23.25 -11.78 -53.54
N LEU K 94 24.49 -11.91 -53.06
CA LEU K 94 25.43 -10.79 -53.13
C LEU K 94 25.94 -10.59 -54.55
N THR K 95 26.65 -9.49 -54.74
CA THR K 95 27.19 -9.10 -56.04
C THR K 95 28.70 -9.24 -56.01
N ARG K 96 29.26 -9.75 -57.09
CA ARG K 96 30.69 -9.96 -57.22
C ARG K 96 31.23 -9.19 -58.42
N THR K 97 32.55 -9.16 -58.53
CA THR K 97 33.23 -8.46 -59.62
C THR K 97 34.05 -9.47 -60.42
N TYR K 98 34.29 -9.13 -61.68
CA TYR K 98 35.09 -9.99 -62.54
C TYR K 98 35.77 -9.13 -63.60
N SER K 99 36.78 -9.72 -64.24
CA SER K 99 37.55 -9.01 -65.25
C SER K 99 37.29 -9.57 -66.65
N GLN K 112 37.45 -3.60 -64.10
CA GLN K 112 36.57 -4.68 -63.69
C GLN K 112 35.09 -4.32 -63.88
N MET K 113 34.24 -5.34 -63.90
CA MET K 113 32.81 -5.19 -64.10
C MET K 113 32.08 -6.00 -63.05
N LEU K 114 30.76 -5.86 -63.02
CA LEU K 114 29.90 -6.46 -62.00
C LEU K 114 29.18 -7.67 -62.57
N ASP K 115 29.01 -8.69 -61.73
CA ASP K 115 28.22 -9.88 -62.04
C ASP K 115 27.04 -9.87 -61.08
N ILE K 116 25.98 -9.20 -61.47
CA ILE K 116 24.78 -9.06 -60.65
C ILE K 116 23.88 -10.25 -60.91
N HIS K 117 23.33 -10.82 -59.84
CA HIS K 117 22.50 -12.01 -59.96
C HIS K 117 21.17 -11.66 -60.64
N GLY K 118 20.81 -12.45 -61.65
CA GLY K 118 19.62 -12.18 -62.42
C GLY K 118 19.79 -11.15 -63.51
N VAL K 119 20.97 -10.55 -63.61
CA VAL K 119 21.32 -9.62 -64.67
C VAL K 119 22.41 -10.28 -65.52
N GLU K 120 22.09 -10.52 -66.78
CA GLU K 120 23.02 -11.25 -67.65
C GLU K 120 24.29 -10.45 -67.87
N LYS K 121 25.43 -11.13 -67.80
CA LYS K 121 26.71 -10.46 -67.99
C LYS K 121 26.83 -9.89 -69.41
N SER K 122 26.12 -10.49 -70.37
CA SER K 122 26.11 -9.93 -71.72
C SER K 122 25.51 -8.53 -71.71
N TRP K 123 24.45 -8.31 -70.94
CA TRP K 123 23.84 -6.99 -70.85
C TRP K 123 24.81 -5.96 -70.27
N VAL K 124 25.48 -6.31 -69.17
CA VAL K 124 26.43 -5.38 -68.56
C VAL K 124 27.56 -5.06 -69.51
N GLU K 125 28.10 -6.08 -70.20
CA GLU K 125 29.16 -5.83 -71.17
C GLU K 125 28.67 -4.95 -72.30
N GLU K 126 27.44 -5.17 -72.78
CA GLU K 126 26.89 -4.34 -73.86
C GLU K 126 26.77 -2.89 -73.43
N ILE K 127 26.24 -2.65 -72.23
CA ILE K 127 26.07 -1.28 -71.75
C ILE K 127 27.42 -0.61 -71.61
N ASP K 128 28.39 -1.31 -71.01
CA ASP K 128 29.71 -0.72 -70.82
C ASP K 128 30.37 -0.41 -72.17
N LYS K 129 30.29 -1.35 -73.12
CA LYS K 129 30.93 -1.13 -74.41
C LYS K 129 30.27 0.01 -75.17
N GLU K 130 28.93 0.09 -75.13
CA GLU K 130 28.23 1.18 -75.80
C GLU K 130 28.62 2.52 -75.22
N ALA K 131 28.70 2.61 -73.89
CA ALA K 131 29.10 3.86 -73.27
C ALA K 131 30.54 4.23 -73.61
N ARG K 132 31.45 3.24 -73.61
CA ARG K 132 32.84 3.53 -73.94
C ARG K 132 32.97 4.00 -75.37
N LYS K 133 32.25 3.36 -76.30
CA LYS K 133 32.30 3.78 -77.70
C LYS K 133 31.75 5.19 -77.88
N THR K 134 30.62 5.50 -77.23
CA THR K 134 30.07 6.85 -77.32
C THR K 134 31.04 7.86 -76.74
N MET K 135 31.69 7.54 -75.62
CA MET K 135 32.64 8.47 -75.03
C MET K 135 33.83 8.70 -75.96
N ALA K 136 34.31 7.63 -76.59
CA ALA K 136 35.42 7.78 -77.53
C ALA K 136 35.01 8.63 -78.72
N THR K 137 33.79 8.43 -79.22
CA THR K 137 33.33 9.22 -80.37
C THR K 137 33.17 10.68 -80.01
N LEU K 138 32.60 10.98 -78.84
CA LEU K 138 32.45 12.36 -78.40
C LEU K 138 33.74 13.00 -77.91
N LEU K 139 34.79 12.21 -77.71
CA LEU K 139 36.08 12.79 -77.37
C LEU K 139 36.97 12.99 -78.58
N LYS K 140 36.91 12.07 -79.55
CA LYS K 140 37.74 12.17 -80.74
C LYS K 140 37.30 13.33 -81.62
N GLU K 141 35.99 13.42 -81.89
CA GLU K 141 35.50 14.48 -82.77
C GLU K 141 35.54 15.84 -82.07
N SER K 142 35.08 15.91 -80.83
CA SER K 142 34.94 17.19 -80.16
C SER K 142 36.30 17.72 -79.72
N SER K 143 36.27 18.82 -78.98
CA SER K 143 37.47 19.54 -78.58
C SER K 143 38.07 19.02 -77.27
N GLY K 144 37.53 17.94 -76.72
CA GLY K 144 38.07 17.39 -75.50
C GLY K 144 37.90 18.26 -74.28
N ASN K 145 36.71 18.83 -74.08
CA ASN K 145 36.45 19.66 -72.91
C ASN K 145 35.25 19.12 -72.14
N ILE K 146 35.23 17.81 -71.92
CA ILE K 146 34.10 17.17 -71.23
C ILE K 146 34.06 17.66 -69.79
N PRO K 147 32.98 18.29 -69.35
CA PRO K 147 32.92 18.77 -67.96
C PRO K 147 32.76 17.62 -66.98
N GLN K 148 32.78 17.98 -65.70
CA GLN K 148 32.77 16.96 -64.66
C GLN K 148 31.39 16.33 -64.51
N ASN K 149 30.35 17.00 -65.01
CA ASN K 149 29.00 16.46 -64.85
C ASN K 149 28.57 15.64 -66.05
N GLN K 150 29.30 15.74 -67.16
CA GLN K 150 28.87 15.05 -68.37
C GLN K 150 29.43 13.63 -68.48
N ARG K 151 30.30 13.21 -67.57
CA ARG K 151 30.91 11.90 -67.67
C ARG K 151 30.07 10.85 -66.94
N PRO K 152 30.16 9.58 -67.34
CA PRO K 152 29.36 8.53 -66.69
C PRO K 152 29.65 8.34 -65.22
N SER K 153 30.87 8.59 -64.77
CA SER K 153 31.23 8.37 -63.38
C SER K 153 30.77 9.50 -62.47
N ALA K 154 29.85 10.35 -62.93
CA ALA K 154 29.29 11.37 -62.06
C ALA K 154 28.55 10.72 -60.91
N PRO K 155 28.61 11.30 -59.71
CA PRO K 155 28.02 10.65 -58.54
C PRO K 155 26.51 10.84 -58.40
N ASP K 156 25.87 11.69 -59.21
CA ASP K 156 24.42 11.81 -59.18
C ASP K 156 23.74 11.03 -60.28
N THR K 157 24.48 10.34 -61.14
CA THR K 157 23.84 9.51 -62.16
C THR K 157 22.95 8.41 -61.59
N PRO K 158 23.33 7.66 -60.55
CA PRO K 158 22.36 6.71 -59.99
C PRO K 158 21.10 7.37 -59.50
N ILE K 159 21.21 8.58 -58.95
CA ILE K 159 20.02 9.30 -58.51
C ILE K 159 19.22 9.81 -59.71
N ILE K 160 19.91 10.14 -60.80
CA ILE K 160 19.18 10.54 -62.01
C ILE K 160 18.36 9.39 -62.57
N LEU K 161 18.92 8.18 -62.59
CA LEU K 161 18.15 7.01 -62.99
C LEU K 161 17.00 6.73 -62.01
N LEU K 162 17.28 6.83 -60.71
CA LEU K 162 16.23 6.63 -59.73
C LEU K 162 15.17 7.72 -59.79
N CYS K 163 15.47 8.86 -60.40
CA CYS K 163 14.44 9.88 -60.58
C CYS K 163 13.43 9.49 -61.65
N VAL K 164 13.89 8.89 -62.76
CA VAL K 164 12.96 8.28 -63.70
C VAL K 164 12.17 7.18 -63.01
N GLY K 165 12.86 6.38 -62.19
CA GLY K 165 12.16 5.38 -61.41
C GLY K 165 11.11 5.92 -60.47
N ALA K 166 11.37 7.06 -59.85
CA ALA K 166 10.40 7.68 -58.96
C ALA K 166 9.26 8.32 -59.72
N LEU K 167 9.52 8.83 -60.92
CA LEU K 167 8.45 9.35 -61.75
C LEU K 167 7.48 8.25 -62.15
N ILE K 168 8.02 7.09 -62.54
CA ILE K 168 7.15 5.97 -62.89
C ILE K 168 6.60 5.30 -61.64
N PHE K 169 7.19 5.58 -60.48
CA PHE K 169 6.66 5.08 -59.22
C PHE K 169 5.35 5.77 -58.85
N THR K 170 5.24 7.07 -59.14
CA THR K 170 4.02 7.79 -58.80
C THR K 170 2.84 7.33 -59.63
N LYS K 171 3.08 6.59 -60.71
CA LYS K 171 2.04 6.09 -61.60
C LYS K 171 1.92 4.57 -61.54
N LEU K 172 2.04 3.98 -60.36
CA LEU K 172 1.91 2.53 -60.26
C LEU K 172 0.46 2.13 -60.06
N ALA K 173 -0.36 3.04 -59.52
CA ALA K 173 -1.79 2.79 -59.43
C ALA K 173 -2.47 2.97 -60.78
N SER K 174 -1.88 3.80 -61.65
CA SER K 174 -2.43 4.02 -62.97
C SER K 174 -2.07 2.86 -63.89
N THR K 175 -2.34 3.06 -65.18
CA THR K 175 -2.03 2.05 -66.17
C THR K 175 -0.62 2.22 -66.70
N ILE K 176 -0.19 1.28 -67.55
CA ILE K 176 1.16 1.32 -68.09
C ILE K 176 1.32 2.46 -69.10
N GLU K 177 0.34 2.62 -70.00
CA GLU K 177 0.49 3.63 -71.05
C GLU K 177 0.40 5.03 -70.48
N VAL K 178 -0.54 5.25 -69.56
CA VAL K 178 -0.64 6.55 -68.89
C VAL K 178 0.62 6.81 -68.09
N GLY K 179 1.13 5.79 -67.39
CA GLY K 179 2.35 5.96 -66.62
C GLY K 179 3.53 6.36 -67.48
N LEU K 180 3.72 5.68 -68.61
CA LEU K 180 4.84 6.01 -69.48
C LEU K 180 4.70 7.40 -70.10
N GLU K 181 3.50 7.74 -70.57
CA GLU K 181 3.28 9.06 -71.15
C GLU K 181 3.55 10.15 -70.13
N THR K 182 3.01 9.99 -68.92
CA THR K 182 3.22 10.97 -67.86
C THR K 182 4.68 11.04 -67.46
N THR K 183 5.37 9.91 -67.39
CA THR K 183 6.78 9.92 -67.03
C THR K 183 7.59 10.72 -68.03
N VAL K 184 7.36 10.50 -69.33
CA VAL K 184 8.13 11.23 -70.34
C VAL K 184 7.80 12.71 -70.29
N ARG K 185 6.50 13.04 -70.18
CA ARG K 185 6.08 14.43 -70.17
C ARG K 185 6.68 15.18 -68.99
N ARG K 186 6.63 14.56 -67.80
CA ARG K 186 7.12 15.22 -66.60
C ARG K 186 8.64 15.20 -66.54
N ALA K 187 9.29 14.24 -67.18
CA ALA K 187 10.74 14.17 -67.11
C ALA K 187 11.39 15.14 -68.08
N ASN K 188 10.68 15.56 -69.12
CA ASN K 188 11.25 16.61 -69.95
C ASN K 188 11.40 17.94 -69.20
N ARG K 189 10.74 18.11 -68.06
CA ARG K 189 10.82 19.34 -67.28
C ARG K 189 11.45 19.15 -65.92
N VAL K 190 11.07 18.11 -65.20
CA VAL K 190 11.67 17.79 -63.91
C VAL K 190 13.15 17.48 -64.08
N LEU K 191 13.50 16.67 -65.06
CA LEU K 191 14.86 16.25 -65.31
C LEU K 191 15.48 16.97 -66.49
N SER K 192 15.22 18.27 -66.64
CA SER K 192 15.78 19.01 -67.76
C SER K 192 17.30 19.11 -67.65
N ASP K 193 17.82 19.35 -66.45
CA ASP K 193 19.26 19.52 -66.28
C ASP K 193 20.02 18.24 -66.62
N ALA K 194 19.51 17.09 -66.18
CA ALA K 194 20.14 15.82 -66.52
C ALA K 194 20.07 15.57 -68.02
N LEU K 195 18.95 15.91 -68.64
CA LEU K 195 18.82 15.77 -70.09
C LEU K 195 19.83 16.65 -70.82
N LYS K 196 20.07 17.87 -70.33
CA LYS K 196 21.10 18.71 -70.92
C LYS K 196 22.48 18.07 -70.73
N ARG K 197 22.75 17.55 -69.54
CA ARG K 197 24.03 16.90 -69.28
C ARG K 197 24.19 15.64 -70.12
N TYR K 198 23.14 14.83 -70.23
CA TYR K 198 23.16 13.61 -71.03
C TYR K 198 22.14 13.75 -72.14
N PRO K 199 22.52 14.27 -73.31
CA PRO K 199 21.54 14.47 -74.37
C PRO K 199 20.82 13.22 -74.77
N ARG K 200 21.48 12.06 -74.71
CA ARG K 200 20.90 10.81 -75.19
C ARG K 200 20.65 9.89 -73.99
N MET K 201 19.55 10.17 -73.30
CA MET K 201 19.02 9.30 -72.24
C MET K 201 17.56 9.04 -72.58
N ASP K 202 17.19 7.77 -72.67
CA ASP K 202 15.88 7.41 -73.19
C ASP K 202 14.95 7.19 -72.01
N ILE K 203 14.29 8.26 -71.59
CA ILE K 203 13.32 8.16 -70.49
C ILE K 203 12.22 7.14 -70.78
N PRO K 204 11.69 7.01 -72.00
CA PRO K 204 10.68 5.96 -72.23
C PRO K 204 11.14 4.55 -71.91
N LYS K 205 12.32 4.12 -72.37
CA LYS K 205 12.75 2.75 -72.16
C LYS K 205 13.13 2.50 -70.71
N ILE K 206 13.79 3.47 -70.07
CA ILE K 206 14.12 3.34 -68.65
C ILE K 206 12.85 3.29 -67.81
N ALA K 207 11.86 4.10 -68.16
CA ALA K 207 10.60 4.07 -67.44
C ALA K 207 9.88 2.74 -67.63
N ARG K 208 9.93 2.18 -68.84
CA ARG K 208 9.38 0.86 -69.07
C ARG K 208 10.08 -0.20 -68.22
N SER K 209 11.41 -0.11 -68.12
CA SER K 209 12.16 -1.05 -67.30
C SER K 209 11.76 -0.93 -65.84
N PHE K 210 11.59 0.29 -65.34
CA PHE K 210 11.21 0.47 -63.95
C PHE K 210 9.79 -0.04 -63.69
N TYR K 211 8.87 0.20 -64.63
CA TYR K 211 7.52 -0.34 -64.46
C TYR K 211 7.53 -1.86 -64.44
N ASP K 212 8.32 -2.48 -65.31
CA ASP K 212 8.46 -3.92 -65.30
C ASP K 212 9.01 -4.43 -63.97
N LEU K 213 10.03 -3.79 -63.44
CA LEU K 213 10.58 -4.20 -62.15
C LEU K 213 9.54 -4.09 -61.06
N PHE K 214 8.83 -2.97 -60.99
CA PHE K 214 7.86 -2.76 -59.92
C PHE K 214 6.72 -3.77 -60.02
N GLU K 215 6.34 -4.16 -61.23
CA GLU K 215 5.27 -5.15 -61.36
C GLU K 215 5.74 -6.56 -61.02
N GLN K 216 6.93 -6.95 -61.49
CA GLN K 216 7.41 -8.31 -61.26
C GLN K 216 7.79 -8.53 -59.81
N LYS K 217 8.75 -7.74 -59.32
CA LYS K 217 9.24 -7.85 -57.95
C LYS K 217 8.55 -6.81 -57.11
N VAL K 218 7.53 -7.23 -56.36
CA VAL K 218 6.74 -6.31 -55.54
C VAL K 218 7.46 -5.93 -54.26
N TYR K 219 8.38 -6.75 -53.77
CA TYR K 219 9.18 -6.38 -52.61
C TYR K 219 10.12 -5.21 -52.90
N HIS K 220 10.46 -4.98 -54.16
CA HIS K 220 11.27 -3.84 -54.53
C HIS K 220 10.52 -2.53 -54.40
N ARG K 221 9.19 -2.55 -54.39
CA ARG K 221 8.44 -1.37 -53.97
C ARG K 221 8.75 -1.03 -52.52
N SER K 222 8.80 -2.03 -51.65
CA SER K 222 9.18 -1.79 -50.27
C SER K 222 10.61 -1.31 -50.15
N LEU K 223 11.53 -1.90 -50.91
CA LEU K 223 12.91 -1.42 -50.91
C LEU K 223 13.00 0.03 -51.36
N PHE K 224 12.24 0.39 -52.40
CA PHE K 224 12.30 1.72 -52.96
C PHE K 224 11.71 2.74 -51.97
N ILE K 225 10.65 2.35 -51.27
CA ILE K 225 10.09 3.19 -50.22
C ILE K 225 11.06 3.35 -49.06
N GLU K 226 11.77 2.28 -48.69
CA GLU K 226 12.76 2.40 -47.63
C GLU K 226 13.90 3.33 -48.03
N TYR K 227 14.30 3.29 -49.30
CA TYR K 227 15.29 4.26 -49.76
C TYR K 227 14.74 5.67 -49.69
N GLY K 228 13.49 5.87 -50.06
CA GLY K 228 12.89 7.19 -49.95
C GLY K 228 12.89 7.71 -48.54
N LYS K 229 12.59 6.85 -47.56
CA LYS K 229 12.62 7.25 -46.17
C LYS K 229 14.04 7.52 -45.68
N ALA K 230 14.98 6.64 -46.03
CA ALA K 230 16.35 6.80 -45.59
C ALA K 230 17.00 8.02 -46.22
N LEU K 231 16.48 8.49 -47.35
CA LEU K 231 16.96 9.69 -48.01
C LEU K 231 16.30 10.94 -47.45
N GLY K 232 14.98 10.92 -47.24
CA GLY K 232 14.32 12.06 -46.65
C GLY K 232 14.76 12.33 -45.23
N SER K 233 15.13 11.29 -44.49
CA SER K 233 15.60 11.45 -43.12
C SER K 233 17.04 11.95 -43.04
N SER K 234 17.75 12.03 -44.16
CA SER K 234 19.13 12.44 -44.14
C SER K 234 19.27 13.91 -43.78
N SER K 235 20.40 14.24 -43.16
CA SER K 235 20.65 15.62 -42.76
C SER K 235 21.06 16.51 -43.92
N THR K 236 21.74 15.95 -44.92
CA THR K 236 22.18 16.69 -46.09
C THR K 236 21.90 15.86 -47.33
N GLY K 237 21.88 16.52 -48.49
CA GLY K 237 21.70 15.83 -49.74
C GLY K 237 21.97 16.75 -50.90
N SER K 238 22.26 16.13 -52.04
CA SER K 238 22.48 16.90 -53.27
C SER K 238 21.14 17.29 -53.86
N LYS K 239 21.17 18.04 -54.96
CA LYS K 239 19.92 18.45 -55.59
C LYS K 239 19.22 17.26 -56.23
N ALA K 240 19.98 16.26 -56.68
CA ALA K 240 19.37 15.06 -57.23
C ALA K 240 18.57 14.33 -56.17
N GLU K 241 19.12 14.20 -54.96
CA GLU K 241 18.41 13.49 -53.90
C GLU K 241 17.21 14.28 -53.41
N SER K 242 17.32 15.61 -53.39
CA SER K 242 16.17 16.44 -53.04
C SER K 242 15.06 16.30 -54.09
N LEU K 243 15.43 16.24 -55.36
CA LEU K 243 14.44 16.01 -56.41
C LEU K 243 13.80 14.64 -56.28
N PHE K 244 14.59 13.61 -55.99
CA PHE K 244 14.04 12.27 -55.81
C PHE K 244 13.06 12.27 -54.66
N VAL K 245 13.38 12.92 -53.56
CA VAL K 245 12.46 12.94 -52.43
C VAL K 245 11.20 13.73 -52.76
N ASN K 246 11.34 14.81 -53.54
CA ASN K 246 10.15 15.57 -53.95
C ASN K 246 9.20 14.69 -54.75
N ILE K 247 9.73 13.92 -55.71
CA ILE K 247 8.87 13.05 -56.52
C ILE K 247 8.30 11.92 -55.66
N PHE K 248 9.14 11.32 -54.81
CA PHE K 248 8.68 10.26 -53.94
C PHE K 248 7.52 10.71 -53.07
N MET K 249 7.58 11.94 -52.56
CA MET K 249 6.47 12.46 -51.77
C MET K 249 5.28 12.83 -52.65
N GLN K 250 5.51 13.19 -53.91
CA GLN K 250 4.39 13.36 -54.82
C GLN K 250 3.66 12.06 -55.06
N ALA K 251 4.31 10.93 -54.80
CA ALA K 251 3.65 9.64 -54.94
C ALA K 251 2.84 9.22 -53.72
N TYR K 252 2.78 10.03 -52.66
CA TYR K 252 2.32 9.54 -51.37
C TYR K 252 0.88 9.05 -51.42
N GLY K 253 -0.03 9.88 -51.88
CA GLY K 253 -1.42 9.47 -51.87
C GLY K 253 -1.86 8.66 -53.07
N ALA K 254 -0.99 7.80 -53.61
CA ALA K 254 -1.32 7.08 -54.83
C ALA K 254 -2.41 6.05 -54.56
N GLY K 255 -3.35 5.95 -55.50
CA GLY K 255 -4.43 5.01 -55.39
C GLY K 255 -5.58 5.47 -54.52
N GLN K 256 -5.55 6.69 -54.00
CA GLN K 256 -6.59 7.19 -53.13
C GLN K 256 -6.94 8.63 -53.46
N THR K 257 -7.06 8.95 -54.75
CA THR K 257 -7.40 10.32 -55.10
C THR K 257 -8.84 10.66 -54.75
N MET K 258 -9.68 9.66 -54.53
CA MET K 258 -11.06 9.94 -54.15
C MET K 258 -11.16 10.53 -52.75
N LEU K 259 -10.30 10.08 -51.82
CA LEU K 259 -10.30 10.67 -50.49
C LEU K 259 -9.82 12.11 -50.52
N ARG K 260 -8.76 12.37 -51.29
CA ARG K 260 -8.28 13.74 -51.43
C ARG K 260 -9.33 14.63 -52.05
N TRP K 261 -10.03 14.13 -53.06
CA TRP K 261 -11.10 14.92 -53.67
C TRP K 261 -12.29 15.06 -52.75
N GLY K 262 -12.51 14.11 -51.85
CA GLY K 262 -13.57 14.26 -50.87
C GLY K 262 -13.29 15.37 -49.88
N VAL K 263 -12.07 15.43 -49.36
CA VAL K 263 -11.74 16.53 -48.47
C VAL K 263 -11.73 17.84 -49.25
N ILE K 264 -11.38 17.80 -50.54
CA ILE K 264 -11.49 19.00 -51.37
C ILE K 264 -12.94 19.45 -51.47
N ALA K 265 -13.86 18.51 -51.69
CA ALA K 265 -15.28 18.86 -51.78
C ALA K 265 -15.79 19.45 -50.48
N ARG K 266 -15.38 18.87 -49.35
CA ARG K 266 -15.77 19.43 -48.06
C ARG K 266 -15.21 20.83 -47.87
N SER K 267 -13.97 21.07 -48.33
CA SER K 267 -13.41 22.41 -48.26
C SER K 267 -14.15 23.39 -49.17
N SER K 268 -14.67 22.91 -50.28
CA SER K 268 -15.39 23.75 -51.22
C SER K 268 -16.80 24.09 -50.76
N ASN K 269 -17.29 23.43 -49.71
CA ASN K 269 -18.64 23.66 -49.20
C ASN K 269 -19.69 23.48 -50.29
N ASN K 270 -19.61 22.34 -50.97
CA ASN K 270 -20.54 22.04 -52.04
C ASN K 270 -21.94 21.82 -51.47
N ILE K 271 -22.94 22.45 -52.09
CA ILE K 271 -24.29 22.37 -51.53
C ILE K 271 -24.85 20.97 -51.68
N MET K 272 -24.51 20.28 -52.76
CA MET K 272 -25.03 18.94 -52.95
C MET K 272 -24.49 17.94 -51.96
N LEU K 273 -23.50 18.31 -51.14
CA LEU K 273 -23.12 17.46 -50.02
C LEU K 273 -24.24 17.36 -48.98
N GLY K 274 -25.14 18.33 -48.94
CA GLY K 274 -26.28 18.34 -48.06
C GLY K 274 -27.51 17.63 -48.59
N HIS K 275 -27.41 17.00 -49.76
CA HIS K 275 -28.50 16.21 -50.29
C HIS K 275 -28.86 15.08 -49.34
N VAL K 276 -30.02 14.46 -49.57
CA VAL K 276 -30.50 13.43 -48.65
C VAL K 276 -29.59 12.21 -48.68
N SER K 277 -29.24 11.74 -49.88
CA SER K 277 -28.46 10.51 -49.97
C SER K 277 -27.01 10.72 -49.55
N VAL K 278 -26.45 11.89 -49.87
CA VAL K 278 -25.10 12.20 -49.40
C VAL K 278 -25.06 12.22 -47.88
N GLN K 279 -26.06 12.86 -47.25
CA GLN K 279 -26.12 12.89 -45.80
C GLN K 279 -26.38 11.50 -45.24
N ALA K 280 -27.02 10.63 -46.03
CA ALA K 280 -27.23 9.25 -45.60
C ALA K 280 -25.90 8.49 -45.54
N GLU K 281 -25.04 8.71 -46.53
CA GLU K 281 -23.77 7.98 -46.62
C GLU K 281 -22.63 8.63 -45.85
N LEU K 282 -22.81 9.86 -45.38
CA LEU K 282 -21.75 10.56 -44.67
C LEU K 282 -21.25 9.82 -43.44
N LYS K 283 -22.09 9.03 -42.78
CA LYS K 283 -21.63 8.29 -41.62
C LYS K 283 -20.53 7.30 -41.97
N GLN K 284 -20.75 6.47 -42.99
CA GLN K 284 -19.73 5.47 -43.30
C GLN K 284 -18.56 6.13 -44.04
N VAL K 285 -18.80 7.26 -44.71
CA VAL K 285 -17.68 8.02 -45.26
C VAL K 285 -16.74 8.46 -44.14
N THR K 286 -17.30 9.05 -43.09
CA THR K 286 -16.49 9.42 -41.95
C THR K 286 -15.85 8.21 -41.31
N GLU K 287 -16.50 7.05 -41.40
CA GLU K 287 -15.86 5.82 -40.94
C GLU K 287 -14.59 5.51 -41.73
N VAL K 288 -14.65 5.67 -43.04
CA VAL K 288 -13.45 5.44 -43.86
C VAL K 288 -12.35 6.41 -43.47
N TYR K 289 -12.69 7.68 -43.25
CA TYR K 289 -11.68 8.66 -42.87
C TYR K 289 -11.10 8.35 -41.49
N ASP K 290 -11.94 7.87 -40.57
CA ASP K 290 -11.45 7.46 -39.26
C ASP K 290 -10.49 6.28 -39.40
N LEU K 291 -10.78 5.35 -40.31
CA LEU K 291 -9.85 4.25 -40.55
C LEU K 291 -8.54 4.75 -41.11
N VAL K 292 -8.60 5.75 -41.98
CA VAL K 292 -7.38 6.38 -42.49
C VAL K 292 -6.54 6.91 -41.34
N ARG K 293 -7.16 7.66 -40.43
CA ARG K 293 -6.44 8.19 -39.28
C ARG K 293 -5.90 7.08 -38.40
N GLU K 294 -6.66 5.99 -38.25
CA GLU K 294 -6.24 4.88 -37.41
C GLU K 294 -4.98 4.22 -37.95
N MET K 295 -4.93 3.96 -39.26
CA MET K 295 -3.70 3.42 -39.84
C MET K 295 -2.56 4.41 -39.73
N GLY K 296 -2.83 5.69 -40.02
CA GLY K 296 -1.83 6.72 -39.79
C GLY K 296 -0.92 6.95 -40.97
N PRO K 297 0.38 7.18 -40.69
CA PRO K 297 1.30 7.58 -41.76
C PRO K 297 1.47 6.55 -42.86
N GLU K 298 1.40 5.26 -42.54
CA GLU K 298 1.62 4.24 -43.54
C GLU K 298 0.40 3.98 -44.40
N SER K 299 -0.71 4.69 -44.16
CA SER K 299 -1.90 4.46 -44.97
C SER K 299 -1.69 4.90 -46.41
N GLY K 300 -0.95 5.98 -46.62
CA GLY K 300 -0.75 6.49 -47.97
C GLY K 300 0.03 5.53 -48.85
N LEU K 301 0.93 4.76 -48.26
CA LEU K 301 1.76 3.82 -49.03
C LEU K 301 1.10 2.47 -49.24
N LEU K 302 -0.20 2.35 -48.94
CA LEU K 302 -0.85 1.05 -49.05
C LEU K 302 -1.00 0.62 -50.50
N HIS K 303 -1.50 1.52 -51.35
CA HIS K 303 -1.66 1.19 -52.77
C HIS K 303 -0.34 1.18 -53.52
N LEU K 304 0.62 2.00 -53.10
CA LEU K 304 1.95 1.96 -53.70
C LEU K 304 2.62 0.61 -53.46
N ARG K 305 2.49 0.08 -52.26
CA ARG K 305 3.05 -1.21 -51.88
C ARG K 305 2.21 -2.38 -52.39
N GLN K 306 1.04 -2.12 -52.97
CA GLN K 306 0.04 -3.16 -53.20
C GLN K 306 -0.23 -3.95 -51.93
N SER K 307 -0.34 -3.25 -50.82
CA SER K 307 -0.72 -3.91 -49.59
C SER K 307 -2.13 -4.47 -49.74
N PRO K 308 -2.36 -5.75 -49.46
CA PRO K 308 -3.70 -6.32 -49.65
C PRO K 308 -4.73 -5.63 -48.79
N LYS K 309 -4.28 -5.01 -47.71
CA LYS K 309 -5.12 -4.21 -46.83
C LYS K 309 -5.70 -3.00 -47.52
N ALA K 310 -5.12 -2.55 -48.63
CA ALA K 310 -5.74 -1.51 -49.42
C ALA K 310 -7.04 -2.01 -50.02
N GLY K 311 -7.98 -1.10 -50.18
CA GLY K 311 -9.34 -1.45 -50.50
C GLY K 311 -10.27 -1.34 -49.32
N LEU K 312 -9.73 -1.28 -48.11
CA LEU K 312 -10.53 -0.86 -46.96
C LEU K 312 -10.80 0.63 -47.03
N LEU K 313 -9.99 1.36 -47.78
CA LEU K 313 -10.13 2.80 -47.93
C LEU K 313 -10.95 3.20 -49.14
N SER K 314 -11.54 2.24 -49.84
CA SER K 314 -12.36 2.53 -51.01
C SER K 314 -13.65 3.24 -50.61
N LEU K 315 -14.01 4.27 -51.37
CA LEU K 315 -15.31 4.92 -51.22
C LEU K 315 -16.31 4.43 -52.26
N ALA K 316 -16.10 3.24 -52.81
CA ALA K 316 -17.01 2.72 -53.82
C ALA K 316 -18.34 2.30 -53.22
N ASN K 317 -18.40 2.06 -51.90
CA ASN K 317 -19.66 1.71 -51.26
C ASN K 317 -20.50 2.93 -50.91
N CYS K 318 -20.11 4.13 -51.36
CA CYS K 318 -20.88 5.36 -51.20
C CYS K 318 -21.02 5.99 -52.57
N PRO K 319 -21.86 5.42 -53.43
CA PRO K 319 -21.94 5.89 -54.82
C PRO K 319 -22.37 7.34 -54.94
N ASN K 320 -23.25 7.79 -54.05
CA ASN K 320 -23.74 9.16 -54.14
C ASN K 320 -22.68 10.16 -53.68
N PHE K 321 -21.96 9.82 -52.61
CA PHE K 321 -20.84 10.67 -52.18
C PHE K 321 -19.76 10.72 -53.25
N ALA K 322 -19.44 9.58 -53.86
CA ALA K 322 -18.44 9.56 -54.92
C ALA K 322 -18.88 10.37 -56.11
N SER K 323 -20.16 10.28 -56.49
CA SER K 323 -20.66 11.08 -57.60
C SER K 323 -20.59 12.57 -57.29
N VAL K 324 -20.95 12.96 -56.07
CA VAL K 324 -20.88 14.37 -55.71
C VAL K 324 -19.44 14.85 -55.71
N VAL K 325 -18.52 14.03 -55.21
CA VAL K 325 -17.10 14.40 -55.17
C VAL K 325 -16.56 14.57 -56.58
N LEU K 326 -16.89 13.64 -57.46
CA LEU K 326 -16.44 13.73 -58.85
C LEU K 326 -17.06 14.94 -59.54
N GLY K 327 -18.31 15.25 -59.24
CA GLY K 327 -18.92 16.44 -59.81
C GLY K 327 -18.26 17.71 -59.36
N ASN K 328 -17.94 17.80 -58.06
CA ASN K 328 -17.25 18.96 -57.55
C ASN K 328 -15.89 19.11 -58.21
N ALA K 329 -15.16 17.99 -58.35
CA ALA K 329 -13.86 18.03 -59.01
C ALA K 329 -14.00 18.47 -60.45
N SER K 330 -15.03 18.00 -61.15
CA SER K 330 -15.22 18.38 -62.55
C SER K 330 -15.57 19.86 -62.67
N GLY K 331 -16.34 20.38 -61.72
CA GLY K 331 -16.64 21.79 -61.75
C GLY K 331 -15.43 22.67 -61.53
N LEU K 332 -14.59 22.30 -60.57
CA LEU K 332 -13.38 23.05 -60.28
C LEU K 332 -12.29 22.84 -61.33
N GLY K 333 -12.48 21.91 -62.27
CA GLY K 333 -11.44 21.62 -63.24
C GLY K 333 -10.39 20.66 -62.75
N ILE K 334 -10.52 20.19 -61.52
CA ILE K 334 -9.55 19.25 -60.96
C ILE K 334 -9.64 17.88 -61.61
N ILE K 335 -10.83 17.48 -62.07
CA ILE K 335 -11.04 16.11 -62.54
C ILE K 335 -10.10 15.78 -63.69
N GLY K 336 -9.74 16.78 -64.48
CA GLY K 336 -8.83 16.56 -65.59
C GLY K 336 -9.35 15.50 -66.51
N MET K 337 -8.69 14.35 -66.53
CA MET K 337 -9.07 13.21 -67.35
C MET K 337 -9.17 11.97 -66.49
N TYR K 338 -9.73 12.13 -65.29
CA TYR K 338 -9.89 11.02 -64.35
C TYR K 338 -10.87 10.00 -64.91
N ARG K 339 -10.52 8.72 -64.78
CA ARG K 339 -11.28 7.65 -65.41
C ARG K 339 -12.22 6.92 -64.46
N GLY K 340 -12.45 7.44 -63.26
CA GLY K 340 -13.39 6.80 -62.36
C GLY K 340 -14.82 6.88 -62.85
N ARG K 341 -15.68 6.08 -62.24
CA ARG K 341 -17.08 6.02 -62.61
C ARG K 341 -17.89 7.02 -61.81
N VAL K 342 -18.88 7.63 -62.46
CA VAL K 342 -19.87 8.46 -61.77
C VAL K 342 -21.15 7.63 -61.63
N PRO K 343 -21.49 7.17 -60.44
CA PRO K 343 -22.66 6.29 -60.29
C PRO K 343 -23.97 7.00 -60.55
N ASN K 344 -24.17 8.14 -59.91
CA ASN K 344 -25.41 8.90 -60.01
C ASN K 344 -25.13 10.14 -60.83
N THR K 345 -25.61 10.14 -62.08
CA THR K 345 -25.26 11.20 -63.01
C THR K 345 -25.92 12.52 -62.66
N GLU K 346 -27.12 12.49 -62.08
CA GLU K 346 -27.81 13.72 -61.74
C GLU K 346 -27.07 14.49 -60.65
N LEU K 347 -26.62 13.79 -59.61
CA LEU K 347 -25.79 14.42 -58.60
C LEU K 347 -24.48 14.91 -59.18
N PHE K 348 -23.87 14.13 -60.06
CA PHE K 348 -22.62 14.58 -60.68
C PHE K 348 -22.82 15.88 -61.43
N SER K 349 -23.88 15.97 -62.23
CA SER K 349 -24.12 17.17 -63.02
C SER K 349 -24.48 18.36 -62.14
N ALA K 350 -25.30 18.14 -61.12
CA ALA K 350 -25.66 19.24 -60.22
C ALA K 350 -24.44 19.75 -59.48
N ALA K 351 -23.61 18.84 -58.98
CA ALA K 351 -22.39 19.24 -58.27
C ALA K 351 -21.44 19.96 -59.21
N GLU K 352 -21.32 19.49 -60.46
CA GLU K 352 -20.46 20.15 -61.42
C GLU K 352 -20.95 21.57 -61.70
N SER K 353 -22.26 21.74 -61.86
CA SER K 353 -22.83 23.07 -62.10
C SER K 353 -22.57 23.99 -60.92
N TYR K 354 -22.81 23.51 -59.70
CA TYR K 354 -22.57 24.36 -58.54
C TYR K 354 -21.10 24.70 -58.40
N ALA K 355 -20.21 23.74 -58.68
CA ALA K 355 -18.79 23.99 -58.55
C ALA K 355 -18.32 25.02 -59.58
N LYS K 356 -18.81 24.92 -60.82
CA LYS K 356 -18.47 25.94 -61.81
C LYS K 356 -19.01 27.30 -61.40
N SER K 357 -20.23 27.34 -60.87
CA SER K 357 -20.80 28.62 -60.43
C SER K 357 -19.98 29.24 -59.33
N LEU K 358 -19.55 28.43 -58.35
CA LEU K 358 -18.71 28.94 -57.27
C LEU K 358 -17.34 29.37 -57.78
N LYS K 359 -16.79 28.63 -58.75
CA LYS K 359 -15.49 28.97 -59.29
C LYS K 359 -15.54 30.31 -60.03
N GLU K 360 -16.60 30.53 -60.81
CA GLU K 360 -16.69 31.76 -61.60
C GLU K 360 -16.81 32.99 -60.70
N ASP L 10 -2.32 15.48 -44.85
CA ASP L 10 -1.24 14.80 -45.56
C ASP L 10 0.14 15.36 -45.22
N LEU L 11 0.27 16.69 -45.12
CA LEU L 11 1.59 17.29 -44.95
C LEU L 11 2.19 16.93 -43.60
N SER L 12 1.37 16.95 -42.55
CA SER L 12 1.83 16.49 -41.24
C SER L 12 2.27 15.04 -41.27
N TYR L 13 1.56 14.18 -42.01
CA TYR L 13 1.94 12.78 -42.12
C TYR L 13 3.26 12.62 -42.86
N LYS L 14 3.46 13.39 -43.93
CA LYS L 14 4.72 13.35 -44.65
C LYS L 14 5.88 13.75 -43.75
N HIS L 15 5.70 14.83 -42.98
CA HIS L 15 6.76 15.24 -42.07
C HIS L 15 6.96 14.22 -40.97
N ALA L 16 5.88 13.57 -40.52
CA ALA L 16 6.02 12.54 -39.50
C ALA L 16 6.83 11.37 -40.02
N ILE L 17 6.61 10.97 -41.27
CA ILE L 17 7.42 9.91 -41.86
C ILE L 17 8.88 10.33 -41.96
N LEU L 18 9.13 11.54 -42.46
CA LEU L 18 10.51 11.98 -42.64
C LEU L 18 11.24 12.09 -41.29
N LYS L 19 10.56 12.62 -40.28
CA LYS L 19 11.19 12.85 -38.99
C LYS L 19 11.40 11.54 -38.23
N GLU L 20 10.38 10.68 -38.21
CA GLU L 20 10.45 9.41 -37.47
C GLU L 20 11.14 8.35 -38.33
N SER L 21 12.46 8.46 -38.41
CA SER L 21 13.29 7.48 -39.11
C SER L 21 14.27 6.88 -38.11
N GLN L 22 14.30 5.56 -38.05
CA GLN L 22 15.20 4.85 -37.14
C GLN L 22 16.55 4.56 -37.76
N TYR L 23 16.79 4.98 -38.99
CA TYR L 23 18.01 4.66 -39.74
C TYR L 23 18.72 5.95 -40.12
N THR L 24 20.05 5.94 -40.01
CA THR L 24 20.86 7.10 -40.34
C THR L 24 21.53 6.88 -41.69
N ILE L 25 21.52 7.92 -42.49
CA ILE L 25 22.12 7.89 -43.82
C ILE L 25 23.63 7.92 -43.66
N LYS L 26 24.34 7.44 -44.67
CA LYS L 26 25.80 7.48 -44.69
C LYS L 26 26.26 7.93 -46.07
N ARG L 27 27.04 9.01 -46.11
CA ARG L 27 27.53 9.53 -47.37
C ARG L 27 28.94 10.06 -47.17
N ASP L 28 29.63 10.25 -48.29
CA ASP L 28 31.01 10.71 -48.28
C ASP L 28 31.88 9.79 -47.43
N VAL L 29 31.65 8.49 -47.54
CA VAL L 29 32.29 7.53 -46.64
C VAL L 29 33.80 7.54 -46.82
N GLY L 30 34.27 7.53 -48.06
CA GLY L 30 35.69 7.43 -48.30
C GLY L 30 36.38 8.77 -48.48
N THR L 31 35.71 9.84 -48.10
CA THR L 31 36.20 11.20 -48.34
C THR L 31 36.81 11.77 -47.07
N THR L 32 37.62 12.80 -47.25
CA THR L 32 38.26 13.50 -46.15
C THR L 32 38.21 15.00 -46.40
N THR L 33 38.37 15.77 -45.32
CA THR L 33 38.38 17.23 -45.39
C THR L 33 39.43 17.75 -44.42
N ALA L 34 39.75 19.03 -44.56
CA ALA L 34 40.82 19.65 -43.79
C ALA L 34 40.25 20.55 -42.72
N VAL L 35 40.90 20.53 -41.55
CA VAL L 35 40.66 21.51 -40.50
C VAL L 35 42.00 22.02 -40.00
N THR L 36 41.96 23.12 -39.32
CA THR L 36 43.12 23.78 -38.73
C THR L 36 42.90 23.97 -37.24
N PRO L 37 43.79 23.47 -36.39
CA PRO L 37 43.58 23.59 -34.95
C PRO L 37 43.72 25.03 -34.49
N SER L 38 43.10 25.32 -33.33
CA SER L 38 43.14 26.68 -32.80
C SER L 38 44.56 27.14 -32.56
N SER L 39 45.49 26.22 -32.33
CA SER L 39 46.88 26.59 -32.10
C SER L 39 47.50 27.28 -33.30
N LEU L 40 46.88 27.17 -34.47
CA LEU L 40 47.35 27.81 -35.69
C LEU L 40 46.56 29.05 -36.06
N GLN L 41 45.66 29.53 -35.19
CA GLN L 41 44.80 30.65 -35.57
C GLN L 41 45.63 31.88 -35.93
N GLN L 42 46.60 32.23 -35.09
CA GLN L 42 47.44 33.38 -35.38
C GLN L 42 48.15 33.25 -36.72
N GLU L 43 48.35 32.03 -37.20
CA GLU L 43 48.92 31.82 -38.52
C GLU L 43 47.86 31.96 -39.61
N ILE L 44 46.70 31.32 -39.43
CA ILE L 44 45.69 31.35 -40.48
C ILE L 44 45.21 32.77 -40.69
N THR L 45 45.13 33.55 -39.61
CA THR L 45 44.78 34.97 -39.75
C THR L 45 45.66 35.64 -40.80
N LEU L 46 46.98 35.44 -40.69
CA LEU L 46 47.88 36.03 -41.68
C LEU L 46 47.45 35.63 -43.09
N LEU L 47 47.24 34.33 -43.30
CA LEU L 47 46.82 33.89 -44.63
C LEU L 47 45.51 34.53 -45.02
N CYS L 48 44.54 34.57 -44.11
CA CYS L 48 43.23 35.11 -44.42
C CYS L 48 43.29 36.59 -44.75
N GLY L 49 44.39 37.25 -44.44
CA GLY L 49 44.54 38.67 -44.74
C GLY L 49 45.44 38.89 -45.92
N GLU L 50 46.33 37.93 -46.19
CA GLU L 50 47.17 38.05 -47.37
C GLU L 50 46.42 37.77 -48.64
N ILE L 51 45.18 37.32 -48.52
CA ILE L 51 44.26 37.24 -49.64
C ILE L 51 43.61 38.59 -49.91
N LEU L 52 43.65 39.50 -48.94
CA LEU L 52 42.78 40.66 -49.03
C LEU L 52 43.48 41.90 -49.56
N TYR L 53 44.78 42.08 -49.30
CA TYR L 53 45.32 43.37 -49.69
C TYR L 53 46.20 43.26 -50.92
N ALA L 54 46.28 42.09 -51.55
CA ALA L 54 47.07 41.90 -52.75
C ALA L 54 46.16 41.46 -53.89
N LYS L 55 46.64 41.64 -55.11
CA LYS L 55 45.87 41.33 -56.31
C LYS L 55 46.38 40.01 -56.86
N HIS L 56 45.62 38.94 -56.61
CA HIS L 56 46.04 37.58 -56.90
C HIS L 56 45.43 37.09 -58.21
N ALA L 57 46.22 36.36 -58.98
CA ALA L 57 45.73 35.76 -60.21
C ALA L 57 44.70 34.67 -59.92
N ASP L 58 44.95 33.84 -58.91
CA ASP L 58 44.07 32.73 -58.57
C ASP L 58 43.54 32.92 -57.16
N TYR L 59 42.21 32.97 -57.04
CA TYR L 59 41.51 33.07 -55.76
C TYR L 59 40.77 31.78 -55.46
N LYS L 60 41.37 30.63 -55.76
CA LYS L 60 40.61 29.38 -55.84
C LYS L 60 40.22 28.86 -54.47
N TYR L 61 41.11 28.97 -53.49
CA TYR L 61 40.89 28.36 -52.19
C TYR L 61 40.65 29.37 -51.08
N ALA L 62 40.21 30.59 -51.40
CA ALA L 62 39.94 31.56 -50.35
C ALA L 62 38.84 31.06 -49.42
N ALA L 63 37.83 30.38 -49.98
CA ALA L 63 36.77 29.85 -49.16
C ALA L 63 37.29 28.79 -48.20
N GLU L 64 38.19 27.94 -48.66
CA GLU L 64 38.78 26.95 -47.76
C GLU L 64 39.57 27.61 -46.65
N ILE L 65 40.22 28.74 -46.92
CA ILE L 65 40.94 29.44 -45.86
C ILE L 65 39.99 30.07 -44.87
N GLY L 66 38.86 30.60 -45.33
CA GLY L 66 37.85 31.07 -44.38
C GLY L 66 37.32 29.96 -43.50
N ILE L 67 37.07 28.80 -44.11
CA ILE L 67 36.60 27.65 -43.33
C ILE L 67 37.69 27.15 -42.40
N GLN L 68 38.96 27.28 -42.79
CA GLN L 68 40.04 26.96 -41.87
C GLN L 68 40.01 27.85 -40.65
N TYR L 69 39.79 29.15 -40.85
CA TYR L 69 39.68 30.04 -39.70
C TYR L 69 38.50 29.66 -38.83
N ILE L 70 37.38 29.27 -39.43
CA ILE L 70 36.23 28.81 -38.65
C ILE L 70 36.63 27.60 -37.80
N SER L 71 37.39 26.69 -38.39
CA SER L 71 37.86 25.51 -37.67
C SER L 71 38.78 25.87 -36.51
N THR L 72 39.62 26.89 -36.70
CA THR L 72 40.44 27.36 -35.58
C THR L 72 39.56 27.93 -34.47
N ALA L 73 38.51 28.65 -34.86
CA ALA L 73 37.65 29.29 -33.87
C ALA L 73 36.88 28.26 -33.05
N LEU L 74 36.22 27.31 -33.72
CA LEU L 74 35.42 26.32 -33.01
C LEU L 74 36.29 25.26 -32.36
N GLY L 75 37.36 24.87 -33.02
CA GLY L 75 38.23 23.79 -32.59
C GLY L 75 38.11 22.60 -33.53
N SER L 76 39.18 21.84 -33.64
CA SER L 76 39.21 20.70 -34.54
C SER L 76 38.19 19.64 -34.14
N GLU L 77 38.13 19.30 -32.85
CA GLU L 77 37.23 18.24 -32.40
C GLU L 77 35.77 18.65 -32.54
N ARG L 78 35.44 19.89 -32.18
CA ARG L 78 34.07 20.38 -32.36
C ARG L 78 33.70 20.42 -33.84
N VAL L 79 34.66 20.71 -34.71
CA VAL L 79 34.39 20.76 -36.13
C VAL L 79 34.15 19.36 -36.68
N GLN L 80 34.93 18.38 -36.21
CA GLN L 80 34.69 16.99 -36.59
C GLN L 80 33.30 16.54 -36.16
N GLN L 81 32.92 16.89 -34.92
CA GLN L 81 31.59 16.54 -34.43
C GLN L 81 30.50 17.21 -35.27
N ILE L 82 30.70 18.46 -35.66
CA ILE L 82 29.73 19.17 -36.48
C ILE L 82 29.57 18.48 -37.82
N LEU L 83 30.69 18.10 -38.44
CA LEU L 83 30.62 17.39 -39.72
C LEU L 83 29.94 16.05 -39.58
N ARG L 84 30.19 15.33 -38.48
CA ARG L 84 29.55 14.04 -38.25
C ARG L 84 28.04 14.15 -38.04
N ASN L 85 27.58 15.13 -37.26
CA ASN L 85 26.15 15.28 -37.04
C ASN L 85 25.42 15.91 -38.22
N SER L 86 26.12 16.30 -39.26
CA SER L 86 25.49 16.85 -40.45
C SER L 86 25.12 15.79 -41.47
N GLY L 87 25.28 14.51 -41.13
CA GLY L 87 24.96 13.43 -42.03
C GLY L 87 26.08 13.03 -42.97
N SER L 88 27.28 13.55 -42.79
CA SER L 88 28.39 13.32 -43.69
C SER L 88 29.53 12.66 -42.92
N GLU L 89 30.02 11.53 -43.43
CA GLU L 89 31.08 10.77 -42.78
C GLU L 89 32.44 11.14 -43.37
N VAL L 90 32.72 12.45 -43.37
CA VAL L 90 34.00 12.97 -43.82
C VAL L 90 34.99 12.86 -42.68
N GLN L 91 36.15 12.28 -42.96
CA GLN L 91 37.19 12.20 -41.95
C GLN L 91 38.05 13.44 -41.98
N VAL L 92 38.04 14.16 -40.87
CA VAL L 92 38.83 15.37 -40.68
C VAL L 92 40.31 15.05 -40.78
N VAL L 93 41.04 15.88 -41.52
CA VAL L 93 42.49 15.83 -41.60
C VAL L 93 43.05 17.11 -41.00
N LEU L 94 43.99 16.96 -40.07
CA LEU L 94 44.54 18.13 -39.38
C LEU L 94 45.47 18.92 -40.30
N THR L 95 45.85 20.10 -39.82
CA THR L 95 46.71 21.01 -40.55
C THR L 95 48.07 21.06 -39.89
N ARG L 96 49.12 21.08 -40.70
CA ARG L 96 50.49 21.13 -40.23
C ARG L 96 51.20 22.35 -40.78
N THR L 97 52.40 22.59 -40.27
CA THR L 97 53.22 23.73 -40.68
C THR L 97 54.52 23.22 -41.28
N TYR L 98 55.11 24.04 -42.14
CA TYR L 98 56.39 23.69 -42.76
C TYR L 98 57.14 24.96 -43.11
N SER L 99 58.44 24.79 -43.37
CA SER L 99 59.31 25.92 -43.66
C SER L 99 59.75 25.92 -45.12
N GLN L 112 57.26 30.43 -41.17
CA GLN L 112 56.63 29.17 -41.53
C GLN L 112 55.30 29.39 -42.24
N MET L 113 54.85 28.35 -42.94
CA MET L 113 53.61 28.38 -43.71
C MET L 113 52.79 27.14 -43.39
N LEU L 114 51.57 27.10 -43.91
CA LEU L 114 50.61 26.05 -43.62
C LEU L 114 50.52 25.07 -44.77
N ASP L 115 50.35 23.79 -44.43
CA ASP L 115 50.09 22.72 -45.39
C ASP L 115 48.68 22.21 -45.11
N ILE L 116 47.70 22.85 -45.72
CA ILE L 116 46.30 22.50 -45.53
C ILE L 116 45.93 21.40 -46.50
N HIS L 117 45.21 20.40 -46.00
CA HIS L 117 44.84 19.26 -46.83
C HIS L 117 43.83 19.65 -47.89
N GLY L 118 44.10 19.28 -49.14
CA GLY L 118 43.26 19.67 -50.25
C GLY L 118 43.54 21.05 -50.79
N VAL L 119 44.45 21.78 -50.17
CA VAL L 119 44.90 23.09 -50.64
C VAL L 119 46.36 22.94 -51.07
N GLU L 120 46.63 23.16 -52.35
CA GLU L 120 47.97 22.94 -52.86
C GLU L 120 48.96 23.92 -52.25
N LYS L 121 50.13 23.41 -51.88
CA LYS L 121 51.15 24.28 -51.27
C LYS L 121 51.61 25.35 -52.24
N SER L 122 51.53 25.07 -53.55
CA SER L 122 51.85 26.09 -54.54
C SER L 122 50.94 27.30 -54.39
N TRP L 123 49.65 27.07 -54.15
CA TRP L 123 48.71 28.16 -53.97
C TRP L 123 49.06 29.01 -52.75
N VAL L 124 49.34 28.36 -51.62
CA VAL L 124 49.68 29.09 -50.41
C VAL L 124 50.96 29.90 -50.61
N GLU L 125 51.97 29.30 -51.24
CA GLU L 125 53.20 30.02 -51.51
C GLU L 125 52.95 31.21 -52.44
N GLU L 126 52.11 31.04 -53.45
CA GLU L 126 51.80 32.12 -54.37
C GLU L 126 51.11 33.28 -53.65
N ILE L 127 50.13 32.98 -52.81
CA ILE L 127 49.42 34.02 -52.08
C ILE L 127 50.39 34.76 -51.15
N ASP L 128 51.20 34.02 -50.41
CA ASP L 128 52.14 34.65 -49.50
C ASP L 128 53.14 35.53 -50.24
N LYS L 129 53.69 35.02 -51.35
CA LYS L 129 54.68 35.80 -52.10
C LYS L 129 54.05 37.04 -52.70
N GLU L 130 52.84 36.92 -53.25
CA GLU L 130 52.17 38.09 -53.82
C GLU L 130 51.92 39.15 -52.76
N ALA L 131 51.47 38.73 -51.58
CA ALA L 131 51.24 39.70 -50.52
C ALA L 131 52.53 40.34 -50.04
N ARG L 132 53.61 39.55 -49.93
CA ARG L 132 54.88 40.13 -49.49
C ARG L 132 55.41 41.12 -50.51
N LYS L 133 55.30 40.80 -51.80
CA LYS L 133 55.75 41.72 -52.85
C LYS L 133 54.93 43.00 -52.84
N THR L 134 53.60 42.90 -52.70
CA THR L 134 52.79 44.10 -52.64
C THR L 134 53.14 44.95 -51.41
N MET L 135 53.38 44.30 -50.27
CA MET L 135 53.74 45.04 -49.08
C MET L 135 55.08 45.75 -49.26
N ALA L 136 56.05 45.08 -49.87
CA ALA L 136 57.33 45.71 -50.14
C ALA L 136 57.18 46.89 -51.08
N THR L 137 56.34 46.74 -52.11
CA THR L 137 56.15 47.84 -53.06
C THR L 137 55.45 49.04 -52.40
N LEU L 138 54.44 48.79 -51.58
CA LEU L 138 53.74 49.87 -50.89
C LEU L 138 54.53 50.42 -49.70
N LEU L 139 55.61 49.76 -49.29
CA LEU L 139 56.45 50.32 -48.25
C LEU L 139 57.64 51.08 -48.82
N LYS L 140 58.20 50.59 -49.93
CA LYS L 140 59.36 51.25 -50.53
C LYS L 140 58.97 52.60 -51.14
N GLU L 141 57.90 52.62 -51.93
CA GLU L 141 57.49 53.85 -52.59
C GLU L 141 56.89 54.84 -51.59
N SER L 142 56.00 54.37 -50.73
CA SER L 142 55.26 55.26 -49.85
C SER L 142 56.15 55.76 -48.71
N SER L 143 55.54 56.49 -47.78
CA SER L 143 56.25 57.14 -46.69
C SER L 143 56.44 56.25 -45.48
N GLY L 144 56.06 54.97 -45.56
CA GLY L 144 56.22 54.07 -44.45
C GLY L 144 55.37 54.38 -43.24
N ASN L 145 54.09 54.69 -43.44
CA ASN L 145 53.19 54.97 -42.34
C ASN L 145 52.00 54.02 -42.38
N ILE L 146 52.26 52.73 -42.58
CA ILE L 146 51.18 51.75 -42.69
C ILE L 146 50.47 51.63 -41.35
N PRO L 147 49.17 51.91 -41.27
CA PRO L 147 48.47 51.80 -40.00
C PRO L 147 48.28 50.36 -39.57
N GLN L 148 47.72 50.20 -38.37
CA GLN L 148 47.60 48.87 -37.79
C GLN L 148 46.50 48.07 -38.48
N ASN L 149 45.58 48.73 -39.17
CA ASN L 149 44.48 48.01 -39.78
C ASN L 149 44.78 47.66 -41.24
N GLN L 150 45.81 48.26 -41.82
CA GLN L 150 46.08 48.04 -43.24
C GLN L 150 47.01 46.86 -43.49
N ARG L 151 47.55 46.24 -42.44
CA ARG L 151 48.50 45.15 -42.64
C ARG L 151 47.78 43.80 -42.70
N PRO L 152 48.37 42.81 -43.37
CA PRO L 152 47.70 41.49 -43.49
C PRO L 152 47.45 40.80 -42.16
N SER L 153 48.30 41.01 -41.17
CA SER L 153 48.16 40.32 -39.89
C SER L 153 47.10 40.96 -39.00
N ALA L 154 46.21 41.78 -39.56
CA ALA L 154 45.12 42.32 -38.78
C ALA L 154 44.21 41.19 -38.32
N PRO L 155 43.65 41.28 -37.12
CA PRO L 155 42.86 40.16 -36.59
C PRO L 155 41.43 40.08 -37.10
N ASP L 156 40.94 41.08 -37.82
CA ASP L 156 39.60 41.01 -38.40
C ASP L 156 39.63 40.62 -39.87
N THR L 157 40.80 40.41 -40.47
CA THR L 157 40.85 39.96 -41.85
C THR L 157 40.15 38.63 -42.10
N PRO L 158 40.31 37.59 -41.26
CA PRO L 158 39.52 36.38 -41.50
C PRO L 158 38.03 36.64 -41.45
N ILE L 159 37.57 37.55 -40.58
CA ILE L 159 36.16 37.88 -40.54
C ILE L 159 35.76 38.71 -41.77
N ILE L 160 36.69 39.52 -42.29
CA ILE L 160 36.38 40.25 -43.51
C ILE L 160 36.20 39.31 -44.69
N LEU L 161 37.03 38.28 -44.81
CA LEU L 161 36.83 37.26 -45.83
C LEU L 161 35.53 36.48 -45.60
N LEU L 162 35.25 36.12 -44.35
CA LEU L 162 34.02 35.42 -44.05
C LEU L 162 32.80 36.30 -44.25
N CYS L 163 32.97 37.62 -44.32
CA CYS L 163 31.85 38.50 -44.63
C CYS L 163 31.46 38.42 -46.10
N VAL L 164 32.45 38.36 -47.00
CA VAL L 164 32.15 38.04 -48.39
C VAL L 164 31.50 36.67 -48.49
N GLY L 165 32.02 35.70 -47.73
CA GLY L 165 31.40 34.40 -47.66
C GLY L 165 29.97 34.40 -47.18
N ALA L 166 29.64 35.24 -46.21
CA ALA L 166 28.28 35.35 -45.71
C ALA L 166 27.37 36.08 -46.68
N LEU L 167 27.92 37.04 -47.43
CA LEU L 167 27.13 37.70 -48.47
C LEU L 167 26.74 36.71 -49.56
N ILE L 168 27.68 35.88 -49.98
CA ILE L 168 27.36 34.87 -50.99
C ILE L 168 26.59 33.71 -50.38
N PHE L 169 26.59 33.60 -49.05
CA PHE L 169 25.79 32.60 -48.37
C PHE L 169 24.31 32.91 -48.45
N THR L 170 23.95 34.20 -48.36
CA THR L 170 22.54 34.57 -48.41
C THR L 170 21.94 34.32 -49.79
N LYS L 171 22.77 34.08 -50.79
CA LYS L 171 22.31 33.84 -52.16
C LYS L 171 22.61 32.41 -52.61
N LEU L 172 22.45 31.43 -51.73
CA LEU L 172 22.69 30.05 -52.12
C LEU L 172 21.45 29.42 -52.71
N ALA L 173 20.27 29.94 -52.37
CA ALA L 173 19.04 29.50 -53.01
C ALA L 173 18.90 30.10 -54.40
N SER L 174 19.50 31.25 -54.63
CA SER L 174 19.45 31.90 -55.93
C SER L 174 20.45 31.24 -56.88
N THR L 175 20.63 31.87 -58.04
CA THR L 175 21.55 31.35 -59.03
C THR L 175 22.96 31.90 -58.79
N ILE L 176 23.91 31.42 -59.59
CA ILE L 176 25.30 31.83 -59.42
C ILE L 176 25.50 33.28 -59.88
N GLU L 177 24.94 33.65 -61.03
CA GLU L 177 25.17 34.98 -61.56
C GLU L 177 24.49 36.05 -60.71
N VAL L 178 23.25 35.78 -60.29
CA VAL L 178 22.55 36.69 -59.40
C VAL L 178 23.29 36.78 -58.07
N GLY L 179 23.77 35.65 -57.56
CA GLY L 179 24.51 35.68 -56.31
C GLY L 179 25.77 36.51 -56.39
N LEU L 180 26.55 36.36 -57.46
CA LEU L 180 27.78 37.12 -57.59
C LEU L 180 27.49 38.62 -57.77
N GLU L 181 26.51 38.95 -58.61
CA GLU L 181 26.16 40.35 -58.82
C GLU L 181 25.71 40.99 -57.51
N THR L 182 24.83 40.32 -56.79
CA THR L 182 24.35 40.84 -55.52
C THR L 182 25.47 40.95 -54.50
N THR L 183 26.36 39.96 -54.46
CA THR L 183 27.47 40.01 -53.52
C THR L 183 28.34 41.24 -53.77
N VAL L 184 28.69 41.50 -55.02
CA VAL L 184 29.54 42.65 -55.31
C VAL L 184 28.81 43.94 -54.99
N ARG L 185 27.54 44.04 -55.40
CA ARG L 185 26.77 45.26 -55.18
C ARG L 185 26.65 45.56 -53.69
N ARG L 186 26.34 44.54 -52.89
CA ARG L 186 26.14 44.74 -51.47
C ARG L 186 27.46 44.90 -50.73
N ALA L 187 28.54 44.34 -51.27
CA ALA L 187 29.82 44.44 -50.57
C ALA L 187 30.48 45.78 -50.81
N ASN L 188 30.13 46.47 -51.89
CA ASN L 188 30.65 47.83 -52.03
C ASN L 188 30.13 48.78 -50.95
N ARG L 189 29.08 48.41 -50.24
CA ARG L 189 28.52 49.25 -49.19
C ARG L 189 28.62 48.64 -47.81
N VAL L 190 28.29 47.37 -47.67
CA VAL L 190 28.42 46.66 -46.40
C VAL L 190 29.89 46.63 -45.96
N LEU L 191 30.79 46.30 -46.89
CA LEU L 191 32.22 46.18 -46.60
C LEU L 191 32.99 47.38 -47.10
N SER L 192 32.46 48.59 -46.97
CA SER L 192 33.17 49.77 -47.46
C SER L 192 34.44 50.01 -46.65
N ASP L 193 34.38 49.83 -45.34
CA ASP L 193 35.55 50.11 -44.50
C ASP L 193 36.70 49.17 -44.81
N ALA L 194 36.41 47.88 -44.99
CA ALA L 194 37.45 46.93 -45.37
C ALA L 194 38.02 47.25 -46.74
N LEU L 195 37.16 47.67 -47.67
CA LEU L 195 37.64 48.08 -48.99
C LEU L 195 38.55 49.29 -48.91
N LYS L 196 38.24 50.25 -48.03
CA LYS L 196 39.14 51.37 -47.81
C LYS L 196 40.46 50.90 -47.22
N ARG L 197 40.41 49.99 -46.24
CA ARG L 197 41.63 49.47 -45.64
C ARG L 197 42.43 48.65 -46.65
N TYR L 198 41.77 47.83 -47.43
CA TYR L 198 42.42 47.01 -48.46
C TYR L 198 41.90 47.43 -49.82
N PRO L 199 42.52 48.40 -50.49
CA PRO L 199 42.00 48.87 -51.77
C PRO L 199 41.87 47.77 -52.80
N ARG L 200 42.75 46.78 -52.78
CA ARG L 200 42.76 45.75 -53.80
C ARG L 200 42.35 44.42 -53.18
N MET L 201 41.04 44.26 -53.00
CA MET L 201 40.41 43.01 -52.60
C MET L 201 39.33 42.71 -53.62
N ASP L 202 39.39 41.53 -54.22
CA ASP L 202 38.53 41.23 -55.35
C ASP L 202 37.32 40.46 -54.84
N ILE L 203 36.28 41.20 -54.48
CA ILE L 203 35.04 40.57 -54.01
C ILE L 203 34.47 39.60 -55.04
N PRO L 204 34.49 39.88 -56.35
CA PRO L 204 33.98 38.87 -57.31
C PRO L 204 34.66 37.52 -57.22
N LYS L 205 35.99 37.46 -57.22
CA LYS L 205 36.68 36.17 -57.24
C LYS L 205 36.54 35.44 -55.91
N ILE L 206 36.61 36.16 -54.79
CA ILE L 206 36.41 35.54 -53.49
C ILE L 206 34.98 35.02 -53.36
N ALA L 207 34.01 35.77 -53.87
CA ALA L 207 32.64 35.31 -53.85
C ALA L 207 32.44 34.07 -54.71
N ARG L 208 33.09 34.03 -55.86
CA ARG L 208 33.06 32.82 -56.69
C ARG L 208 33.67 31.62 -55.96
N SER L 209 34.78 31.84 -55.26
CA SER L 209 35.40 30.76 -54.49
C SER L 209 34.46 30.26 -53.41
N PHE L 210 33.78 31.17 -52.71
CA PHE L 210 32.87 30.75 -51.66
C PHE L 210 31.66 30.01 -52.22
N TYR L 211 31.14 30.47 -53.36
CA TYR L 211 30.04 29.74 -53.99
C TYR L 211 30.46 28.34 -54.39
N ASP L 212 31.65 28.21 -54.96
CA ASP L 212 32.18 26.89 -55.31
C ASP L 212 32.30 25.99 -54.08
N LEU L 213 32.84 26.52 -52.99
CA LEU L 213 32.95 25.71 -51.78
C LEU L 213 31.59 25.27 -51.28
N PHE L 214 30.62 26.18 -51.22
CA PHE L 214 29.31 25.83 -50.70
C PHE L 214 28.62 24.80 -51.57
N GLU L 215 28.84 24.86 -52.89
CA GLU L 215 28.23 23.87 -53.77
C GLU L 215 28.91 22.51 -53.67
N GLN L 216 30.24 22.48 -53.65
CA GLN L 216 30.95 21.21 -53.64
C GLN L 216 30.81 20.51 -52.30
N LYS L 217 31.25 21.15 -51.23
CA LYS L 217 31.22 20.60 -49.89
C LYS L 217 29.99 21.14 -49.17
N VAL L 218 28.92 20.34 -49.14
CA VAL L 218 27.66 20.77 -48.52
C VAL L 218 27.72 20.72 -47.00
N TYR L 219 28.58 19.89 -46.41
CA TYR L 219 28.75 19.90 -44.97
C TYR L 219 29.36 21.20 -44.45
N HIS L 220 30.06 21.93 -45.31
CA HIS L 220 30.61 23.22 -44.92
C HIS L 220 29.52 24.27 -44.76
N ARG L 221 28.35 24.08 -45.36
CA ARG L 221 27.21 24.91 -45.00
C ARG L 221 26.84 24.71 -43.54
N SER L 222 26.84 23.46 -43.06
CA SER L 222 26.58 23.21 -41.65
C SER L 222 27.67 23.78 -40.77
N LEU L 223 28.94 23.65 -41.18
CA LEU L 223 30.02 24.27 -40.41
C LEU L 223 29.86 25.79 -40.34
N PHE L 224 29.49 26.41 -41.46
CA PHE L 224 29.37 27.86 -41.52
C PHE L 224 28.21 28.33 -40.66
N ILE L 225 27.11 27.56 -40.64
CA ILE L 225 25.98 27.86 -39.77
C ILE L 225 26.37 27.70 -38.30
N GLU L 226 27.15 26.67 -37.98
CA GLU L 226 27.60 26.49 -36.60
C GLU L 226 28.49 27.63 -36.16
N TYR L 227 29.33 28.15 -37.06
CA TYR L 227 30.11 29.33 -36.73
C TYR L 227 29.20 30.53 -36.51
N GLY L 228 28.18 30.69 -37.34
CA GLY L 228 27.24 31.78 -37.13
C GLY L 228 26.57 31.72 -35.78
N LYS L 229 26.19 30.52 -35.35
CA LYS L 229 25.56 30.36 -34.02
C LYS L 229 26.57 30.61 -32.91
N ALA L 230 27.77 30.04 -33.03
CA ALA L 230 28.78 30.21 -31.99
C ALA L 230 29.26 31.64 -31.88
N LEU L 231 29.09 32.43 -32.93
CA LEU L 231 29.41 33.84 -32.93
C LEU L 231 28.27 34.70 -32.39
N GLY L 232 27.03 34.42 -32.81
CA GLY L 232 25.91 35.16 -32.28
C GLY L 232 25.69 34.92 -30.80
N SER L 233 26.03 33.74 -30.31
CA SER L 233 25.89 33.43 -28.90
C SER L 233 26.99 34.03 -28.04
N SER L 234 28.02 34.62 -28.65
CA SER L 234 29.13 35.17 -27.89
C SER L 234 28.69 36.39 -27.10
N SER L 235 29.36 36.61 -25.98
CA SER L 235 29.06 37.75 -25.11
C SER L 235 29.60 39.05 -25.66
N THR L 236 30.75 39.01 -26.35
CA THR L 236 31.35 40.20 -26.95
C THR L 236 31.81 39.87 -28.36
N GLY L 237 32.04 40.91 -29.14
CA GLY L 237 32.54 40.74 -30.49
C GLY L 237 32.96 42.06 -31.08
N SER L 238 33.82 41.98 -32.10
CA SER L 238 34.25 43.15 -32.81
C SER L 238 33.17 43.58 -33.80
N LYS L 239 33.41 44.69 -34.49
CA LYS L 239 32.43 45.14 -35.47
C LYS L 239 32.38 44.21 -36.67
N ALA L 240 33.50 43.57 -37.00
CA ALA L 240 33.51 42.59 -38.09
C ALA L 240 32.61 41.41 -37.76
N GLU L 241 32.67 40.90 -36.53
CA GLU L 241 31.85 39.76 -36.15
C GLU L 241 30.37 40.14 -36.05
N SER L 242 30.09 41.37 -35.61
CA SER L 242 28.72 41.84 -35.59
C SER L 242 28.17 41.98 -37.01
N LEU L 243 28.99 42.46 -37.93
CA LEU L 243 28.57 42.51 -39.34
C LEU L 243 28.34 41.13 -39.91
N PHE L 244 29.23 40.18 -39.61
CA PHE L 244 29.04 38.82 -40.09
C PHE L 244 27.73 38.24 -39.56
N VAL L 245 27.43 38.47 -38.30
CA VAL L 245 26.19 37.94 -37.74
C VAL L 245 24.98 38.63 -38.37
N ASN L 246 25.09 39.93 -38.65
CA ASN L 246 23.99 40.63 -39.31
C ASN L 246 23.68 40.01 -40.67
N ILE L 247 24.72 39.75 -41.46
CA ILE L 247 24.51 39.14 -42.78
C ILE L 247 24.00 37.71 -42.65
N PHE L 248 24.58 36.95 -41.72
CA PHE L 248 24.16 35.58 -41.50
C PHE L 248 22.68 35.51 -41.15
N MET L 249 22.20 36.46 -40.34
CA MET L 249 20.77 36.49 -40.02
C MET L 249 19.94 37.00 -41.19
N GLN L 250 20.53 37.84 -42.05
CA GLN L 250 19.83 38.21 -43.27
C GLN L 250 19.64 37.01 -44.18
N ALA L 251 20.43 35.96 -43.98
CA ALA L 251 20.26 34.76 -44.78
C ALA L 251 19.20 33.81 -44.24
N TYR L 252 18.53 34.14 -43.14
CA TYR L 252 17.77 33.12 -42.40
C TYR L 252 16.65 32.52 -43.22
N GLY L 253 15.78 33.33 -43.78
CA GLY L 253 14.67 32.78 -44.52
C GLY L 253 14.95 32.44 -45.97
N ALA L 254 16.16 31.97 -46.28
CA ALA L 254 16.53 31.73 -47.66
C ALA L 254 15.76 30.55 -48.22
N GLY L 255 15.32 30.70 -49.47
CA GLY L 255 14.57 29.66 -50.14
C GLY L 255 13.10 29.60 -49.79
N GLN L 256 12.60 30.52 -48.98
CA GLN L 256 11.21 30.51 -48.57
C GLN L 256 10.63 31.91 -48.59
N THR L 257 10.91 32.68 -49.64
CA THR L 257 10.35 34.04 -49.69
C THR L 257 8.86 34.03 -49.94
N MET L 258 8.31 32.91 -50.41
CA MET L 258 6.87 32.85 -50.64
C MET L 258 6.10 32.84 -49.33
N LEU L 259 6.62 32.18 -48.30
CA LEU L 259 5.96 32.21 -46.99
C LEU L 259 6.01 33.61 -46.38
N ARG L 260 7.15 34.28 -46.49
CA ARG L 260 7.26 35.65 -45.98
C ARG L 260 6.31 36.57 -46.73
N TRP L 261 6.20 36.40 -48.05
CA TRP L 261 5.27 37.23 -48.81
C TRP L 261 3.83 36.85 -48.52
N GLY L 262 3.56 35.60 -48.14
CA GLY L 262 2.22 35.23 -47.75
C GLY L 262 1.78 35.91 -46.47
N VAL L 263 2.65 35.91 -45.46
CA VAL L 263 2.30 36.63 -44.24
C VAL L 263 2.23 38.13 -44.51
N ILE L 264 3.04 38.63 -45.45
CA ILE L 264 2.92 40.03 -45.86
C ILE L 264 1.55 40.30 -46.47
N ALA L 265 1.08 39.40 -47.33
CA ALA L 265 -0.24 39.58 -47.96
C ALA L 265 -1.34 39.55 -46.91
N ARG L 266 -1.23 38.65 -45.93
CA ARG L 266 -2.22 38.62 -44.86
C ARG L 266 -2.19 39.90 -44.04
N SER L 267 -0.99 40.46 -43.81
CA SER L 267 -0.90 41.73 -43.10
C SER L 267 -1.48 42.87 -43.92
N SER L 268 -1.39 42.79 -45.24
CA SER L 268 -1.91 43.83 -46.11
C SER L 268 -3.42 43.78 -46.27
N ASN L 269 -4.07 42.71 -45.79
CA ASN L 269 -5.52 42.55 -45.89
C ASN L 269 -5.97 42.68 -47.34
N ASN L 270 -5.35 41.90 -48.21
CA ASN L 270 -5.68 41.91 -49.62
C ASN L 270 -7.07 41.32 -49.83
N ILE L 271 -7.90 42.00 -50.61
CA ILE L 271 -9.28 41.55 -50.79
C ILE L 271 -9.33 40.24 -51.56
N MET L 272 -8.42 40.07 -52.52
CA MET L 272 -8.44 38.85 -53.31
C MET L 272 -8.06 37.63 -52.50
N LEU L 273 -7.59 37.78 -51.26
CA LEU L 273 -7.45 36.63 -50.38
C LEU L 273 -8.79 36.00 -50.05
N GLY L 274 -9.88 36.76 -50.14
CA GLY L 274 -11.22 36.27 -49.90
C GLY L 274 -11.90 35.67 -51.11
N HIS L 275 -11.20 35.55 -52.22
CA HIS L 275 -11.75 34.89 -53.41
C HIS L 275 -12.11 33.45 -53.09
N VAL L 276 -12.88 32.83 -53.98
CA VAL L 276 -13.35 31.47 -53.72
C VAL L 276 -12.20 30.48 -53.69
N SER L 277 -11.30 30.55 -54.67
CA SER L 277 -10.23 29.57 -54.76
C SER L 277 -9.18 29.78 -53.69
N VAL L 278 -8.88 31.04 -53.37
CA VAL L 278 -7.95 31.31 -52.28
C VAL L 278 -8.49 30.76 -50.97
N GLN L 279 -9.79 30.98 -50.70
CA GLN L 279 -10.39 30.44 -49.50
C GLN L 279 -10.45 28.93 -49.54
N ALA L 280 -10.49 28.35 -50.75
CA ALA L 280 -10.43 26.90 -50.88
C ALA L 280 -9.07 26.36 -50.46
N GLU L 281 -8.00 27.04 -50.83
CA GLU L 281 -6.65 26.56 -50.56
C GLU L 281 -6.09 27.01 -49.21
N LEU L 282 -6.78 27.93 -48.53
CA LEU L 282 -6.30 28.44 -47.26
C LEU L 282 -6.11 27.35 -46.21
N LYS L 283 -6.89 26.28 -46.25
CA LYS L 283 -6.71 25.21 -45.27
C LYS L 283 -5.33 24.59 -45.37
N GLN L 284 -4.91 24.17 -46.57
CA GLN L 284 -3.61 23.51 -46.67
C GLN L 284 -2.49 24.54 -46.56
N VAL L 285 -2.76 25.81 -46.92
CA VAL L 285 -1.78 26.86 -46.67
C VAL L 285 -1.49 26.96 -45.17
N THR L 286 -2.54 27.02 -44.36
CA THR L 286 -2.37 27.03 -42.92
C THR L 286 -1.69 25.75 -42.44
N GLU L 287 -1.90 24.64 -43.15
CA GLU L 287 -1.18 23.42 -42.82
C GLU L 287 0.33 23.60 -43.01
N VAL L 288 0.74 24.25 -44.10
CA VAL L 288 2.16 24.51 -44.32
C VAL L 288 2.72 25.38 -43.21
N TYR L 289 1.97 26.41 -42.82
CA TYR L 289 2.46 27.29 -41.76
C TYR L 289 2.54 26.55 -40.42
N ASP L 290 1.59 25.67 -40.15
CA ASP L 290 1.65 24.85 -38.95
C ASP L 290 2.87 23.95 -38.97
N LEU L 291 3.21 23.40 -40.13
CA LEU L 291 4.43 22.60 -40.24
C LEU L 291 5.67 23.45 -39.98
N VAL L 292 5.66 24.68 -40.46
CA VAL L 292 6.75 25.61 -40.16
C VAL L 292 6.92 25.76 -38.65
N ARG L 293 5.81 26.02 -37.96
CA ARG L 293 5.87 26.17 -36.51
C ARG L 293 6.33 24.87 -35.83
N GLU L 294 5.91 23.72 -36.37
CA GLU L 294 6.27 22.44 -35.80
C GLU L 294 7.77 22.20 -35.87
N MET L 295 8.38 22.47 -37.03
CA MET L 295 9.83 22.35 -37.13
C MET L 295 10.53 23.38 -36.23
N GLY L 296 10.05 24.62 -36.22
CA GLY L 296 10.55 25.61 -35.29
C GLY L 296 11.74 26.38 -35.81
N PRO L 297 12.71 26.65 -34.92
CA PRO L 297 13.82 27.54 -35.29
C PRO L 297 14.67 27.04 -36.44
N GLU L 298 14.84 25.73 -36.58
CA GLU L 298 15.71 25.20 -37.63
C GLU L 298 15.02 25.13 -38.98
N SER L 299 13.76 25.55 -39.07
CA SER L 299 13.06 25.50 -40.35
C SER L 299 13.66 26.48 -41.35
N GLY L 300 14.09 27.65 -40.89
CA GLY L 300 14.64 28.64 -41.79
C GLY L 300 15.92 28.21 -42.46
N LEU L 301 16.71 27.39 -41.78
CA LEU L 301 17.99 26.93 -42.32
C LEU L 301 17.86 25.70 -43.19
N LEU L 302 16.65 25.29 -43.55
CA LEU L 302 16.46 24.06 -44.32
C LEU L 302 17.00 24.21 -45.73
N HIS L 303 16.63 25.29 -46.42
CA HIS L 303 17.10 25.52 -47.77
C HIS L 303 18.56 25.96 -47.82
N LEU L 304 19.02 26.67 -46.80
CA LEU L 304 20.44 27.03 -46.73
C LEU L 304 21.31 25.79 -46.62
N ARG L 305 20.89 24.83 -45.80
CA ARG L 305 21.61 23.58 -45.61
C ARG L 305 21.39 22.59 -46.75
N GLN L 306 20.50 22.90 -47.69
CA GLN L 306 19.98 21.91 -48.64
C GLN L 306 19.49 20.66 -47.91
N SER L 307 18.78 20.86 -46.83
CA SER L 307 18.18 19.74 -46.15
C SER L 307 17.14 19.11 -47.08
N PRO L 308 17.19 17.81 -47.31
CA PRO L 308 16.24 17.18 -48.23
C PRO L 308 14.80 17.35 -47.77
N LYS L 309 14.63 17.57 -46.47
CA LYS L 309 13.33 17.85 -45.88
C LYS L 309 12.73 19.16 -46.38
N ALA L 310 13.54 20.06 -46.91
CA ALA L 310 13.01 21.24 -47.57
C ALA L 310 12.21 20.84 -48.80
N GLY L 311 11.19 21.62 -49.10
CA GLY L 311 10.21 21.25 -50.08
C GLY L 311 8.91 20.78 -49.47
N LEU L 312 8.91 20.44 -48.18
CA LEU L 312 7.66 20.29 -47.46
C LEU L 312 7.03 21.65 -47.20
N LEU L 313 7.83 22.70 -47.26
CA LEU L 313 7.35 24.06 -47.03
C LEU L 313 6.97 24.78 -48.31
N SER L 314 6.98 24.10 -49.45
CA SER L 314 6.62 24.71 -50.71
C SER L 314 5.13 25.04 -50.75
N LEU L 315 4.80 26.23 -51.25
CA LEU L 315 3.43 26.60 -51.53
C LEU L 315 3.06 26.42 -52.99
N ALA L 316 3.79 25.55 -53.71
CA ALA L 316 3.50 25.35 -55.13
C ALA L 316 2.21 24.57 -55.34
N ASN L 317 1.73 23.85 -54.32
CA ASN L 317 0.48 23.12 -54.44
C ASN L 317 -0.74 24.00 -54.18
N CYS L 318 -0.55 25.31 -54.03
CA CYS L 318 -1.64 26.27 -53.88
C CYS L 318 -1.43 27.36 -54.93
N PRO L 319 -1.68 27.06 -56.20
CA PRO L 319 -1.37 28.01 -57.26
C PRO L 319 -2.10 29.33 -57.15
N ASN L 320 -3.34 29.30 -56.66
CA ASN L 320 -4.12 30.52 -56.55
C ASN L 320 -3.64 31.38 -55.40
N PHE L 321 -3.31 30.76 -54.26
CA PHE L 321 -2.71 31.51 -53.17
C PHE L 321 -1.37 32.11 -53.57
N ALA L 322 -0.55 31.34 -54.26
CA ALA L 322 0.74 31.85 -54.71
C ALA L 322 0.57 33.01 -55.69
N SER L 323 -0.40 32.89 -56.60
CA SER L 323 -0.65 33.99 -57.53
C SER L 323 -1.11 35.24 -56.82
N VAL L 324 -2.00 35.08 -55.83
CA VAL L 324 -2.47 36.25 -55.08
C VAL L 324 -1.32 36.88 -54.31
N VAL L 325 -0.47 36.04 -53.70
CA VAL L 325 0.66 36.55 -52.93
C VAL L 325 1.63 37.31 -53.82
N LEU L 326 1.93 36.76 -54.99
CA LEU L 326 2.82 37.43 -55.93
C LEU L 326 2.19 38.72 -56.44
N GLY L 327 0.87 38.73 -56.66
CA GLY L 327 0.23 39.95 -57.08
C GLY L 327 0.29 41.04 -56.02
N ASN L 328 0.05 40.66 -54.77
CA ASN L 328 0.16 41.61 -53.68
C ASN L 328 1.56 42.17 -53.58
N ALA L 329 2.57 41.31 -53.70
CA ALA L 329 3.96 41.76 -53.66
C ALA L 329 4.25 42.70 -54.82
N SER L 330 3.73 42.39 -56.00
CA SER L 330 3.97 43.25 -57.16
C SER L 330 3.30 44.60 -57.00
N GLY L 331 2.12 44.62 -56.38
CA GLY L 331 1.46 45.89 -56.14
C GLY L 331 2.22 46.76 -55.16
N LEU L 332 2.71 46.16 -54.07
CA LEU L 332 3.46 46.90 -53.07
C LEU L 332 4.88 47.25 -53.53
N GLY L 333 5.31 46.72 -54.67
CA GLY L 333 6.67 46.96 -55.12
C GLY L 333 7.69 46.04 -54.51
N ILE L 334 7.24 45.11 -53.66
CA ILE L 334 8.15 44.17 -53.01
C ILE L 334 8.70 43.15 -54.01
N ILE L 335 7.93 42.80 -55.05
CA ILE L 335 8.31 41.70 -55.93
C ILE L 335 9.66 41.97 -56.58
N GLY L 336 10.00 43.23 -56.79
CA GLY L 336 11.29 43.55 -57.39
C GLY L 336 11.45 42.86 -58.71
N MET L 337 12.37 41.91 -58.76
CA MET L 337 12.66 41.14 -59.96
C MET L 337 12.60 39.65 -59.63
N TYR L 338 11.61 39.27 -58.83
CA TYR L 338 11.43 37.88 -58.43
C TYR L 338 11.06 37.03 -59.63
N ARG L 339 11.66 35.85 -59.74
CA ARG L 339 11.52 35.02 -60.92
C ARG L 339 10.55 33.86 -60.75
N GLY L 340 9.75 33.86 -59.69
CA GLY L 340 8.77 32.81 -59.53
C GLY L 340 7.66 32.89 -60.56
N ARG L 341 6.89 31.81 -60.67
CA ARG L 341 5.81 31.72 -61.63
C ARG L 341 4.51 32.22 -61.03
N VAL L 342 3.71 32.90 -61.84
CA VAL L 342 2.34 33.27 -61.47
C VAL L 342 1.40 32.30 -62.17
N PRO L 343 0.78 31.38 -61.45
CA PRO L 343 -0.06 30.37 -62.10
C PRO L 343 -1.32 30.96 -62.71
N ASN L 344 -2.06 31.73 -61.92
CA ASN L 344 -3.34 32.29 -62.34
C ASN L 344 -3.13 33.79 -62.56
N THR L 345 -3.09 34.20 -63.83
CA THR L 345 -2.71 35.57 -64.15
C THR L 345 -3.81 36.57 -63.76
N GLU L 346 -5.07 36.16 -63.83
CA GLU L 346 -6.16 37.07 -63.48
C GLU L 346 -6.12 37.45 -62.01
N LEU L 347 -5.92 36.47 -61.14
CA LEU L 347 -5.74 36.77 -59.71
C LEU L 347 -4.50 37.61 -59.48
N PHE L 348 -3.41 37.32 -60.18
CA PHE L 348 -2.20 38.11 -60.02
C PHE L 348 -2.46 39.57 -60.35
N SER L 349 -3.12 39.82 -61.49
CA SER L 349 -3.38 41.19 -61.91
C SER L 349 -4.35 41.90 -60.98
N ALA L 350 -5.40 41.20 -60.55
CA ALA L 350 -6.36 41.81 -59.64
C ALA L 350 -5.70 42.16 -58.31
N ALA L 351 -4.89 41.24 -57.78
CA ALA L 351 -4.20 41.49 -56.53
C ALA L 351 -3.21 42.63 -56.67
N GLU L 352 -2.50 42.68 -57.82
CA GLU L 352 -1.58 43.78 -58.05
C GLU L 352 -2.29 45.12 -58.10
N SER L 353 -3.45 45.17 -58.78
CA SER L 353 -4.21 46.41 -58.85
C SER L 353 -4.70 46.83 -57.47
N TYR L 354 -5.22 45.89 -56.68
CA TYR L 354 -5.69 46.26 -55.34
C TYR L 354 -4.53 46.70 -54.47
N ALA L 355 -3.38 46.04 -54.59
CA ALA L 355 -2.24 46.41 -53.76
C ALA L 355 -1.72 47.80 -54.12
N LYS L 356 -1.67 48.12 -55.43
CA LYS L 356 -1.29 49.47 -55.82
C LYS L 356 -2.29 50.50 -55.32
N SER L 357 -3.58 50.18 -55.40
CA SER L 357 -4.61 51.10 -54.92
C SER L 357 -4.47 51.37 -53.43
N LEU L 358 -4.22 50.30 -52.65
CA LEU L 358 -4.03 50.46 -51.22
C LEU L 358 -2.75 51.22 -50.91
N LYS L 359 -1.69 50.98 -51.68
CA LYS L 359 -0.43 51.68 -51.47
C LYS L 359 -0.57 53.16 -51.73
N GLU L 360 -1.28 53.53 -52.80
CA GLU L 360 -1.41 54.95 -53.16
C GLU L 360 -2.19 55.72 -52.09
#